data_3Q4D
#
_entry.id   3Q4D
#
_cell.length_a   94.560
_cell.length_b   158.090
_cell.length_c   182.180
_cell.angle_alpha   90.00
_cell.angle_beta   100.04
_cell.angle_gamma   90.00
#
_symmetry.space_group_name_H-M   'P 1 21 1'
#
loop_
_entity.id
_entity.type
_entity.pdbx_description
1 polymer 'Mandelate racemase/muconate lactonizing enzyme family; possible chloromuconate cycloisomerase'
2 non-polymer 'MAGNESIUM ION'
3 non-polymer D-ALANINE
4 non-polymer ALANINE
5 water water
#
_entity_poly.entity_id   1
_entity_poly.type   'polypeptide(L)'
_entity_poly.pdbx_seq_one_letter_code
;MIITQVELYKSPVKLKEPFKISLGILTHANNVIVRIHTASGHIGYGECSPFMTIHGESMDTAFIVGQYLAKGLIGTSCLD
IVSNSLLMDAIIYGNSCIKSAFNIALYDLAAQHAGLPLYAFLGGKKDKIIQTDYTVSIDEPHKMAADAVQIKKNGFEIIK
VKVGGSKELDVERIRMIREAAGDSITLRIDANQGWSVETAIETLTLLEPYNIQHCEEPVSRNLYTALPKIRQACRIPIMA
DESCCNSFDAERLIQIQACDSFNLKLSKSAGITNALNIIRLAEQAHMPVQVGGFLESRLGFTAAAHVALVSKTICYYDFD
TPLMFEADPVRGGIVYQQRGIIEVPETAGLGAGYQKDYLSGLEKICIN
;
_entity_poly.pdbx_strand_id   A,B,C,D,E,F,G,H,I
#
# COMPACT_ATOMS: atom_id res chain seq x y z
N MET A 1 -29.00 20.39 37.78
CA MET A 1 -27.91 21.03 38.53
C MET A 1 -28.04 22.54 38.49
N ILE A 2 -28.06 23.15 39.67
CA ILE A 2 -28.25 24.59 39.79
C ILE A 2 -26.97 25.36 39.51
N ILE A 3 -27.12 26.48 38.81
CA ILE A 3 -26.00 27.40 38.58
C ILE A 3 -25.76 28.26 39.82
N THR A 4 -24.55 28.22 40.37
CA THR A 4 -24.28 28.90 41.62
C THR A 4 -23.45 30.16 41.45
N GLN A 5 -22.55 30.16 40.47
CA GLN A 5 -21.79 31.35 40.16
C GLN A 5 -21.26 31.33 38.75
N VAL A 6 -21.07 32.49 38.16
CA VAL A 6 -20.43 32.60 36.85
C VAL A 6 -19.30 33.62 36.89
N GLU A 7 -18.18 33.30 36.25
CA GLU A 7 -17.05 34.20 36.18
C GLU A 7 -16.89 34.66 34.74
N LEU A 8 -16.53 35.91 34.58
CA LEU A 8 -16.20 36.47 33.26
C LEU A 8 -14.77 36.99 33.21
N TYR A 9 -14.07 36.69 32.12
CA TYR A 9 -12.69 37.11 31.95
C TYR A 9 -12.49 37.90 30.66
N LYS A 10 -11.73 38.99 30.72
CA LYS A 10 -11.26 39.66 29.51
C LYS A 10 -9.98 38.97 29.09
N SER A 11 -9.97 38.41 27.89
CA SER A 11 -8.83 37.63 27.41
C SER A 11 -8.24 38.16 26.13
N PRO A 12 -7.33 39.13 26.24
CA PRO A 12 -6.72 39.73 25.04
C PRO A 12 -5.41 39.04 24.72
N VAL A 13 -5.31 38.43 23.55
CA VAL A 13 -4.05 37.82 23.15
C VAL A 13 -3.66 38.40 21.81
N LYS A 14 -2.38 38.76 21.67
CA LYS A 14 -1.89 39.42 20.46
C LYS A 14 -1.66 38.44 19.31
N LEU A 15 -1.91 38.89 18.09
CA LEU A 15 -1.67 38.06 16.91
C LEU A 15 -0.24 38.24 16.38
N LYS A 16 0.32 37.18 15.80
CA LYS A 16 1.65 37.23 15.19
C LYS A 16 1.69 38.30 14.10
N GLU A 17 0.81 38.15 13.12
CA GLU A 17 0.61 39.19 12.11
C GLU A 17 -0.77 39.75 12.29
N PRO A 18 -0.94 41.06 12.04
CA PRO A 18 -2.27 41.64 12.10
C PRO A 18 -3.26 41.00 11.09
N PHE A 19 -4.52 40.87 11.50
CA PHE A 19 -5.54 40.26 10.69
C PHE A 19 -6.31 41.35 9.97
N LYS A 20 -6.47 41.18 8.66
CA LYS A 20 -6.97 42.25 7.78
C LYS A 20 -8.09 41.79 6.88
N ILE A 21 -9.25 42.42 7.03
CA ILE A 21 -10.38 42.17 6.14
C ILE A 21 -10.84 43.50 5.55
N SER A 22 -11.72 43.46 4.57
CA SER A 22 -12.15 44.69 3.91
C SER A 22 -12.76 45.69 4.89
N LEU A 23 -13.24 45.21 6.02
CA LEU A 23 -13.92 46.07 6.99
C LEU A 23 -12.99 46.76 7.97
N GLY A 24 -11.76 46.28 8.09
CA GLY A 24 -10.80 46.82 9.03
C GLY A 24 -9.67 45.88 9.43
N ILE A 25 -8.84 46.35 10.36
CA ILE A 25 -7.64 45.62 10.80
C ILE A 25 -7.69 45.31 12.31
N LEU A 26 -7.26 44.12 12.69
CA LEU A 26 -7.20 43.75 14.10
C LEU A 26 -5.82 43.24 14.50
N THR A 27 -5.30 43.73 15.61
CA THR A 27 -3.98 43.31 16.10
C THR A 27 -4.07 42.28 17.21
N HIS A 28 -5.23 42.22 17.85
CA HIS A 28 -5.43 41.29 18.94
C HIS A 28 -6.74 40.54 18.75
N ALA A 29 -6.79 39.32 19.29
CA ALA A 29 -8.07 38.70 19.56
C ALA A 29 -8.48 39.14 20.96
N ASN A 30 -9.28 40.19 21.05
CA ASN A 30 -9.84 40.59 22.34
C ASN A 30 -11.13 39.82 22.69
N ASN A 31 -10.97 38.68 23.36
CA ASN A 31 -12.07 37.77 23.62
C ASN A 31 -12.64 37.91 25.02
N VAL A 32 -13.85 37.38 25.22
CA VAL A 32 -14.42 37.31 26.56
C VAL A 32 -14.65 35.85 26.93
N ILE A 33 -14.11 35.41 28.06
CA ILE A 33 -14.31 34.06 28.57
C ILE A 33 -15.40 33.95 29.66
N VAL A 34 -16.16 32.86 29.62
CA VAL A 34 -17.27 32.67 30.54
C VAL A 34 -17.12 31.30 31.17
N ARG A 35 -17.14 31.27 32.50
CA ARG A 35 -17.19 30.02 33.26
C ARG A 35 -18.42 29.93 34.14
N ILE A 36 -19.25 28.92 33.91
CA ILE A 36 -20.41 28.65 34.76
C ILE A 36 -20.14 27.54 35.76
N HIS A 37 -20.40 27.82 37.03
CA HIS A 37 -20.25 26.85 38.11
C HIS A 37 -21.61 26.29 38.54
N THR A 38 -21.68 24.97 38.73
CA THR A 38 -22.87 24.38 39.34
C THR A 38 -22.64 24.03 40.80
N ALA A 39 -23.72 23.74 41.52
CA ALA A 39 -23.64 23.37 42.92
C ALA A 39 -22.89 22.06 43.07
N SER A 40 -23.11 21.15 42.13
CA SER A 40 -22.37 19.88 42.08
C SER A 40 -20.88 20.01 41.80
N GLY A 41 -20.42 21.23 41.53
CA GLY A 41 -19.00 21.51 41.33
C GLY A 41 -18.49 21.31 39.90
N HIS A 42 -19.42 21.13 38.97
CA HIS A 42 -19.08 21.07 37.54
C HIS A 42 -18.81 22.46 36.97
N ILE A 43 -17.95 22.52 35.97
CA ILE A 43 -17.64 23.81 35.36
C ILE A 43 -17.81 23.76 33.87
N GLY A 44 -18.61 24.66 33.33
CA GLY A 44 -18.73 24.83 31.89
C GLY A 44 -18.02 26.04 31.34
N TYR A 45 -17.32 25.88 30.22
CA TYR A 45 -16.58 26.98 29.62
C TYR A 45 -17.24 27.43 28.36
N GLY A 46 -17.16 28.73 28.09
CA GLY A 46 -17.62 29.29 26.84
C GLY A 46 -16.80 30.51 26.51
N GLU A 47 -16.66 30.82 25.23
CA GLU A 47 -15.82 31.93 24.82
C GLU A 47 -16.56 32.68 23.72
N CYS A 48 -16.23 33.96 23.55
CA CYS A 48 -16.73 34.68 22.40
C CYS A 48 -15.68 35.70 21.97
N SER A 49 -15.73 36.07 20.70
CA SER A 49 -14.72 36.93 20.11
C SER A 49 -15.36 38.11 19.39
N PRO A 50 -15.79 39.13 20.14
CA PRO A 50 -16.48 40.26 19.54
C PRO A 50 -15.70 40.92 18.43
N PHE A 51 -16.39 41.18 17.32
CA PHE A 51 -15.89 41.89 16.17
C PHE A 51 -16.73 43.14 15.97
N MET A 52 -16.21 44.31 16.33
CA MET A 52 -17.03 45.51 16.31
C MET A 52 -17.78 45.77 15.01
N THR A 53 -17.16 45.48 13.87
CA THR A 53 -17.76 45.83 12.58
C THR A 53 -18.76 44.81 12.05
N ILE A 54 -18.93 43.70 12.76
CA ILE A 54 -19.89 42.67 12.37
C ILE A 54 -20.90 42.34 13.45
N HIS A 55 -20.42 42.07 14.65
CA HIS A 55 -21.30 41.77 15.78
C HIS A 55 -21.98 43.05 16.28
N GLY A 56 -21.27 44.15 16.21
CA GLY A 56 -21.67 45.37 16.88
C GLY A 56 -21.39 45.29 18.37
N GLU A 57 -20.44 44.44 18.76
CA GLU A 57 -20.07 44.30 20.15
C GLU A 57 -18.58 44.41 20.24
N SER A 58 -18.07 44.70 21.44
CA SER A 58 -16.64 44.70 21.68
C SER A 58 -16.36 43.88 22.93
N MET A 59 -15.09 43.60 23.18
CA MET A 59 -14.72 42.96 24.43
C MET A 59 -15.26 43.78 25.63
N ASP A 60 -15.21 45.10 25.52
CA ASP A 60 -15.75 45.92 26.61
C ASP A 60 -17.26 45.79 26.82
N THR A 61 -18.05 45.86 25.75
CA THR A 61 -19.50 45.64 25.89
C THR A 61 -19.82 44.22 26.32
N ALA A 62 -19.15 43.23 25.73
CA ALA A 62 -19.40 41.84 26.08
C ALA A 62 -19.22 41.61 27.57
N PHE A 63 -18.14 42.18 28.11
CA PHE A 63 -17.82 42.00 29.50
C PHE A 63 -18.90 42.59 30.42
N ILE A 64 -19.60 43.61 29.96
CA ILE A 64 -20.66 44.20 30.78
C ILE A 64 -22.02 43.51 30.59
N VAL A 65 -22.42 43.32 29.34
CA VAL A 65 -23.68 42.66 29.07
C VAL A 65 -23.65 41.28 29.72
N GLY A 66 -22.49 40.63 29.67
CA GLY A 66 -22.31 39.32 30.26
C GLY A 66 -22.71 39.28 31.71
N GLN A 67 -22.42 40.35 32.43
CA GLN A 67 -22.81 40.46 33.82
C GLN A 67 -24.32 40.54 34.02
N TYR A 68 -25.00 41.24 33.12
CA TYR A 68 -26.46 41.25 33.12
C TYR A 68 -26.96 39.82 32.97
N LEU A 69 -26.35 39.09 32.04
CA LEU A 69 -26.80 37.74 31.76
C LEU A 69 -26.55 36.81 32.94
N ALA A 70 -25.32 36.81 33.45
CA ALA A 70 -24.96 36.02 34.61
C ALA A 70 -25.97 36.18 35.75
N LYS A 71 -26.27 37.43 36.12
CA LYS A 71 -27.24 37.70 37.17
C LYS A 71 -28.55 36.94 36.96
N GLY A 72 -29.06 36.96 35.72
CA GLY A 72 -30.29 36.27 35.40
C GLY A 72 -30.21 34.75 35.46
N LEU A 73 -29.05 34.19 35.16
CA LEU A 73 -28.87 32.75 35.17
C LEU A 73 -28.59 32.16 36.56
N ILE A 74 -28.15 32.97 37.52
CA ILE A 74 -27.90 32.45 38.85
C ILE A 74 -29.19 31.88 39.44
N GLY A 75 -29.12 30.63 39.89
CA GLY A 75 -30.25 29.97 40.51
C GLY A 75 -31.03 29.05 39.59
N THR A 76 -30.80 29.17 38.29
CA THR A 76 -31.50 28.34 37.30
C THR A 76 -30.81 27.01 37.09
N SER A 77 -31.45 26.13 36.33
CA SER A 77 -30.87 24.83 36.04
C SER A 77 -30.11 24.86 34.72
N CYS A 78 -28.81 24.56 34.78
CA CYS A 78 -27.98 24.59 33.59
C CYS A 78 -28.45 23.60 32.50
N LEU A 79 -29.34 22.69 32.84
CA LEU A 79 -29.84 21.74 31.86
C LEU A 79 -30.98 22.29 31.00
N ASP A 80 -31.66 23.32 31.50
CA ASP A 80 -32.75 23.95 30.76
C ASP A 80 -32.21 24.94 29.74
N ILE A 81 -31.52 24.42 28.73
CA ILE A 81 -30.83 25.27 27.77
C ILE A 81 -31.79 26.22 27.06
N VAL A 82 -32.91 25.70 26.59
CA VAL A 82 -33.86 26.54 25.89
C VAL A 82 -34.45 27.63 26.80
N SER A 83 -34.90 27.22 27.97
CA SER A 83 -35.45 28.15 28.96
C SER A 83 -34.46 29.28 29.28
N ASN A 84 -33.19 28.94 29.42
CA ASN A 84 -32.16 29.92 29.76
C ASN A 84 -31.73 30.83 28.61
N SER A 85 -31.64 30.27 27.40
CA SER A 85 -31.42 31.06 26.21
C SER A 85 -32.52 32.11 26.10
N LEU A 86 -33.74 31.71 26.41
CA LEU A 86 -34.90 32.59 26.37
C LEU A 86 -34.85 33.66 27.44
N LEU A 87 -34.36 33.26 28.60
CA LEU A 87 -34.19 34.15 29.73
C LEU A 87 -33.18 35.26 29.40
N MET A 88 -32.12 34.92 28.71
CA MET A 88 -31.16 35.92 28.29
C MET A 88 -31.74 36.87 27.29
N ASP A 89 -32.51 36.36 26.32
CA ASP A 89 -33.18 37.21 25.33
C ASP A 89 -34.18 38.18 26.00
N ALA A 90 -34.81 37.74 27.07
CA ALA A 90 -35.73 38.59 27.78
C ALA A 90 -35.00 39.72 28.52
N ILE A 91 -33.73 39.49 28.84
CA ILE A 91 -32.92 40.49 29.53
C ILE A 91 -32.42 41.57 28.59
N ILE A 92 -31.96 41.19 27.42
CA ILE A 92 -31.42 42.15 26.47
C ILE A 92 -31.50 41.65 25.01
N TYR A 93 -31.92 42.52 24.10
CA TYR A 93 -32.06 42.14 22.70
C TYR A 93 -30.69 42.10 22.03
N GLY A 94 -30.60 41.35 20.95
CA GLY A 94 -29.33 41.18 20.27
C GLY A 94 -28.22 40.64 21.15
N ASN A 95 -27.05 41.26 21.04
CA ASN A 95 -25.89 40.82 21.79
C ASN A 95 -25.61 39.31 21.67
N SER A 96 -25.76 38.79 20.47
CA SER A 96 -25.56 37.37 20.21
C SER A 96 -24.16 36.88 20.61
N CYS A 97 -23.15 37.68 20.34
CA CYS A 97 -21.79 37.25 20.58
C CYS A 97 -21.58 36.80 22.02
N ILE A 98 -21.79 37.70 22.97
CA ILE A 98 -21.68 37.30 24.37
C ILE A 98 -22.66 36.18 24.74
N LYS A 99 -23.91 36.30 24.33
CA LYS A 99 -24.88 35.24 24.52
C LYS A 99 -24.36 33.86 24.13
N SER A 100 -23.74 33.75 22.95
CA SER A 100 -23.22 32.48 22.48
C SER A 100 -22.25 31.87 23.49
N ALA A 101 -21.45 32.70 24.14
CA ALA A 101 -20.51 32.19 25.12
C ALA A 101 -21.24 31.48 26.27
N PHE A 102 -22.27 32.12 26.80
CA PHE A 102 -23.06 31.49 27.82
C PHE A 102 -23.72 30.23 27.28
N ASN A 103 -24.27 30.31 26.08
CA ASN A 103 -24.94 29.16 25.49
C ASN A 103 -23.98 27.99 25.35
N ILE A 104 -22.81 28.23 24.77
CA ILE A 104 -21.79 27.19 24.67
C ILE A 104 -21.48 26.55 26.03
N ALA A 105 -21.24 27.36 27.05
CA ALA A 105 -20.95 26.84 28.37
C ALA A 105 -22.07 25.96 28.92
N LEU A 106 -23.31 26.39 28.74
CA LEU A 106 -24.46 25.58 29.14
C LEU A 106 -24.45 24.20 28.48
N TYR A 107 -24.16 24.13 27.19
CA TYR A 107 -24.08 22.84 26.51
C TYR A 107 -22.94 22.03 27.04
N ASP A 108 -21.83 22.68 27.39
CA ASP A 108 -20.70 22.00 28.00
C ASP A 108 -21.17 21.25 29.25
N LEU A 109 -21.76 21.97 30.18
CA LEU A 109 -22.40 21.39 31.35
C LEU A 109 -23.35 20.25 31.02
N ALA A 110 -24.28 20.49 30.09
CA ALA A 110 -25.24 19.45 29.68
C ALA A 110 -24.56 18.18 29.21
N ALA A 111 -23.57 18.30 28.32
CA ALA A 111 -22.88 17.14 27.82
C ALA A 111 -22.13 16.44 28.93
N GLN A 112 -21.55 17.20 29.83
CA GLN A 112 -20.84 16.63 30.97
C GLN A 112 -21.78 15.78 31.82
N HIS A 113 -23.00 16.27 31.98
CA HIS A 113 -24.01 15.62 32.79
C HIS A 113 -24.44 14.32 32.16
N ALA A 114 -24.39 14.25 30.84
CA ALA A 114 -24.78 13.08 30.08
C ALA A 114 -23.60 12.13 29.89
N GLY A 115 -22.40 12.59 30.22
CA GLY A 115 -21.20 11.80 30.07
C GLY A 115 -20.82 11.58 28.64
N LEU A 116 -21.07 12.57 27.81
CA LEU A 116 -20.75 12.50 26.40
C LEU A 116 -19.92 13.70 25.96
N PRO A 117 -19.06 13.52 24.96
CA PRO A 117 -18.51 14.69 24.27
C PRO A 117 -19.63 15.49 23.58
N LEU A 118 -19.45 16.80 23.43
CA LEU A 118 -20.51 17.64 22.91
C LEU A 118 -21.08 17.09 21.61
N TYR A 119 -20.24 16.66 20.68
CA TYR A 119 -20.71 16.27 19.37
C TYR A 119 -21.67 15.09 19.46
N ALA A 120 -21.36 14.15 20.32
CA ALA A 120 -22.23 13.04 20.56
C ALA A 120 -23.52 13.48 21.26
N PHE A 121 -23.41 14.42 22.18
CA PHE A 121 -24.57 14.92 22.89
C PHE A 121 -25.53 15.58 21.93
N LEU A 122 -25.01 16.12 20.83
CA LEU A 122 -25.83 16.83 19.85
C LEU A 122 -26.35 15.89 18.75
N GLY A 123 -26.04 14.62 18.87
CA GLY A 123 -26.49 13.63 17.92
C GLY A 123 -25.60 13.45 16.70
N GLY A 124 -24.38 13.95 16.80
CA GLY A 124 -23.43 13.84 15.70
C GLY A 124 -22.53 12.64 15.84
N LYS A 125 -21.67 12.43 14.86
CA LYS A 125 -20.75 11.31 14.88
C LYS A 125 -19.54 11.60 14.01
N LYS A 126 -18.45 10.91 14.27
CA LYS A 126 -17.23 11.16 13.53
C LYS A 126 -17.20 10.36 12.25
N ASP A 127 -17.86 10.85 11.23
CA ASP A 127 -17.97 10.12 9.98
C ASP A 127 -17.42 10.92 8.81
N LYS A 128 -16.61 11.93 9.12
CA LYS A 128 -15.97 12.70 8.07
C LYS A 128 -14.72 13.38 8.57
N ILE A 129 -13.84 13.78 7.63
CA ILE A 129 -12.63 14.50 8.00
C ILE A 129 -12.91 15.99 8.01
N ILE A 130 -12.53 16.65 9.10
CA ILE A 130 -12.64 18.10 9.19
C ILE A 130 -11.32 18.72 8.76
N GLN A 131 -11.37 19.50 7.69
CA GLN A 131 -10.17 20.15 7.16
C GLN A 131 -10.30 21.66 7.02
N THR A 132 -9.46 22.39 7.73
CA THR A 132 -9.55 23.83 7.71
C THR A 132 -8.77 24.45 6.56
N ASP A 133 -9.25 25.58 6.09
CA ASP A 133 -8.51 26.42 5.19
C ASP A 133 -7.57 27.24 6.03
N TYR A 134 -6.83 28.16 5.40
CA TYR A 134 -6.12 29.18 6.13
C TYR A 134 -6.29 30.51 5.40
N THR A 135 -6.38 31.59 6.14
CA THR A 135 -6.77 32.88 5.60
C THR A 135 -5.59 33.78 5.23
N VAL A 136 -5.62 34.32 4.02
CA VAL A 136 -4.72 35.39 3.62
C VAL A 136 -5.39 36.74 3.81
N SER A 137 -4.86 37.53 4.75
CA SER A 137 -5.37 38.88 4.98
C SER A 137 -5.28 39.77 3.74
N ILE A 138 -6.17 40.73 3.65
CA ILE A 138 -6.23 41.62 2.51
C ILE A 138 -5.13 42.68 2.55
N ASP A 139 -4.23 42.63 1.59
CA ASP A 139 -3.07 43.51 1.57
C ASP A 139 -2.69 43.84 0.14
N GLU A 140 -1.49 44.40 -0.03
CA GLU A 140 -0.88 44.57 -1.35
C GLU A 140 -0.63 43.20 -2.01
N PRO A 141 -0.93 43.08 -3.31
CA PRO A 141 -0.93 41.77 -3.99
C PRO A 141 0.34 40.94 -3.87
N HIS A 142 1.52 41.54 -3.87
CA HIS A 142 2.76 40.76 -3.66
C HIS A 142 2.79 40.13 -2.27
N LYS A 143 2.48 40.93 -1.25
CA LYS A 143 2.39 40.45 0.13
C LYS A 143 1.43 39.29 0.21
N MET A 144 0.27 39.42 -0.44
CA MET A 144 -0.76 38.39 -0.41
C MET A 144 -0.27 37.11 -1.07
N ALA A 145 0.39 37.24 -2.21
CA ALA A 145 0.95 36.07 -2.88
C ALA A 145 1.99 35.38 -2.00
N ALA A 146 2.84 36.18 -1.35
CA ALA A 146 3.88 35.63 -0.49
C ALA A 146 3.27 34.77 0.60
N ASP A 147 2.23 35.31 1.25
CA ASP A 147 1.51 34.62 2.31
C ASP A 147 0.85 33.35 1.79
N ALA A 148 0.27 33.40 0.60
CA ALA A 148 -0.33 32.23 0.02
C ALA A 148 0.69 31.12 -0.14
N VAL A 149 1.89 31.47 -0.60
CA VAL A 149 2.98 30.52 -0.74
C VAL A 149 3.35 29.88 0.60
N GLN A 150 3.68 30.71 1.59
CA GLN A 150 3.99 30.24 2.93
C GLN A 150 2.93 29.27 3.46
N ILE A 151 1.65 29.57 3.18
CA ILE A 151 0.54 28.74 3.62
C ILE A 151 0.54 27.37 2.94
N LYS A 152 0.79 27.34 1.64
CA LYS A 152 0.90 26.07 0.92
C LYS A 152 2.11 25.27 1.41
N LYS A 153 3.19 25.98 1.72
CA LYS A 153 4.43 25.40 2.25
C LYS A 153 4.20 24.73 3.58
N ASN A 154 3.40 25.36 4.43
CA ASN A 154 3.03 24.81 5.74
C ASN A 154 2.12 23.59 5.65
N GLY A 155 1.62 23.29 4.47
CA GLY A 155 0.86 22.06 4.24
C GLY A 155 -0.64 22.21 4.04
N PHE A 156 -1.17 23.41 4.22
CA PHE A 156 -2.60 23.64 4.05
C PHE A 156 -3.04 23.44 2.60
N GLU A 157 -4.18 22.81 2.43
CA GLU A 157 -4.65 22.43 1.10
C GLU A 157 -5.81 23.29 0.60
N ILE A 158 -6.30 24.17 1.46
CA ILE A 158 -7.38 25.08 1.10
C ILE A 158 -6.98 26.48 1.55
N ILE A 159 -7.04 27.45 0.63
CA ILE A 159 -6.75 28.83 1.01
C ILE A 159 -7.97 29.76 0.99
N LYS A 160 -8.19 30.51 2.05
CA LYS A 160 -9.24 31.51 2.06
C LYS A 160 -8.66 32.91 1.86
N VAL A 161 -9.08 33.59 0.80
CA VAL A 161 -8.52 34.90 0.48
C VAL A 161 -9.49 36.04 0.75
N LYS A 162 -9.03 37.04 1.47
CA LYS A 162 -9.85 38.20 1.77
C LYS A 162 -9.78 39.22 0.64
N VAL A 163 -10.89 39.43 -0.03
CA VAL A 163 -10.99 40.47 -1.03
C VAL A 163 -12.00 41.52 -0.58
N GLY A 164 -12.35 42.43 -1.49
CA GLY A 164 -13.30 43.47 -1.17
C GLY A 164 -12.83 44.86 -1.54
N GLY A 165 -11.72 44.93 -2.26
CA GLY A 165 -11.20 46.21 -2.74
C GLY A 165 -11.84 46.58 -4.05
N SER A 166 -11.16 47.40 -4.84
CA SER A 166 -11.63 47.73 -6.18
C SER A 166 -11.58 46.51 -7.12
N LYS A 167 -12.36 46.55 -8.19
CA LYS A 167 -12.41 45.43 -9.13
C LYS A 167 -11.04 45.09 -9.69
N GLU A 168 -10.31 46.12 -10.12
CA GLU A 168 -8.97 45.93 -10.65
C GLU A 168 -8.05 45.22 -9.65
N LEU A 169 -8.04 45.73 -8.43
CA LEU A 169 -7.10 45.27 -7.41
C LEU A 169 -7.39 43.87 -6.89
N ASP A 170 -8.66 43.50 -6.81
CA ASP A 170 -9.01 42.17 -6.34
C ASP A 170 -8.63 41.12 -7.38
N VAL A 171 -8.79 41.47 -8.65
CA VAL A 171 -8.43 40.54 -9.71
C VAL A 171 -6.93 40.33 -9.73
N GLU A 172 -6.20 41.42 -9.52
CA GLU A 172 -4.74 41.32 -9.49
C GLU A 172 -4.31 40.46 -8.32
N ARG A 173 -4.99 40.62 -7.19
CA ARG A 173 -4.73 39.80 -6.01
C ARG A 173 -4.92 38.32 -6.30
N ILE A 174 -6.07 37.94 -6.83
CA ILE A 174 -6.31 36.53 -7.12
C ILE A 174 -5.37 35.95 -8.17
N ARG A 175 -5.06 36.75 -9.20
CA ARG A 175 -4.15 36.29 -10.24
C ARG A 175 -2.77 36.02 -9.65
N MET A 176 -2.18 37.05 -9.05
CA MET A 176 -0.86 36.90 -8.45
C MET A 176 -0.73 35.74 -7.47
N ILE A 177 -1.85 35.34 -6.89
CA ILE A 177 -1.89 34.22 -5.97
C ILE A 177 -1.93 32.90 -6.75
N ARG A 178 -2.82 32.82 -7.73
CA ARG A 178 -2.92 31.64 -8.56
C ARG A 178 -1.60 31.43 -9.32
N GLU A 179 -0.96 32.55 -9.62
CA GLU A 179 0.30 32.57 -10.36
C GLU A 179 1.44 32.05 -9.50
N ALA A 180 1.35 32.29 -8.20
CA ALA A 180 2.44 31.96 -7.29
C ALA A 180 2.18 30.74 -6.40
N ALA A 181 1.05 30.05 -6.59
CA ALA A 181 0.74 28.93 -5.72
C ALA A 181 0.13 27.75 -6.44
N GLY A 182 -0.28 27.95 -7.69
CA GLY A 182 -0.75 26.84 -8.50
C GLY A 182 -2.25 26.85 -8.72
N ASP A 183 -2.72 25.91 -9.53
CA ASP A 183 -4.13 25.88 -9.90
C ASP A 183 -4.82 24.70 -9.26
N SER A 184 -4.06 23.90 -8.53
CA SER A 184 -4.59 22.66 -7.99
C SER A 184 -5.03 22.83 -6.54
N ILE A 185 -4.40 23.76 -5.84
CA ILE A 185 -4.79 24.09 -4.47
C ILE A 185 -6.15 24.77 -4.52
N THR A 186 -7.10 24.26 -3.74
CA THR A 186 -8.45 24.80 -3.76
C THR A 186 -8.50 26.13 -3.02
N LEU A 187 -9.07 27.17 -3.64
CA LEU A 187 -9.21 28.43 -2.93
C LEU A 187 -10.60 29.08 -2.95
N ARG A 188 -10.95 29.72 -1.83
CA ARG A 188 -12.25 30.36 -1.62
C ARG A 188 -12.02 31.83 -1.22
N ILE A 189 -12.96 32.70 -1.54
CA ILE A 189 -12.76 34.13 -1.29
C ILE A 189 -13.87 34.73 -0.44
N ASP A 190 -13.56 35.87 0.17
CA ASP A 190 -14.44 36.50 1.15
C ASP A 190 -14.28 38.01 1.06
N ALA A 191 -15.36 38.70 0.70
CA ALA A 191 -15.31 40.14 0.48
C ALA A 191 -15.74 40.94 1.69
N ASN A 192 -16.34 40.29 2.67
CA ASN A 192 -16.89 40.97 3.83
C ASN A 192 -17.64 42.23 3.48
N GLN A 193 -18.64 42.11 2.60
CA GLN A 193 -19.51 43.21 2.24
C GLN A 193 -18.80 44.31 1.48
N GLY A 194 -17.68 43.98 0.84
CA GLY A 194 -16.79 45.00 0.30
C GLY A 194 -17.16 45.67 -1.01
N TRP A 195 -17.94 44.97 -1.82
CA TRP A 195 -18.32 45.43 -3.15
C TRP A 195 -19.75 45.99 -3.23
N SER A 196 -19.98 46.85 -4.22
CA SER A 196 -21.33 47.24 -4.58
C SER A 196 -21.90 46.14 -5.44
N VAL A 197 -23.21 46.11 -5.62
CA VAL A 197 -23.83 45.08 -6.43
C VAL A 197 -23.17 45.01 -7.79
N GLU A 198 -22.87 46.17 -8.35
CA GLU A 198 -22.22 46.27 -9.65
C GLU A 198 -20.83 45.62 -9.66
N THR A 199 -19.93 46.20 -8.87
CA THR A 199 -18.56 45.72 -8.78
C THR A 199 -18.52 44.22 -8.48
N ALA A 200 -19.48 43.75 -7.70
CA ALA A 200 -19.54 42.35 -7.32
C ALA A 200 -19.65 41.46 -8.54
N ILE A 201 -20.65 41.74 -9.35
CA ILE A 201 -20.90 40.97 -10.55
C ILE A 201 -19.75 41.05 -11.56
N GLU A 202 -19.19 42.24 -11.74
CA GLU A 202 -18.08 42.41 -12.66
C GLU A 202 -16.85 41.66 -12.18
N THR A 203 -16.58 41.76 -10.88
CA THR A 203 -15.40 41.14 -10.31
C THR A 203 -15.56 39.63 -10.26
N LEU A 204 -16.78 39.16 -10.06
CA LEU A 204 -16.99 37.73 -9.93
C LEU A 204 -16.95 37.01 -11.27
N THR A 205 -17.34 37.68 -12.35
CA THR A 205 -17.21 37.05 -13.68
C THR A 205 -15.76 37.18 -14.17
N LEU A 206 -15.10 38.25 -13.78
CA LEU A 206 -13.69 38.39 -14.05
C LEU A 206 -12.80 37.41 -13.27
N LEU A 207 -13.34 36.78 -12.23
CA LEU A 207 -12.56 35.83 -11.41
C LEU A 207 -12.86 34.36 -11.70
N GLU A 208 -13.97 34.09 -12.38
CA GLU A 208 -14.32 32.72 -12.74
C GLU A 208 -13.20 31.89 -13.34
N PRO A 209 -12.44 32.48 -14.27
CA PRO A 209 -11.27 31.81 -14.86
C PRO A 209 -10.33 31.18 -13.84
N TYR A 210 -10.14 31.84 -12.70
CA TYR A 210 -9.18 31.37 -11.71
C TYR A 210 -9.70 30.26 -10.80
N ASN A 211 -10.86 29.71 -11.14
CA ASN A 211 -11.42 28.55 -10.44
C ASN A 211 -11.54 28.72 -8.94
N ILE A 212 -12.49 29.53 -8.49
CA ILE A 212 -12.63 29.75 -7.07
C ILE A 212 -13.85 29.01 -6.52
N GLN A 213 -13.71 28.43 -5.32
CA GLN A 213 -14.68 27.48 -4.77
C GLN A 213 -16.03 28.10 -4.39
N HIS A 214 -15.98 29.22 -3.69
CA HIS A 214 -17.15 30.03 -3.43
C HIS A 214 -16.72 31.40 -2.87
N CYS A 215 -17.63 32.37 -2.90
CA CYS A 215 -17.34 33.70 -2.42
C CYS A 215 -18.27 34.06 -1.27
N GLU A 216 -17.70 34.49 -0.15
CA GLU A 216 -18.50 34.86 1.00
C GLU A 216 -18.89 36.33 0.94
N GLU A 217 -20.15 36.60 1.26
CA GLU A 217 -20.67 37.94 1.48
C GLU A 217 -20.09 39.02 0.57
N PRO A 218 -20.46 39.01 -0.71
CA PRO A 218 -19.91 39.96 -1.68
C PRO A 218 -20.38 41.39 -1.45
N VAL A 219 -21.61 41.57 -0.99
CA VAL A 219 -22.09 42.93 -0.81
C VAL A 219 -22.64 43.17 0.60
N SER A 220 -22.96 44.42 0.87
CA SER A 220 -23.54 44.83 2.14
C SER A 220 -24.66 43.93 2.60
N ARG A 221 -24.68 43.66 3.90
CA ARG A 221 -25.70 42.80 4.48
C ARG A 221 -27.07 43.44 4.36
N ASN A 222 -27.10 44.74 4.18
CA ASN A 222 -28.34 45.46 3.97
C ASN A 222 -28.88 45.24 2.57
N LEU A 223 -28.02 44.77 1.67
CA LEU A 223 -28.42 44.58 0.29
C LEU A 223 -28.68 43.13 -0.06
N TYR A 224 -29.03 42.33 0.93
CA TYR A 224 -29.21 40.91 0.72
C TYR A 224 -30.24 40.59 -0.36
N THR A 225 -31.14 41.53 -0.60
CA THR A 225 -32.21 41.35 -1.58
C THR A 225 -31.66 41.34 -3.00
N ALA A 226 -30.48 41.92 -3.18
CA ALA A 226 -29.76 41.88 -4.45
C ALA A 226 -28.94 40.61 -4.62
N LEU A 227 -28.97 39.72 -3.64
CA LEU A 227 -28.19 38.51 -3.73
C LEU A 227 -28.70 37.61 -4.84
N PRO A 228 -30.02 37.39 -4.91
CA PRO A 228 -30.48 36.49 -5.97
C PRO A 228 -29.97 36.92 -7.36
N LYS A 229 -30.03 38.23 -7.63
CA LYS A 229 -29.54 38.76 -8.90
C LYS A 229 -28.08 38.40 -9.15
N ILE A 230 -27.26 38.48 -8.12
CA ILE A 230 -25.84 38.20 -8.25
C ILE A 230 -25.60 36.70 -8.45
N ARG A 231 -26.38 35.89 -7.75
CA ARG A 231 -26.26 34.45 -7.81
C ARG A 231 -26.46 33.91 -9.22
N GLN A 232 -27.41 34.54 -9.91
CA GLN A 232 -27.82 34.12 -11.23
C GLN A 232 -26.90 34.64 -12.33
N ALA A 233 -26.24 35.75 -12.07
CA ALA A 233 -25.32 36.34 -13.04
C ALA A 233 -23.91 35.76 -12.94
N CYS A 234 -23.65 34.99 -11.89
CA CYS A 234 -22.30 34.55 -11.59
C CYS A 234 -22.16 33.05 -11.42
N ARG A 235 -21.09 32.52 -11.97
CA ARG A 235 -20.85 31.10 -11.97
C ARG A 235 -20.34 30.68 -10.61
N ILE A 236 -19.42 31.47 -10.06
CA ILE A 236 -18.92 31.23 -8.73
C ILE A 236 -20.05 31.20 -7.71
N PRO A 237 -20.09 30.15 -6.87
CA PRO A 237 -21.19 30.13 -5.91
C PRO A 237 -20.99 31.17 -4.82
N ILE A 238 -22.05 31.75 -4.31
CA ILE A 238 -21.92 32.72 -3.27
C ILE A 238 -22.45 32.20 -1.94
N MET A 239 -21.71 32.52 -0.87
CA MET A 239 -22.00 32.05 0.48
C MET A 239 -22.35 33.24 1.35
N ALA A 240 -23.49 33.17 2.02
CA ALA A 240 -23.92 34.22 2.92
C ALA A 240 -23.24 34.06 4.25
N ASP A 241 -22.61 35.13 4.73
CA ASP A 241 -22.01 35.14 6.06
C ASP A 241 -22.76 36.13 6.95
N GLU A 242 -22.34 37.39 6.94
CA GLU A 242 -23.02 38.42 7.73
C GLU A 242 -24.54 38.44 7.46
N SER A 243 -24.93 38.07 6.25
CA SER A 243 -26.33 38.14 5.86
C SER A 243 -27.13 37.02 6.46
N CYS A 244 -26.41 36.02 6.99
CA CYS A 244 -27.04 34.89 7.65
C CYS A 244 -26.56 34.72 9.09
N CYS A 245 -27.30 35.29 10.02
CA CYS A 245 -26.93 35.24 11.41
C CYS A 245 -27.75 34.21 12.17
N ASN A 246 -29.05 34.41 12.21
CA ASN A 246 -29.94 33.49 12.90
C ASN A 246 -30.80 32.71 11.92
N SER A 247 -31.74 31.94 12.43
CA SER A 247 -32.58 31.06 11.60
C SER A 247 -33.61 31.84 10.77
N PHE A 248 -34.10 32.94 11.31
CA PHE A 248 -35.00 33.78 10.52
C PHE A 248 -34.29 34.27 9.27
N ASP A 249 -33.07 34.75 9.44
CA ASP A 249 -32.25 35.16 8.31
C ASP A 249 -32.12 34.04 7.30
N ALA A 250 -31.86 32.83 7.78
CA ALA A 250 -31.65 31.69 6.90
C ALA A 250 -32.87 31.41 6.07
N GLU A 251 -34.00 31.26 6.74
CA GLU A 251 -35.27 31.01 6.08
C GLU A 251 -35.55 32.04 4.98
N ARG A 252 -35.34 33.31 5.31
CA ARG A 252 -35.59 34.39 4.38
C ARG A 252 -34.68 34.31 3.16
N LEU A 253 -33.41 33.99 3.37
CA LEU A 253 -32.46 33.91 2.26
C LEU A 253 -32.81 32.76 1.33
N ILE A 254 -33.22 31.64 1.90
CA ILE A 254 -33.67 30.49 1.14
C ILE A 254 -34.92 30.82 0.31
N GLN A 255 -35.90 31.44 0.96
CA GLN A 255 -37.15 31.82 0.36
C GLN A 255 -36.98 32.60 -0.95
N ILE A 256 -35.97 33.44 -1.04
CA ILE A 256 -35.75 34.22 -2.25
C ILE A 256 -34.57 33.73 -3.06
N GLN A 257 -34.09 32.52 -2.75
CA GLN A 257 -32.95 31.91 -3.42
C GLN A 257 -31.76 32.84 -3.56
N ALA A 258 -31.28 33.33 -2.42
CA ALA A 258 -30.27 34.39 -2.38
C ALA A 258 -28.86 33.89 -2.54
N CYS A 259 -28.60 32.65 -2.17
CA CYS A 259 -27.23 32.18 -2.14
C CYS A 259 -27.15 30.66 -2.27
N ASP A 260 -25.95 30.17 -2.52
CA ASP A 260 -25.73 28.76 -2.74
C ASP A 260 -25.40 28.05 -1.43
N SER A 261 -24.76 28.76 -0.52
CA SER A 261 -24.33 28.15 0.74
C SER A 261 -24.28 29.13 1.91
N PHE A 262 -24.27 28.60 3.13
CA PHE A 262 -24.20 29.40 4.33
C PHE A 262 -22.85 29.30 5.02
N ASN A 263 -22.40 30.39 5.62
CA ASN A 263 -21.36 30.33 6.61
C ASN A 263 -21.93 30.46 8.05
N LEU A 264 -21.93 29.34 8.76
CA LEU A 264 -22.48 29.25 10.10
C LEU A 264 -21.45 29.56 11.20
N LYS A 265 -21.76 30.51 12.07
CA LYS A 265 -20.87 30.85 13.18
C LYS A 265 -21.68 30.92 14.46
N LEU A 266 -21.22 30.26 15.51
CA LEU A 266 -21.97 30.24 16.77
C LEU A 266 -22.29 31.62 17.35
N SER A 267 -21.36 32.57 17.22
CA SER A 267 -21.60 33.91 17.74
C SER A 267 -22.75 34.67 17.06
N LYS A 268 -23.00 34.38 15.78
CA LYS A 268 -24.05 35.09 15.08
C LYS A 268 -25.42 34.52 15.45
N SER A 269 -25.46 33.22 15.67
CA SER A 269 -26.70 32.55 16.03
C SER A 269 -26.97 32.51 17.56
N ALA A 270 -26.16 33.24 18.32
CA ALA A 270 -26.29 33.36 19.76
C ALA A 270 -26.17 32.05 20.49
N GLY A 271 -25.42 31.13 19.88
CA GLY A 271 -25.12 29.87 20.51
C GLY A 271 -25.39 28.69 19.61
N ILE A 272 -25.41 27.51 20.21
CA ILE A 272 -25.59 26.26 19.49
C ILE A 272 -27.07 26.00 19.20
N THR A 273 -27.93 26.31 20.18
CA THR A 273 -29.37 26.08 20.06
C THR A 273 -29.92 26.53 18.71
N ASN A 274 -29.65 27.77 18.34
CA ASN A 274 -30.15 28.29 17.08
C ASN A 274 -29.32 27.87 15.87
N ALA A 275 -28.04 27.60 16.08
CA ALA A 275 -27.21 27.09 14.99
C ALA A 275 -27.78 25.79 14.47
N LEU A 276 -28.32 24.99 15.37
CA LEU A 276 -28.94 23.73 14.98
C LEU A 276 -30.12 23.96 14.05
N ASN A 277 -30.95 24.96 14.33
CA ASN A 277 -32.05 25.30 13.46
C ASN A 277 -31.56 25.67 12.06
N ILE A 278 -30.55 26.53 11.97
CA ILE A 278 -29.96 26.89 10.69
C ILE A 278 -29.49 25.67 9.92
N ILE A 279 -28.85 24.75 10.62
CA ILE A 279 -28.38 23.53 9.98
C ILE A 279 -29.53 22.72 9.38
N ARG A 280 -30.59 22.53 10.14
CA ARG A 280 -31.78 21.80 9.69
C ARG A 280 -32.36 22.43 8.42
N LEU A 281 -32.47 23.76 8.41
CA LEU A 281 -32.95 24.48 7.24
C LEU A 281 -32.08 24.20 6.03
N ALA A 282 -30.77 24.34 6.21
CA ALA A 282 -29.82 24.08 5.14
C ALA A 282 -29.92 22.64 4.65
N GLU A 283 -30.22 21.70 5.55
CA GLU A 283 -30.49 20.33 5.17
C GLU A 283 -31.72 20.20 4.26
N GLN A 284 -32.84 20.74 4.71
CA GLN A 284 -34.09 20.71 3.94
C GLN A 284 -33.96 21.38 2.57
N ALA A 285 -32.93 22.19 2.40
CA ALA A 285 -32.75 22.92 1.16
C ALA A 285 -31.46 22.50 0.47
N HIS A 286 -30.93 21.36 0.85
CA HIS A 286 -29.76 20.77 0.21
C HIS A 286 -28.67 21.82 -0.06
N MET A 287 -28.36 22.59 0.97
CA MET A 287 -27.41 23.68 0.87
C MET A 287 -26.16 23.36 1.70
N PRO A 288 -24.99 23.34 1.05
CA PRO A 288 -23.75 23.09 1.78
C PRO A 288 -23.48 24.18 2.81
N VAL A 289 -22.96 23.79 3.97
CA VAL A 289 -22.66 24.72 5.04
C VAL A 289 -21.18 24.71 5.39
N GLN A 290 -20.61 25.89 5.57
CA GLN A 290 -19.27 26.06 6.07
C GLN A 290 -19.32 26.53 7.51
N VAL A 291 -18.68 25.82 8.43
CA VAL A 291 -18.60 26.36 9.76
C VAL A 291 -17.35 27.22 9.94
N GLY A 292 -17.53 28.42 10.50
CA GLY A 292 -16.41 29.31 10.76
C GLY A 292 -16.42 29.98 12.11
N GLY A 293 -15.93 31.20 12.18
CA GLY A 293 -15.85 31.92 13.44
C GLY A 293 -15.09 33.22 13.32
N PHE A 294 -14.65 33.77 14.43
CA PHE A 294 -13.90 35.01 14.37
C PHE A 294 -12.49 34.85 14.92
N LEU A 295 -12.16 35.49 16.03
CA LEU A 295 -10.84 35.28 16.62
C LEU A 295 -10.89 34.48 17.93
N GLU A 296 -11.91 33.66 18.09
CA GLU A 296 -11.98 32.73 19.23
C GLU A 296 -10.70 31.93 19.30
N SER A 297 -10.33 31.52 20.51
CA SER A 297 -9.19 30.63 20.74
C SER A 297 -9.56 29.22 20.36
N ARG A 298 -8.67 28.27 20.56
CA ARG A 298 -9.05 26.88 20.27
C ARG A 298 -10.25 26.40 21.08
N LEU A 299 -10.54 27.03 22.20
CA LEU A 299 -11.70 26.62 22.96
C LEU A 299 -12.99 26.89 22.19
N GLY A 300 -13.13 28.12 21.72
CA GLY A 300 -14.27 28.50 20.90
C GLY A 300 -14.42 27.65 19.67
N PHE A 301 -13.33 27.45 18.97
CA PHE A 301 -13.38 26.66 17.76
C PHE A 301 -13.59 25.18 18.04
N THR A 302 -13.31 24.77 19.27
CA THR A 302 -13.62 23.42 19.66
C THR A 302 -15.13 23.24 19.70
N ALA A 303 -15.86 24.28 20.09
CA ALA A 303 -17.32 24.21 20.09
C ALA A 303 -17.82 24.12 18.65
N ALA A 304 -17.27 24.96 17.79
CA ALA A 304 -17.59 24.91 16.38
C ALA A 304 -17.36 23.54 15.78
N ALA A 305 -16.22 22.94 16.10
CA ALA A 305 -15.85 21.64 15.56
C ALA A 305 -16.81 20.54 15.98
N HIS A 306 -17.23 20.56 17.25
CA HIS A 306 -18.27 19.65 17.73
C HIS A 306 -19.57 19.79 16.91
N VAL A 307 -20.01 21.02 16.69
CA VAL A 307 -21.23 21.28 15.98
C VAL A 307 -21.08 20.82 14.55
N ALA A 308 -19.88 20.99 14.02
CA ALA A 308 -19.56 20.62 12.64
C ALA A 308 -19.83 19.16 12.33
N LEU A 309 -19.85 18.31 13.36
CA LEU A 309 -20.03 16.88 13.19
C LEU A 309 -21.50 16.48 13.23
N VAL A 310 -22.38 17.46 13.33
CA VAL A 310 -23.78 17.19 13.61
C VAL A 310 -24.59 16.79 12.37
N SER A 311 -24.10 17.16 11.18
CA SER A 311 -24.85 16.96 9.96
C SER A 311 -23.95 16.82 8.74
N LYS A 312 -24.36 15.99 7.79
CA LYS A 312 -23.55 15.74 6.62
C LYS A 312 -23.60 16.93 5.63
N THR A 313 -24.51 17.86 5.87
CA THR A 313 -24.64 19.01 4.98
C THR A 313 -23.50 19.99 5.25
N ILE A 314 -22.90 19.90 6.42
CA ILE A 314 -21.74 20.69 6.74
C ILE A 314 -20.50 20.03 6.12
N CYS A 315 -19.69 20.79 5.40
CA CYS A 315 -18.61 20.16 4.62
C CYS A 315 -17.44 21.09 4.34
N TYR A 316 -17.54 22.34 4.77
CA TYR A 316 -16.42 23.25 4.68
C TYR A 316 -16.08 23.79 6.06
N TYR A 317 -14.82 24.13 6.28
CA TYR A 317 -14.38 24.52 7.61
C TYR A 317 -13.37 25.67 7.55
N ASP A 318 -13.62 26.71 8.34
CA ASP A 318 -12.71 27.85 8.47
C ASP A 318 -12.35 27.97 9.95
N PHE A 319 -11.37 27.20 10.38
CA PHE A 319 -11.03 27.16 11.79
C PHE A 319 -9.59 27.59 12.02
N ASP A 320 -9.15 28.65 11.36
CA ASP A 320 -7.72 28.92 11.24
C ASP A 320 -7.15 29.89 12.28
N THR A 321 -7.93 30.87 12.68
CA THR A 321 -7.40 31.97 13.48
C THR A 321 -6.62 31.63 14.76
N PRO A 322 -6.96 30.53 15.44
CA PRO A 322 -6.19 30.23 16.66
C PRO A 322 -4.69 30.06 16.35
N LEU A 323 -4.36 29.59 15.16
CA LEU A 323 -2.98 29.46 14.72
C LEU A 323 -2.25 30.81 14.58
N MET A 324 -2.98 31.90 14.68
CA MET A 324 -2.39 33.22 14.54
C MET A 324 -2.07 33.88 15.87
N PHE A 325 -2.40 33.19 16.97
CA PHE A 325 -2.12 33.70 18.32
C PHE A 325 -0.60 33.66 18.58
N GLU A 326 -0.09 34.63 19.32
CA GLU A 326 1.29 34.55 19.76
C GLU A 326 1.46 33.41 20.76
N ALA A 327 0.40 33.15 21.52
CA ALA A 327 0.46 32.14 22.54
C ALA A 327 -0.87 31.41 22.70
N ASP A 328 -0.84 30.08 22.75
CA ASP A 328 -2.04 29.28 22.93
C ASP A 328 -2.32 28.99 24.42
N PRO A 329 -3.38 29.61 24.98
CA PRO A 329 -3.72 29.48 26.40
C PRO A 329 -4.67 28.32 26.70
N VAL A 330 -5.01 27.52 25.70
CA VAL A 330 -6.09 26.55 25.82
C VAL A 330 -5.53 25.19 26.24
N ARG A 331 -6.24 24.53 27.14
CA ARG A 331 -5.92 23.19 27.58
C ARG A 331 -6.92 22.19 26.99
N GLY A 332 -6.41 21.19 26.28
CA GLY A 332 -7.26 20.23 25.59
C GLY A 332 -7.74 20.77 24.28
N GLY A 333 -8.99 20.50 23.93
CA GLY A 333 -9.58 21.10 22.74
C GLY A 333 -9.13 20.43 21.47
N ILE A 334 -9.57 20.95 20.33
CA ILE A 334 -9.21 20.40 19.04
C ILE A 334 -7.71 20.50 18.79
N VAL A 335 -7.14 19.51 18.12
CA VAL A 335 -5.74 19.57 17.76
C VAL A 335 -5.53 19.60 16.24
N TYR A 336 -4.65 20.49 15.80
CA TYR A 336 -4.36 20.65 14.39
C TYR A 336 -3.28 19.65 13.98
N GLN A 337 -3.60 18.83 12.99
CA GLN A 337 -2.65 17.88 12.42
C GLN A 337 -2.18 18.41 11.08
N GLN A 338 -1.40 17.62 10.36
CA GLN A 338 -0.88 18.07 9.08
C GLN A 338 -1.99 18.11 8.04
N ARG A 339 -1.79 18.92 7.00
CA ARG A 339 -2.78 19.13 5.96
C ARG A 339 -3.98 19.92 6.43
N GLY A 340 -3.91 20.42 7.67
CA GLY A 340 -4.98 21.23 8.23
C GLY A 340 -6.15 20.40 8.71
N ILE A 341 -5.93 19.12 8.91
CA ILE A 341 -6.95 18.25 9.45
C ILE A 341 -7.12 18.47 10.94
N ILE A 342 -8.37 18.46 11.40
CA ILE A 342 -8.69 18.74 12.79
C ILE A 342 -9.26 17.51 13.50
N GLU A 343 -8.80 17.24 14.71
CA GLU A 343 -9.33 16.15 15.52
C GLU A 343 -10.12 16.71 16.68
N VAL A 344 -11.28 16.10 16.94
CA VAL A 344 -12.20 16.58 17.98
C VAL A 344 -12.10 15.76 19.27
N PRO A 345 -12.05 16.43 20.42
CA PRO A 345 -11.89 15.73 21.70
C PRO A 345 -12.98 14.69 21.92
N GLU A 346 -12.67 13.63 22.66
CA GLU A 346 -13.65 12.59 22.87
C GLU A 346 -14.12 12.52 24.31
N THR A 347 -13.55 13.35 25.15
CA THR A 347 -13.90 13.34 26.55
C THR A 347 -15.24 14.04 26.78
N ALA A 348 -15.85 13.84 27.93
CA ALA A 348 -17.16 14.40 28.22
C ALA A 348 -17.12 15.90 28.19
N GLY A 349 -18.21 16.52 27.74
CA GLY A 349 -18.34 17.96 27.67
C GLY A 349 -17.71 18.60 26.46
N LEU A 350 -17.39 19.89 26.57
CA LEU A 350 -16.69 20.62 25.53
C LEU A 350 -15.35 19.98 25.20
N GLY A 351 -14.69 19.49 26.25
CA GLY A 351 -13.42 18.79 26.09
C GLY A 351 -12.27 19.77 25.96
N ALA A 352 -12.46 20.96 26.50
CA ALA A 352 -11.45 21.99 26.51
C ALA A 352 -11.63 22.91 27.69
N GLY A 353 -10.54 23.52 28.11
CA GLY A 353 -10.55 24.49 29.17
C GLY A 353 -9.34 25.39 29.01
N TYR A 354 -9.01 26.13 30.04
CA TYR A 354 -7.87 27.01 29.91
C TYR A 354 -6.71 26.53 30.77
N GLN A 355 -5.51 26.73 30.26
CA GLN A 355 -4.26 26.41 30.95
C GLN A 355 -4.24 26.91 32.37
N LYS A 356 -3.51 26.21 33.23
CA LYS A 356 -3.51 26.55 34.64
C LYS A 356 -2.96 27.95 34.87
N ASP A 357 -3.66 28.68 35.74
CA ASP A 357 -3.33 30.06 36.09
C ASP A 357 -3.06 31.01 34.90
N TYR A 358 -3.54 30.64 33.72
CA TYR A 358 -3.67 31.62 32.66
C TYR A 358 -4.81 32.55 33.03
N LEU A 359 -5.91 31.96 33.47
CA LEU A 359 -7.09 32.71 33.88
C LEU A 359 -6.84 33.62 35.06
N SER A 360 -6.00 33.19 35.99
CA SER A 360 -5.80 33.97 37.20
C SER A 360 -5.09 35.30 36.91
N GLY A 361 -4.49 35.39 35.73
CA GLY A 361 -3.77 36.58 35.31
C GLY A 361 -4.64 37.58 34.57
N LEU A 362 -5.85 37.16 34.25
CA LEU A 362 -6.77 37.95 33.47
C LEU A 362 -7.62 38.87 34.35
N GLU A 363 -8.06 39.98 33.77
CA GLU A 363 -9.04 40.86 34.41
C GLU A 363 -10.35 40.12 34.50
N LYS A 364 -10.91 39.99 35.69
CA LYS A 364 -12.09 39.16 35.85
C LYS A 364 -13.15 39.80 36.71
N ILE A 365 -14.37 39.33 36.57
CA ILE A 365 -15.43 39.68 37.50
C ILE A 365 -16.19 38.40 37.84
N CYS A 366 -16.89 38.39 38.96
CA CYS A 366 -17.43 37.15 39.52
C CYS A 366 -18.86 37.48 39.91
N ILE A 367 -19.82 36.83 39.26
CA ILE A 367 -21.22 37.07 39.57
C ILE A 367 -21.73 36.03 40.55
N ASN A 368 -22.00 36.51 41.77
CA ASN A 368 -22.29 35.70 42.95
C ASN A 368 -21.13 34.91 43.52
N MET B 1 -8.13 15.59 41.62
CA MET B 1 -9.55 15.37 41.35
C MET B 1 -10.01 14.08 42.00
N ILE B 2 -11.03 14.19 42.82
CA ILE B 2 -11.51 13.05 43.61
C ILE B 2 -12.38 12.10 42.80
N ILE B 3 -12.17 10.80 42.98
CA ILE B 3 -13.00 9.77 42.37
C ILE B 3 -14.31 9.64 43.15
N THR B 4 -15.44 9.82 42.48
CA THR B 4 -16.72 9.87 43.18
C THR B 4 -17.57 8.64 42.91
N GLN B 5 -17.45 8.06 41.71
CA GLN B 5 -18.11 6.80 41.42
C GLN B 5 -17.44 6.03 40.31
N VAL B 6 -17.53 4.70 40.34
CA VAL B 6 -17.06 3.91 39.23
C VAL B 6 -18.13 2.95 38.77
N GLU B 7 -18.27 2.81 37.46
CA GLU B 7 -19.25 1.89 36.88
C GLU B 7 -18.52 0.74 36.21
N LEU B 8 -19.05 -0.47 36.34
CA LEU B 8 -18.51 -1.64 35.67
C LEU B 8 -19.55 -2.24 34.75
N TYR B 9 -19.14 -2.67 33.56
CA TYR B 9 -20.05 -3.25 32.58
C TYR B 9 -19.56 -4.62 32.11
N LYS B 10 -20.46 -5.58 31.97
CA LYS B 10 -20.14 -6.81 31.26
C LYS B 10 -20.39 -6.57 29.77
N SER B 11 -19.35 -6.70 28.96
CA SER B 11 -19.44 -6.39 27.53
C SER B 11 -19.11 -7.59 26.65
N PRO B 12 -20.12 -8.43 26.37
CA PRO B 12 -19.86 -9.61 25.54
C PRO B 12 -20.24 -9.33 24.08
N VAL B 13 -19.26 -9.39 23.20
CA VAL B 13 -19.52 -9.22 21.78
C VAL B 13 -19.04 -10.45 21.01
N LYS B 14 -19.89 -10.96 20.12
CA LYS B 14 -19.60 -12.18 19.38
C LYS B 14 -18.60 -11.92 18.24
N LEU B 15 -17.73 -12.90 18.00
CA LEU B 15 -16.78 -12.83 16.91
C LEU B 15 -17.36 -13.38 15.61
N LYS B 16 -16.94 -12.82 14.47
CA LYS B 16 -17.36 -13.31 13.16
C LYS B 16 -17.02 -14.79 13.01
N GLU B 17 -15.73 -15.09 13.13
CA GLU B 17 -15.27 -16.47 13.16
C GLU B 17 -14.70 -16.73 14.55
N PRO B 18 -14.88 -17.94 15.06
CA PRO B 18 -14.27 -18.28 16.34
C PRO B 18 -12.73 -18.15 16.32
N PHE B 19 -12.17 -17.69 17.43
CA PHE B 19 -10.74 -17.48 17.60
C PHE B 19 -10.13 -18.70 18.25
N LYS B 20 -9.07 -19.23 17.66
CA LYS B 20 -8.53 -20.54 18.06
C LYS B 20 -7.04 -20.49 18.30
N ILE B 21 -6.62 -20.84 19.51
CA ILE B 21 -5.19 -20.98 19.82
C ILE B 21 -4.97 -22.36 20.38
N SER B 22 -3.71 -22.71 20.61
CA SER B 22 -3.39 -24.06 21.06
C SER B 22 -4.04 -24.38 22.40
N LEU B 23 -4.37 -23.35 23.16
CA LEU B 23 -4.91 -23.51 24.52
C LEU B 23 -6.43 -23.70 24.55
N GLY B 24 -7.11 -23.32 23.47
CA GLY B 24 -8.56 -23.37 23.43
C GLY B 24 -9.23 -22.49 22.38
N ILE B 25 -10.56 -22.54 22.35
CA ILE B 25 -11.36 -21.80 21.38
C ILE B 25 -12.29 -20.79 22.05
N LEU B 26 -12.41 -19.60 21.45
CA LEU B 26 -13.29 -18.56 21.99
C LEU B 26 -14.25 -18.07 20.93
N THR B 27 -15.54 -17.98 21.28
CA THR B 27 -16.56 -17.51 20.34
C THR B 27 -16.93 -16.06 20.56
N HIS B 28 -16.64 -15.55 21.75
CA HIS B 28 -16.95 -14.18 22.10
C HIS B 28 -15.76 -13.49 22.71
N ALA B 29 -15.69 -12.17 22.55
CA ALA B 29 -14.84 -11.36 23.39
C ALA B 29 -15.68 -10.96 24.59
N ASN B 30 -15.59 -11.74 25.66
CA ASN B 30 -16.29 -11.40 26.90
C ASN B 30 -15.46 -10.44 27.76
N ASN B 31 -15.66 -9.15 27.58
CA ASN B 31 -14.84 -8.13 28.21
C ASN B 31 -15.53 -7.48 29.39
N VAL B 32 -14.75 -6.80 30.22
CA VAL B 32 -15.31 -5.98 31.28
C VAL B 32 -14.88 -4.54 31.05
N ILE B 33 -15.85 -3.63 31.08
CA ILE B 33 -15.59 -2.20 30.92
C ILE B 33 -15.63 -1.46 32.26
N VAL B 34 -14.76 -0.46 32.41
CA VAL B 34 -14.65 0.30 33.64
C VAL B 34 -14.74 1.78 33.32
N ARG B 35 -15.63 2.50 34.00
CA ARG B 35 -15.69 3.96 33.91
C ARG B 35 -15.48 4.59 35.29
N ILE B 36 -14.46 5.41 35.44
CA ILE B 36 -14.23 6.17 36.66
C ILE B 36 -14.72 7.61 36.49
N HIS B 37 -15.56 8.07 37.43
CA HIS B 37 -16.07 9.45 37.47
C HIS B 37 -15.36 10.28 38.52
N THR B 38 -14.99 11.50 38.18
CA THR B 38 -14.48 12.44 39.17
C THR B 38 -15.55 13.45 39.56
N ALA B 39 -15.31 14.14 40.66
CA ALA B 39 -16.24 15.17 41.12
C ALA B 39 -16.34 16.29 40.09
N SER B 40 -15.22 16.60 39.43
CA SER B 40 -15.19 17.64 38.40
C SER B 40 -15.99 17.23 37.16
N GLY B 41 -16.49 16.00 37.14
CA GLY B 41 -17.30 15.55 36.03
C GLY B 41 -16.56 14.91 34.88
N HIS B 42 -15.26 14.66 35.04
CA HIS B 42 -14.47 13.95 34.05
C HIS B 42 -14.72 12.44 34.09
N ILE B 43 -14.61 11.79 32.95
CA ILE B 43 -14.79 10.35 32.90
C ILE B 43 -13.61 9.65 32.24
N GLY B 44 -13.05 8.65 32.92
CA GLY B 44 -12.00 7.81 32.40
C GLY B 44 -12.48 6.43 32.01
N TYR B 45 -12.08 5.95 30.84
CA TYR B 45 -12.49 4.62 30.39
C TYR B 45 -11.34 3.62 30.46
N GLY B 46 -11.65 2.38 30.78
CA GLY B 46 -10.68 1.32 30.74
C GLY B 46 -11.41 0.06 30.39
N GLU B 47 -10.70 -0.91 29.81
CA GLU B 47 -11.31 -2.15 29.37
C GLU B 47 -10.34 -3.26 29.68
N CYS B 48 -10.87 -4.46 29.84
CA CYS B 48 -10.02 -5.65 29.93
C CYS B 48 -10.73 -6.84 29.32
N SER B 49 -9.92 -7.78 28.84
CA SER B 49 -10.43 -8.93 28.13
C SER B 49 -9.92 -10.22 28.75
N PRO B 50 -10.58 -10.68 29.81
CA PRO B 50 -10.10 -11.87 30.51
C PRO B 50 -10.03 -13.09 29.61
N PHE B 51 -8.90 -13.79 29.69
CA PHE B 51 -8.64 -15.05 28.99
C PHE B 51 -8.41 -16.11 30.06
N MET B 52 -9.38 -17.00 30.26
CA MET B 52 -9.28 -17.95 31.36
C MET B 52 -8.00 -18.77 31.39
N THR B 53 -7.50 -19.18 30.23
CA THR B 53 -6.33 -20.04 30.16
C THR B 53 -4.98 -19.34 30.28
N ILE B 54 -5.00 -18.01 30.38
CA ILE B 54 -3.76 -17.25 30.50
C ILE B 54 -3.74 -16.32 31.70
N HIS B 55 -4.82 -15.56 31.85
CA HIS B 55 -4.93 -14.61 32.96
C HIS B 55 -5.31 -15.37 34.21
N GLY B 56 -6.13 -16.40 34.03
CA GLY B 56 -6.74 -17.08 35.15
C GLY B 56 -7.90 -16.26 35.68
N GLU B 57 -8.48 -15.44 34.81
CA GLU B 57 -9.63 -14.65 35.17
C GLU B 57 -10.70 -14.86 34.12
N SER B 58 -11.94 -14.51 34.43
CA SER B 58 -13.01 -14.57 33.43
C SER B 58 -13.80 -13.30 33.52
N MET B 59 -14.71 -13.08 32.58
CA MET B 59 -15.54 -11.91 32.64
C MET B 59 -16.29 -11.91 33.98
N ASP B 60 -16.72 -13.07 34.41
CA ASP B 60 -17.44 -13.18 35.68
C ASP B 60 -16.59 -12.80 36.90
N THR B 61 -15.38 -13.35 37.02
CA THR B 61 -14.49 -12.95 38.09
C THR B 61 -14.11 -11.46 38.01
N ALA B 62 -13.81 -10.99 36.81
CA ALA B 62 -13.36 -9.61 36.66
C ALA B 62 -14.46 -8.68 37.16
N PHE B 63 -15.69 -9.00 36.83
CA PHE B 63 -16.82 -8.16 37.21
C PHE B 63 -16.98 -8.07 38.73
N ILE B 64 -16.56 -9.10 39.45
CA ILE B 64 -16.67 -9.08 40.90
C ILE B 64 -15.46 -8.44 41.58
N VAL B 65 -14.26 -8.88 41.22
CA VAL B 65 -13.06 -8.33 41.80
C VAL B 65 -13.02 -6.83 41.54
N GLY B 66 -13.47 -6.44 40.36
CA GLY B 66 -13.58 -5.04 40.02
C GLY B 66 -14.36 -4.22 41.02
N GLN B 67 -15.40 -4.81 41.58
CA GLN B 67 -16.18 -4.14 42.62
C GLN B 67 -15.38 -3.93 43.91
N TYR B 68 -14.57 -4.92 44.28
CA TYR B 68 -13.68 -4.78 45.40
C TYR B 68 -12.78 -3.58 45.17
N LEU B 69 -12.22 -3.51 43.96
CA LEU B 69 -11.29 -2.44 43.59
C LEU B 69 -11.93 -1.05 43.57
N ALA B 70 -13.04 -0.91 42.88
CA ALA B 70 -13.82 0.32 42.92
C ALA B 70 -14.02 0.85 44.35
N LYS B 71 -14.50 0.01 45.26
CA LYS B 71 -14.76 0.42 46.63
C LYS B 71 -13.53 1.09 47.23
N GLY B 72 -12.37 0.50 47.01
CA GLY B 72 -11.13 1.03 47.54
C GLY B 72 -10.68 2.34 46.93
N LEU B 73 -11.05 2.57 45.67
CA LEU B 73 -10.68 3.78 44.96
C LEU B 73 -11.62 4.96 45.18
N ILE B 74 -12.82 4.70 45.67
CA ILE B 74 -13.71 5.81 45.94
C ILE B 74 -13.13 6.72 47.01
N GLY B 75 -13.05 8.00 46.69
CA GLY B 75 -12.53 9.00 47.62
C GLY B 75 -11.09 9.41 47.37
N THR B 76 -10.38 8.60 46.60
CA THR B 76 -8.97 8.85 46.34
C THR B 76 -8.80 9.81 45.18
N SER B 77 -7.57 10.24 44.94
CA SER B 77 -7.28 11.15 43.85
C SER B 77 -6.85 10.39 42.62
N CYS B 78 -7.60 10.53 41.54
CA CYS B 78 -7.30 9.80 40.30
C CYS B 78 -5.90 10.12 39.74
N LEU B 79 -5.26 11.18 40.26
CA LEU B 79 -3.96 11.57 39.77
C LEU B 79 -2.84 10.77 40.42
N ASP B 80 -3.11 10.22 41.61
CA ASP B 80 -2.12 9.40 42.32
C ASP B 80 -2.07 7.99 41.78
N ILE B 81 -1.67 7.85 40.53
CA ILE B 81 -1.69 6.56 39.86
C ILE B 81 -0.92 5.47 40.61
N VAL B 82 0.30 5.76 41.02
CA VAL B 82 1.09 4.79 41.75
C VAL B 82 0.46 4.40 43.09
N SER B 83 0.09 5.39 43.89
CA SER B 83 -0.58 5.14 45.16
C SER B 83 -1.79 4.23 44.98
N ASN B 84 -2.59 4.48 43.94
CA ASN B 84 -3.82 3.72 43.70
C ASN B 84 -3.56 2.32 43.16
N SER B 85 -2.59 2.19 42.27
CA SER B 85 -2.19 0.89 41.81
C SER B 85 -1.79 0.05 42.98
N LEU B 86 -1.11 0.67 43.95
CA LEU B 86 -0.65 -0.02 45.15
C LEU B 86 -1.82 -0.39 46.05
N LEU B 87 -2.78 0.52 46.14
CA LEU B 87 -4.01 0.32 46.90
C LEU B 87 -4.78 -0.90 46.39
N MET B 88 -4.83 -1.07 45.08
CA MET B 88 -5.50 -2.25 44.52
C MET B 88 -4.73 -3.53 44.86
N ASP B 89 -3.42 -3.50 44.75
CA ASP B 89 -2.61 -4.66 45.10
C ASP B 89 -2.79 -5.03 46.58
N ALA B 90 -2.99 -4.04 47.44
CA ALA B 90 -3.19 -4.32 48.85
C ALA B 90 -4.55 -4.99 49.11
N ILE B 91 -5.50 -4.77 48.19
CA ILE B 91 -6.83 -5.34 48.31
C ILE B 91 -6.86 -6.81 47.87
N ILE B 92 -6.20 -7.11 46.76
CA ILE B 92 -6.20 -8.48 46.23
C ILE B 92 -4.97 -8.78 45.38
N TYR B 93 -4.37 -9.94 45.59
CA TYR B 93 -3.18 -10.33 44.85
C TYR B 93 -3.55 -10.79 43.45
N GLY B 94 -2.60 -10.73 42.53
CA GLY B 94 -2.85 -11.05 41.14
C GLY B 94 -3.96 -10.24 40.51
N ASN B 95 -4.82 -10.92 39.76
CA ASN B 95 -5.94 -10.28 39.09
C ASN B 95 -5.52 -9.09 38.23
N SER B 96 -4.40 -9.25 37.54
CA SER B 96 -3.84 -8.16 36.72
C SER B 96 -4.82 -7.67 35.65
N CYS B 97 -5.52 -8.60 35.01
CA CYS B 97 -6.44 -8.26 33.95
C CYS B 97 -7.42 -7.17 34.34
N ILE B 98 -8.25 -7.41 35.35
CA ILE B 98 -9.17 -6.37 35.78
C ILE B 98 -8.42 -5.12 36.29
N LYS B 99 -7.35 -5.32 37.05
CA LYS B 99 -6.55 -4.21 37.53
C LYS B 99 -6.11 -3.28 36.40
N SER B 100 -5.67 -3.87 35.29
CA SER B 100 -5.25 -3.08 34.13
C SER B 100 -6.34 -2.14 33.64
N ALA B 101 -7.59 -2.58 33.63
CA ALA B 101 -8.69 -1.73 33.23
C ALA B 101 -8.79 -0.48 34.13
N PHE B 102 -8.70 -0.67 35.43
CA PHE B 102 -8.69 0.47 36.33
C PHE B 102 -7.50 1.36 36.07
N ASN B 103 -6.34 0.75 35.89
CA ASN B 103 -5.11 1.49 35.68
C ASN B 103 -5.22 2.34 34.43
N ILE B 104 -5.60 1.71 33.32
CA ILE B 104 -5.82 2.43 32.07
C ILE B 104 -6.76 3.62 32.24
N ALA B 105 -7.92 3.42 32.85
CA ALA B 105 -8.82 4.53 33.12
C ALA B 105 -8.19 5.66 33.93
N LEU B 106 -7.43 5.32 34.97
CA LEU B 106 -6.75 6.36 35.74
C LEU B 106 -5.81 7.20 34.84
N TYR B 107 -5.05 6.53 33.97
CA TYR B 107 -4.21 7.27 33.02
C TYR B 107 -5.03 8.14 32.09
N ASP B 108 -6.18 7.66 31.69
CA ASP B 108 -7.05 8.45 30.86
C ASP B 108 -7.34 9.75 31.59
N LEU B 109 -7.89 9.66 32.80
CA LEU B 109 -8.14 10.84 33.62
C LEU B 109 -6.90 11.74 33.71
N ALA B 110 -5.76 11.17 34.09
CA ALA B 110 -4.52 11.93 34.22
C ALA B 110 -4.12 12.74 32.98
N ALA B 111 -4.10 12.08 31.83
CA ALA B 111 -3.84 12.76 30.57
C ALA B 111 -4.88 13.85 30.28
N GLN B 112 -6.16 13.57 30.52
CA GLN B 112 -7.18 14.58 30.35
C GLN B 112 -6.88 15.83 31.18
N HIS B 113 -6.41 15.62 32.40
CA HIS B 113 -6.14 16.72 33.32
C HIS B 113 -4.98 17.56 32.80
N ALA B 114 -4.07 16.90 32.08
CA ALA B 114 -2.89 17.54 31.54
C ALA B 114 -3.16 18.13 30.17
N GLY B 115 -4.31 17.77 29.60
CA GLY B 115 -4.70 18.25 28.29
C GLY B 115 -3.85 17.66 27.19
N LEU B 116 -3.39 16.44 27.40
CA LEU B 116 -2.58 15.75 26.40
C LEU B 116 -3.16 14.39 26.06
N PRO B 117 -2.95 13.95 24.82
CA PRO B 117 -3.25 12.55 24.50
C PRO B 117 -2.36 11.64 25.32
N LEU B 118 -2.81 10.43 25.60
CA LEU B 118 -2.10 9.53 26.49
C LEU B 118 -0.63 9.38 26.06
N TYR B 119 -0.40 9.14 24.78
CA TYR B 119 0.96 8.90 24.32
C TYR B 119 1.90 10.05 24.65
N ALA B 120 1.43 11.27 24.49
CA ALA B 120 2.22 12.43 24.84
C ALA B 120 2.37 12.53 26.37
N PHE B 121 1.31 12.21 27.11
CA PHE B 121 1.37 12.28 28.55
C PHE B 121 2.44 11.31 29.07
N LEU B 122 2.67 10.24 28.33
CA LEU B 122 3.63 9.24 28.75
C LEU B 122 5.04 9.52 28.26
N GLY B 123 5.23 10.65 27.57
CA GLY B 123 6.54 11.04 27.06
C GLY B 123 6.89 10.47 25.70
N GLY B 124 5.88 10.01 24.98
CA GLY B 124 6.11 9.42 23.67
C GLY B 124 5.89 10.43 22.58
N LYS B 125 6.05 10.00 21.33
CA LYS B 125 5.84 10.88 20.19
C LYS B 125 5.59 10.08 18.92
N LYS B 126 4.90 10.66 17.95
CA LYS B 126 4.58 9.93 16.74
C LYS B 126 5.75 10.00 15.76
N ASP B 127 6.72 9.12 15.96
CA ASP B 127 7.90 9.13 15.12
C ASP B 127 8.10 7.80 14.41
N LYS B 128 7.04 7.01 14.33
CA LYS B 128 7.09 5.75 13.59
C LYS B 128 5.71 5.29 13.12
N ILE B 129 5.67 4.41 12.13
CA ILE B 129 4.40 3.86 11.68
C ILE B 129 4.05 2.61 12.48
N ILE B 130 2.82 2.57 12.99
CA ILE B 130 2.34 1.40 13.68
C ILE B 130 1.61 0.51 12.69
N GLN B 131 2.10 -0.71 12.49
CA GLN B 131 1.49 -1.64 11.56
C GLN B 131 1.18 -2.99 12.20
N THR B 132 -0.09 -3.36 12.16
CA THR B 132 -0.53 -4.58 12.82
C THR B 132 -0.42 -5.75 11.89
N ASP B 133 -0.23 -6.91 12.48
CA ASP B 133 -0.33 -8.17 11.77
C ASP B 133 -1.78 -8.57 11.82
N TYR B 134 -2.08 -9.76 11.34
CA TYR B 134 -3.41 -10.31 11.50
C TYR B 134 -3.26 -11.81 11.75
N THR B 135 -4.14 -12.36 12.58
CA THR B 135 -3.93 -13.69 13.15
C THR B 135 -4.69 -14.78 12.42
N VAL B 136 -3.98 -15.85 12.07
CA VAL B 136 -4.64 -17.03 11.54
C VAL B 136 -4.85 -18.03 12.66
N SER B 137 -6.11 -18.31 12.99
CA SER B 137 -6.42 -19.25 14.06
C SER B 137 -5.90 -20.64 13.72
N ILE B 138 -5.58 -21.42 14.75
CA ILE B 138 -5.06 -22.77 14.57
C ILE B 138 -6.18 -23.73 14.16
N ASP B 139 -6.03 -24.33 12.98
CA ASP B 139 -7.06 -25.17 12.42
C ASP B 139 -6.41 -26.23 11.53
N GLU B 140 -7.23 -26.91 10.73
CA GLU B 140 -6.76 -27.80 9.67
C GLU B 140 -5.97 -27.00 8.63
N PRO B 141 -4.84 -27.52 8.14
CA PRO B 141 -3.93 -26.74 7.30
C PRO B 141 -4.53 -26.10 6.04
N HIS B 142 -5.49 -26.74 5.37
CA HIS B 142 -6.12 -26.09 4.23
C HIS B 142 -6.88 -24.84 4.66
N LYS B 143 -7.71 -24.99 5.69
CA LYS B 143 -8.42 -23.86 6.29
C LYS B 143 -7.46 -22.72 6.61
N MET B 144 -6.35 -23.04 7.26
CA MET B 144 -5.37 -22.03 7.64
C MET B 144 -4.78 -21.31 6.45
N ALA B 145 -4.43 -22.07 5.42
CA ALA B 145 -3.92 -21.47 4.18
C ALA B 145 -4.97 -20.56 3.53
N ALA B 146 -6.21 -21.01 3.48
CA ALA B 146 -7.29 -20.18 2.93
C ALA B 146 -7.38 -18.83 3.62
N ASP B 147 -7.36 -18.85 4.95
CA ASP B 147 -7.40 -17.64 5.77
C ASP B 147 -6.18 -16.76 5.54
N ALA B 148 -5.01 -17.37 5.40
CA ALA B 148 -3.79 -16.62 5.12
C ALA B 148 -3.95 -15.86 3.81
N VAL B 149 -4.56 -16.49 2.83
CA VAL B 149 -4.79 -15.87 1.52
C VAL B 149 -5.74 -14.68 1.65
N GLN B 150 -6.92 -14.92 2.21
CA GLN B 150 -7.89 -13.87 2.47
C GLN B 150 -7.27 -12.67 3.19
N ILE B 151 -6.38 -12.94 4.13
CA ILE B 151 -5.70 -11.88 4.88
C ILE B 151 -4.79 -11.05 4.00
N LYS B 152 -4.04 -11.71 3.12
CA LYS B 152 -3.13 -11.01 2.19
C LYS B 152 -3.96 -10.19 1.19
N LYS B 153 -5.07 -10.76 0.77
CA LYS B 153 -6.02 -10.11 -0.12
C LYS B 153 -6.58 -8.84 0.49
N ASN B 154 -6.86 -8.87 1.78
CA ASN B 154 -7.37 -7.70 2.49
C ASN B 154 -6.31 -6.61 2.69
N GLY B 155 -5.06 -6.90 2.33
CA GLY B 155 -4.03 -5.90 2.34
C GLY B 155 -3.02 -5.93 3.47
N PHE B 156 -3.17 -6.90 4.38
CA PHE B 156 -2.27 -7.00 5.52
C PHE B 156 -0.91 -7.52 5.07
N GLU B 157 0.15 -6.95 5.63
CA GLU B 157 1.48 -7.26 5.17
C GLU B 157 2.26 -8.15 6.14
N ILE B 158 1.69 -8.35 7.31
CA ILE B 158 2.29 -9.22 8.34
C ILE B 158 1.26 -10.22 8.79
N ILE B 159 1.61 -11.50 8.80
CA ILE B 159 0.69 -12.53 9.26
C ILE B 159 1.18 -13.20 10.54
N LYS B 160 0.31 -13.31 11.54
CA LYS B 160 0.63 -14.05 12.76
C LYS B 160 -0.10 -15.38 12.77
N VAL B 161 0.67 -16.47 12.80
CA VAL B 161 0.10 -17.82 12.73
C VAL B 161 0.13 -18.56 14.06
N LYS B 162 -1.00 -19.12 14.43
CA LYS B 162 -1.11 -19.87 15.68
C LYS B 162 -0.74 -21.32 15.47
N VAL B 163 0.37 -21.71 16.06
CA VAL B 163 0.78 -23.09 16.04
C VAL B 163 0.76 -23.64 17.46
N GLY B 164 1.28 -24.85 17.63
CA GLY B 164 1.35 -25.50 18.92
C GLY B 164 0.82 -26.93 18.92
N GLY B 165 0.55 -27.47 17.73
CA GLY B 165 0.10 -28.84 17.58
C GLY B 165 1.30 -29.77 17.57
N SER B 166 1.16 -30.94 16.95
CA SER B 166 2.29 -31.87 16.77
C SER B 166 3.34 -31.30 15.82
N LYS B 167 4.57 -31.78 15.91
CA LYS B 167 5.63 -31.29 15.02
C LYS B 167 5.25 -31.45 13.55
N GLU B 168 4.75 -32.63 13.17
CA GLU B 168 4.33 -32.89 11.80
C GLU B 168 3.33 -31.86 11.30
N LEU B 169 2.29 -31.66 12.09
CA LEU B 169 1.14 -30.85 11.70
C LEU B 169 1.44 -29.35 11.63
N ASP B 170 2.29 -28.85 12.52
CA ASP B 170 2.66 -27.44 12.50
C ASP B 170 3.51 -27.12 11.30
N VAL B 171 4.39 -28.05 10.93
CA VAL B 171 5.22 -27.85 9.75
C VAL B 171 4.34 -27.84 8.52
N GLU B 172 3.36 -28.75 8.46
CA GLU B 172 2.47 -28.79 7.32
C GLU B 172 1.70 -27.50 7.22
N ARG B 173 1.29 -26.98 8.37
CA ARG B 173 0.57 -25.71 8.43
C ARG B 173 1.38 -24.56 7.83
N ILE B 174 2.61 -24.38 8.31
CA ILE B 174 3.46 -23.29 7.82
C ILE B 174 3.81 -23.43 6.34
N ARG B 175 4.08 -24.65 5.89
CA ARG B 175 4.37 -24.90 4.49
C ARG B 175 3.16 -24.51 3.63
N MET B 176 2.03 -25.16 3.86
CA MET B 176 0.84 -24.88 3.06
C MET B 176 0.48 -23.38 3.01
N ILE B 177 0.90 -22.64 4.03
CA ILE B 177 0.66 -21.20 4.08
C ILE B 177 1.68 -20.47 3.22
N ARG B 178 2.96 -20.82 3.36
CA ARG B 178 4.02 -20.20 2.57
C ARG B 178 3.78 -20.55 1.10
N GLU B 179 3.22 -21.73 0.88
CA GLU B 179 2.94 -22.24 -0.45
C GLU B 179 1.79 -21.48 -1.09
N ALA B 180 0.86 -20.99 -0.27
CA ALA B 180 -0.35 -20.37 -0.78
C ALA B 180 -0.39 -18.86 -0.62
N ALA B 181 0.68 -18.26 -0.12
CA ALA B 181 0.66 -16.82 0.11
C ALA B 181 1.96 -16.11 -0.21
N GLY B 182 3.03 -16.88 -0.41
CA GLY B 182 4.25 -16.27 -0.86
C GLY B 182 5.33 -16.26 0.17
N ASP B 183 6.53 -15.83 -0.22
CA ASP B 183 7.69 -15.86 0.66
C ASP B 183 8.07 -14.45 1.06
N SER B 184 7.37 -13.47 0.50
CA SER B 184 7.75 -12.08 0.68
C SER B 184 6.96 -11.43 1.80
N ILE B 185 5.74 -11.91 1.99
CA ILE B 185 4.93 -11.49 3.12
C ILE B 185 5.58 -11.96 4.42
N THR B 186 5.83 -11.02 5.33
CA THR B 186 6.48 -11.37 6.59
C THR B 186 5.51 -12.12 7.51
N LEU B 187 5.96 -13.26 8.06
CA LEU B 187 5.11 -13.98 9.00
C LEU B 187 5.78 -14.39 10.32
N ARG B 188 4.99 -14.33 11.39
CA ARG B 188 5.43 -14.64 12.76
C ARG B 188 4.52 -15.71 13.34
N ILE B 189 5.04 -16.54 14.24
CA ILE B 189 4.25 -17.63 14.80
C ILE B 189 4.15 -17.61 16.31
N ASP B 190 3.13 -18.28 16.83
CA ASP B 190 2.80 -18.25 18.25
C ASP B 190 2.25 -19.59 18.69
N ALA B 191 2.95 -20.23 19.62
CA ALA B 191 2.58 -21.60 20.02
C ALA B 191 1.70 -21.63 21.25
N ASN B 192 1.66 -20.52 21.98
CA ASN B 192 0.93 -20.45 23.25
C ASN B 192 1.23 -21.63 24.14
N GLN B 193 2.51 -21.84 24.43
CA GLN B 193 2.95 -22.93 25.31
C GLN B 193 2.61 -24.34 24.82
N GLY B 194 2.37 -24.50 23.52
CA GLY B 194 1.88 -25.77 22.99
C GLY B 194 2.85 -26.94 22.86
N TRP B 195 4.13 -26.65 22.72
CA TRP B 195 5.14 -27.69 22.55
C TRP B 195 5.94 -28.06 23.82
N SER B 196 6.46 -29.28 23.85
CA SER B 196 7.42 -29.67 24.88
C SER B 196 8.77 -29.12 24.46
N VAL B 197 9.71 -29.02 25.40
CA VAL B 197 11.02 -28.51 25.05
C VAL B 197 11.56 -29.22 23.82
N GLU B 198 11.38 -30.52 23.76
CA GLU B 198 11.84 -31.31 22.63
C GLU B 198 11.19 -30.89 21.31
N THR B 199 9.88 -31.10 21.23
CA THR B 199 9.13 -30.77 20.03
C THR B 199 9.41 -29.35 19.59
N ALA B 200 9.67 -28.48 20.55
CA ALA B 200 9.90 -27.08 20.22
C ALA B 200 11.12 -26.95 19.35
N ILE B 201 12.23 -27.47 19.82
CA ILE B 201 13.48 -27.41 19.11
C ILE B 201 13.43 -28.12 17.75
N GLU B 202 12.84 -29.31 17.70
CA GLU B 202 12.69 -30.01 16.44
C GLU B 202 11.84 -29.24 15.45
N THR B 203 10.72 -28.70 15.92
CA THR B 203 9.79 -27.98 15.05
C THR B 203 10.37 -26.65 14.59
N LEU B 204 11.17 -26.02 15.43
CA LEU B 204 11.71 -24.71 15.12
C LEU B 204 12.87 -24.77 14.15
N THR B 205 13.63 -25.86 14.15
CA THR B 205 14.70 -26.01 13.17
C THR B 205 14.11 -26.51 11.86
N LEU B 206 13.02 -27.26 11.95
CA LEU B 206 12.30 -27.71 10.78
C LEU B 206 11.55 -26.56 10.07
N LEU B 207 11.39 -25.43 10.77
CA LEU B 207 10.62 -24.30 10.22
C LEU B 207 11.50 -23.18 9.70
N GLU B 208 12.76 -23.16 10.12
CA GLU B 208 13.71 -22.12 9.71
C GLU B 208 13.74 -21.84 8.21
N PRO B 209 13.68 -22.90 7.37
CA PRO B 209 13.59 -22.74 5.92
C PRO B 209 12.51 -21.76 5.49
N TYR B 210 11.35 -21.78 6.14
CA TYR B 210 10.22 -20.96 5.72
C TYR B 210 10.30 -19.49 6.16
N ASN B 211 11.45 -19.09 6.67
CA ASN B 211 11.71 -17.68 6.99
C ASN B 211 10.67 -17.07 7.90
N ILE B 212 10.68 -17.43 9.18
CA ILE B 212 9.68 -16.86 10.07
C ILE B 212 10.32 -15.83 10.99
N GLN B 213 9.60 -14.75 11.27
CA GLN B 213 10.15 -13.56 11.92
C GLN B 213 10.55 -13.76 13.38
N HIS B 214 9.64 -14.36 14.15
CA HIS B 214 9.90 -14.81 15.51
C HIS B 214 8.80 -15.74 15.98
N CYS B 215 9.06 -16.48 17.05
CA CYS B 215 8.05 -17.39 17.59
C CYS B 215 7.72 -17.02 19.03
N GLU B 216 6.44 -16.88 19.32
CA GLU B 216 6.01 -16.52 20.67
C GLU B 216 5.81 -17.76 21.50
N GLU B 217 6.29 -17.69 22.74
CA GLU B 217 5.99 -18.69 23.77
C GLU B 217 5.84 -20.10 23.24
N PRO B 218 6.98 -20.75 22.91
CA PRO B 218 6.98 -22.12 22.38
C PRO B 218 6.62 -23.18 23.41
N VAL B 219 7.00 -22.99 24.66
CA VAL B 219 6.74 -24.02 25.67
C VAL B 219 6.06 -23.43 26.89
N SER B 220 5.57 -24.32 27.75
CA SER B 220 4.92 -23.96 29.00
C SER B 220 5.63 -22.82 29.73
N ARG B 221 4.84 -21.91 30.29
CA ARG B 221 5.37 -20.80 31.04
C ARG B 221 6.12 -21.29 32.28
N ASN B 222 5.79 -22.49 32.72
CA ASN B 222 6.45 -23.10 33.86
C ASN B 222 7.86 -23.58 33.52
N LEU B 223 8.11 -23.74 32.23
CA LEU B 223 9.40 -24.21 31.75
C LEU B 223 10.32 -23.10 31.22
N TYR B 224 10.10 -21.88 31.67
CA TYR B 224 10.84 -20.75 31.14
C TYR B 224 12.35 -20.92 31.30
N THR B 225 12.76 -21.79 32.21
CA THR B 225 14.17 -22.01 32.47
C THR B 225 14.83 -22.79 31.35
N ALA B 226 14.00 -23.47 30.54
CA ALA B 226 14.47 -24.19 29.37
C ALA B 226 14.53 -23.27 28.15
N LEU B 227 14.13 -22.01 28.33
CA LEU B 227 14.13 -21.09 27.22
C LEU B 227 15.53 -20.82 26.65
N PRO B 228 16.50 -20.52 27.53
CA PRO B 228 17.85 -20.25 27.01
C PRO B 228 18.38 -21.42 26.13
N LYS B 229 18.14 -22.65 26.55
CA LYS B 229 18.53 -23.80 25.75
C LYS B 229 17.91 -23.75 24.35
N ILE B 230 16.63 -23.38 24.27
CA ILE B 230 15.91 -23.34 23.00
C ILE B 230 16.38 -22.20 22.12
N ARG B 231 16.66 -21.06 22.75
CA ARG B 231 17.14 -19.88 22.04
C ARG B 231 18.44 -20.14 21.31
N GLN B 232 19.32 -20.93 21.94
CA GLN B 232 20.65 -21.19 21.42
C GLN B 232 20.65 -22.28 20.36
N ALA B 233 19.66 -23.15 20.40
CA ALA B 233 19.59 -24.27 19.46
C ALA B 233 18.82 -23.86 18.21
N CYS B 234 18.21 -22.68 18.25
CA CYS B 234 17.28 -22.28 17.19
C CYS B 234 17.61 -20.93 16.57
N ARG B 235 17.55 -20.88 15.24
CA ARG B 235 17.86 -19.68 14.51
C ARG B 235 16.71 -18.68 14.63
N ILE B 236 15.49 -19.18 14.49
CA ILE B 236 14.31 -18.35 14.68
C ILE B 236 14.31 -17.71 16.06
N PRO B 237 14.14 -16.38 16.11
CA PRO B 237 14.16 -15.74 17.43
C PRO B 237 12.90 -16.06 18.21
N ILE B 238 13.02 -16.18 19.53
CA ILE B 238 11.87 -16.53 20.32
C ILE B 238 11.44 -15.37 21.21
N MET B 239 10.12 -15.17 21.27
CA MET B 239 9.53 -14.06 22.00
C MET B 239 8.72 -14.58 23.18
N ALA B 240 9.01 -14.05 24.36
CA ALA B 240 8.30 -14.45 25.57
C ALA B 240 6.99 -13.70 25.69
N ASP B 241 5.89 -14.45 25.86
CA ASP B 241 4.58 -13.86 26.04
C ASP B 241 4.06 -14.17 27.44
N GLU B 242 3.42 -15.33 27.61
CA GLU B 242 2.91 -15.72 28.92
C GLU B 242 4.03 -15.72 29.95
N SER B 243 5.25 -16.04 29.53
CA SER B 243 6.38 -16.10 30.45
C SER B 243 6.82 -14.73 30.94
N CYS B 244 6.36 -13.69 30.27
CA CYS B 244 6.71 -12.32 30.63
C CYS B 244 5.46 -11.50 30.89
N CYS B 245 5.06 -11.43 32.16
CA CYS B 245 3.86 -10.71 32.55
C CYS B 245 4.19 -9.37 33.19
N ASN B 246 4.96 -9.40 34.26
CA ASN B 246 5.35 -8.17 34.92
C ASN B 246 6.86 -7.93 34.82
N SER B 247 7.31 -6.87 35.47
CA SER B 247 8.70 -6.45 35.38
C SER B 247 9.66 -7.46 36.02
N PHE B 248 9.24 -8.09 37.11
CA PHE B 248 10.06 -9.11 37.74
C PHE B 248 10.32 -10.26 36.77
N ASP B 249 9.26 -10.67 36.08
CA ASP B 249 9.40 -11.70 35.06
C ASP B 249 10.40 -11.27 34.00
N ALA B 250 10.30 -10.02 33.58
CA ALA B 250 11.17 -9.51 32.54
C ALA B 250 12.62 -9.61 33.00
N GLU B 251 12.91 -9.05 34.15
CA GLU B 251 14.27 -8.99 34.67
C GLU B 251 14.86 -10.39 34.75
N ARG B 252 14.05 -11.32 35.23
CA ARG B 252 14.47 -12.69 35.38
C ARG B 252 14.82 -13.33 34.03
N LEU B 253 13.96 -13.12 33.04
CA LEU B 253 14.20 -13.69 31.70
C LEU B 253 15.47 -13.15 31.06
N ILE B 254 15.73 -11.87 31.28
CA ILE B 254 16.91 -11.20 30.77
C ILE B 254 18.15 -11.78 31.44
N GLN B 255 18.06 -11.94 32.76
CA GLN B 255 19.17 -12.43 33.58
C GLN B 255 19.75 -13.77 33.10
N ILE B 256 18.89 -14.62 32.56
CA ILE B 256 19.34 -15.93 32.10
C ILE B 256 19.31 -16.02 30.59
N GLN B 257 19.23 -14.86 29.94
CA GLN B 257 19.16 -14.76 28.48
C GLN B 257 18.20 -15.76 27.84
N ALA B 258 16.92 -15.66 28.22
CA ALA B 258 15.92 -16.64 27.88
C ALA B 258 15.36 -16.48 26.47
N CYS B 259 15.30 -15.25 26.00
CA CYS B 259 14.58 -14.95 24.77
C CYS B 259 15.14 -13.74 24.07
N ASP B 260 14.76 -13.61 22.79
CA ASP B 260 15.25 -12.51 21.96
C ASP B 260 14.37 -11.27 22.08
N SER B 261 13.08 -11.46 22.33
CA SER B 261 12.14 -10.34 22.42
C SER B 261 10.97 -10.61 23.34
N PHE B 262 10.30 -9.54 23.79
CA PHE B 262 9.11 -9.63 24.64
C PHE B 262 7.85 -9.34 23.86
N ASN B 263 6.74 -9.94 24.31
CA ASN B 263 5.40 -9.49 23.93
C ASN B 263 4.72 -8.82 25.12
N LEU B 264 4.63 -7.50 25.05
CA LEU B 264 4.07 -6.70 26.11
C LEU B 264 2.57 -6.51 25.97
N LYS B 265 1.82 -6.84 27.02
CA LYS B 265 0.37 -6.64 27.03
C LYS B 265 -0.01 -5.96 28.35
N LEU B 266 -0.84 -4.93 28.27
CA LEU B 266 -1.24 -4.18 29.47
C LEU B 266 -1.95 -5.04 30.54
N SER B 267 -2.76 -6.00 30.12
CA SER B 267 -3.43 -6.88 31.09
C SER B 267 -2.47 -7.73 31.93
N LYS B 268 -1.37 -8.17 31.36
CA LYS B 268 -0.45 -9.00 32.10
C LYS B 268 0.33 -8.19 33.13
N SER B 269 0.66 -6.95 32.76
CA SER B 269 1.43 -6.08 33.64
C SER B 269 0.54 -5.25 34.58
N ALA B 270 -0.76 -5.53 34.57
CA ALA B 270 -1.71 -4.88 35.47
C ALA B 270 -1.85 -3.40 35.21
N GLY B 271 -1.56 -3.01 33.98
CA GLY B 271 -1.73 -1.64 33.60
C GLY B 271 -0.53 -1.09 32.89
N ILE B 272 -0.55 0.23 32.71
CA ILE B 272 0.51 0.96 32.04
C ILE B 272 1.71 1.14 32.97
N THR B 273 1.45 1.53 34.22
CA THR B 273 2.52 1.80 35.18
C THR B 273 3.65 0.79 35.09
N ASN B 274 3.32 -0.50 35.18
CA ASN B 274 4.34 -1.53 35.16
C ASN B 274 4.79 -1.87 33.75
N ALA B 275 3.93 -1.68 32.76
CA ALA B 275 4.34 -1.90 31.39
C ALA B 275 5.52 -1.00 31.07
N LEU B 276 5.50 0.21 31.61
CA LEU B 276 6.61 1.16 31.41
C LEU B 276 7.94 0.59 31.92
N ASN B 277 7.92 -0.03 33.10
CA ASN B 277 9.12 -0.69 33.65
C ASN B 277 9.66 -1.76 32.72
N ILE B 278 8.78 -2.62 32.21
CA ILE B 278 9.20 -3.65 31.29
C ILE B 278 9.86 -3.04 30.06
N ILE B 279 9.26 -1.99 29.52
CA ILE B 279 9.84 -1.31 28.36
C ILE B 279 11.27 -0.81 28.66
N ARG B 280 11.45 -0.14 29.79
CA ARG B 280 12.75 0.36 30.20
C ARG B 280 13.79 -0.76 30.27
N LEU B 281 13.42 -1.89 30.85
CA LEU B 281 14.31 -3.05 30.91
C LEU B 281 14.68 -3.56 29.54
N ALA B 282 13.68 -3.66 28.66
CA ALA B 282 13.93 -4.08 27.30
C ALA B 282 14.87 -3.11 26.58
N GLU B 283 14.73 -1.82 26.90
CA GLU B 283 15.62 -0.79 26.35
C GLU B 283 17.05 -1.07 26.79
N GLN B 284 17.27 -1.15 28.10
CA GLN B 284 18.60 -1.39 28.66
C GLN B 284 19.24 -2.69 28.17
N ALA B 285 18.43 -3.59 27.62
CA ALA B 285 18.95 -4.84 27.11
C ALA B 285 18.81 -4.97 25.60
N HIS B 286 18.60 -3.83 24.95
CA HIS B 286 18.48 -3.77 23.49
C HIS B 286 17.65 -4.91 22.93
N MET B 287 16.45 -5.08 23.50
CA MET B 287 15.54 -6.14 23.11
C MET B 287 14.32 -5.56 22.43
N PRO B 288 14.06 -5.96 21.18
CA PRO B 288 12.83 -5.52 20.51
C PRO B 288 11.56 -5.97 21.25
N VAL B 289 10.55 -5.10 21.28
CA VAL B 289 9.29 -5.39 21.94
C VAL B 289 8.12 -5.34 20.99
N GLN B 290 7.23 -6.32 21.08
CA GLN B 290 5.98 -6.33 20.35
C GLN B 290 4.89 -6.01 21.34
N VAL B 291 4.04 -5.02 21.04
CA VAL B 291 2.85 -4.78 21.85
C VAL B 291 1.64 -5.53 21.30
N GLY B 292 0.96 -6.26 22.18
CA GLY B 292 -0.18 -7.06 21.78
C GLY B 292 -1.35 -6.91 22.73
N GLY B 293 -2.17 -7.94 22.82
CA GLY B 293 -3.33 -7.93 23.69
C GLY B 293 -4.15 -9.19 23.55
N PHE B 294 -5.38 -9.16 24.01
CA PHE B 294 -6.26 -10.31 23.89
C PHE B 294 -7.47 -10.00 23.02
N LEU B 295 -8.67 -10.00 23.59
CA LEU B 295 -9.86 -9.66 22.79
C LEU B 295 -10.47 -8.33 23.15
N GLU B 296 -9.66 -7.42 23.67
CA GLU B 296 -10.08 -6.06 23.92
C GLU B 296 -10.68 -5.48 22.66
N SER B 297 -11.63 -4.56 22.80
CA SER B 297 -12.18 -3.79 21.68
C SER B 297 -11.16 -2.77 21.23
N ARG B 298 -11.53 -1.92 20.29
CA ARG B 298 -10.62 -0.85 19.90
C ARG B 298 -10.27 0.08 21.05
N LEU B 299 -11.05 0.09 22.11
CA LEU B 299 -10.75 1.00 23.22
C LEU B 299 -9.53 0.53 23.96
N GLY B 300 -9.49 -0.76 24.27
CA GLY B 300 -8.37 -1.38 24.91
C GLY B 300 -7.10 -1.26 24.09
N PHE B 301 -7.22 -1.54 22.80
CA PHE B 301 -6.06 -1.49 21.93
C PHE B 301 -5.63 -0.07 21.63
N THR B 302 -6.52 0.89 21.84
CA THR B 302 -6.14 2.28 21.77
C THR B 302 -5.15 2.60 22.89
N ALA B 303 -5.33 1.98 24.05
CA ALA B 303 -4.43 2.17 25.17
C ALA B 303 -3.09 1.56 24.83
N ALA B 304 -3.12 0.38 24.23
CA ALA B 304 -1.90 -0.27 23.80
C ALA B 304 -1.15 0.59 22.78
N ALA B 305 -1.89 1.14 21.81
CA ALA B 305 -1.29 1.95 20.77
C ALA B 305 -0.60 3.20 21.30
N HIS B 306 -1.21 3.82 22.31
CA HIS B 306 -0.59 4.95 22.96
C HIS B 306 0.73 4.56 23.57
N VAL B 307 0.74 3.44 24.29
CA VAL B 307 1.94 2.97 24.97
C VAL B 307 3.00 2.60 23.95
N ALA B 308 2.56 2.06 22.83
CA ALA B 308 3.45 1.66 21.75
C ALA B 308 4.35 2.78 21.26
N LEU B 309 3.91 4.02 21.42
CA LEU B 309 4.64 5.17 20.93
C LEU B 309 5.62 5.70 21.95
N VAL B 310 5.77 4.97 23.05
CA VAL B 310 6.57 5.47 24.17
C VAL B 310 8.08 5.26 24.03
N SER B 311 8.48 4.29 23.21
CA SER B 311 9.88 3.93 23.09
C SER B 311 10.21 3.33 21.75
N LYS B 312 11.43 3.59 21.27
CA LYS B 312 11.86 3.16 19.94
C LYS B 312 12.19 1.68 19.93
N THR B 313 12.29 1.08 21.11
CA THR B 313 12.55 -0.35 21.24
C THR B 313 11.31 -1.17 20.87
N ILE B 314 10.13 -0.55 20.96
CA ILE B 314 8.91 -1.20 20.52
C ILE B 314 8.82 -1.05 19.01
N CYS B 315 8.55 -2.15 18.32
CA CYS B 315 8.61 -2.13 16.85
C CYS B 315 7.74 -3.17 16.15
N TYR B 316 7.06 -4.01 16.91
CA TYR B 316 6.11 -4.96 16.35
C TYR B 316 4.75 -4.73 16.99
N TYR B 317 3.68 -5.01 16.26
CA TYR B 317 2.35 -4.71 16.75
C TYR B 317 1.34 -5.82 16.39
N ASP B 318 0.63 -6.31 17.39
CA ASP B 318 -0.44 -7.30 17.23
C ASP B 318 -1.76 -6.69 17.75
N PHE B 319 -2.44 -5.93 16.92
CA PHE B 319 -3.63 -5.20 17.35
C PHE B 319 -4.81 -5.60 16.50
N ASP B 320 -5.00 -6.89 16.25
CA ASP B 320 -5.91 -7.30 15.18
C ASP B 320 -7.31 -7.67 15.59
N THR B 321 -7.46 -8.21 16.79
CA THR B 321 -8.72 -8.81 17.21
C THR B 321 -9.97 -7.93 17.14
N PRO B 322 -9.84 -6.61 17.34
CA PRO B 322 -11.05 -5.80 17.21
C PRO B 322 -11.72 -5.95 15.87
N LEU B 323 -10.93 -6.25 14.83
CA LEU B 323 -11.46 -6.48 13.48
C LEU B 323 -12.28 -7.77 13.37
N MET B 324 -12.28 -8.58 14.42
CA MET B 324 -13.02 -9.85 14.41
C MET B 324 -14.40 -9.75 15.05
N PHE B 325 -14.72 -8.58 15.61
CA PHE B 325 -16.01 -8.37 16.26
C PHE B 325 -17.12 -8.31 15.24
N GLU B 326 -18.29 -8.82 15.57
CA GLU B 326 -19.43 -8.67 14.69
C GLU B 326 -19.86 -7.21 14.61
N ALA B 327 -19.62 -6.48 15.69
CA ALA B 327 -20.03 -5.07 15.79
C ALA B 327 -19.05 -4.24 16.62
N ASP B 328 -18.72 -3.05 16.14
CA ASP B 328 -17.76 -2.19 16.80
C ASP B 328 -18.50 -1.17 17.64
N PRO B 329 -18.40 -1.30 18.98
CA PRO B 329 -19.15 -0.44 19.90
C PRO B 329 -18.34 0.76 20.39
N VAL B 330 -17.18 0.97 19.81
CA VAL B 330 -16.26 1.99 20.29
C VAL B 330 -16.44 3.31 19.59
N ARG B 331 -16.35 4.39 20.33
CA ARG B 331 -16.44 5.72 19.77
C ARG B 331 -15.04 6.33 19.86
N GLY B 332 -14.54 6.81 18.72
CA GLY B 332 -13.21 7.34 18.63
C GLY B 332 -12.17 6.23 18.60
N GLY B 333 -11.06 6.43 19.30
CA GLY B 333 -10.01 5.43 19.37
C GLY B 333 -9.24 5.32 18.08
N ILE B 334 -8.32 4.35 18.04
CA ILE B 334 -7.43 4.13 16.90
C ILE B 334 -8.25 3.78 15.68
N VAL B 335 -7.81 4.23 14.51
CA VAL B 335 -8.46 3.84 13.25
C VAL B 335 -7.56 3.01 12.35
N TYR B 336 -8.11 1.95 11.79
CA TYR B 336 -7.39 1.06 10.90
C TYR B 336 -7.43 1.60 9.48
N GLN B 337 -6.26 1.85 8.91
CA GLN B 337 -6.14 2.23 7.52
C GLN B 337 -5.68 1.02 6.68
N GLN B 338 -5.41 1.25 5.40
CA GLN B 338 -4.97 0.15 4.55
C GLN B 338 -3.56 -0.32 4.92
N ARG B 339 -3.25 -1.57 4.57
CA ARG B 339 -1.96 -2.18 4.85
C ARG B 339 -1.83 -2.50 6.35
N GLY B 340 -2.92 -2.30 7.09
CA GLY B 340 -2.92 -2.53 8.52
C GLY B 340 -2.22 -1.47 9.35
N ILE B 341 -2.05 -0.29 8.77
CA ILE B 341 -1.46 0.83 9.49
C ILE B 341 -2.46 1.43 10.47
N ILE B 342 -1.99 1.76 11.67
CA ILE B 342 -2.85 2.26 12.72
C ILE B 342 -2.58 3.73 13.02
N GLU B 343 -3.65 4.52 13.17
CA GLU B 343 -3.52 5.91 13.55
C GLU B 343 -4.04 6.14 14.97
N VAL B 344 -3.26 6.87 15.77
CA VAL B 344 -3.55 7.11 17.18
C VAL B 344 -4.24 8.44 17.44
N PRO B 345 -5.28 8.45 18.27
CA PRO B 345 -6.02 9.67 18.54
C PRO B 345 -5.10 10.75 19.09
N GLU B 346 -5.41 12.01 18.83
CA GLU B 346 -4.56 13.10 19.25
C GLU B 346 -5.20 14.00 20.30
N THR B 347 -6.49 13.77 20.57
CA THR B 347 -7.23 14.56 21.51
C THR B 347 -6.77 14.19 22.93
N ALA B 348 -7.10 15.01 23.92
CA ALA B 348 -6.73 14.74 25.30
C ALA B 348 -7.29 13.42 25.83
N GLY B 349 -6.51 12.77 26.69
CA GLY B 349 -6.88 11.51 27.31
C GLY B 349 -6.70 10.28 26.44
N LEU B 350 -7.38 9.19 26.78
CA LEU B 350 -7.33 7.96 25.99
C LEU B 350 -7.73 8.23 24.54
N GLY B 351 -8.70 9.10 24.35
CA GLY B 351 -9.14 9.44 23.02
C GLY B 351 -10.12 8.45 22.47
N ALA B 352 -10.76 7.72 23.36
CA ALA B 352 -11.79 6.77 23.01
C ALA B 352 -12.85 6.65 24.09
N GLY B 353 -14.02 6.17 23.71
CA GLY B 353 -15.08 5.86 24.65
C GLY B 353 -16.03 4.89 24.01
N TYR B 354 -17.25 4.78 24.55
CA TYR B 354 -18.20 3.85 23.98
C TYR B 354 -19.40 4.53 23.33
N GLN B 355 -19.87 3.93 22.23
CA GLN B 355 -20.95 4.48 21.44
C GLN B 355 -22.12 4.78 22.36
N LYS B 356 -22.91 5.78 21.97
CA LYS B 356 -24.04 6.24 22.78
C LYS B 356 -25.04 5.11 23.01
N ASP B 357 -25.40 4.93 24.29
CA ASP B 357 -26.38 3.90 24.68
C ASP B 357 -26.07 2.47 24.19
N TYR B 358 -24.82 2.21 23.85
CA TYR B 358 -24.37 0.83 23.79
C TYR B 358 -24.21 0.38 25.23
N LEU B 359 -23.61 1.23 26.05
CA LEU B 359 -23.39 0.93 27.45
C LEU B 359 -24.69 0.69 28.20
N SER B 360 -25.73 1.44 27.84
CA SER B 360 -26.96 1.40 28.62
C SER B 360 -27.67 0.07 28.43
N GLY B 361 -27.25 -0.67 27.42
CA GLY B 361 -27.83 -1.97 27.14
C GLY B 361 -27.11 -3.09 27.86
N LEU B 362 -26.00 -2.78 28.50
CA LEU B 362 -25.15 -3.78 29.11
C LEU B 362 -25.54 -4.04 30.57
N GLU B 363 -25.26 -5.25 31.06
CA GLU B 363 -25.40 -5.53 32.47
C GLU B 363 -24.36 -4.72 33.23
N LYS B 364 -24.79 -3.92 34.18
CA LYS B 364 -23.87 -3.02 34.86
C LYS B 364 -24.04 -2.98 36.36
N ILE B 365 -23.00 -2.55 37.04
CA ILE B 365 -23.09 -2.27 38.46
C ILE B 365 -22.43 -0.93 38.72
N CYS B 366 -22.77 -0.32 39.83
CA CYS B 366 -22.38 1.05 40.05
C CYS B 366 -21.87 1.15 41.46
N ILE B 367 -20.59 1.45 41.63
CA ILE B 367 -20.00 1.53 42.95
C ILE B 367 -20.00 2.96 43.45
N ASN B 368 -20.87 3.21 44.42
CA ASN B 368 -21.23 4.53 44.94
C ASN B 368 -22.09 5.41 44.05
N MET C 1 20.57 -32.44 -39.88
CA MET C 1 19.26 -32.34 -40.52
C MET C 1 19.17 -31.09 -41.38
N ILE C 2 18.85 -31.27 -42.65
CA ILE C 2 18.83 -30.17 -43.62
C ILE C 2 17.57 -29.32 -43.53
N ILE C 3 17.73 -28.01 -43.64
CA ILE C 3 16.60 -27.09 -43.65
C ILE C 3 15.98 -27.06 -45.05
N THR C 4 14.70 -27.41 -45.16
CA THR C 4 14.07 -27.54 -46.47
C THR C 4 13.12 -26.38 -46.80
N GLN C 5 12.49 -25.81 -45.79
CA GLN C 5 11.67 -24.64 -46.00
C GLN C 5 11.49 -23.84 -44.72
N VAL C 6 11.30 -22.54 -44.85
CA VAL C 6 10.94 -21.70 -43.71
C VAL C 6 9.72 -20.85 -44.04
N GLU C 7 8.83 -20.70 -43.07
CA GLU C 7 7.63 -19.91 -43.22
C GLU C 7 7.69 -18.73 -42.29
N LEU C 8 7.19 -17.59 -42.74
CA LEU C 8 7.16 -16.39 -41.93
C LEU C 8 5.73 -15.89 -41.86
N TYR C 9 5.33 -15.46 -40.66
CA TYR C 9 3.96 -15.00 -40.41
C TYR C 9 3.96 -13.61 -39.77
N LYS C 10 3.09 -12.73 -40.25
CA LYS C 10 2.82 -11.49 -39.54
C LYS C 10 1.78 -11.78 -38.47
N SER C 11 2.14 -11.57 -37.22
CA SER C 11 1.26 -11.90 -36.09
C SER C 11 0.89 -10.69 -35.23
N PRO C 12 -0.14 -9.93 -35.65
CA PRO C 12 -0.56 -8.78 -34.89
C PRO C 12 -1.66 -9.13 -33.90
N VAL C 13 -1.39 -9.01 -32.61
CA VAL C 13 -2.44 -9.21 -31.61
C VAL C 13 -2.62 -7.96 -30.75
N LYS C 14 -3.88 -7.56 -30.54
CA LYS C 14 -4.19 -6.31 -29.85
C LYS C 14 -4.06 -6.45 -28.33
N LEU C 15 -3.62 -5.39 -27.67
CA LEU C 15 -3.46 -5.42 -26.22
C LEU C 15 -4.74 -4.94 -25.53
N LYS C 16 -5.00 -5.46 -24.32
CA LYS C 16 -6.16 -5.04 -23.54
C LYS C 16 -6.09 -3.55 -23.28
N GLU C 17 -5.01 -3.13 -22.64
CA GLU C 17 -4.75 -1.72 -22.46
C GLU C 17 -3.51 -1.38 -23.28
N PRO C 18 -3.47 -0.19 -23.87
CA PRO C 18 -2.24 0.23 -24.55
C PRO C 18 -1.03 0.26 -23.60
N PHE C 19 0.13 -0.11 -24.14
CA PHE C 19 1.41 -0.19 -23.42
C PHE C 19 2.18 1.10 -23.65
N LYS C 20 2.63 1.71 -22.56
CA LYS C 20 3.18 3.07 -22.61
C LYS C 20 4.54 3.17 -21.96
N ILE C 21 5.55 3.57 -22.73
CA ILE C 21 6.86 3.86 -22.17
C ILE C 21 7.25 5.28 -22.54
N SER C 22 8.36 5.77 -22.00
CA SER C 22 8.77 7.16 -22.24
C SER C 22 9.01 7.44 -23.73
N LEU C 23 9.29 6.39 -24.49
CA LEU C 23 9.61 6.50 -25.91
C LEU C 23 8.40 6.56 -26.84
N GLY C 24 7.22 6.16 -26.34
CA GLY C 24 6.02 6.08 -27.14
C GLY C 24 4.97 5.08 -26.67
N ILE C 25 3.89 4.99 -27.43
CA ILE C 25 2.76 4.14 -27.07
C ILE C 25 2.50 3.01 -28.09
N LEU C 26 2.18 1.82 -27.59
CA LEU C 26 1.85 0.71 -28.48
C LEU C 26 0.48 0.12 -28.19
N THR C 27 -0.34 -0.08 -29.23
CA THR C 27 -1.67 -0.66 -29.04
C THR C 27 -1.70 -2.14 -29.37
N HIS C 28 -0.72 -2.61 -30.14
CA HIS C 28 -0.65 -4.01 -30.54
C HIS C 28 0.73 -4.56 -30.30
N ALA C 29 0.81 -5.86 -30.10
CA ALA C 29 2.08 -6.57 -30.26
C ALA C 29 2.12 -7.04 -31.71
N ASN C 30 2.75 -6.24 -32.58
CA ASN C 30 2.94 -6.62 -33.97
C ASN C 30 4.21 -7.46 -34.14
N ASN C 31 4.06 -8.78 -34.05
CA ASN C 31 5.19 -9.70 -34.02
C ASN C 31 5.37 -10.42 -35.33
N VAL C 32 6.53 -11.04 -35.50
CA VAL C 32 6.81 -11.85 -36.66
C VAL C 32 7.15 -13.25 -36.20
N ILE C 33 6.48 -14.26 -36.77
CA ILE C 33 6.72 -15.64 -36.39
C ILE C 33 7.53 -16.35 -37.46
N VAL C 34 8.40 -17.26 -37.03
CA VAL C 34 9.28 -17.97 -37.95
C VAL C 34 9.17 -19.45 -37.67
N ARG C 35 8.94 -20.25 -38.71
CA ARG C 35 8.95 -21.71 -38.59
C ARG C 35 9.97 -22.31 -39.53
N ILE C 36 10.95 -23.03 -39.01
CA ILE C 36 11.91 -23.74 -39.85
C ILE C 36 11.53 -25.22 -39.97
N HIS C 37 11.50 -25.73 -41.22
CA HIS C 37 11.22 -27.14 -41.50
C HIS C 37 12.51 -27.89 -41.91
N THR C 38 12.69 -29.09 -41.36
CA THR C 38 13.79 -29.93 -41.80
C THR C 38 13.26 -31.04 -42.70
N ALA C 39 14.17 -31.72 -43.39
CA ALA C 39 13.80 -32.80 -44.28
C ALA C 39 13.21 -33.95 -43.47
N SER C 40 13.75 -34.16 -42.27
CA SER C 40 13.24 -35.20 -41.37
C SER C 40 11.83 -34.89 -40.85
N GLY C 41 11.32 -33.72 -41.19
CA GLY C 41 9.98 -33.33 -40.80
C GLY C 41 9.81 -32.64 -39.45
N HIS C 42 10.92 -32.27 -38.82
CA HIS C 42 10.90 -31.54 -37.56
C HIS C 42 10.61 -30.07 -37.81
N ILE C 43 9.98 -29.42 -36.84
CA ILE C 43 9.66 -28.00 -36.98
C ILE C 43 10.17 -27.19 -35.80
N GLY C 44 10.94 -26.15 -36.09
CA GLY C 44 11.39 -25.22 -35.07
C GLY C 44 10.62 -23.90 -35.12
N TYR C 45 10.22 -23.39 -33.95
CA TYR C 45 9.51 -22.12 -33.88
C TYR C 45 10.41 -21.04 -33.32
N GLY C 46 10.24 -19.81 -33.81
CA GLY C 46 10.92 -18.64 -33.28
C GLY C 46 9.98 -17.45 -33.44
N GLU C 47 10.12 -16.48 -32.55
CA GLU C 47 9.27 -15.30 -32.59
C GLU C 47 10.14 -14.08 -32.33
N CYS C 48 9.69 -12.92 -32.81
CA CYS C 48 10.33 -11.66 -32.48
C CYS C 48 9.30 -10.55 -32.43
N SER C 49 9.61 -9.53 -31.66
CA SER C 49 8.65 -8.46 -31.43
C SER C 49 9.31 -7.12 -31.67
N PRO C 50 9.39 -6.70 -32.94
CA PRO C 50 10.05 -5.44 -33.29
C PRO C 50 9.45 -4.26 -32.57
N PHE C 51 10.32 -3.45 -31.98
CA PHE C 51 9.99 -2.20 -31.32
C PHE C 51 10.71 -1.08 -32.09
N MET C 52 9.97 -0.29 -32.85
CA MET C 52 10.60 0.66 -33.75
C MET C 52 11.61 1.57 -33.06
N THR C 53 11.27 2.02 -31.85
CA THR C 53 12.11 3.02 -31.15
C THR C 53 13.33 2.45 -30.43
N ILE C 54 13.49 1.14 -30.46
CA ILE C 54 14.63 0.52 -29.79
C ILE C 54 15.42 -0.41 -30.71
N HIS C 55 14.73 -1.29 -31.41
CA HIS C 55 15.37 -2.20 -32.35
C HIS C 55 15.73 -1.49 -33.64
N GLY C 56 14.88 -0.55 -34.04
CA GLY C 56 15.00 0.09 -35.32
C GLY C 56 14.43 -0.82 -36.37
N GLU C 57 13.54 -1.71 -35.95
CA GLU C 57 12.85 -2.59 -36.87
C GLU C 57 11.36 -2.47 -36.65
N SER C 58 10.57 -2.93 -37.62
CA SER C 58 9.13 -3.01 -37.46
C SER C 58 8.67 -4.39 -37.90
N MET C 59 7.42 -4.71 -37.67
CA MET C 59 6.88 -5.95 -38.17
C MET C 59 7.05 -6.01 -39.70
N ASP C 60 6.83 -4.88 -40.36
CA ASP C 60 7.00 -4.83 -41.80
C ASP C 60 8.43 -5.10 -42.25
N THR C 61 9.42 -4.46 -41.62
CA THR C 61 10.81 -4.72 -42.00
C THR C 61 11.24 -6.14 -41.66
N ALA C 62 10.83 -6.61 -40.50
CA ALA C 62 11.20 -7.94 -40.07
C ALA C 62 10.70 -8.98 -41.06
N PHE C 63 9.46 -8.81 -41.51
CA PHE C 63 8.85 -9.73 -42.45
C PHE C 63 9.61 -9.81 -43.78
N ILE C 64 10.26 -8.72 -44.20
CA ILE C 64 11.05 -8.74 -45.42
C ILE C 64 12.47 -9.25 -45.21
N VAL C 65 13.19 -8.69 -44.25
CA VAL C 65 14.56 -9.10 -43.99
C VAL C 65 14.55 -10.59 -43.70
N GLY C 66 13.52 -11.04 -43.01
CA GLY C 66 13.37 -12.45 -42.71
C GLY C 66 13.47 -13.32 -43.94
N GLN C 67 12.86 -12.86 -45.03
CA GLN C 67 12.92 -13.60 -46.29
C GLN C 67 14.34 -13.67 -46.86
N TYR C 68 15.10 -12.59 -46.73
CA TYR C 68 16.51 -12.63 -47.10
C TYR C 68 17.20 -13.75 -46.35
N LEU C 69 16.91 -13.81 -45.06
CA LEU C 69 17.58 -14.74 -44.18
C LEU C 69 17.20 -16.17 -44.53
N ALA C 70 15.90 -16.43 -44.60
CA ALA C 70 15.39 -17.73 -44.98
C ALA C 70 16.10 -18.27 -46.22
N LYS C 71 16.15 -17.46 -47.28
CA LYS C 71 16.82 -17.84 -48.51
C LYS C 71 18.23 -18.39 -48.27
N GLY C 72 18.98 -17.72 -47.43
CA GLY C 72 20.34 -18.13 -47.13
C GLY C 72 20.43 -19.43 -46.35
N LEU C 73 19.45 -19.68 -45.50
CA LEU C 73 19.46 -20.86 -44.64
C LEU C 73 18.94 -22.13 -45.31
N ILE C 74 18.27 -21.98 -46.44
CA ILE C 74 17.77 -23.15 -47.12
C ILE C 74 18.94 -23.97 -47.60
N GLY C 75 18.93 -25.25 -47.26
CA GLY C 75 19.98 -26.17 -47.66
C GLY C 75 21.06 -26.41 -46.62
N THR C 76 21.10 -25.56 -45.60
CA THR C 76 22.09 -25.70 -44.54
C THR C 76 21.62 -26.65 -43.47
N SER C 77 22.52 -27.01 -42.55
CA SER C 77 22.20 -27.88 -41.42
C SER C 77 21.74 -27.08 -40.22
N CYS C 78 20.50 -27.32 -39.78
CA CYS C 78 19.97 -26.60 -38.62
C CYS C 78 20.79 -26.80 -37.35
N LEU C 79 21.70 -27.77 -37.35
CA LEU C 79 22.51 -28.03 -36.18
C LEU C 79 23.72 -27.11 -36.06
N ASP C 80 24.18 -26.57 -37.20
CA ASP C 80 25.33 -25.65 -37.23
C ASP C 80 24.92 -24.23 -36.82
N ILE C 81 24.45 -24.08 -35.59
CA ILE C 81 23.91 -22.81 -35.13
C ILE C 81 24.88 -21.65 -35.31
N VAL C 82 26.14 -21.83 -34.93
CA VAL C 82 27.14 -20.78 -35.10
C VAL C 82 27.37 -20.42 -36.56
N SER C 83 27.61 -21.42 -37.38
CA SER C 83 27.79 -21.20 -38.82
C SER C 83 26.61 -20.43 -39.44
N ASN C 84 25.40 -20.80 -39.06
CA ASN C 84 24.20 -20.14 -39.61
C ASN C 84 23.94 -18.74 -39.08
N SER C 85 24.22 -18.52 -37.80
CA SER C 85 24.16 -17.19 -37.23
C SER C 85 25.10 -16.28 -38.01
N LEU C 86 26.26 -16.83 -38.39
CA LEU C 86 27.28 -16.08 -39.11
C LEU C 86 26.84 -15.82 -40.55
N LEU C 87 26.16 -16.80 -41.11
CA LEU C 87 25.60 -16.70 -42.44
C LEU C 87 24.58 -15.58 -42.54
N MET C 88 23.72 -15.47 -41.54
CA MET C 88 22.79 -14.38 -41.53
C MET C 88 23.51 -13.03 -41.44
N ASP C 89 24.51 -12.93 -40.56
CA ASP C 89 25.25 -11.70 -40.40
C ASP C 89 25.93 -11.28 -41.71
N ALA C 90 26.37 -12.26 -42.47
CA ALA C 90 27.00 -11.96 -43.77
C ALA C 90 25.99 -11.46 -44.81
N ILE C 91 24.74 -11.86 -44.67
CA ILE C 91 23.65 -11.36 -45.53
C ILE C 91 23.23 -9.90 -45.22
N ILE C 92 23.11 -9.54 -43.95
CA ILE C 92 22.68 -8.20 -43.60
C ILE C 92 23.13 -7.81 -42.20
N TYR C 93 23.65 -6.59 -42.07
CA TYR C 93 24.13 -6.08 -40.78
C TYR C 93 22.95 -5.69 -39.88
N GLY C 94 23.19 -5.71 -38.57
CA GLY C 94 22.14 -5.42 -37.61
C GLY C 94 20.95 -6.34 -37.74
N ASN C 95 19.77 -5.75 -37.69
CA ASN C 95 18.53 -6.51 -37.75
C ASN C 95 18.48 -7.66 -36.75
N SER C 96 18.97 -7.41 -35.54
CA SER C 96 19.03 -8.44 -34.52
C SER C 96 17.65 -9.02 -34.22
N CYS C 97 16.64 -8.17 -34.12
CA CYS C 97 15.32 -8.66 -33.74
C CYS C 97 14.87 -9.84 -34.60
N ILE C 98 14.78 -9.65 -35.91
CA ILE C 98 14.36 -10.76 -36.76
C ILE C 98 15.37 -11.91 -36.69
N LYS C 99 16.66 -11.61 -36.69
CA LYS C 99 17.68 -12.63 -36.55
C LYS C 99 17.44 -13.54 -35.35
N SER C 100 17.09 -12.95 -34.21
CA SER C 100 16.86 -13.71 -33.00
C SER C 100 15.78 -14.76 -33.22
N ALA C 101 14.72 -14.40 -33.93
CA ALA C 101 13.67 -15.37 -34.20
C ALA C 101 14.23 -16.59 -34.91
N PHE C 102 15.05 -16.38 -35.93
CA PHE C 102 15.68 -17.50 -36.61
C PHE C 102 16.59 -18.28 -35.68
N ASN C 103 17.39 -17.55 -34.89
CA ASN C 103 18.28 -18.19 -33.96
C ASN C 103 17.54 -19.08 -32.96
N ILE C 104 16.52 -18.52 -32.31
CA ILE C 104 15.67 -19.27 -31.41
C ILE C 104 15.14 -20.54 -32.07
N ALA C 105 14.60 -20.44 -33.27
CA ALA C 105 14.06 -21.62 -33.93
C ALA C 105 15.13 -22.66 -34.19
N LEU C 106 16.32 -22.22 -34.58
CA LEU C 106 17.40 -23.17 -34.77
C LEU C 106 17.71 -23.93 -33.46
N TYR C 107 17.70 -23.22 -32.34
CA TYR C 107 17.94 -23.87 -31.05
C TYR C 107 16.84 -24.87 -30.74
N ASP C 108 15.60 -24.48 -31.03
CA ASP C 108 14.47 -25.39 -30.89
C ASP C 108 14.82 -26.70 -31.60
N LEU C 109 15.15 -26.62 -32.88
CA LEU C 109 15.52 -27.81 -33.65
C LEU C 109 16.64 -28.58 -32.96
N ALA C 110 17.67 -27.88 -32.51
CA ALA C 110 18.83 -28.55 -31.95
C ALA C 110 18.49 -29.32 -30.69
N ALA C 111 17.72 -28.69 -29.81
CA ALA C 111 17.25 -29.35 -28.60
C ALA C 111 16.36 -30.54 -28.94
N GLN C 112 15.46 -30.38 -29.88
CA GLN C 112 14.63 -31.49 -30.32
C GLN C 112 15.47 -32.67 -30.75
N HIS C 113 16.58 -32.40 -31.44
CA HIS C 113 17.42 -33.46 -31.98
C HIS C 113 18.15 -34.17 -30.86
N ALA C 114 18.37 -33.46 -29.77
CA ALA C 114 19.07 -34.00 -28.62
C ALA C 114 18.10 -34.62 -27.64
N GLY C 115 16.82 -34.40 -27.87
CA GLY C 115 15.77 -34.96 -27.02
C GLY C 115 15.79 -34.33 -25.64
N LEU C 116 16.17 -33.06 -25.59
CA LEU C 116 16.16 -32.29 -24.36
C LEU C 116 15.34 -31.01 -24.48
N PRO C 117 14.74 -30.57 -23.37
CA PRO C 117 14.18 -29.22 -23.34
C PRO C 117 15.30 -28.20 -23.53
N LEU C 118 14.99 -27.04 -24.08
CA LEU C 118 15.99 -26.05 -24.41
C LEU C 118 16.92 -25.79 -23.23
N TYR C 119 16.34 -25.55 -22.06
CA TYR C 119 17.13 -25.18 -20.90
C TYR C 119 18.20 -26.21 -20.54
N ALA C 120 17.84 -27.48 -20.64
CA ALA C 120 18.79 -28.54 -20.40
C ALA C 120 19.80 -28.63 -21.54
N PHE C 121 19.34 -28.38 -22.76
CA PHE C 121 20.24 -28.43 -23.90
C PHE C 121 21.32 -27.36 -23.73
N LEU C 122 20.97 -26.27 -23.05
CA LEU C 122 21.88 -25.15 -22.86
C LEU C 122 22.79 -25.32 -21.64
N GLY C 123 22.63 -26.43 -20.93
CA GLY C 123 23.43 -26.73 -19.74
C GLY C 123 22.87 -26.17 -18.45
N GLY C 124 21.60 -25.79 -18.46
CA GLY C 124 20.95 -25.19 -17.30
C GLY C 124 20.19 -26.25 -16.55
N LYS C 125 19.57 -25.85 -15.44
CA LYS C 125 18.80 -26.77 -14.61
C LYS C 125 17.80 -25.99 -13.77
N LYS C 126 16.74 -26.66 -13.36
CA LYS C 126 15.70 -25.99 -12.58
C LYS C 126 16.07 -25.95 -11.10
N ASP C 127 16.88 -24.97 -10.73
CA ASP C 127 17.34 -24.85 -9.35
C ASP C 127 16.95 -23.52 -8.71
N LYS C 128 15.96 -22.85 -9.29
CA LYS C 128 15.49 -21.60 -8.72
C LYS C 128 14.08 -21.30 -9.17
N ILE C 129 13.39 -20.44 -8.44
CA ILE C 129 12.06 -20.02 -8.85
C ILE C 129 12.13 -18.81 -9.77
N ILE C 130 11.41 -18.87 -10.88
CA ILE C 130 11.35 -17.74 -11.78
C ILE C 130 10.09 -16.95 -11.45
N GLN C 131 10.27 -15.70 -11.07
CA GLN C 131 9.14 -14.85 -10.70
C GLN C 131 9.14 -13.51 -11.44
N THR C 132 8.06 -13.27 -12.18
CA THR C 132 7.99 -12.11 -13.04
C THR C 132 7.41 -10.93 -12.28
N ASP C 133 7.82 -9.73 -12.70
CA ASP C 133 7.22 -8.52 -12.22
C ASP C 133 6.05 -8.27 -13.15
N TYR C 134 5.41 -7.12 -13.00
CA TYR C 134 4.38 -6.70 -13.93
C TYR C 134 4.50 -5.20 -14.10
N THR C 135 4.26 -4.72 -15.31
CA THR C 135 4.63 -3.37 -15.70
C THR C 135 3.48 -2.36 -15.63
N VAL C 136 3.71 -1.24 -14.97
CA VAL C 136 2.77 -0.15 -14.98
C VAL C 136 3.19 0.84 -16.06
N SER C 137 2.37 0.98 -17.09
CA SER C 137 2.65 1.93 -18.15
C SER C 137 2.75 3.36 -17.61
N ILE C 138 3.52 4.20 -18.31
CA ILE C 138 3.73 5.59 -17.91
C ILE C 138 2.51 6.42 -18.25
N ASP C 139 1.86 6.96 -17.22
CA ASP C 139 0.62 7.70 -17.41
C ASP C 139 0.52 8.82 -16.39
N GLU C 140 -0.67 9.41 -16.25
CA GLU C 140 -0.99 10.34 -15.16
C GLU C 140 -0.91 9.61 -13.81
N PRO C 141 -0.34 10.24 -12.78
CA PRO C 141 0.00 9.54 -11.52
C PRO C 141 -1.14 8.79 -10.84
N HIS C 142 -2.37 9.34 -10.88
CA HIS C 142 -3.51 8.61 -10.30
C HIS C 142 -3.77 7.30 -11.04
N LYS C 143 -3.84 7.37 -12.37
CA LYS C 143 -3.94 6.19 -13.24
C LYS C 143 -2.85 5.16 -12.90
N MET C 144 -1.61 5.61 -12.75
CA MET C 144 -0.51 4.70 -12.45
C MET C 144 -0.66 4.04 -11.10
N ALA C 145 -1.10 4.81 -10.11
CA ALA C 145 -1.34 4.27 -8.78
C ALA C 145 -2.45 3.22 -8.82
N ALA C 146 -3.53 3.52 -9.53
CA ALA C 146 -4.65 2.60 -9.68
C ALA C 146 -4.20 1.26 -10.25
N ASP C 147 -3.39 1.31 -11.31
CA ASP C 147 -2.84 0.12 -11.93
C ASP C 147 -1.94 -0.66 -10.99
N ALA C 148 -1.13 0.06 -10.22
CA ALA C 148 -0.26 -0.58 -9.25
C ALA C 148 -1.09 -1.38 -8.26
N VAL C 149 -2.20 -0.81 -7.83
CA VAL C 149 -3.10 -1.47 -6.88
C VAL C 149 -3.65 -2.75 -7.50
N GLN C 150 -4.31 -2.61 -8.65
CA GLN C 150 -4.85 -3.76 -9.37
C GLN C 150 -3.82 -4.87 -9.50
N ILE C 151 -2.57 -4.50 -9.76
CA ILE C 151 -1.49 -5.47 -9.94
C ILE C 151 -1.21 -6.22 -8.66
N LYS C 152 -1.19 -5.49 -7.54
CA LYS C 152 -0.94 -6.11 -6.24
C LYS C 152 -2.08 -7.05 -5.89
N LYS C 153 -3.30 -6.58 -6.18
CA LYS C 153 -4.53 -7.35 -6.00
C LYS C 153 -4.51 -8.66 -6.78
N ASN C 154 -3.98 -8.63 -8.00
CA ASN C 154 -3.87 -9.85 -8.82
C ASN C 154 -2.79 -10.82 -8.32
N GLY C 155 -2.03 -10.40 -7.31
CA GLY C 155 -1.10 -11.30 -6.65
C GLY C 155 0.37 -11.13 -6.97
N PHE C 156 0.68 -10.20 -7.86
CA PHE C 156 2.07 -9.96 -8.25
C PHE C 156 2.86 -9.32 -7.10
N GLU C 157 4.08 -9.80 -6.91
CA GLU C 157 4.88 -9.37 -5.77
C GLU C 157 5.99 -8.36 -6.13
N ILE C 158 6.20 -8.20 -7.43
CA ILE C 158 7.20 -7.28 -7.95
C ILE C 158 6.54 -6.35 -8.98
N ILE C 159 6.72 -5.05 -8.84
CA ILE C 159 6.14 -4.13 -9.81
C ILE C 159 7.22 -3.38 -10.57
N LYS C 160 7.08 -3.34 -11.89
CA LYS C 160 8.00 -2.56 -12.71
C LYS C 160 7.29 -1.30 -13.20
N VAL C 161 7.84 -0.14 -12.84
CA VAL C 161 7.21 1.14 -13.18
C VAL C 161 7.97 1.89 -14.26
N LYS C 162 7.23 2.35 -15.26
CA LYS C 162 7.82 3.09 -16.35
C LYS C 162 7.84 4.57 -16.01
N VAL C 163 9.05 5.11 -15.85
CA VAL C 163 9.25 6.53 -15.68
C VAL C 163 9.99 7.10 -16.88
N GLY C 164 10.38 8.36 -16.78
CA GLY C 164 11.13 9.01 -17.84
C GLY C 164 10.57 10.37 -18.20
N GLY C 165 9.64 10.88 -17.40
CA GLY C 165 9.11 12.22 -17.61
C GLY C 165 9.99 13.25 -16.93
N SER C 166 9.39 14.38 -16.57
CA SER C 166 10.10 15.40 -15.80
C SER C 166 10.43 14.92 -14.39
N LYS C 167 11.41 15.56 -13.76
CA LYS C 167 11.81 15.15 -12.40
C LYS C 167 10.63 15.22 -11.43
N GLU C 168 9.91 16.35 -11.45
CA GLU C 168 8.74 16.55 -10.61
C GLU C 168 7.72 15.42 -10.77
N LEU C 169 7.36 15.14 -12.01
CA LEU C 169 6.29 14.19 -12.33
C LEU C 169 6.63 12.73 -12.02
N ASP C 170 7.88 12.35 -12.20
CA ASP C 170 8.29 10.98 -11.92
C ASP C 170 8.28 10.71 -10.44
N VAL C 171 8.68 11.71 -9.67
CA VAL C 171 8.68 11.57 -8.22
C VAL C 171 7.26 11.45 -7.70
N GLU C 172 6.36 12.26 -8.25
CA GLU C 172 4.97 12.19 -7.85
C GLU C 172 4.38 10.83 -8.20
N ARG C 173 4.76 10.31 -9.37
CA ARG C 173 4.35 8.97 -9.77
C ARG C 173 4.79 7.91 -8.75
N ILE C 174 6.07 7.86 -8.41
CA ILE C 174 6.57 6.85 -7.48
C ILE C 174 5.96 6.99 -6.09
N ARG C 175 5.81 8.23 -5.63
CA ARG C 175 5.18 8.48 -4.34
C ARG C 175 3.76 7.94 -4.32
N MET C 176 2.90 8.50 -5.18
CA MET C 176 1.51 8.07 -5.25
C MET C 176 1.35 6.56 -5.35
N ILE C 177 2.35 5.87 -5.87
CA ILE C 177 2.31 4.42 -5.99
C ILE C 177 2.71 3.76 -4.67
N ARG C 178 3.79 4.26 -4.07
CA ARG C 178 4.23 3.74 -2.78
C ARG C 178 3.14 4.01 -1.74
N GLU C 179 2.44 5.12 -1.94
CA GLU C 179 1.38 5.60 -1.06
C GLU C 179 0.13 4.73 -1.18
N ALA C 180 -0.09 4.17 -2.36
CA ALA C 180 -1.30 3.41 -2.60
C ALA C 180 -1.10 1.89 -2.69
N ALA C 181 0.11 1.40 -2.44
CA ALA C 181 0.36 -0.03 -2.60
C ALA C 181 1.27 -0.60 -1.54
N GLY C 182 1.92 0.27 -0.78
CA GLY C 182 2.74 -0.18 0.35
C GLY C 182 4.23 -0.06 0.14
N ASP C 183 5.00 -0.40 1.16
CA ASP C 183 6.44 -0.26 1.14
C ASP C 183 7.11 -1.62 1.11
N SER C 184 6.31 -2.68 1.21
CA SER C 184 6.85 -4.03 1.33
C SER C 184 6.93 -4.73 -0.02
N ILE C 185 6.03 -4.36 -0.93
CA ILE C 185 6.06 -4.86 -2.30
C ILE C 185 7.31 -4.30 -2.98
N THR C 186 8.13 -5.19 -3.53
CA THR C 186 9.36 -4.75 -4.18
C THR C 186 9.06 -4.06 -5.53
N LEU C 187 9.63 -2.89 -5.76
CA LEU C 187 9.43 -2.24 -7.05
C LEU C 187 10.70 -1.71 -7.75
N ARG C 188 10.71 -1.86 -9.08
CA ARG C 188 11.84 -1.49 -9.93
C ARG C 188 11.36 -0.52 -10.99
N ILE C 189 12.25 0.36 -11.46
CA ILE C 189 11.84 1.39 -12.41
C ILE C 189 12.62 1.38 -13.73
N ASP C 190 12.04 1.98 -14.76
CA ASP C 190 12.60 1.94 -16.11
C ASP C 190 12.28 3.24 -16.83
N ALA C 191 13.32 3.97 -17.22
CA ALA C 191 13.12 5.29 -17.81
C ALA C 191 13.15 5.23 -19.32
N ASN C 192 13.64 4.12 -19.86
CA ASN C 192 13.84 4.01 -21.31
C ASN C 192 14.47 5.25 -21.90
N GLN C 193 15.65 5.62 -21.40
CA GLN C 193 16.45 6.74 -21.93
C GLN C 193 15.78 8.10 -21.78
N GLY C 194 14.84 8.23 -20.84
CA GLY C 194 13.99 9.40 -20.80
C GLY C 194 14.54 10.66 -20.19
N TRP C 195 15.58 10.51 -19.35
CA TRP C 195 16.18 11.63 -18.63
C TRP C 195 17.50 12.10 -19.22
N SER C 196 17.82 13.38 -19.01
CA SER C 196 19.17 13.88 -19.25
C SER C 196 20.07 13.44 -18.11
N VAL C 197 21.39 13.49 -18.31
CA VAL C 197 22.30 13.07 -17.25
C VAL C 197 21.98 13.81 -15.95
N GLU C 198 21.65 15.09 -16.09
CA GLU C 198 21.27 15.92 -14.96
C GLU C 198 20.02 15.41 -14.23
N THR C 199 18.90 15.49 -14.94
CA THR C 199 17.61 15.04 -14.41
C THR C 199 17.70 13.64 -13.83
N ALA C 200 18.52 12.80 -14.42
CA ALA C 200 18.65 11.44 -13.95
C ALA C 200 19.13 11.44 -12.51
N ILE C 201 20.23 12.13 -12.27
CA ILE C 201 20.85 12.14 -10.96
C ILE C 201 19.98 12.81 -9.90
N GLU C 202 19.35 13.92 -10.27
CA GLU C 202 18.42 14.59 -9.37
C GLU C 202 17.22 13.71 -9.02
N THR C 203 16.66 13.05 -10.02
CA THR C 203 15.47 12.24 -9.83
C THR C 203 15.80 10.97 -9.08
N LEU C 204 17.00 10.44 -9.27
CA LEU C 204 17.38 9.18 -8.63
C LEU C 204 17.75 9.34 -7.15
N THR C 205 18.27 10.51 -6.78
CA THR C 205 18.53 10.73 -5.36
C THR C 205 17.23 11.14 -4.69
N LEU C 206 16.35 11.82 -5.42
CA LEU C 206 15.01 12.15 -4.92
C LEU C 206 14.11 10.92 -4.74
N LEU C 207 14.46 9.80 -5.35
CA LEU C 207 13.64 8.60 -5.29
C LEU C 207 14.14 7.57 -4.28
N GLU C 208 15.41 7.70 -3.87
CA GLU C 208 16.04 6.73 -2.97
C GLU C 208 15.19 6.42 -1.74
N PRO C 209 14.57 7.45 -1.15
CA PRO C 209 13.67 7.26 -0.01
C PRO C 209 12.63 6.17 -0.23
N TYR C 210 12.08 6.08 -1.43
CA TYR C 210 10.98 5.15 -1.70
C TYR C 210 11.44 3.71 -1.95
N ASN C 211 12.71 3.42 -1.66
CA ASN C 211 13.24 2.06 -1.71
C ASN C 211 12.98 1.35 -3.03
N ILE C 212 13.68 1.76 -4.09
CA ILE C 212 13.47 1.12 -5.38
C ILE C 212 14.63 0.16 -5.71
N GLN C 213 14.30 -0.98 -6.32
CA GLN C 213 15.23 -2.11 -6.45
C GLN C 213 16.41 -1.85 -7.42
N HIS C 214 16.08 -1.27 -8.57
CA HIS C 214 17.06 -0.82 -9.54
C HIS C 214 16.34 -0.03 -10.64
N CYS C 215 17.10 0.77 -11.37
CA CYS C 215 16.54 1.58 -12.43
C CYS C 215 17.18 1.21 -13.77
N GLU C 216 16.32 0.95 -14.76
CA GLU C 216 16.76 0.58 -16.10
C GLU C 216 17.00 1.82 -16.94
N GLU C 217 18.13 1.83 -17.65
CA GLU C 217 18.40 2.80 -18.71
C GLU C 217 17.85 4.19 -18.43
N PRO C 218 18.51 4.94 -17.53
CA PRO C 218 18.09 6.29 -17.16
C PRO C 218 18.29 7.34 -18.25
N VAL C 219 19.34 7.19 -19.04
CA VAL C 219 19.63 8.19 -20.05
C VAL C 219 19.82 7.56 -21.43
N SER C 220 19.87 8.42 -22.44
CA SER C 220 20.11 8.00 -23.81
C SER C 220 21.22 6.96 -23.94
N ARG C 221 21.00 5.99 -24.81
CA ARG C 221 21.97 4.94 -25.07
C ARG C 221 23.25 5.51 -25.67
N ASN C 222 23.12 6.68 -26.27
CA ASN C 222 24.28 7.38 -26.81
C ASN C 222 25.17 7.95 -25.72
N LEU C 223 24.62 8.11 -24.52
CA LEU C 223 25.33 8.75 -23.43
C LEU C 223 25.83 7.74 -22.41
N TYR C 224 26.07 6.51 -22.86
CA TYR C 224 26.46 5.45 -21.94
C TYR C 224 27.73 5.78 -21.19
N THR C 225 28.52 6.69 -21.74
CA THR C 225 29.78 7.05 -21.12
C THR C 225 29.57 7.86 -19.84
N ALA C 226 28.39 8.47 -19.73
CA ALA C 226 28.00 9.20 -18.53
C ALA C 226 27.42 8.26 -17.47
N LEU C 227 27.29 6.97 -17.80
CA LEU C 227 26.75 6.02 -16.84
C LEU C 227 27.60 5.87 -15.57
N PRO C 228 28.91 5.71 -15.70
CA PRO C 228 29.71 5.58 -14.48
C PRO C 228 29.49 6.74 -13.50
N LYS C 229 29.46 7.96 -14.02
CA LYS C 229 29.21 9.13 -13.19
C LYS C 229 27.87 9.03 -12.44
N ILE C 230 26.84 8.55 -13.11
CA ILE C 230 25.52 8.41 -12.49
C ILE C 230 25.53 7.31 -11.44
N ARG C 231 26.20 6.21 -11.75
CA ARG C 231 26.26 5.06 -10.85
C ARG C 231 26.84 5.45 -9.50
N GLN C 232 27.85 6.31 -9.54
CA GLN C 232 28.59 6.70 -8.35
C GLN C 232 27.87 7.76 -7.53
N ALA C 233 27.04 8.54 -8.18
CA ALA C 233 26.30 9.60 -7.51
C ALA C 233 24.96 9.12 -6.94
N CYS C 234 24.56 7.89 -7.28
CA CYS C 234 23.24 7.39 -6.93
C CYS C 234 23.24 6.07 -6.19
N ARG C 235 22.36 5.97 -5.21
CA ARG C 235 22.36 4.82 -4.33
C ARG C 235 21.65 3.69 -5.03
N ILE C 236 20.54 4.05 -5.67
CA ILE C 236 19.77 3.10 -6.45
C ILE C 236 20.64 2.49 -7.54
N PRO C 237 20.66 1.15 -7.63
CA PRO C 237 21.52 0.55 -8.64
C PRO C 237 20.94 0.78 -10.04
N ILE C 238 21.80 0.90 -11.06
CA ILE C 238 21.29 1.15 -12.39
C ILE C 238 21.57 -0.04 -13.29
N MET C 239 20.57 -0.35 -14.11
CA MET C 239 20.60 -1.51 -14.99
C MET C 239 20.58 -1.05 -16.43
N ALA C 240 21.58 -1.50 -17.20
CA ALA C 240 21.67 -1.18 -18.62
C ALA C 240 20.72 -2.04 -19.44
N ASP C 241 19.89 -1.40 -20.25
CA ASP C 241 19.00 -2.12 -21.15
C ASP C 241 19.39 -1.83 -22.60
N GLU C 242 18.83 -0.76 -23.18
CA GLU C 242 19.19 -0.39 -24.54
C GLU C 242 20.70 -0.27 -24.71
N SER C 243 21.39 0.12 -23.66
CA SER C 243 22.83 0.34 -23.73
C SER C 243 23.62 -0.95 -23.82
N CYS C 244 22.94 -2.06 -23.53
CA CYS C 244 23.57 -3.38 -23.56
C CYS C 244 22.81 -4.34 -24.49
N CYS C 245 23.24 -4.40 -25.74
CA CYS C 245 22.56 -5.22 -26.73
C CYS C 245 23.28 -6.51 -26.96
N ASN C 246 24.53 -6.42 -27.39
CA ASN C 246 25.32 -7.60 -27.66
C ASN C 246 26.46 -7.71 -26.66
N SER C 247 27.36 -8.67 -26.89
CA SER C 247 28.47 -8.92 -25.98
C SER C 247 29.53 -7.81 -26.00
N PHE C 248 29.79 -7.20 -27.15
CA PHE C 248 30.74 -6.10 -27.22
C PHE C 248 30.27 -4.97 -26.33
N ASP C 249 28.99 -4.68 -26.40
CA ASP C 249 28.39 -3.65 -25.56
C ASP C 249 28.63 -3.99 -24.09
N ALA C 250 28.41 -5.26 -23.73
CA ALA C 250 28.53 -5.69 -22.35
C ALA C 250 29.96 -5.45 -21.86
N GLU C 251 30.93 -6.02 -22.59
CA GLU C 251 32.33 -5.88 -22.25
C GLU C 251 32.71 -4.42 -22.04
N ARG C 252 32.22 -3.56 -22.91
CA ARG C 252 32.57 -2.15 -22.86
C ARG C 252 32.00 -1.50 -21.60
N LEU C 253 30.75 -1.83 -21.28
CA LEU C 253 30.09 -1.26 -20.10
C LEU C 253 30.79 -1.67 -18.81
N ILE C 254 31.21 -2.93 -18.77
CA ILE C 254 31.98 -3.48 -17.66
C ILE C 254 33.33 -2.77 -17.51
N GLN C 255 34.02 -2.63 -18.62
CA GLN C 255 35.33 -1.99 -18.67
C GLN C 255 35.39 -0.60 -18.03
N ILE C 256 34.29 0.14 -18.10
CA ILE C 256 34.26 1.48 -17.52
C ILE C 256 33.34 1.56 -16.29
N GLN C 257 32.99 0.39 -15.77
CA GLN C 257 32.09 0.29 -14.62
C GLN C 257 30.87 1.18 -14.74
N ALA C 258 30.06 0.93 -15.77
CA ALA C 258 28.96 1.82 -16.12
C ALA C 258 27.70 1.56 -15.31
N CYS C 259 27.51 0.31 -14.91
CA CYS C 259 26.23 -0.07 -14.34
C CYS C 259 26.37 -1.24 -13.37
N ASP C 260 25.31 -1.45 -12.60
CA ASP C 260 25.33 -2.48 -11.57
C ASP C 260 24.83 -3.81 -12.13
N SER C 261 23.92 -3.73 -13.10
CA SER C 261 23.32 -4.94 -13.66
C SER C 261 22.87 -4.76 -15.12
N PHE C 262 22.67 -5.88 -15.81
CA PHE C 262 22.21 -5.91 -17.18
C PHE C 262 20.75 -6.33 -17.29
N ASN C 263 20.09 -5.82 -18.32
CA ASN C 263 18.82 -6.42 -18.77
C ASN C 263 19.05 -7.14 -20.09
N LEU C 264 19.05 -8.46 -20.03
CA LEU C 264 19.31 -9.30 -21.19
C LEU C 264 18.03 -9.65 -21.95
N LYS C 265 18.00 -9.35 -23.25
CA LYS C 265 16.86 -9.70 -24.10
C LYS C 265 17.37 -10.41 -25.36
N LEU C 266 16.75 -11.53 -25.74
CA LEU C 266 17.22 -12.28 -26.92
C LEU C 266 17.21 -11.48 -28.23
N SER C 267 16.21 -10.61 -28.42
CA SER C 267 16.15 -9.78 -29.63
C SER C 267 17.33 -8.84 -29.79
N LYS C 268 17.87 -8.33 -28.69
CA LYS C 268 18.97 -7.37 -28.79
C LYS C 268 20.28 -8.07 -29.13
N SER C 269 20.43 -9.28 -28.59
CA SER C 269 21.65 -10.04 -28.81
C SER C 269 21.60 -10.90 -30.07
N ALA C 270 20.52 -10.77 -30.84
CA ALA C 270 20.30 -11.51 -32.11
C ALA C 270 20.18 -13.02 -31.92
N GLY C 271 19.67 -13.39 -30.77
CA GLY C 271 19.49 -14.79 -30.45
C GLY C 271 20.08 -15.23 -29.12
N ILE C 272 20.04 -16.53 -28.90
CA ILE C 272 20.59 -17.17 -27.73
C ILE C 272 22.12 -17.24 -27.78
N THR C 273 22.68 -17.66 -28.93
CA THR C 273 24.14 -17.76 -29.05
C THR C 273 24.89 -16.63 -28.36
N ASN C 274 24.56 -15.39 -28.69
CA ASN C 274 25.30 -14.27 -28.13
C ASN C 274 24.80 -13.90 -26.75
N ALA C 275 23.53 -14.20 -26.44
CA ALA C 275 23.03 -13.98 -25.09
C ALA C 275 23.87 -14.75 -24.08
N LEU C 276 24.30 -15.94 -24.48
CA LEU C 276 25.16 -16.76 -23.63
C LEU C 276 26.45 -16.03 -23.31
N ASN C 277 27.07 -15.41 -24.32
CA ASN C 277 28.31 -14.65 -24.09
C ASN C 277 28.14 -13.54 -23.08
N ILE C 278 27.06 -12.78 -23.22
CA ILE C 278 26.74 -11.73 -22.27
C ILE C 278 26.60 -12.30 -20.87
N ILE C 279 25.91 -13.43 -20.74
CA ILE C 279 25.76 -14.07 -19.43
C ILE C 279 27.12 -14.42 -18.80
N ARG C 280 27.99 -15.06 -19.57
CA ARG C 280 29.32 -15.41 -19.11
C ARG C 280 30.08 -14.19 -18.61
N LEU C 281 30.01 -13.09 -19.36
CA LEU C 281 30.68 -11.85 -18.94
C LEU C 281 30.13 -11.33 -17.63
N ALA C 282 28.80 -11.34 -17.51
CA ALA C 282 28.15 -10.92 -16.29
C ALA C 282 28.57 -11.80 -15.11
N GLU C 283 28.73 -13.10 -15.38
CA GLU C 283 29.24 -14.02 -14.38
C GLU C 283 30.65 -13.59 -13.92
N GLN C 284 31.57 -13.45 -14.86
CA GLN C 284 32.95 -13.12 -14.53
C GLN C 284 33.05 -11.78 -13.81
N ALA C 285 31.99 -10.97 -13.86
CA ALA C 285 32.00 -9.68 -13.21
C ALA C 285 30.99 -9.60 -12.08
N HIS C 286 30.52 -10.76 -11.65
CA HIS C 286 29.58 -10.86 -10.51
C HIS C 286 28.48 -9.82 -10.60
N MET C 287 27.84 -9.76 -11.77
CA MET C 287 26.80 -8.77 -12.03
C MET C 287 25.47 -9.48 -12.17
N PRO C 288 24.49 -9.12 -11.34
CA PRO C 288 23.16 -9.71 -11.48
C PRO C 288 22.54 -9.36 -12.85
N VAL C 289 21.84 -10.32 -13.45
CA VAL C 289 21.18 -10.16 -14.74
C VAL C 289 19.67 -10.35 -14.64
N GLN C 290 18.92 -9.43 -15.24
CA GLN C 290 17.48 -9.55 -15.38
C GLN C 290 17.17 -9.98 -16.82
N VAL C 291 16.43 -11.07 -17.00
CA VAL C 291 15.98 -11.42 -18.34
C VAL C 291 14.62 -10.80 -18.66
N GLY C 292 14.52 -10.13 -19.81
CA GLY C 292 13.32 -9.45 -20.23
C GLY C 292 12.95 -9.71 -21.66
N GLY C 293 12.29 -8.72 -22.28
CA GLY C 293 11.84 -8.82 -23.66
C GLY C 293 10.93 -7.68 -24.06
N PHE C 294 10.17 -7.86 -25.13
CA PHE C 294 9.32 -6.78 -25.59
C PHE C 294 7.88 -7.22 -25.59
N LEU C 295 7.24 -7.30 -26.74
CA LEU C 295 5.86 -7.76 -26.77
C LEU C 295 5.72 -9.16 -27.35
N GLU C 296 6.77 -9.98 -27.22
CA GLU C 296 6.70 -11.37 -27.65
C GLU C 296 5.52 -12.05 -26.96
N SER C 297 4.92 -13.05 -27.62
CA SER C 297 3.88 -13.87 -27.01
C SER C 297 4.54 -14.83 -26.02
N ARG C 298 3.76 -15.72 -25.42
CA ARG C 298 4.34 -16.69 -24.52
C ARG C 298 5.39 -17.54 -25.19
N LEU C 299 5.38 -17.63 -26.52
CA LEU C 299 6.35 -18.48 -27.19
C LEU C 299 7.74 -17.87 -27.07
N GLY C 300 7.80 -16.57 -27.35
CA GLY C 300 9.06 -15.86 -27.26
C GLY C 300 9.59 -15.86 -25.84
N PHE C 301 8.73 -15.60 -24.88
CA PHE C 301 9.16 -15.57 -23.50
C PHE C 301 9.50 -16.96 -22.98
N THR C 302 9.00 -17.98 -23.65
CA THR C 302 9.35 -19.33 -23.28
C THR C 302 10.83 -19.51 -23.58
N ALA C 303 11.29 -18.92 -24.67
CA ALA C 303 12.70 -18.98 -25.03
C ALA C 303 13.52 -18.24 -23.99
N ALA C 304 13.05 -17.07 -23.59
CA ALA C 304 13.70 -16.32 -22.52
C ALA C 304 13.78 -17.16 -21.25
N ALA C 305 12.67 -17.79 -20.89
CA ALA C 305 12.62 -18.52 -19.62
C ALA C 305 13.57 -19.69 -19.62
N HIS C 306 13.74 -20.34 -20.77
CA HIS C 306 14.74 -21.40 -20.86
C HIS C 306 16.13 -20.87 -20.60
N VAL C 307 16.45 -19.75 -21.23
CA VAL C 307 17.78 -19.17 -21.12
C VAL C 307 18.01 -18.74 -19.68
N ALA C 308 16.94 -18.26 -19.05
CA ALA C 308 16.99 -17.78 -17.68
C ALA C 308 17.52 -18.81 -16.70
N LEU C 309 17.35 -20.09 -17.02
CA LEU C 309 17.78 -21.17 -16.14
C LEU C 309 19.24 -21.58 -16.38
N VAL C 310 19.95 -20.81 -17.18
CA VAL C 310 21.28 -21.23 -17.63
C VAL C 310 22.40 -20.86 -16.63
N SER C 311 22.15 -19.89 -15.77
CA SER C 311 23.17 -19.40 -14.86
C SER C 311 22.58 -18.78 -13.60
N LYS C 312 23.30 -18.95 -12.50
CA LYS C 312 22.81 -18.46 -11.21
C LYS C 312 22.93 -16.95 -11.09
N THR C 313 23.65 -16.34 -12.03
CA THR C 313 23.83 -14.89 -12.03
C THR C 313 22.55 -14.20 -12.48
N ILE C 314 21.71 -14.92 -13.21
CA ILE C 314 20.41 -14.41 -13.60
C ILE C 314 19.44 -14.58 -12.43
N CYS C 315 18.70 -13.52 -12.07
CA CYS C 315 17.91 -13.57 -10.85
C CYS C 315 16.73 -12.62 -10.82
N TYR C 316 16.55 -11.83 -11.87
CA TYR C 316 15.36 -11.00 -12.02
C TYR C 316 14.67 -11.35 -13.33
N TYR C 317 13.35 -11.17 -13.39
CA TYR C 317 12.59 -11.60 -14.55
C TYR C 317 11.47 -10.62 -14.89
N ASP C 318 11.46 -10.16 -16.14
CA ASP C 318 10.41 -9.29 -16.68
C ASP C 318 9.71 -10.03 -17.84
N PHE C 319 8.74 -10.89 -17.51
CA PHE C 319 8.10 -11.70 -18.51
C PHE C 319 6.60 -11.44 -18.54
N ASP C 320 6.20 -10.17 -18.47
CA ASP C 320 4.82 -9.87 -18.18
C ASP C 320 3.89 -9.64 -19.37
N THR C 321 4.43 -9.11 -20.46
CA THR C 321 3.62 -8.61 -21.56
C THR C 321 2.62 -9.59 -22.17
N PRO C 322 2.95 -10.90 -22.21
CA PRO C 322 1.98 -11.84 -22.79
C PRO C 322 0.62 -11.74 -22.10
N LEU C 323 0.63 -11.43 -20.81
CA LEU C 323 -0.61 -11.28 -20.05
C LEU C 323 -1.45 -10.09 -20.50
N MET C 324 -0.90 -9.27 -21.39
CA MET C 324 -1.60 -8.08 -21.86
C MET C 324 -2.31 -8.29 -23.18
N PHE C 325 -2.15 -9.48 -23.75
CA PHE C 325 -2.79 -9.82 -25.02
C PHE C 325 -4.31 -9.97 -24.84
N GLU C 326 -5.08 -9.59 -25.83
CA GLU C 326 -6.50 -9.87 -25.78
C GLU C 326 -6.74 -11.36 -25.90
N ALA C 327 -5.84 -12.04 -26.60
CA ALA C 327 -6.01 -13.47 -26.86
C ALA C 327 -4.67 -14.20 -26.93
N ASP C 328 -4.57 -15.33 -26.27
CA ASP C 328 -3.33 -16.11 -26.24
C ASP C 328 -3.35 -17.18 -27.33
N PRO C 329 -2.50 -17.03 -28.34
CA PRO C 329 -2.49 -17.93 -29.49
C PRO C 329 -1.45 -19.02 -29.35
N VAL C 330 -0.81 -19.11 -28.19
CA VAL C 330 0.30 -20.04 -28.00
C VAL C 330 -0.16 -21.39 -27.47
N ARG C 331 0.45 -22.45 -27.98
CA ARG C 331 0.18 -23.80 -27.53
C ARG C 331 1.40 -24.28 -26.75
N GLY C 332 1.20 -24.73 -25.50
CA GLY C 332 2.30 -25.14 -24.65
C GLY C 332 2.98 -23.94 -24.06
N GLY C 333 4.31 -24.04 -23.92
CA GLY C 333 5.13 -22.94 -23.43
C GLY C 333 4.96 -22.71 -21.94
N ILE C 334 5.59 -21.66 -21.43
CA ILE C 334 5.59 -21.35 -20.01
C ILE C 334 4.18 -21.10 -19.49
N VAL C 335 3.91 -21.51 -18.26
CA VAL C 335 2.61 -21.22 -17.65
C VAL C 335 2.75 -20.32 -16.41
N TYR C 336 1.86 -19.34 -16.34
CA TYR C 336 1.85 -18.39 -15.25
C TYR C 336 1.03 -18.96 -14.10
N GLN C 337 1.69 -19.10 -12.95
CA GLN C 337 1.01 -19.51 -11.72
C GLN C 337 0.77 -18.29 -10.84
N GLN C 338 0.26 -18.51 -9.62
CA GLN C 338 0.00 -17.39 -8.72
C GLN C 338 1.30 -16.80 -8.19
N ARG C 339 1.22 -15.53 -7.80
CA ARG C 339 2.38 -14.77 -7.31
C ARG C 339 3.34 -14.41 -8.46
N GLY C 340 2.93 -14.70 -9.69
CA GLY C 340 3.75 -14.40 -10.86
C GLY C 340 4.87 -15.40 -11.08
N ILE C 341 4.76 -16.57 -10.46
CA ILE C 341 5.75 -17.62 -10.65
C ILE C 341 5.57 -18.30 -12.00
N ILE C 342 6.68 -18.59 -12.67
CA ILE C 342 6.66 -19.15 -14.03
C ILE C 342 7.19 -20.57 -14.03
N GLU C 343 6.48 -21.45 -14.72
CA GLU C 343 6.94 -22.82 -14.91
C GLU C 343 7.40 -23.09 -16.35
N VAL C 344 8.55 -23.72 -16.50
CA VAL C 344 9.15 -23.96 -17.81
C VAL C 344 8.86 -25.35 -18.35
N PRO C 345 8.46 -25.45 -19.62
CA PRO C 345 8.18 -26.75 -20.26
C PRO C 345 9.34 -27.72 -20.11
N GLU C 346 9.03 -29.01 -20.01
CA GLU C 346 10.06 -30.01 -19.81
C GLU C 346 10.25 -30.94 -21.01
N THR C 347 9.34 -30.85 -21.97
CA THR C 347 9.40 -31.67 -23.17
C THR C 347 10.56 -31.23 -24.08
N ALA C 348 10.93 -32.07 -25.04
CA ALA C 348 12.03 -31.75 -25.94
C ALA C 348 11.79 -30.45 -26.75
N GLY C 349 12.87 -29.73 -27.02
CA GLY C 349 12.83 -28.48 -27.78
C GLY C 349 12.34 -27.26 -27.02
N LEU C 350 11.88 -26.25 -27.76
CA LEU C 350 11.39 -25.03 -27.15
C LEU C 350 10.23 -25.36 -26.22
N GLY C 351 9.44 -26.36 -26.61
CA GLY C 351 8.32 -26.78 -25.79
C GLY C 351 7.11 -25.89 -25.93
N ALA C 352 7.03 -25.20 -27.06
CA ALA C 352 5.88 -24.35 -27.38
C ALA C 352 5.68 -24.28 -28.87
N GLY C 353 4.48 -23.91 -29.27
CA GLY C 353 4.16 -23.71 -30.66
C GLY C 353 2.94 -22.82 -30.75
N TYR C 354 2.26 -22.82 -31.88
CA TYR C 354 1.05 -22.02 -32.01
C TYR C 354 -0.22 -22.85 -32.15
N GLN C 355 -1.29 -22.35 -31.53
CA GLN C 355 -2.59 -22.99 -31.57
C GLN C 355 -2.94 -23.43 -32.98
N LYS C 356 -3.73 -24.51 -33.08
CA LYS C 356 -4.14 -25.04 -34.38
C LYS C 356 -4.90 -23.99 -35.20
N ASP C 357 -4.49 -23.82 -36.45
CA ASP C 357 -5.11 -22.89 -37.37
C ASP C 357 -5.28 -21.44 -36.87
N TYR C 358 -4.49 -21.07 -35.88
CA TYR C 358 -4.26 -19.65 -35.63
C TYR C 358 -3.32 -19.12 -36.72
N LEU C 359 -2.26 -19.88 -36.98
CA LEU C 359 -1.30 -19.56 -38.03
C LEU C 359 -1.94 -19.48 -39.42
N SER C 360 -2.90 -20.34 -39.69
CA SER C 360 -3.49 -20.40 -41.03
C SER C 360 -4.31 -19.13 -41.35
N GLY C 361 -4.63 -18.36 -40.33
CA GLY C 361 -5.37 -17.14 -40.52
C GLY C 361 -4.48 -15.91 -40.70
N LEU C 362 -3.18 -16.11 -40.52
CA LEU C 362 -2.21 -15.03 -40.57
C LEU C 362 -1.67 -14.80 -41.99
N GLU C 363 -1.28 -13.57 -42.29
CA GLU C 363 -0.58 -13.26 -43.53
C GLU C 363 0.77 -13.96 -43.48
N LYS C 364 1.08 -14.77 -44.49
CA LYS C 364 2.29 -15.56 -44.44
C LYS C 364 3.03 -15.60 -45.76
N ILE C 365 4.32 -15.93 -45.69
CA ILE C 365 5.06 -16.16 -46.89
C ILE C 365 5.85 -17.42 -46.66
N CYS C 366 6.30 -18.05 -47.74
CA CYS C 366 6.89 -19.37 -47.63
C CYS C 366 8.16 -19.40 -48.47
N ILE C 367 9.30 -19.61 -47.84
CA ILE C 367 10.56 -19.58 -48.58
C ILE C 367 10.99 -20.99 -48.92
N ASN C 368 10.94 -21.28 -50.22
CA ASN C 368 11.05 -22.64 -50.76
C ASN C 368 9.88 -23.57 -50.51
N MET D 1 2.19 -38.71 -49.35
CA MET D 1 3.55 -39.22 -49.28
C MET D 1 3.58 -40.75 -49.28
N ILE D 2 4.32 -41.31 -50.22
CA ILE D 2 4.35 -42.75 -50.42
C ILE D 2 5.27 -43.43 -49.41
N ILE D 3 4.85 -44.60 -48.94
CA ILE D 3 5.67 -45.40 -48.05
C ILE D 3 6.66 -46.21 -48.87
N THR D 4 7.94 -46.06 -48.58
CA THR D 4 8.98 -46.67 -49.41
C THR D 4 9.66 -47.85 -48.77
N GLN D 5 9.78 -47.82 -47.45
CA GLN D 5 10.30 -48.97 -46.72
C GLN D 5 9.87 -48.95 -45.26
N VAL D 6 9.74 -50.13 -44.66
CA VAL D 6 9.49 -50.21 -43.23
C VAL D 6 10.49 -51.15 -42.58
N GLU D 7 10.98 -50.75 -41.43
CA GLU D 7 11.91 -51.57 -40.65
C GLU D 7 11.21 -52.05 -39.38
N LEU D 8 11.52 -53.27 -38.97
CA LEU D 8 10.98 -53.85 -37.75
C LEU D 8 12.12 -54.27 -36.84
N TYR D 9 11.99 -53.96 -35.54
CA TYR D 9 13.02 -54.28 -34.57
C TYR D 9 12.48 -55.12 -33.40
N LYS D 10 13.22 -56.15 -33.00
CA LYS D 10 12.92 -56.82 -31.71
C LYS D 10 13.62 -56.07 -30.59
N SER D 11 12.83 -55.51 -29.68
CA SER D 11 13.37 -54.66 -28.63
C SER D 11 13.09 -55.22 -27.22
N PRO D 12 13.98 -56.10 -26.74
CA PRO D 12 13.80 -56.70 -25.41
C PRO D 12 14.61 -55.92 -24.38
N VAL D 13 13.93 -55.32 -23.41
CA VAL D 13 14.62 -54.64 -22.32
C VAL D 13 14.15 -55.22 -20.98
N LYS D 14 15.12 -55.48 -20.10
CA LYS D 14 14.87 -56.15 -18.83
C LYS D 14 14.29 -55.19 -17.82
N LEU D 15 13.38 -55.70 -16.99
CA LEU D 15 12.79 -54.90 -15.92
C LEU D 15 13.63 -54.97 -14.62
N LYS D 16 13.60 -53.89 -13.84
CA LYS D 16 14.30 -53.87 -12.55
C LYS D 16 13.78 -54.99 -11.66
N GLU D 17 12.49 -54.94 -11.39
CA GLU D 17 11.81 -56.02 -10.68
C GLU D 17 10.85 -56.68 -11.64
N PRO D 18 10.70 -58.01 -11.57
CA PRO D 18 9.72 -58.70 -12.41
C PRO D 18 8.30 -58.19 -12.18
N PHE D 19 7.52 -58.13 -13.26
CA PHE D 19 6.15 -57.61 -13.26
C PHE D 19 5.19 -58.76 -13.13
N LYS D 20 4.27 -58.65 -12.16
CA LYS D 20 3.43 -59.78 -11.75
C LYS D 20 1.94 -59.44 -11.75
N ILE D 21 1.19 -60.16 -12.57
CA ILE D 21 -0.26 -60.07 -12.52
C ILE D 21 -0.87 -61.45 -12.29
N SER D 22 -2.18 -61.51 -12.09
CA SER D 22 -2.84 -62.76 -11.78
C SER D 22 -2.65 -63.80 -12.89
N LEU D 23 -2.35 -63.33 -14.09
CA LEU D 23 -2.26 -64.21 -15.24
C LEU D 23 -0.87 -64.81 -15.44
N GLY D 24 0.14 -64.21 -14.80
CA GLY D 24 1.52 -64.62 -14.99
C GLY D 24 2.57 -63.59 -14.61
N ILE D 25 3.83 -63.95 -14.86
CA ILE D 25 4.98 -63.13 -14.51
C ILE D 25 5.85 -62.78 -15.73
N LEU D 26 6.32 -61.55 -15.79
CA LEU D 26 7.18 -61.11 -16.91
C LEU D 26 8.46 -60.51 -16.41
N THR D 27 9.59 -60.94 -16.99
CA THR D 27 10.89 -60.38 -16.57
C THR D 27 11.42 -59.31 -17.53
N HIS D 28 10.90 -59.32 -18.74
CA HIS D 28 11.28 -58.35 -19.75
C HIS D 28 10.08 -57.67 -20.40
N ALA D 29 10.26 -56.45 -20.86
CA ALA D 29 9.34 -55.92 -21.85
C ALA D 29 9.88 -56.34 -23.22
N ASN D 30 9.36 -57.42 -23.77
CA ASN D 30 9.76 -57.84 -25.10
C ASN D 30 8.89 -57.18 -26.14
N ASN D 31 9.32 -55.99 -26.60
CA ASN D 31 8.56 -55.19 -27.53
C ASN D 31 8.99 -55.32 -29.00
N VAL D 32 8.11 -54.90 -29.90
CA VAL D 32 8.47 -54.82 -31.31
C VAL D 32 8.36 -53.37 -31.76
N ILE D 33 9.43 -52.87 -32.38
CA ILE D 33 9.44 -51.51 -32.89
C ILE D 33 9.20 -51.43 -34.40
N VAL D 34 8.48 -50.41 -34.84
CA VAL D 34 8.17 -50.26 -36.26
C VAL D 34 8.59 -48.86 -36.71
N ARG D 35 9.32 -48.80 -37.81
CA ARG D 35 9.66 -47.52 -38.46
C ARG D 35 9.19 -47.50 -39.90
N ILE D 36 8.32 -46.55 -40.23
CA ILE D 36 7.88 -46.36 -41.62
C ILE D 36 8.62 -45.19 -42.27
N HIS D 37 9.20 -45.45 -43.44
CA HIS D 37 9.90 -44.44 -44.24
C HIS D 37 9.04 -43.98 -45.41
N THR D 38 8.94 -42.68 -45.63
CA THR D 38 8.34 -42.14 -46.85
C THR D 38 9.40 -41.72 -47.88
N ALA D 39 8.96 -41.52 -49.12
CA ALA D 39 9.87 -41.08 -50.17
C ALA D 39 10.44 -39.70 -49.85
N SER D 40 9.62 -38.85 -49.22
CA SER D 40 10.06 -37.52 -48.82
C SER D 40 11.09 -37.55 -47.68
N GLY D 41 11.39 -38.74 -47.19
CA GLY D 41 12.39 -38.93 -46.14
C GLY D 41 11.92 -38.72 -44.72
N HIS D 42 10.60 -38.63 -44.51
CA HIS D 42 10.03 -38.57 -43.16
C HIS D 42 10.01 -39.96 -42.53
N ILE D 43 10.10 -40.01 -41.21
CA ILE D 43 10.06 -41.29 -40.51
C ILE D 43 9.02 -41.32 -39.41
N GLY D 44 8.13 -42.29 -39.46
CA GLY D 44 7.16 -42.51 -38.39
C GLY D 44 7.53 -43.68 -37.47
N TYR D 45 7.40 -43.48 -36.16
CA TYR D 45 7.69 -44.54 -35.20
C TYR D 45 6.43 -45.11 -34.60
N GLY D 46 6.45 -46.42 -34.37
CA GLY D 46 5.39 -47.06 -33.62
C GLY D 46 5.97 -48.22 -32.82
N GLU D 47 5.33 -48.56 -31.72
CA GLU D 47 5.81 -49.62 -30.84
C GLU D 47 4.63 -50.45 -30.41
N CYS D 48 4.88 -51.70 -30.05
CA CYS D 48 3.85 -52.53 -29.44
C CYS D 48 4.50 -53.49 -28.45
N SER D 49 3.72 -53.88 -27.44
CA SER D 49 4.24 -54.70 -26.36
C SER D 49 3.38 -55.95 -26.18
N PRO D 50 3.62 -56.97 -27.00
CA PRO D 50 2.80 -58.18 -26.92
C PRO D 50 2.81 -58.79 -25.52
N PHE D 51 1.62 -59.16 -25.07
CA PHE D 51 1.38 -59.85 -23.81
C PHE D 51 0.71 -61.17 -24.15
N MET D 52 1.44 -62.27 -24.11
CA MET D 52 0.89 -63.53 -24.57
C MET D 52 -0.49 -63.87 -23.99
N THR D 53 -0.68 -63.63 -22.70
CA THR D 53 -1.92 -64.03 -22.00
C THR D 53 -3.14 -63.12 -22.21
N ILE D 54 -2.95 -62.03 -22.95
CA ILE D 54 -4.04 -61.09 -23.21
C ILE D 54 -4.22 -60.78 -24.69
N HIS D 55 -3.13 -60.44 -25.36
CA HIS D 55 -3.19 -60.18 -26.80
C HIS D 55 -3.29 -61.48 -27.57
N GLY D 56 -2.61 -62.50 -27.06
CA GLY D 56 -2.47 -63.75 -27.80
C GLY D 56 -1.40 -63.60 -28.85
N GLU D 57 -0.48 -62.67 -28.61
CA GLU D 57 0.66 -62.47 -29.48
C GLU D 57 1.92 -62.48 -28.63
N SER D 58 3.07 -62.68 -29.27
CA SER D 58 4.36 -62.55 -28.61
C SER D 58 5.28 -61.67 -29.43
N MET D 59 6.42 -61.32 -28.87
CA MET D 59 7.39 -60.57 -29.64
C MET D 59 7.74 -61.34 -30.91
N ASP D 60 7.82 -62.65 -30.81
CA ASP D 60 8.14 -63.46 -31.97
C ASP D 60 7.04 -63.41 -33.04
N THR D 61 5.79 -63.54 -32.66
CA THR D 61 4.70 -63.51 -33.67
C THR D 61 4.55 -62.11 -34.24
N ALA D 62 4.67 -61.11 -33.38
CA ALA D 62 4.55 -59.72 -33.85
C ALA D 62 5.59 -59.44 -34.93
N PHE D 63 6.81 -59.87 -34.68
CA PHE D 63 7.91 -59.63 -35.60
C PHE D 63 7.67 -60.25 -36.98
N ILE D 64 6.89 -61.32 -37.05
CA ILE D 64 6.61 -61.98 -38.33
C ILE D 64 5.38 -61.40 -38.99
N VAL D 65 4.30 -61.26 -38.25
CA VAL D 65 3.07 -60.76 -38.82
C VAL D 65 3.35 -59.35 -39.34
N GLY D 66 4.14 -58.60 -38.57
CA GLY D 66 4.53 -57.26 -38.97
C GLY D 66 5.12 -57.23 -40.36
N GLN D 67 5.87 -58.25 -40.73
CA GLN D 67 6.43 -58.33 -42.07
C GLN D 67 5.34 -58.49 -43.14
N TYR D 68 4.33 -59.30 -42.86
CA TYR D 68 3.20 -59.44 -43.77
C TYR D 68 2.58 -58.07 -43.96
N LEU D 69 2.36 -57.36 -42.86
CA LEU D 69 1.78 -56.03 -42.91
C LEU D 69 2.61 -55.04 -43.73
N ALA D 70 3.89 -54.91 -43.39
CA ALA D 70 4.80 -54.05 -44.11
C ALA D 70 4.70 -54.27 -45.62
N LYS D 71 4.75 -55.52 -46.05
CA LYS D 71 4.69 -55.81 -47.48
C LYS D 71 3.46 -55.14 -48.12
N GLY D 72 2.32 -55.22 -47.46
CA GLY D 72 1.10 -54.67 -48.00
C GLY D 72 1.06 -53.16 -48.01
N LEU D 73 1.77 -52.55 -47.07
CA LEU D 73 1.79 -51.09 -46.97
C LEU D 73 2.79 -50.41 -47.91
N ILE D 74 3.75 -51.16 -48.45
CA ILE D 74 4.72 -50.58 -49.35
C ILE D 74 4.02 -50.12 -50.61
N GLY D 75 4.21 -48.84 -50.95
CA GLY D 75 3.63 -48.27 -52.15
C GLY D 75 2.39 -47.44 -51.88
N THR D 76 1.83 -47.57 -50.68
CA THR D 76 0.60 -46.85 -50.33
C THR D 76 0.91 -45.48 -49.75
N SER D 77 -0.13 -44.68 -49.55
CA SER D 77 0.06 -43.34 -49.01
C SER D 77 -0.14 -43.36 -47.51
N CYS D 78 0.90 -42.98 -46.78
CA CYS D 78 0.85 -42.95 -45.33
C CYS D 78 -0.26 -42.06 -44.78
N LEU D 79 -0.85 -41.23 -45.63
CA LEU D 79 -1.91 -40.33 -45.16
C LEU D 79 -3.29 -40.99 -45.11
N ASP D 80 -3.45 -42.05 -45.90
CA ASP D 80 -4.73 -42.79 -45.96
C ASP D 80 -4.81 -43.76 -44.80
N ILE D 81 -4.87 -43.23 -43.58
CA ILE D 81 -4.85 -44.06 -42.40
C ILE D 81 -5.96 -45.10 -42.38
N VAL D 82 -7.18 -44.69 -42.67
CA VAL D 82 -8.31 -45.62 -42.72
C VAL D 82 -8.14 -46.72 -43.78
N SER D 83 -7.87 -46.31 -45.02
CA SER D 83 -7.61 -47.25 -46.10
C SER D 83 -6.56 -48.30 -45.73
N ASN D 84 -5.48 -47.86 -45.09
CA ASN D 84 -4.38 -48.74 -44.71
C ASN D 84 -4.70 -49.64 -43.53
N SER D 85 -5.40 -49.11 -42.54
CA SER D 85 -5.83 -49.93 -41.43
C SER D 85 -6.67 -51.07 -41.98
N LEU D 86 -7.47 -50.75 -42.98
CA LEU D 86 -8.35 -51.73 -43.60
C LEU D 86 -7.57 -52.74 -44.42
N LEU D 87 -6.50 -52.27 -45.06
CA LEU D 87 -5.61 -53.11 -45.82
C LEU D 87 -4.91 -54.15 -44.94
N MET D 88 -4.53 -53.73 -43.74
CA MET D 88 -3.94 -54.66 -42.80
C MET D 88 -4.95 -55.71 -42.39
N ASP D 89 -6.16 -55.27 -42.07
CA ASP D 89 -7.22 -56.20 -41.67
C ASP D 89 -7.51 -57.24 -42.77
N ALA D 90 -7.40 -56.83 -44.02
CA ALA D 90 -7.65 -57.74 -45.12
C ALA D 90 -6.54 -58.75 -45.27
N ILE D 91 -5.35 -58.43 -44.76
CA ILE D 91 -4.19 -59.34 -44.81
C ILE D 91 -4.29 -60.40 -43.74
N ILE D 92 -4.60 -60.00 -42.51
CA ILE D 92 -4.70 -60.94 -41.41
C ILE D 92 -5.68 -60.51 -40.33
N TYR D 93 -6.50 -61.44 -39.85
CA TYR D 93 -7.46 -61.16 -38.80
C TYR D 93 -6.78 -61.03 -37.43
N GLY D 94 -7.44 -60.35 -36.51
CA GLY D 94 -6.86 -60.11 -35.20
C GLY D 94 -5.50 -59.43 -35.25
N ASN D 95 -4.58 -59.94 -34.44
CA ASN D 95 -3.24 -59.39 -34.35
C ASN D 95 -3.23 -57.88 -34.12
N SER D 96 -4.14 -57.39 -33.28
CA SER D 96 -4.25 -55.97 -32.99
C SER D 96 -2.94 -55.39 -32.47
N CYS D 97 -2.26 -56.12 -31.60
CA CYS D 97 -1.04 -55.59 -31.01
C CYS D 97 -0.06 -55.05 -32.06
N ILE D 98 0.45 -55.91 -32.91
CA ILE D 98 1.35 -55.46 -33.94
C ILE D 98 0.68 -54.40 -34.83
N LYS D 99 -0.57 -54.63 -35.23
CA LYS D 99 -1.30 -53.65 -36.02
C LYS D 99 -1.25 -52.25 -35.43
N SER D 100 -1.47 -52.14 -34.12
CA SER D 100 -1.44 -50.85 -33.44
C SER D 100 -0.10 -50.11 -33.66
N ALA D 101 1.01 -50.84 -33.61
CA ALA D 101 2.30 -50.23 -33.88
C ALA D 101 2.33 -49.56 -35.26
N PHE D 102 1.82 -50.24 -36.29
CA PHE D 102 1.79 -49.65 -37.61
C PHE D 102 0.86 -48.46 -37.62
N ASN D 103 -0.29 -48.63 -37.00
CA ASN D 103 -1.27 -47.55 -36.97
C ASN D 103 -0.67 -46.31 -36.29
N ILE D 104 -0.05 -46.50 -35.13
CA ILE D 104 0.58 -45.38 -34.43
C ILE D 104 1.62 -44.66 -35.30
N ALA D 105 2.50 -45.42 -35.96
CA ALA D 105 3.47 -44.83 -36.86
C ALA D 105 2.84 -44.01 -38.01
N LEU D 106 1.82 -44.56 -38.64
CA LEU D 106 1.07 -43.82 -39.64
C LEU D 106 0.56 -42.48 -39.09
N TYR D 107 -0.02 -42.47 -37.90
CA TYR D 107 -0.45 -41.20 -37.32
C TYR D 107 0.72 -40.26 -37.09
N ASP D 108 1.84 -40.82 -36.72
CA ASP D 108 3.03 -40.01 -36.52
C ASP D 108 3.28 -39.26 -37.81
N LEU D 109 3.41 -40.01 -38.91
CA LEU D 109 3.63 -39.42 -40.22
C LEU D 109 2.57 -38.36 -40.54
N ALA D 110 1.30 -38.67 -40.27
CA ALA D 110 0.22 -37.77 -40.60
C ALA D 110 0.36 -36.46 -39.89
N ALA D 111 0.58 -36.54 -38.58
CA ALA D 111 0.75 -35.35 -37.77
C ALA D 111 2.00 -34.55 -38.22
N GLN D 112 3.07 -35.26 -38.57
CA GLN D 112 4.25 -34.59 -39.08
C GLN D 112 3.94 -33.78 -40.33
N HIS D 113 3.08 -34.33 -41.17
CA HIS D 113 2.75 -33.72 -42.45
C HIS D 113 1.89 -32.49 -42.24
N ALA D 114 1.16 -32.49 -41.13
CA ALA D 114 0.29 -31.37 -40.80
C ALA D 114 1.02 -30.36 -39.93
N GLY D 115 2.24 -30.70 -39.50
CA GLY D 115 3.02 -29.81 -38.68
C GLY D 115 2.40 -29.59 -37.30
N LEU D 116 1.75 -30.62 -36.79
CA LEU D 116 1.16 -30.58 -35.46
C LEU D 116 1.67 -31.75 -34.61
N PRO D 117 1.75 -31.54 -33.29
CA PRO D 117 1.90 -32.69 -32.40
C PRO D 117 0.65 -33.58 -32.49
N LEU D 118 0.82 -34.88 -32.27
CA LEU D 118 -0.27 -35.84 -32.44
C LEU D 118 -1.56 -35.39 -31.77
N TYR D 119 -1.47 -34.98 -30.50
CA TYR D 119 -2.67 -34.64 -29.76
C TYR D 119 -3.49 -33.53 -30.42
N ALA D 120 -2.78 -32.54 -30.95
CA ALA D 120 -3.45 -31.47 -31.68
C ALA D 120 -4.01 -31.99 -33.00
N PHE D 121 -3.27 -32.87 -33.66
CA PHE D 121 -3.73 -33.41 -34.92
C PHE D 121 -5.02 -34.18 -34.73
N LEU D 122 -5.21 -34.71 -33.52
CA LEU D 122 -6.38 -35.53 -33.22
C LEU D 122 -7.55 -34.70 -32.69
N GLY D 123 -7.36 -33.38 -32.63
CA GLY D 123 -8.41 -32.49 -32.17
C GLY D 123 -8.44 -32.30 -30.66
N GLY D 124 -7.36 -32.69 -29.98
CA GLY D 124 -7.26 -32.52 -28.56
C GLY D 124 -6.56 -31.24 -28.15
N LYS D 125 -6.47 -31.00 -26.85
CA LYS D 125 -5.83 -29.80 -26.33
C LYS D 125 -5.38 -30.03 -24.89
N LYS D 126 -4.38 -29.29 -24.46
CA LYS D 126 -3.85 -29.45 -23.11
C LYS D 126 -4.67 -28.68 -22.09
N ASP D 127 -5.80 -29.26 -21.68
CA ASP D 127 -6.68 -28.57 -20.75
C ASP D 127 -6.88 -29.35 -19.46
N LYS D 128 -5.95 -30.24 -19.16
CA LYS D 128 -6.02 -31.04 -17.93
C LYS D 128 -4.65 -31.63 -17.58
N ILE D 129 -4.48 -31.97 -16.30
CA ILE D 129 -3.24 -32.59 -15.86
C ILE D 129 -3.33 -34.11 -16.01
N ILE D 130 -2.30 -34.69 -16.60
CA ILE D 130 -2.23 -36.13 -16.75
C ILE D 130 -1.39 -36.68 -15.60
N GLN D 131 -2.02 -37.49 -14.76
CA GLN D 131 -1.33 -38.05 -13.61
C GLN D 131 -1.40 -39.58 -13.57
N THR D 132 -0.24 -40.21 -13.60
CA THR D 132 -0.19 -41.66 -13.62
C THR D 132 -0.24 -42.27 -12.22
N ASP D 133 -0.78 -43.48 -12.14
CA ASP D 133 -0.69 -44.28 -10.95
C ASP D 133 0.62 -45.01 -11.03
N TYR D 134 0.87 -45.91 -10.09
CA TYR D 134 2.00 -46.81 -10.20
C TYR D 134 1.55 -48.16 -9.68
N THR D 135 2.06 -49.23 -10.28
CA THR D 135 1.50 -50.57 -10.07
C THR D 135 2.28 -51.40 -9.06
N VAL D 136 1.56 -51.98 -8.10
CA VAL D 136 2.14 -52.96 -7.20
C VAL D 136 1.85 -54.35 -7.72
N SER D 137 2.90 -55.07 -8.12
CA SER D 137 2.75 -56.44 -8.62
C SER D 137 2.13 -57.35 -7.57
N ILE D 138 1.41 -58.37 -8.04
CA ILE D 138 0.76 -59.31 -7.13
C ILE D 138 1.77 -60.27 -6.49
N ASP D 139 1.87 -60.21 -5.16
CA ASP D 139 2.87 -60.98 -4.43
C ASP D 139 2.34 -61.37 -3.04
N GLU D 140 3.24 -61.81 -2.17
CA GLU D 140 2.96 -62.01 -0.76
C GLU D 140 2.64 -60.64 -0.10
N PRO D 141 1.60 -60.57 0.75
CA PRO D 141 1.07 -59.28 1.25
C PRO D 141 2.09 -58.36 1.91
N HIS D 142 3.08 -58.87 2.64
CA HIS D 142 4.11 -58.00 3.20
C HIS D 142 4.90 -57.30 2.10
N LYS D 143 5.37 -58.10 1.13
CA LYS D 143 6.07 -57.59 -0.04
C LYS D 143 5.26 -56.48 -0.72
N MET D 144 3.98 -56.73 -0.94
CA MET D 144 3.11 -55.76 -1.58
C MET D 144 2.99 -54.48 -0.78
N ALA D 145 2.86 -54.60 0.53
CA ALA D 145 2.78 -53.42 1.38
C ALA D 145 4.08 -52.62 1.31
N ALA D 146 5.21 -53.33 1.31
CA ALA D 146 6.52 -52.68 1.25
C ALA D 146 6.63 -51.80 0.00
N ASP D 147 6.26 -52.40 -1.13
CA ASP D 147 6.24 -51.73 -2.43
C ASP D 147 5.29 -50.53 -2.42
N ALA D 148 4.11 -50.69 -1.82
CA ALA D 148 3.16 -49.59 -1.73
C ALA D 148 3.78 -48.40 -1.00
N VAL D 149 4.51 -48.69 0.07
CA VAL D 149 5.20 -47.65 0.82
C VAL D 149 6.24 -46.95 -0.04
N GLN D 150 7.16 -47.72 -0.61
CA GLN D 150 8.19 -47.17 -1.50
C GLN D 150 7.60 -46.28 -2.59
N ILE D 151 6.46 -46.69 -3.13
CA ILE D 151 5.75 -45.92 -4.16
C ILE D 151 5.25 -44.57 -3.64
N LYS D 152 4.66 -44.57 -2.45
CA LYS D 152 4.18 -43.33 -1.83
C LYS D 152 5.37 -42.40 -1.52
N LYS D 153 6.47 -43.01 -1.08
CA LYS D 153 7.72 -42.32 -0.77
C LYS D 153 8.29 -41.63 -2.01
N ASN D 154 8.20 -42.31 -3.15
CA ASN D 154 8.65 -41.74 -4.42
C ASN D 154 7.78 -40.59 -4.94
N GLY D 155 6.64 -40.35 -4.28
CA GLY D 155 5.81 -39.19 -4.58
C GLY D 155 4.52 -39.46 -5.33
N PHE D 156 4.31 -40.71 -5.73
CA PHE D 156 3.10 -41.07 -6.46
C PHE D 156 1.86 -40.96 -5.59
N GLU D 157 0.79 -40.42 -6.15
CA GLU D 157 -0.42 -40.13 -5.37
C GLU D 157 -1.58 -41.09 -5.67
N ILE D 158 -1.38 -41.95 -6.66
CA ILE D 158 -2.37 -42.96 -7.02
C ILE D 158 -1.66 -44.32 -7.11
N ILE D 159 -2.20 -45.34 -6.44
CA ILE D 159 -1.62 -46.67 -6.49
C ILE D 159 -2.54 -47.69 -7.16
N LYS D 160 -1.98 -48.44 -8.11
CA LYS D 160 -2.74 -49.50 -8.77
C LYS D 160 -2.27 -50.85 -8.27
N VAL D 161 -3.18 -51.58 -7.63
CA VAL D 161 -2.82 -52.86 -7.01
C VAL D 161 -3.34 -54.04 -7.83
N LYS D 162 -2.44 -54.99 -8.09
CA LYS D 162 -2.83 -56.21 -8.79
C LYS D 162 -3.33 -57.28 -7.82
N VAL D 163 -4.62 -57.59 -7.96
CA VAL D 163 -5.22 -58.67 -7.19
C VAL D 163 -5.69 -59.77 -8.16
N GLY D 164 -6.41 -60.75 -7.63
CA GLY D 164 -6.91 -61.86 -8.41
C GLY D 164 -6.64 -63.23 -7.81
N GLY D 165 -6.12 -63.24 -6.58
CA GLY D 165 -5.89 -64.47 -5.85
C GLY D 165 -7.19 -64.95 -5.21
N SER D 166 -7.06 -65.73 -4.13
CA SER D 166 -8.21 -66.15 -3.34
C SER D 166 -8.85 -64.95 -2.61
N LYS D 167 -10.13 -65.09 -2.24
CA LYS D 167 -10.82 -64.01 -1.52
C LYS D 167 -10.09 -63.58 -0.24
N GLU D 168 -9.71 -64.57 0.58
CA GLU D 168 -8.97 -64.30 1.80
C GLU D 168 -7.71 -63.49 1.53
N LEU D 169 -6.93 -63.94 0.55
CA LEU D 169 -5.60 -63.40 0.31
C LEU D 169 -5.61 -61.99 -0.28
N ASP D 170 -6.60 -61.71 -1.13
CA ASP D 170 -6.70 -60.38 -1.74
C ASP D 170 -7.12 -59.35 -0.71
N VAL D 171 -8.01 -59.75 0.19
CA VAL D 171 -8.43 -58.87 1.27
C VAL D 171 -7.26 -58.56 2.20
N GLU D 172 -6.46 -59.58 2.50
CA GLU D 172 -5.31 -59.36 3.36
C GLU D 172 -4.33 -58.41 2.68
N ARG D 173 -4.17 -58.57 1.37
CA ARG D 173 -3.31 -57.70 0.58
C ARG D 173 -3.75 -56.23 0.69
N ILE D 174 -5.02 -55.95 0.39
CA ILE D 174 -5.52 -54.58 0.42
C ILE D 174 -5.43 -53.96 1.81
N ARG D 175 -5.79 -54.74 2.83
CA ARG D 175 -5.71 -54.26 4.21
C ARG D 175 -4.28 -53.87 4.54
N MET D 176 -3.36 -54.83 4.48
CA MET D 176 -1.96 -54.58 4.80
C MET D 176 -1.37 -53.37 4.07
N ILE D 177 -1.93 -53.06 2.91
CA ILE D 177 -1.50 -51.90 2.13
C ILE D 177 -2.13 -50.62 2.70
N ARG D 178 -3.44 -50.66 2.95
CA ARG D 178 -4.13 -49.51 3.53
C ARG D 178 -3.56 -49.22 4.91
N GLU D 179 -3.13 -50.30 5.57
CA GLU D 179 -2.57 -50.24 6.91
C GLU D 179 -1.17 -49.61 6.90
N ALA D 180 -0.45 -49.81 5.80
CA ALA D 180 0.94 -49.37 5.72
C ALA D 180 1.18 -48.14 4.84
N ALA D 181 0.11 -47.54 4.32
CA ALA D 181 0.30 -46.41 3.42
C ALA D 181 -0.73 -45.29 3.61
N GLY D 182 -1.80 -45.58 4.35
CA GLY D 182 -2.75 -44.53 4.68
C GLY D 182 -4.07 -44.68 3.95
N ASP D 183 -5.02 -43.82 4.29
CA ASP D 183 -6.37 -43.92 3.74
C ASP D 183 -6.65 -42.78 2.78
N SER D 184 -5.68 -41.87 2.68
CA SER D 184 -5.86 -40.66 1.88
C SER D 184 -5.33 -40.81 0.45
N ILE D 185 -4.30 -41.65 0.30
CA ILE D 185 -3.76 -41.96 -1.01
C ILE D 185 -4.82 -42.75 -1.79
N THR D 186 -5.15 -42.28 -2.99
CA THR D 186 -6.19 -42.93 -3.78
C THR D 186 -5.64 -44.24 -4.36
N LEU D 187 -6.39 -45.34 -4.24
CA LEU D 187 -5.96 -46.59 -4.85
C LEU D 187 -7.03 -47.35 -5.66
N ARG D 188 -6.58 -47.97 -6.74
CA ARG D 188 -7.44 -48.70 -7.67
C ARG D 188 -6.88 -50.12 -7.81
N ILE D 189 -7.75 -51.09 -8.13
CA ILE D 189 -7.32 -52.47 -8.19
C ILE D 189 -7.63 -53.14 -9.52
N ASP D 190 -6.93 -54.24 -9.79
CA ASP D 190 -6.98 -54.91 -11.09
C ASP D 190 -6.80 -56.43 -10.89
N ALA D 191 -7.83 -57.19 -11.22
CA ALA D 191 -7.79 -58.64 -11.01
C ALA D 191 -7.30 -59.42 -12.22
N ASN D 192 -7.32 -58.78 -13.39
CA ASN D 192 -6.97 -59.45 -14.62
C ASN D 192 -7.68 -60.79 -14.76
N GLN D 193 -9.01 -60.75 -14.66
CA GLN D 193 -9.85 -61.94 -14.88
C GLN D 193 -9.63 -63.02 -13.82
N GLY D 194 -9.05 -62.66 -12.67
CA GLY D 194 -8.60 -63.64 -11.69
C GLY D 194 -9.65 -64.36 -10.86
N TRP D 195 -10.83 -63.75 -10.70
CA TRP D 195 -11.89 -64.28 -9.83
C TRP D 195 -13.02 -64.94 -10.62
N SER D 196 -13.73 -65.85 -9.97
CA SER D 196 -15.00 -66.35 -10.49
C SER D 196 -16.08 -65.34 -10.17
N VAL D 197 -17.22 -65.42 -10.84
CA VAL D 197 -18.30 -64.48 -10.58
C VAL D 197 -18.56 -64.40 -9.08
N GLU D 198 -18.58 -65.56 -8.44
CA GLU D 198 -18.82 -65.64 -7.01
C GLU D 198 -17.78 -64.88 -6.20
N THR D 199 -16.54 -65.37 -6.25
CA THR D 199 -15.45 -64.77 -5.50
C THR D 199 -15.36 -63.27 -5.74
N ALA D 200 -15.70 -62.84 -6.96
CA ALA D 200 -15.61 -61.44 -7.31
C ALA D 200 -16.50 -60.62 -6.39
N ILE D 201 -17.77 -60.99 -6.36
CA ILE D 201 -18.79 -60.29 -5.57
C ILE D 201 -18.49 -60.31 -4.06
N GLU D 202 -18.09 -61.47 -3.55
CA GLU D 202 -17.70 -61.59 -2.14
C GLU D 202 -16.47 -60.73 -1.79
N THR D 203 -15.46 -60.78 -2.65
CA THR D 203 -14.25 -60.04 -2.41
C THR D 203 -14.46 -58.52 -2.60
N LEU D 204 -15.36 -58.15 -3.51
CA LEU D 204 -15.59 -56.74 -3.77
C LEU D 204 -16.44 -56.04 -2.72
N THR D 205 -17.35 -56.77 -2.07
CA THR D 205 -18.10 -56.20 -0.95
C THR D 205 -17.25 -56.22 0.31
N LEU D 206 -16.36 -57.22 0.41
CA LEU D 206 -15.39 -57.28 1.50
C LEU D 206 -14.29 -56.20 1.43
N LEU D 207 -14.16 -55.56 0.26
CA LEU D 207 -13.11 -54.55 0.07
C LEU D 207 -13.63 -53.11 0.13
N GLU D 208 -14.94 -52.95 -0.04
CA GLU D 208 -15.58 -51.63 -0.02
C GLU D 208 -15.13 -50.73 1.13
N PRO D 209 -15.02 -51.30 2.35
CA PRO D 209 -14.52 -50.55 3.51
C PRO D 209 -13.21 -49.81 3.25
N TYR D 210 -12.31 -50.41 2.48
CA TYR D 210 -10.99 -49.83 2.27
C TYR D 210 -10.94 -48.73 1.19
N ASN D 211 -12.12 -48.29 0.74
CA ASN D 211 -12.25 -47.15 -0.17
C ASN D 211 -11.39 -47.29 -1.42
N ILE D 212 -11.80 -48.16 -2.33
CA ILE D 212 -11.03 -48.32 -3.56
C ILE D 212 -11.75 -47.66 -4.74
N GLN D 213 -10.97 -47.00 -5.61
CA GLN D 213 -11.50 -46.13 -6.65
C GLN D 213 -12.30 -46.85 -7.75
N HIS D 214 -11.74 -47.96 -8.26
CA HIS D 214 -12.44 -48.84 -9.18
C HIS D 214 -11.66 -50.15 -9.35
N CYS D 215 -12.33 -51.16 -9.87
CA CYS D 215 -11.69 -52.46 -10.05
C CYS D 215 -11.71 -52.87 -11.52
N GLU D 216 -10.55 -53.22 -12.05
CA GLU D 216 -10.43 -53.63 -13.45
C GLU D 216 -10.65 -55.12 -13.61
N GLU D 217 -11.46 -55.46 -14.62
CA GLU D 217 -11.62 -56.83 -15.10
C GLU D 217 -11.58 -57.87 -13.97
N PRO D 218 -12.66 -57.96 -13.18
CA PRO D 218 -12.72 -58.88 -12.04
C PRO D 218 -12.84 -60.35 -12.46
N VAL D 219 -13.49 -60.63 -13.59
CA VAL D 219 -13.69 -62.00 -14.00
C VAL D 219 -13.25 -62.25 -15.45
N SER D 220 -13.18 -63.52 -15.83
CA SER D 220 -12.87 -63.91 -17.20
C SER D 220 -13.58 -63.06 -18.24
N ARG D 221 -12.84 -62.72 -19.30
CA ARG D 221 -13.38 -61.92 -20.41
C ARG D 221 -14.48 -62.68 -21.12
N ASN D 222 -14.49 -63.99 -20.97
CA ASN D 222 -15.55 -64.83 -21.55
C ASN D 222 -16.86 -64.70 -20.78
N LEU D 223 -16.77 -64.22 -19.54
CA LEU D 223 -17.94 -64.10 -18.68
C LEU D 223 -18.47 -62.67 -18.60
N TYR D 224 -18.18 -61.86 -19.60
CA TYR D 224 -18.57 -60.44 -19.57
C TYR D 224 -20.08 -60.27 -19.36
N THR D 225 -20.85 -61.29 -19.70
CA THR D 225 -22.30 -61.23 -19.55
C THR D 225 -22.72 -61.22 -18.08
N ALA D 226 -21.82 -61.70 -17.22
CA ALA D 226 -22.06 -61.70 -15.79
C ALA D 226 -21.64 -60.38 -15.18
N LEU D 227 -21.16 -59.46 -16.02
CA LEU D 227 -20.68 -58.18 -15.49
C LEU D 227 -21.80 -57.34 -14.90
N PRO D 228 -22.92 -57.21 -15.63
CA PRO D 228 -24.00 -56.38 -15.08
C PRO D 228 -24.40 -56.85 -13.67
N LYS D 229 -24.52 -58.16 -13.48
CA LYS D 229 -24.85 -58.69 -12.17
C LYS D 229 -23.86 -58.22 -11.10
N ILE D 230 -22.58 -58.23 -11.41
CA ILE D 230 -21.55 -57.84 -10.45
C ILE D 230 -21.58 -56.33 -10.18
N ARG D 231 -21.85 -55.55 -11.21
CA ARG D 231 -21.91 -54.10 -11.10
C ARG D 231 -22.98 -53.66 -10.11
N GLN D 232 -24.12 -54.36 -10.13
CA GLN D 232 -25.28 -54.02 -9.32
C GLN D 232 -25.15 -54.50 -7.89
N ALA D 233 -24.37 -55.55 -7.68
CA ALA D 233 -24.19 -56.11 -6.34
C ALA D 233 -23.04 -55.44 -5.57
N CYS D 234 -22.27 -54.60 -6.27
CA CYS D 234 -21.04 -54.07 -5.69
C CYS D 234 -20.97 -52.56 -5.79
N ARG D 235 -20.52 -51.96 -4.69
CA ARG D 235 -20.45 -50.50 -4.58
C ARG D 235 -19.26 -49.99 -5.37
N ILE D 236 -18.13 -50.67 -5.24
CA ILE D 236 -16.93 -50.36 -6.01
C ILE D 236 -17.23 -50.40 -7.51
N PRO D 237 -16.87 -49.32 -8.23
CA PRO D 237 -17.19 -49.33 -9.67
C PRO D 237 -16.26 -50.30 -10.38
N ILE D 238 -16.75 -50.95 -11.42
CA ILE D 238 -15.92 -51.89 -12.15
C ILE D 238 -15.57 -51.39 -13.55
N MET D 239 -14.30 -51.59 -13.91
CA MET D 239 -13.76 -51.10 -15.18
C MET D 239 -13.37 -52.28 -16.06
N ALA D 240 -13.96 -52.33 -17.26
CA ALA D 240 -13.65 -53.35 -18.25
C ALA D 240 -12.29 -53.07 -18.90
N ASP D 241 -11.42 -54.07 -18.88
CA ASP D 241 -10.14 -53.99 -19.58
C ASP D 241 -10.12 -55.00 -20.71
N GLU D 242 -9.71 -56.23 -20.43
CA GLU D 242 -9.67 -57.28 -21.44
C GLU D 242 -11.02 -57.43 -22.15
N SER D 243 -12.09 -57.17 -21.42
CA SER D 243 -13.44 -57.34 -21.96
C SER D 243 -13.80 -56.28 -22.96
N CYS D 244 -12.99 -55.21 -22.97
CA CYS D 244 -13.18 -54.08 -23.89
C CYS D 244 -11.94 -53.85 -24.76
N CYS D 245 -11.94 -54.43 -25.94
CA CYS D 245 -10.80 -54.30 -26.84
C CYS D 245 -11.09 -53.30 -27.95
N ASN D 246 -12.09 -53.58 -28.76
CA ASN D 246 -12.43 -52.71 -29.85
C ASN D 246 -13.78 -52.04 -29.61
N SER D 247 -14.25 -51.30 -30.61
CA SER D 247 -15.50 -50.55 -30.49
C SER D 247 -16.76 -51.44 -30.42
N PHE D 248 -16.77 -52.56 -31.14
CA PHE D 248 -17.89 -53.50 -31.02
C PHE D 248 -18.04 -54.02 -29.59
N ASP D 249 -16.91 -54.36 -28.96
CA ASP D 249 -16.91 -54.75 -27.56
C ASP D 249 -17.50 -53.65 -26.69
N ALA D 250 -17.11 -52.41 -26.96
CA ALA D 250 -17.55 -51.27 -26.15
C ALA D 250 -19.06 -51.16 -26.24
N GLU D 251 -19.57 -51.07 -27.46
CA GLU D 251 -20.99 -50.93 -27.72
C GLU D 251 -21.78 -52.00 -26.99
N ARG D 252 -21.32 -53.24 -27.11
CA ARG D 252 -21.99 -54.39 -26.50
C ARG D 252 -22.02 -54.24 -24.97
N LEU D 253 -20.91 -53.81 -24.37
CA LEU D 253 -20.82 -53.69 -22.92
C LEU D 253 -21.78 -52.63 -22.39
N ILE D 254 -21.86 -51.54 -23.15
CA ILE D 254 -22.76 -50.45 -22.84
C ILE D 254 -24.21 -50.91 -22.93
N GLN D 255 -24.52 -51.63 -24.00
CA GLN D 255 -25.87 -52.11 -24.28
C GLN D 255 -26.49 -52.93 -23.14
N ILE D 256 -25.66 -53.65 -22.41
CA ILE D 256 -26.15 -54.44 -21.28
C ILE D 256 -25.71 -53.86 -19.94
N GLN D 257 -25.23 -52.60 -19.96
CA GLN D 257 -24.78 -51.91 -18.76
C GLN D 257 -23.85 -52.75 -17.89
N ALA D 258 -22.75 -53.21 -18.50
CA ALA D 258 -21.86 -54.17 -17.88
C ALA D 258 -20.89 -53.54 -16.87
N CYS D 259 -20.54 -52.28 -17.06
CA CYS D 259 -19.48 -51.71 -16.27
C CYS D 259 -19.63 -50.21 -16.13
N ASP D 260 -18.88 -49.64 -15.19
CA ASP D 260 -18.94 -48.21 -14.92
C ASP D 260 -17.96 -47.43 -15.79
N SER D 261 -16.83 -48.05 -16.14
CA SER D 261 -15.80 -47.37 -16.91
C SER D 261 -14.96 -48.32 -17.79
N PHE D 262 -14.26 -47.75 -18.76
CA PHE D 262 -13.39 -48.51 -19.66
C PHE D 262 -11.93 -48.29 -19.37
N ASN D 263 -11.13 -49.31 -19.63
CA ASN D 263 -9.69 -49.13 -19.75
C ASN D 263 -9.28 -49.25 -21.21
N LEU D 264 -8.96 -48.11 -21.80
CA LEU D 264 -8.60 -48.02 -23.21
C LEU D 264 -7.09 -48.20 -23.41
N LYS D 265 -6.72 -49.13 -24.29
CA LYS D 265 -5.32 -49.33 -24.64
C LYS D 265 -5.19 -49.45 -26.17
N LEU D 266 -4.21 -48.75 -26.75
CA LEU D 266 -4.07 -48.72 -28.20
C LEU D 266 -3.84 -50.09 -28.84
N SER D 267 -3.09 -50.94 -28.17
CA SER D 267 -2.85 -52.29 -28.69
C SER D 267 -4.13 -53.15 -28.84
N LYS D 268 -5.09 -52.99 -27.93
CA LYS D 268 -6.31 -53.77 -28.00
C LYS D 268 -7.22 -53.31 -29.13
N SER D 269 -7.23 -51.99 -29.35
CA SER D 269 -8.05 -51.42 -30.40
C SER D 269 -7.36 -51.36 -31.77
N ALA D 270 -6.18 -51.97 -31.86
CA ALA D 270 -5.43 -52.06 -33.12
C ALA D 270 -4.97 -50.70 -33.63
N GLY D 271 -4.80 -49.78 -32.70
CA GLY D 271 -4.31 -48.45 -33.01
C GLY D 271 -5.20 -47.33 -32.52
N ILE D 272 -4.92 -46.14 -33.04
CA ILE D 272 -5.63 -44.93 -32.64
C ILE D 272 -7.01 -44.83 -33.31
N THR D 273 -7.05 -45.14 -34.60
CA THR D 273 -8.29 -45.03 -35.35
C THR D 273 -9.48 -45.56 -34.56
N ASN D 274 -9.40 -46.80 -34.11
CA ASN D 274 -10.52 -47.40 -33.42
C ASN D 274 -10.61 -46.98 -31.96
N ALA D 275 -9.49 -46.58 -31.37
CA ALA D 275 -9.53 -46.07 -30.01
C ALA D 275 -10.40 -44.81 -29.94
N LEU D 276 -10.36 -44.01 -31.00
CA LEU D 276 -11.22 -42.83 -31.11
C LEU D 276 -12.71 -43.20 -31.03
N ASN D 277 -13.13 -44.23 -31.77
CA ASN D 277 -14.52 -44.70 -31.73
C ASN D 277 -14.96 -45.09 -30.32
N ILE D 278 -14.12 -45.87 -29.63
CA ILE D 278 -14.40 -46.24 -28.25
C ILE D 278 -14.60 -44.98 -27.41
N ILE D 279 -13.73 -44.00 -27.58
CA ILE D 279 -13.82 -42.77 -26.79
C ILE D 279 -15.16 -42.09 -27.01
N ARG D 280 -15.53 -41.92 -28.28
CA ARG D 280 -16.82 -41.34 -28.66
C ARG D 280 -18.02 -42.06 -27.99
N LEU D 281 -17.99 -43.39 -28.00
CA LEU D 281 -19.03 -44.17 -27.36
C LEU D 281 -19.08 -43.89 -25.86
N ALA D 282 -17.91 -43.85 -25.24
CA ALA D 282 -17.83 -43.61 -23.80
C ALA D 282 -18.39 -42.21 -23.50
N GLU D 283 -18.15 -41.28 -24.44
CA GLU D 283 -18.68 -39.93 -24.32
C GLU D 283 -20.20 -39.97 -24.29
N GLN D 284 -20.77 -40.55 -25.33
CA GLN D 284 -22.22 -40.62 -25.49
C GLN D 284 -22.90 -41.36 -24.33
N ALA D 285 -22.12 -42.08 -23.53
CA ALA D 285 -22.70 -42.80 -22.40
C ALA D 285 -22.13 -42.30 -21.07
N HIS D 286 -21.54 -41.10 -21.10
CA HIS D 286 -21.01 -40.45 -19.90
C HIS D 286 -20.26 -41.45 -19.01
N MET D 287 -19.31 -42.15 -19.63
CA MET D 287 -18.52 -43.15 -18.94
C MET D 287 -17.08 -42.69 -18.86
N PRO D 288 -16.53 -42.58 -17.64
CA PRO D 288 -15.13 -42.20 -17.48
C PRO D 288 -14.22 -43.25 -18.13
N VAL D 289 -13.14 -42.80 -18.75
CA VAL D 289 -12.19 -43.71 -19.38
C VAL D 289 -10.79 -43.54 -18.76
N GLN D 290 -10.11 -44.67 -18.56
CA GLN D 290 -8.73 -44.67 -18.10
C GLN D 290 -7.91 -45.13 -19.27
N VAL D 291 -6.89 -44.37 -19.65
CA VAL D 291 -5.96 -44.84 -20.69
C VAL D 291 -4.78 -45.57 -20.05
N GLY D 292 -4.48 -46.75 -20.60
CA GLY D 292 -3.38 -47.56 -20.10
C GLY D 292 -2.51 -48.17 -21.18
N GLY D 293 -1.96 -49.34 -20.90
CA GLY D 293 -1.09 -50.02 -21.85
C GLY D 293 -0.46 -51.24 -21.22
N PHE D 294 0.60 -51.75 -21.83
CA PHE D 294 1.27 -52.92 -21.30
C PHE D 294 2.70 -52.58 -20.92
N LEU D 295 3.69 -53.17 -21.58
CA LEU D 295 5.08 -52.86 -21.27
C LEU D 295 5.77 -52.04 -22.37
N GLU D 296 4.98 -51.23 -23.08
CA GLU D 296 5.54 -50.30 -24.06
C GLU D 296 6.55 -49.40 -23.37
N SER D 297 7.57 -48.96 -24.11
CA SER D 297 8.52 -47.95 -23.62
C SER D 297 7.86 -46.58 -23.60
N ARG D 298 8.62 -45.55 -23.25
CA ARG D 298 8.01 -44.21 -23.23
C ARG D 298 7.48 -43.80 -24.62
N LEU D 299 7.98 -44.44 -25.68
CA LEU D 299 7.49 -44.09 -27.00
C LEU D 299 6.04 -44.51 -27.16
N GLY D 300 5.73 -45.74 -26.81
CA GLY D 300 4.39 -46.27 -26.88
C GLY D 300 3.46 -45.46 -26.01
N PHE D 301 3.90 -45.16 -24.80
CA PHE D 301 3.02 -44.44 -23.88
C PHE D 301 2.88 -42.98 -24.28
N THR D 302 3.85 -42.48 -25.05
CA THR D 302 3.71 -41.14 -25.58
C THR D 302 2.50 -41.08 -26.53
N ALA D 303 2.29 -42.15 -27.30
CA ALA D 303 1.12 -42.24 -28.16
C ALA D 303 -0.14 -42.24 -27.29
N ALA D 304 -0.12 -43.03 -26.23
CA ALA D 304 -1.26 -43.06 -25.31
C ALA D 304 -1.56 -41.67 -24.74
N ALA D 305 -0.49 -40.99 -24.32
CA ALA D 305 -0.65 -39.69 -23.69
C ALA D 305 -1.26 -38.65 -24.64
N HIS D 306 -0.88 -38.72 -25.90
CA HIS D 306 -1.46 -37.83 -26.91
C HIS D 306 -2.95 -38.10 -27.01
N VAL D 307 -3.31 -39.37 -27.11
CA VAL D 307 -4.70 -39.75 -27.29
C VAL D 307 -5.49 -39.31 -26.06
N ALA D 308 -4.83 -39.42 -24.91
CA ALA D 308 -5.44 -39.07 -23.63
C ALA D 308 -5.99 -37.65 -23.60
N LEU D 309 -5.43 -36.77 -24.41
CA LEU D 309 -5.83 -35.38 -24.39
C LEU D 309 -6.97 -35.10 -25.34
N VAL D 310 -7.50 -36.15 -25.96
CA VAL D 310 -8.50 -35.98 -27.01
C VAL D 310 -9.93 -35.70 -26.52
N SER D 311 -10.23 -36.08 -25.28
CA SER D 311 -11.59 -35.96 -24.76
C SER D 311 -11.61 -35.78 -23.25
N LYS D 312 -12.58 -35.01 -22.76
CA LYS D 312 -12.69 -34.74 -21.33
C LYS D 312 -13.22 -35.96 -20.56
N THR D 313 -13.75 -36.93 -21.28
CA THR D 313 -14.26 -38.13 -20.63
C THR D 313 -13.12 -39.00 -20.11
N ILE D 314 -11.94 -38.84 -20.71
CA ILE D 314 -10.74 -39.55 -20.25
C ILE D 314 -10.20 -38.81 -19.03
N CYS D 315 -9.96 -39.53 -17.93
CA CYS D 315 -9.58 -38.85 -16.70
C CYS D 315 -8.74 -39.68 -15.75
N TYR D 316 -8.44 -40.91 -16.12
CA TYR D 316 -7.52 -41.73 -15.33
C TYR D 316 -6.38 -42.19 -16.22
N TYR D 317 -5.21 -42.42 -15.63
CA TYR D 317 -4.03 -42.72 -16.42
C TYR D 317 -3.17 -43.77 -15.76
N ASP D 318 -2.82 -44.80 -16.52
CA ASP D 318 -1.93 -45.89 -16.09
C ASP D 318 -0.75 -45.95 -17.06
N PHE D 319 0.26 -45.11 -16.80
CA PHE D 319 1.38 -44.98 -17.71
C PHE D 319 2.67 -45.24 -16.98
N ASP D 320 2.69 -46.28 -16.15
CA ASP D 320 3.79 -46.45 -15.20
C ASP D 320 4.95 -47.33 -15.65
N THR D 321 4.66 -48.37 -16.41
CA THR D 321 5.64 -49.39 -16.72
C THR D 321 7.01 -48.94 -17.25
N PRO D 322 7.06 -47.86 -18.06
CA PRO D 322 8.37 -47.45 -18.57
C PRO D 322 9.37 -47.20 -17.46
N LEU D 323 8.88 -46.73 -16.32
CA LEU D 323 9.72 -46.50 -15.15
C LEU D 323 10.33 -47.78 -14.57
N MET D 324 9.88 -48.94 -15.04
CA MET D 324 10.37 -50.23 -14.55
C MET D 324 11.52 -50.78 -15.41
N PHE D 325 11.84 -50.09 -16.50
CA PHE D 325 12.91 -50.53 -17.39
C PHE D 325 14.26 -50.38 -16.70
N GLU D 326 15.19 -51.29 -16.97
CA GLU D 326 16.55 -51.09 -16.49
C GLU D 326 17.20 -49.90 -17.19
N ALA D 327 16.82 -49.68 -18.44
CA ALA D 327 17.39 -48.61 -19.25
C ALA D 327 16.36 -48.00 -20.18
N ASP D 328 16.31 -46.67 -20.24
CA ASP D 328 15.38 -45.94 -21.11
C ASP D 328 16.03 -45.63 -22.46
N PRO D 329 15.59 -46.31 -23.54
CA PRO D 329 16.18 -46.17 -24.87
C PRO D 329 15.47 -45.11 -25.72
N VAL D 330 14.54 -44.38 -25.13
CA VAL D 330 13.68 -43.48 -25.87
C VAL D 330 14.25 -42.06 -25.91
N ARG D 331 14.17 -41.43 -27.08
CA ARG D 331 14.59 -40.04 -27.26
C ARG D 331 13.36 -39.15 -27.38
N GLY D 332 13.29 -38.11 -26.56
CA GLY D 332 12.11 -37.27 -26.52
C GLY D 332 10.97 -37.91 -25.76
N GLY D 333 9.75 -37.76 -26.24
CA GLY D 333 8.60 -38.42 -25.66
C GLY D 333 8.14 -37.76 -24.39
N ILE D 334 7.13 -38.34 -23.73
CA ILE D 334 6.58 -37.81 -22.49
C ILE D 334 7.64 -37.81 -21.39
N VAL D 335 7.58 -36.80 -20.52
CA VAL D 335 8.50 -36.75 -19.39
C VAL D 335 7.77 -36.84 -18.06
N TYR D 336 8.29 -37.67 -17.16
CA TYR D 336 7.69 -37.84 -15.85
C TYR D 336 8.21 -36.77 -14.89
N GLN D 337 7.29 -36.02 -14.31
CA GLN D 337 7.63 -35.03 -13.31
C GLN D 337 7.24 -35.58 -11.94
N GLN D 338 7.38 -34.76 -10.90
CA GLN D 338 7.02 -35.21 -9.55
C GLN D 338 5.50 -35.38 -9.38
N ARG D 339 5.12 -36.21 -8.42
CA ARG D 339 3.71 -36.54 -8.18
C ARG D 339 3.13 -37.41 -9.29
N GLY D 340 4.00 -37.86 -10.19
CA GLY D 340 3.59 -38.70 -11.31
C GLY D 340 2.86 -37.96 -12.42
N ILE D 341 3.03 -36.64 -12.48
CA ILE D 341 2.42 -35.83 -13.53
C ILE D 341 3.21 -36.01 -14.82
N ILE D 342 2.49 -36.11 -15.94
CA ILE D 342 3.10 -36.36 -17.24
C ILE D 342 2.97 -35.16 -18.17
N GLU D 343 4.06 -34.81 -18.85
CA GLU D 343 4.03 -33.72 -19.83
C GLU D 343 4.16 -34.28 -21.23
N VAL D 344 3.30 -33.80 -22.14
CA VAL D 344 3.27 -34.28 -23.51
C VAL D 344 4.07 -33.41 -24.47
N PRO D 345 4.88 -34.03 -25.35
CA PRO D 345 5.72 -33.29 -26.30
C PRO D 345 4.88 -32.36 -27.17
N GLU D 346 5.47 -31.25 -27.59
CA GLU D 346 4.72 -30.26 -28.35
C GLU D 346 5.17 -30.19 -29.79
N THR D 347 6.24 -30.90 -30.10
CA THR D 347 6.81 -30.88 -31.42
C THR D 347 5.94 -31.67 -32.40
N ALA D 348 6.17 -31.48 -33.70
CA ALA D 348 5.33 -32.13 -34.70
C ALA D 348 5.47 -33.63 -34.61
N GLY D 349 4.37 -34.33 -34.89
CA GLY D 349 4.39 -35.78 -34.91
C GLY D 349 4.18 -36.42 -33.55
N LEU D 350 4.62 -37.68 -33.43
CA LEU D 350 4.57 -38.40 -32.15
C LEU D 350 5.36 -37.66 -31.11
N GLY D 351 6.46 -37.07 -31.52
CA GLY D 351 7.30 -36.30 -30.62
C GLY D 351 8.26 -37.19 -29.85
N ALA D 352 8.57 -38.35 -30.41
CA ALA D 352 9.46 -39.30 -29.76
C ALA D 352 10.09 -40.21 -30.78
N GLY D 353 11.27 -40.71 -30.46
CA GLY D 353 11.99 -41.63 -31.30
C GLY D 353 12.92 -42.43 -30.42
N TYR D 354 13.85 -43.14 -31.04
CA TYR D 354 14.78 -43.94 -30.25
C TYR D 354 16.18 -43.35 -30.22
N GLN D 355 16.85 -43.49 -29.08
CA GLN D 355 18.23 -43.04 -28.89
C GLN D 355 19.13 -43.48 -30.01
N LYS D 356 20.18 -42.69 -30.24
CA LYS D 356 21.05 -42.95 -31.38
C LYS D 356 21.76 -44.29 -31.20
N ASP D 357 21.76 -45.06 -32.29
CA ASP D 357 22.37 -46.40 -32.34
C ASP D 357 21.96 -47.36 -31.23
N TYR D 358 20.85 -47.07 -30.56
CA TYR D 358 20.18 -48.11 -29.78
C TYR D 358 19.56 -49.11 -30.76
N LEU D 359 18.89 -48.58 -31.78
CA LEU D 359 18.25 -49.40 -32.80
C LEU D 359 19.26 -50.24 -33.58
N SER D 360 20.44 -49.69 -33.83
CA SER D 360 21.39 -50.42 -34.66
C SER D 360 21.88 -51.68 -33.96
N GLY D 361 21.67 -51.77 -32.65
CA GLY D 361 22.11 -52.93 -31.88
C GLY D 361 21.06 -54.03 -31.83
N LEU D 362 19.85 -53.71 -32.27
CA LEU D 362 18.71 -54.60 -32.19
C LEU D 362 18.63 -55.55 -33.37
N GLU D 363 18.03 -56.71 -33.16
CA GLU D 363 17.75 -57.64 -34.26
C GLU D 363 16.67 -57.00 -35.13
N LYS D 364 16.94 -56.85 -36.42
CA LYS D 364 16.03 -56.11 -37.28
C LYS D 364 15.78 -56.79 -38.61
N ILE D 365 14.68 -56.43 -39.24
CA ILE D 365 14.45 -56.83 -40.62
C ILE D 365 13.94 -55.63 -41.35
N CYS D 366 14.05 -55.66 -42.66
CA CYS D 366 13.84 -54.47 -43.45
C CYS D 366 12.96 -54.86 -44.62
N ILE D 367 11.76 -54.30 -44.70
CA ILE D 367 10.85 -54.65 -45.79
C ILE D 367 10.93 -53.62 -46.90
N ASN D 368 11.48 -54.08 -48.02
CA ASN D 368 11.91 -53.24 -49.16
C ASN D 368 13.13 -52.36 -48.95
N MET E 1 -15.99 -45.00 38.77
CA MET E 1 -17.27 -44.41 39.16
C MET E 1 -17.43 -43.03 38.53
N ILE E 2 -18.54 -42.84 37.84
CA ILE E 2 -18.81 -41.61 37.09
C ILE E 2 -19.34 -40.50 37.99
N ILE E 3 -18.87 -39.28 37.77
CA ILE E 3 -19.34 -38.12 38.51
C ILE E 3 -20.63 -37.64 37.89
N THR E 4 -21.68 -37.55 38.71
CA THR E 4 -23.02 -37.26 38.17
C THR E 4 -23.48 -35.86 38.50
N GLN E 5 -23.07 -35.36 39.65
CA GLN E 5 -23.38 -33.97 40.00
C GLN E 5 -22.40 -33.45 41.05
N VAL E 6 -22.17 -32.14 41.01
CA VAL E 6 -21.39 -31.50 42.06
C VAL E 6 -22.14 -30.30 42.61
N GLU E 7 -22.12 -30.15 43.93
CA GLU E 7 -22.74 -29.01 44.59
C GLU E 7 -21.67 -28.11 45.21
N LEU E 8 -21.90 -26.80 45.14
CA LEU E 8 -21.00 -25.83 45.72
C LEU E 8 -21.76 -24.98 46.75
N TYR E 9 -21.10 -24.72 47.87
CA TYR E 9 -21.70 -23.96 48.96
C TYR E 9 -20.81 -22.78 49.36
N LYS E 10 -21.42 -21.62 49.58
CA LYS E 10 -20.71 -20.51 50.24
C LYS E 10 -20.84 -20.71 51.75
N SER E 11 -19.71 -20.86 52.43
CA SER E 11 -19.73 -21.17 53.85
C SER E 11 -19.00 -20.13 54.67
N PRO E 12 -19.70 -19.06 55.05
CA PRO E 12 -19.10 -17.99 55.85
C PRO E 12 -19.35 -18.20 57.35
N VAL E 13 -18.30 -18.42 58.11
CA VAL E 13 -18.46 -18.52 59.56
C VAL E 13 -17.58 -17.47 60.25
N LYS E 14 -18.15 -16.80 61.24
CA LYS E 14 -17.47 -15.69 61.91
C LYS E 14 -16.44 -16.19 62.93
N LEU E 15 -15.33 -15.47 63.05
CA LEU E 15 -14.32 -15.81 64.03
C LEU E 15 -14.60 -15.15 65.38
N LYS E 16 -14.19 -15.80 66.47
CA LYS E 16 -14.31 -15.25 67.82
C LYS E 16 -13.59 -13.91 67.92
N GLU E 17 -12.29 -13.95 67.67
CA GLU E 17 -11.50 -12.73 67.53
C GLU E 17 -11.07 -12.61 66.07
N PRO E 18 -11.01 -11.37 65.56
CA PRO E 18 -10.47 -11.16 64.21
C PRO E 18 -9.02 -11.65 64.05
N PHE E 19 -8.74 -12.19 62.86
CA PHE E 19 -7.45 -12.79 62.54
C PHE E 19 -6.61 -11.74 61.83
N LYS E 20 -5.39 -11.51 62.31
CA LYS E 20 -4.58 -10.39 61.83
C LYS E 20 -3.18 -10.81 61.41
N ILE E 21 -2.83 -10.56 60.16
CA ILE E 21 -1.47 -10.78 59.68
C ILE E 21 -0.99 -9.48 59.07
N SER E 22 0.29 -9.41 58.72
CA SER E 22 0.87 -8.16 58.21
C SER E 22 0.17 -7.67 56.93
N LEU E 23 -0.51 -8.59 56.24
CA LEU E 23 -1.15 -8.28 54.95
C LEU E 23 -2.55 -7.72 55.09
N GLY E 24 -3.18 -7.95 56.23
CA GLY E 24 -4.54 -7.48 56.45
C GLY E 24 -5.27 -8.17 57.60
N ILE E 25 -6.55 -7.84 57.74
CA ILE E 25 -7.37 -8.37 58.82
C ILE E 25 -8.60 -9.10 58.30
N LEU E 26 -8.94 -10.23 58.92
CA LEU E 26 -10.11 -11.01 58.53
C LEU E 26 -11.05 -11.25 59.71
N THR E 27 -12.35 -11.04 59.49
CA THR E 27 -13.32 -11.26 60.56
C THR E 27 -14.06 -12.57 60.40
N HIS E 28 -14.03 -13.11 59.19
CA HIS E 28 -14.71 -14.36 58.87
C HIS E 28 -13.80 -15.31 58.12
N ALA E 29 -14.05 -16.61 58.28
CA ALA E 29 -13.54 -17.58 57.32
C ALA E 29 -14.62 -17.71 56.27
N ASN E 30 -14.46 -17.00 55.16
CA ASN E 30 -15.39 -17.12 54.04
C ASN E 30 -14.95 -18.23 53.09
N ASN E 31 -15.42 -19.45 53.36
CA ASN E 31 -14.95 -20.61 52.66
C ASN E 31 -15.91 -21.08 51.54
N VAL E 32 -15.40 -21.92 50.65
CA VAL E 32 -16.28 -22.52 49.65
C VAL E 32 -16.22 -24.03 49.80
N ILE E 33 -17.41 -24.64 49.85
CA ILE E 33 -17.49 -26.10 50.03
C ILE E 33 -17.89 -26.78 48.73
N VAL E 34 -17.29 -27.95 48.49
CA VAL E 34 -17.53 -28.71 47.26
C VAL E 34 -17.92 -30.14 47.60
N ARG E 35 -19.05 -30.59 47.03
CA ARG E 35 -19.47 -32.00 47.14
C ARG E 35 -19.62 -32.63 45.79
N ILE E 36 -18.85 -33.68 45.55
CA ILE E 36 -18.98 -34.44 44.31
C ILE E 36 -19.80 -35.73 44.52
N HIS E 37 -20.82 -35.91 43.69
CA HIS E 37 -21.66 -37.13 43.71
C HIS E 37 -21.28 -38.09 42.60
N THR E 38 -21.17 -39.37 42.93
CA THR E 38 -21.03 -40.39 41.88
C THR E 38 -22.37 -41.09 41.59
N ALA E 39 -22.43 -41.84 40.50
CA ALA E 39 -23.61 -42.61 40.13
C ALA E 39 -23.88 -43.69 41.19
N SER E 40 -22.81 -44.29 41.71
CA SER E 40 -22.93 -45.28 42.79
C SER E 40 -23.44 -44.70 44.11
N GLY E 41 -23.63 -43.38 44.16
CA GLY E 41 -24.17 -42.70 45.34
C GLY E 41 -23.15 -42.33 46.42
N HIS E 42 -21.85 -42.45 46.11
CA HIS E 42 -20.80 -41.99 47.02
C HIS E 42 -20.67 -40.47 46.97
N ILE E 43 -20.22 -39.88 48.07
CA ILE E 43 -20.06 -38.44 48.12
C ILE E 43 -18.68 -38.06 48.64
N GLY E 44 -17.99 -37.21 47.88
CA GLY E 44 -16.69 -36.68 48.28
C GLY E 44 -16.79 -35.23 48.70
N TYR E 45 -16.14 -34.88 49.80
CA TYR E 45 -16.15 -33.50 50.27
C TYR E 45 -14.79 -32.82 50.08
N GLY E 46 -14.83 -31.54 49.76
CA GLY E 46 -13.64 -30.74 49.67
C GLY E 46 -13.97 -29.33 50.09
N GLU E 47 -12.96 -28.63 50.62
CA GLU E 47 -13.16 -27.27 51.11
C GLU E 47 -11.99 -26.41 50.66
N CYS E 48 -12.22 -25.11 50.58
CA CYS E 48 -11.11 -24.20 50.36
C CYS E 48 -11.42 -22.87 51.03
N SER E 49 -10.37 -22.17 51.39
CA SER E 49 -10.52 -20.94 52.15
C SER E 49 -9.77 -19.79 51.48
N PRO E 50 -10.42 -19.14 50.50
CA PRO E 50 -9.74 -18.10 49.74
C PRO E 50 -9.25 -16.97 50.61
N PHE E 51 -8.00 -16.59 50.40
CA PHE E 51 -7.37 -15.44 51.03
C PHE E 51 -7.00 -14.43 49.94
N MET E 52 -7.75 -13.35 49.82
CA MET E 52 -7.53 -12.42 48.71
C MET E 52 -6.09 -11.93 48.53
N THR E 53 -5.40 -11.62 49.62
CA THR E 53 -4.03 -11.12 49.55
C THR E 53 -2.91 -12.18 49.30
N ILE E 54 -3.29 -13.45 49.22
CA ILE E 54 -2.31 -14.49 48.95
C ILE E 54 -2.68 -15.38 47.76
N HIS E 55 -3.89 -15.90 47.78
CA HIS E 55 -4.37 -16.71 46.67
C HIS E 55 -4.69 -15.84 45.47
N GLY E 56 -5.19 -14.64 45.73
CA GLY E 56 -5.74 -13.82 44.69
C GLY E 56 -7.11 -14.36 44.30
N GLU E 57 -7.75 -15.02 45.25
CA GLU E 57 -9.12 -15.45 45.04
C GLU E 57 -9.97 -14.99 46.20
N SER E 58 -11.29 -15.00 46.04
CA SER E 58 -12.19 -14.72 47.15
C SER E 58 -13.27 -15.80 47.18
N MET E 59 -14.06 -15.82 48.22
CA MET E 59 -15.17 -16.74 48.26
C MET E 59 -16.04 -16.51 47.01
N ASP E 60 -16.22 -15.24 46.63
CA ASP E 60 -17.04 -14.93 45.45
C ASP E 60 -16.47 -15.49 44.16
N THR E 61 -15.17 -15.33 43.94
CA THR E 61 -14.56 -15.85 42.73
C THR E 61 -14.52 -17.37 42.76
N ALA E 62 -14.23 -17.92 43.93
CA ALA E 62 -14.16 -19.37 44.06
C ALA E 62 -15.50 -19.99 43.69
N PHE E 63 -16.57 -19.35 44.14
CA PHE E 63 -17.88 -19.89 43.92
C PHE E 63 -18.23 -19.92 42.43
N ILE E 64 -17.66 -19.02 41.65
CA ILE E 64 -17.96 -18.99 40.22
C ILE E 64 -17.05 -19.90 39.41
N VAL E 65 -15.74 -19.76 39.60
CA VAL E 65 -14.80 -20.59 38.89
C VAL E 65 -15.10 -22.06 39.18
N GLY E 66 -15.54 -22.35 40.40
CA GLY E 66 -15.91 -23.69 40.79
C GLY E 66 -16.97 -24.28 39.87
N GLN E 67 -17.89 -23.44 39.45
CA GLN E 67 -18.92 -23.87 38.52
C GLN E 67 -18.33 -24.23 37.16
N TYR E 68 -17.34 -23.46 36.72
CA TYR E 68 -16.67 -23.79 35.47
C TYR E 68 -16.09 -25.18 35.60
N LEU E 69 -15.48 -25.44 36.74
CA LEU E 69 -14.79 -26.69 36.98
C LEU E 69 -15.76 -27.87 37.07
N ALA E 70 -16.81 -27.70 37.84
CA ALA E 70 -17.84 -28.74 37.94
C ALA E 70 -18.34 -29.16 36.56
N LYS E 71 -18.68 -28.19 35.72
CA LYS E 71 -19.18 -28.51 34.38
C LYS E 71 -18.25 -29.46 33.64
N GLY E 72 -16.96 -29.22 33.78
CA GLY E 72 -15.96 -30.03 33.08
C GLY E 72 -15.78 -31.43 33.64
N LEU E 73 -16.07 -31.58 34.92
CA LEU E 73 -15.91 -32.86 35.61
C LEU E 73 -17.13 -33.77 35.51
N ILE E 74 -18.28 -33.20 35.20
CA ILE E 74 -19.47 -34.02 35.03
C ILE E 74 -19.25 -35.01 33.89
N GLY E 75 -19.44 -36.29 34.19
CA GLY E 75 -19.31 -37.34 33.20
C GLY E 75 -18.00 -38.10 33.28
N THR E 76 -17.02 -37.52 33.97
CA THR E 76 -15.70 -38.15 34.05
C THR E 76 -15.65 -39.17 35.19
N SER E 77 -14.54 -39.89 35.29
CA SER E 77 -14.36 -40.85 36.35
C SER E 77 -13.60 -40.25 37.52
N CYS E 78 -14.24 -40.24 38.69
CA CYS E 78 -13.63 -39.63 39.87
C CYS E 78 -12.30 -40.29 40.26
N LEU E 79 -12.01 -41.44 39.66
CA LEU E 79 -10.78 -42.14 40.01
C LEU E 79 -9.57 -41.64 39.24
N ASP E 80 -9.82 -41.01 38.08
CA ASP E 80 -8.74 -40.47 37.25
C ASP E 80 -8.30 -39.11 37.77
N ILE E 81 -7.73 -39.10 38.95
CA ILE E 81 -7.37 -37.85 39.62
C ILE E 81 -6.45 -37.01 38.75
N VAL E 82 -5.39 -37.61 38.22
CA VAL E 82 -4.47 -36.85 37.38
C VAL E 82 -5.12 -36.28 36.11
N SER E 83 -5.82 -37.13 35.38
CA SER E 83 -6.57 -36.68 34.20
C SER E 83 -7.50 -35.49 34.52
N ASN E 84 -8.19 -35.55 35.67
CA ASN E 84 -9.15 -34.51 36.03
C ASN E 84 -8.50 -33.24 36.54
N SER E 85 -7.41 -33.40 37.28
CA SER E 85 -6.63 -32.24 37.70
C SER E 85 -6.18 -31.47 36.46
N LEU E 86 -5.77 -32.21 35.44
CA LEU E 86 -5.33 -31.65 34.17
C LEU E 86 -6.49 -30.99 33.43
N LEU E 87 -7.65 -31.63 33.50
CA LEU E 87 -8.84 -31.12 32.86
C LEU E 87 -9.21 -29.75 33.43
N MET E 88 -9.05 -29.59 34.74
CA MET E 88 -9.36 -28.31 35.36
C MET E 88 -8.38 -27.27 34.88
N ASP E 89 -7.09 -27.63 34.84
CA ASP E 89 -6.05 -26.70 34.40
C ASP E 89 -6.29 -26.23 32.98
N ALA E 90 -6.85 -27.11 32.15
CA ALA E 90 -7.13 -26.77 30.77
C ALA E 90 -8.31 -25.82 30.68
N ILE E 91 -9.14 -25.79 31.72
CA ILE E 91 -10.31 -24.91 31.76
C ILE E 91 -9.94 -23.48 32.17
N ILE E 92 -9.06 -23.36 33.17
CA ILE E 92 -8.67 -22.06 33.69
C ILE E 92 -7.32 -22.10 34.38
N TYR E 93 -6.48 -21.12 34.13
CA TYR E 93 -5.14 -21.09 34.69
C TYR E 93 -5.23 -20.61 36.12
N GLY E 94 -4.22 -20.92 36.93
CA GLY E 94 -4.22 -20.54 38.33
C GLY E 94 -5.43 -21.04 39.11
N ASN E 95 -5.99 -20.16 39.93
CA ASN E 95 -7.16 -20.51 40.75
C ASN E 95 -6.94 -21.80 41.57
N SER E 96 -5.74 -21.96 42.09
CA SER E 96 -5.37 -23.15 42.83
C SER E 96 -6.30 -23.38 43.99
N CYS E 97 -6.70 -22.31 44.68
CA CYS E 97 -7.52 -22.47 45.88
C CYS E 97 -8.78 -23.29 45.60
N ILE E 98 -9.67 -22.79 44.76
CA ILE E 98 -10.85 -23.56 44.43
C ILE E 98 -10.48 -24.94 43.86
N LYS E 99 -9.47 -25.00 43.01
CA LYS E 99 -9.05 -26.28 42.43
C LYS E 99 -8.72 -27.31 43.49
N SER E 100 -7.98 -26.91 44.52
CA SER E 100 -7.64 -27.82 45.62
C SER E 100 -8.90 -28.44 46.25
N ALA E 101 -9.97 -27.67 46.40
CA ALA E 101 -11.20 -28.23 46.96
C ALA E 101 -11.71 -29.38 46.12
N PHE E 102 -11.73 -29.22 44.80
CA PHE E 102 -12.16 -30.32 43.93
C PHE E 102 -11.18 -31.48 44.03
N ASN E 103 -9.89 -31.16 44.08
CA ASN E 103 -8.88 -32.18 44.13
C ASN E 103 -9.03 -33.02 45.38
N ILE E 104 -9.17 -32.35 46.52
CA ILE E 104 -9.38 -33.02 47.80
C ILE E 104 -10.60 -33.93 47.77
N ALA E 105 -11.73 -33.42 47.27
CA ALA E 105 -12.93 -34.26 47.15
C ALA E 105 -12.68 -35.50 46.29
N LEU E 106 -11.95 -35.35 45.20
CA LEU E 106 -11.66 -36.49 44.34
C LEU E 106 -10.89 -37.54 45.11
N TYR E 107 -9.88 -37.13 45.87
CA TYR E 107 -9.14 -38.08 46.69
C TYR E 107 -10.06 -38.74 47.73
N ASP E 108 -10.98 -37.97 48.28
CA ASP E 108 -11.93 -38.54 49.20
C ASP E 108 -12.58 -39.73 48.51
N LEU E 109 -13.22 -39.50 47.37
CA LEU E 109 -13.87 -40.55 46.61
C LEU E 109 -12.93 -41.73 46.35
N ALA E 110 -11.71 -41.44 45.90
CA ALA E 110 -10.75 -42.50 45.60
C ALA E 110 -10.47 -43.37 46.82
N ALA E 111 -10.18 -42.75 47.96
CA ALA E 111 -9.91 -43.50 49.18
C ALA E 111 -11.14 -44.32 49.61
N GLN E 112 -12.33 -43.73 49.49
CA GLN E 112 -13.56 -44.44 49.78
C GLN E 112 -13.69 -45.71 48.93
N HIS E 113 -13.31 -45.59 47.67
CA HIS E 113 -13.42 -46.71 46.74
C HIS E 113 -12.44 -47.81 47.11
N ALA E 114 -11.31 -47.42 47.71
CA ALA E 114 -10.29 -48.38 48.10
C ALA E 114 -10.56 -48.90 49.51
N GLY E 115 -11.53 -48.32 50.19
CA GLY E 115 -11.86 -48.71 51.55
C GLY E 115 -10.74 -48.36 52.52
N LEU E 116 -10.03 -47.29 52.26
CA LEU E 116 -8.98 -46.84 53.16
C LEU E 116 -9.20 -45.39 53.60
N PRO E 117 -8.71 -45.03 54.80
CA PRO E 117 -8.62 -43.61 55.14
C PRO E 117 -7.62 -42.93 54.21
N LEU E 118 -7.83 -41.65 53.95
CA LEU E 118 -6.96 -40.93 53.01
C LEU E 118 -5.47 -41.19 53.24
N TYR E 119 -5.02 -41.06 54.50
CA TYR E 119 -3.59 -41.14 54.77
C TYR E 119 -2.99 -42.48 54.37
N ALA E 120 -3.75 -43.54 54.58
CA ALA E 120 -3.31 -44.86 54.14
C ALA E 120 -3.36 -44.98 52.61
N PHE E 121 -4.37 -44.38 52.00
CA PHE E 121 -4.51 -44.41 50.55
C PHE E 121 -3.33 -43.73 49.89
N LEU E 122 -2.73 -42.78 50.60
CA LEU E 122 -1.59 -42.01 50.08
C LEU E 122 -0.25 -42.65 50.44
N GLY E 123 -0.30 -43.82 51.09
CA GLY E 123 0.91 -44.55 51.42
C GLY E 123 1.57 -44.08 52.70
N GLY E 124 0.80 -43.41 53.53
CA GLY E 124 1.32 -42.93 54.80
C GLY E 124 0.95 -43.88 55.93
N LYS E 125 1.39 -43.54 57.14
CA LYS E 125 1.08 -44.36 58.31
C LYS E 125 1.21 -43.52 59.57
N LYS E 126 0.53 -43.95 60.64
CA LYS E 126 0.55 -43.22 61.90
C LYS E 126 1.76 -43.58 62.73
N ASP E 127 2.89 -42.97 62.42
CA ASP E 127 4.14 -43.27 63.09
C ASP E 127 4.75 -42.04 63.76
N LYS E 128 3.92 -41.03 63.97
CA LYS E 128 4.38 -39.83 64.65
C LYS E 128 3.21 -39.05 65.24
N ILE E 129 3.52 -38.19 66.22
CA ILE E 129 2.48 -37.36 66.83
C ILE E 129 2.37 -36.07 66.07
N ILE E 130 1.15 -35.69 65.73
CA ILE E 130 0.91 -34.42 65.07
C ILE E 130 0.54 -33.39 66.13
N GLN E 131 1.40 -32.38 66.27
CA GLN E 131 1.13 -31.33 67.24
C GLN E 131 1.07 -29.91 66.63
N THR E 132 -0.08 -29.27 66.77
CA THR E 132 -0.25 -27.95 66.19
C THR E 132 0.28 -26.85 67.10
N ASP E 133 0.69 -25.76 66.49
CA ASP E 133 0.98 -24.54 67.20
C ASP E 133 -0.33 -23.78 67.31
N TYR E 134 -0.28 -22.57 67.83
CA TYR E 134 -1.44 -21.69 67.80
C TYR E 134 -0.95 -20.28 67.52
N THR E 135 -1.75 -19.51 66.80
CA THR E 135 -1.28 -18.26 66.21
C THR E 135 -1.70 -17.04 67.02
N VAL E 136 -0.70 -16.20 67.31
CA VAL E 136 -0.97 -14.87 67.86
C VAL E 136 -1.04 -13.83 66.74
N SER E 137 -2.24 -13.29 66.53
CA SER E 137 -2.43 -12.23 65.53
C SER E 137 -1.54 -11.02 65.79
N ILE E 138 -1.18 -10.31 64.72
CA ILE E 138 -0.29 -9.15 64.83
C ILE E 138 -1.06 -7.95 65.36
N ASP E 139 -0.63 -7.42 66.50
CA ASP E 139 -1.34 -6.35 67.18
C ASP E 139 -0.37 -5.51 67.99
N GLU E 140 -0.90 -4.67 68.88
CA GLU E 140 -0.10 -3.95 69.86
C GLU E 140 0.58 -4.95 70.83
N PRO E 141 1.87 -4.74 71.17
CA PRO E 141 2.66 -5.75 71.89
C PRO E 141 2.07 -6.26 73.22
N HIS E 142 1.41 -5.41 74.00
CA HIS E 142 0.75 -5.89 75.21
C HIS E 142 -0.36 -6.91 74.89
N LYS E 143 -1.23 -6.54 73.95
CA LYS E 143 -2.28 -7.43 73.46
C LYS E 143 -1.69 -8.77 73.00
N MET E 144 -0.58 -8.72 72.29
CA MET E 144 0.05 -9.93 71.77
C MET E 144 0.59 -10.78 72.90
N ALA E 145 1.23 -10.15 73.88
CA ALA E 145 1.72 -10.88 75.04
C ALA E 145 0.57 -11.55 75.81
N ALA E 146 -0.51 -10.81 76.01
CA ALA E 146 -1.68 -11.34 76.69
C ALA E 146 -2.19 -12.62 76.03
N ASP E 147 -2.32 -12.57 74.71
CA ASP E 147 -2.77 -13.72 73.92
C ASP E 147 -1.78 -14.89 74.05
N ALA E 148 -0.49 -14.60 74.01
CA ALA E 148 0.52 -15.63 74.14
C ALA E 148 0.34 -16.38 75.46
N VAL E 149 0.07 -15.62 76.52
CA VAL E 149 -0.19 -16.19 77.84
C VAL E 149 -1.42 -17.09 77.80
N GLN E 150 -2.56 -16.55 77.38
CA GLN E 150 -3.80 -17.32 77.28
C GLN E 150 -3.59 -18.63 76.51
N ILE E 151 -2.76 -18.57 75.48
CA ILE E 151 -2.46 -19.74 74.65
C ILE E 151 -1.67 -20.80 75.42
N LYS E 152 -0.67 -20.36 76.17
CA LYS E 152 0.11 -21.27 77.01
C LYS E 152 -0.77 -21.88 78.10
N LYS E 153 -1.63 -21.06 78.68
CA LYS E 153 -2.62 -21.47 79.67
C LYS E 153 -3.55 -22.57 79.14
N ASN E 154 -3.97 -22.44 77.88
CA ASN E 154 -4.84 -23.43 77.24
C ASN E 154 -4.11 -24.74 76.93
N GLY E 155 -2.80 -24.75 77.11
CA GLY E 155 -2.04 -25.99 77.03
C GLY E 155 -1.18 -26.18 75.79
N PHE E 156 -1.24 -25.23 74.87
CA PHE E 156 -0.46 -25.32 73.64
C PHE E 156 1.01 -25.15 73.92
N GLU E 157 1.84 -25.96 73.25
CA GLU E 157 3.27 -25.98 73.57
C GLU E 157 4.11 -25.30 72.49
N ILE E 158 3.48 -24.96 71.37
CA ILE E 158 4.14 -24.24 70.29
C ILE E 158 3.34 -22.98 69.92
N ILE E 159 4.00 -21.83 69.89
CA ILE E 159 3.31 -20.60 69.53
C ILE E 159 3.80 -20.02 68.21
N LYS E 160 2.86 -19.69 67.33
CA LYS E 160 3.20 -19.04 66.07
C LYS E 160 2.85 -17.56 66.12
N VAL E 161 3.86 -16.71 65.99
CA VAL E 161 3.64 -15.28 66.13
C VAL E 161 3.68 -14.57 64.78
N LYS E 162 2.67 -13.75 64.53
CA LYS E 162 2.64 -12.96 63.31
C LYS E 162 3.39 -11.62 63.46
N VAL E 163 4.49 -11.48 62.73
CA VAL E 163 5.22 -10.25 62.69
C VAL E 163 5.16 -9.68 61.28
N GLY E 164 5.93 -8.63 61.03
CA GLY E 164 5.99 -7.99 59.74
C GLY E 164 5.85 -6.48 59.79
N GLY E 165 5.86 -5.91 61.00
CA GLY E 165 5.83 -4.47 61.17
C GLY E 165 7.23 -3.89 61.04
N SER E 166 7.44 -2.74 61.69
CA SER E 166 8.77 -2.12 61.71
C SER E 166 9.74 -2.94 62.54
N LYS E 167 11.04 -2.77 62.30
CA LYS E 167 12.07 -3.51 63.05
C LYS E 167 11.92 -3.32 64.55
N GLU E 168 11.80 -2.06 64.97
CA GLU E 168 11.60 -1.74 66.37
C GLU E 168 10.42 -2.50 66.98
N LEU E 169 9.28 -2.41 66.31
CA LEU E 169 8.02 -2.92 66.86
C LEU E 169 7.94 -4.44 66.91
N ASP E 170 8.56 -5.11 65.95
CA ASP E 170 8.55 -6.57 65.93
C ASP E 170 9.42 -7.13 67.05
N VAL E 171 10.54 -6.47 67.30
CA VAL E 171 11.42 -6.90 68.37
C VAL E 171 10.73 -6.70 69.71
N GLU E 172 10.04 -5.58 69.87
CA GLU E 172 9.31 -5.35 71.10
C GLU E 172 8.26 -6.42 71.30
N ARG E 173 7.58 -6.78 70.21
CA ARG E 173 6.57 -7.83 70.25
C ARG E 173 7.15 -9.17 70.75
N ILE E 174 8.24 -9.62 70.13
CA ILE E 174 8.83 -10.90 70.51
C ILE E 174 9.35 -10.88 71.95
N ARG E 175 10.00 -9.78 72.34
CA ARG E 175 10.50 -9.65 73.70
C ARG E 175 9.36 -9.74 74.70
N MET E 176 8.41 -8.81 74.62
CA MET E 176 7.27 -8.81 75.54
C MET E 176 6.56 -10.17 75.65
N ILE E 177 6.67 -10.98 74.60
CA ILE E 177 6.07 -12.31 74.60
C ILE E 177 6.98 -13.30 75.34
N ARG E 178 8.27 -13.29 75.00
CA ARG E 178 9.24 -14.13 75.69
C ARG E 178 9.27 -13.78 77.17
N GLU E 179 9.04 -12.50 77.45
CA GLU E 179 9.05 -11.96 78.80
C GLU E 179 7.82 -12.43 79.59
N ALA E 180 6.71 -12.66 78.90
CA ALA E 180 5.46 -12.97 79.58
C ALA E 180 5.01 -14.42 79.41
N ALA E 181 5.85 -15.27 78.81
CA ALA E 181 5.43 -16.64 78.58
C ALA E 181 6.54 -17.67 78.77
N GLY E 182 7.78 -17.21 78.85
CA GLY E 182 8.88 -18.10 79.18
C GLY E 182 9.80 -18.34 78.01
N ASP E 183 10.89 -19.04 78.25
CA ASP E 183 11.91 -19.29 77.23
C ASP E 183 11.87 -20.75 76.79
N SER E 184 11.03 -21.54 77.46
CA SER E 184 11.01 -22.99 77.23
C SER E 184 9.96 -23.38 76.20
N ILE E 185 8.88 -22.60 76.14
CA ILE E 185 7.86 -22.80 75.12
C ILE E 185 8.47 -22.50 73.75
N THR E 186 8.36 -23.44 72.81
CA THR E 186 8.93 -23.25 71.50
C THR E 186 8.07 -22.26 70.70
N LEU E 187 8.71 -21.25 70.09
CA LEU E 187 7.94 -20.32 69.23
C LEU E 187 8.54 -20.04 67.83
N ARG E 188 7.64 -19.90 66.86
CA ARG E 188 7.98 -19.68 65.46
C ARG E 188 7.28 -18.40 64.97
N ILE E 189 7.89 -17.71 64.02
CA ILE E 189 7.33 -16.44 63.56
C ILE E 189 7.03 -16.42 62.07
N ASP E 190 6.16 -15.49 61.68
CA ASP E 190 5.68 -15.41 60.30
C ASP E 190 5.46 -13.94 59.94
N ALA E 191 6.20 -13.46 58.93
CA ALA E 191 6.12 -12.06 58.55
C ALA E 191 5.15 -11.79 57.43
N ASN E 192 4.72 -12.85 56.74
CA ASN E 192 3.87 -12.70 55.56
C ASN E 192 4.35 -11.60 54.61
N GLN E 193 5.62 -11.69 54.19
CA GLN E 193 6.19 -10.77 53.21
C GLN E 193 6.30 -9.34 53.72
N GLY E 194 6.28 -9.16 55.04
CA GLY E 194 6.16 -7.83 55.62
C GLY E 194 7.38 -6.92 55.62
N TRP E 195 8.57 -7.51 55.55
CA TRP E 195 9.81 -6.75 55.63
C TRP E 195 10.49 -6.57 54.27
N SER E 196 11.31 -5.51 54.18
CA SER E 196 12.22 -5.37 53.05
C SER E 196 13.43 -6.27 53.30
N VAL E 197 14.21 -6.57 52.26
CA VAL E 197 15.38 -7.39 52.46
C VAL E 197 16.22 -6.85 53.62
N GLU E 198 16.38 -5.54 53.66
CA GLU E 198 17.15 -4.90 54.72
C GLU E 198 16.56 -5.19 56.11
N THR E 199 15.38 -4.66 56.35
CA THR E 199 14.71 -4.82 57.64
C THR E 199 14.68 -6.28 58.08
N ALA E 200 14.57 -7.18 57.10
CA ALA E 200 14.48 -8.60 57.40
C ALA E 200 15.73 -9.03 58.15
N ILE E 201 16.87 -8.78 57.51
CA ILE E 201 18.15 -9.17 58.07
C ILE E 201 18.45 -8.54 59.41
N GLU E 202 18.20 -7.23 59.52
CA GLU E 202 18.37 -6.53 60.79
C GLU E 202 17.46 -7.08 61.90
N THR E 203 16.20 -7.33 61.56
CA THR E 203 15.24 -7.78 62.55
C THR E 203 15.51 -9.24 62.92
N LEU E 204 16.04 -10.02 61.98
CA LEU E 204 16.27 -11.44 62.25
C LEU E 204 17.51 -11.69 63.12
N THR E 205 18.52 -10.84 62.98
CA THR E 205 19.69 -10.97 63.84
C THR E 205 19.39 -10.38 65.20
N LEU E 206 18.54 -9.36 65.23
CA LEU E 206 18.07 -8.79 66.49
C LEU E 206 17.14 -9.71 67.28
N LEU E 207 16.61 -10.74 66.62
CA LEU E 207 15.67 -11.66 67.27
C LEU E 207 16.33 -12.98 67.71
N GLU E 208 17.47 -13.29 67.12
CA GLU E 208 18.18 -14.55 67.41
C GLU E 208 18.28 -14.87 68.90
N PRO E 209 18.61 -13.85 69.73
CA PRO E 209 18.65 -14.00 71.19
C PRO E 209 17.40 -14.69 71.78
N TYR E 210 16.23 -14.40 71.24
CA TYR E 210 14.99 -14.90 71.84
C TYR E 210 14.64 -16.31 71.41
N ASN E 211 15.60 -16.98 70.74
CA ASN E 211 15.48 -18.40 70.41
C ASN E 211 14.20 -18.73 69.65
N ILE E 212 14.15 -18.35 68.38
CA ILE E 212 12.96 -18.63 67.59
C ILE E 212 13.20 -19.78 66.60
N GLN E 213 12.20 -20.64 66.43
CA GLN E 213 12.35 -21.92 65.74
C GLN E 213 12.61 -21.78 64.23
N HIS E 214 11.81 -20.93 63.59
CA HIS E 214 12.01 -20.57 62.21
C HIS E 214 11.08 -19.42 61.86
N CYS E 215 11.42 -18.70 60.78
CA CYS E 215 10.64 -17.56 60.33
C CYS E 215 10.06 -17.81 58.94
N GLU E 216 8.74 -17.64 58.82
CA GLU E 216 8.06 -17.83 57.55
C GLU E 216 8.09 -16.55 56.70
N GLU E 217 8.42 -16.70 55.42
CA GLU E 217 8.23 -15.66 54.41
C GLU E 217 8.53 -14.25 54.92
N PRO E 218 9.81 -13.94 55.13
CA PRO E 218 10.21 -12.63 55.65
C PRO E 218 10.01 -11.48 54.66
N VAL E 219 10.19 -11.76 53.37
CA VAL E 219 10.06 -10.70 52.39
C VAL E 219 9.08 -11.03 51.28
N SER E 220 8.75 -10.03 50.48
CA SER E 220 7.91 -10.18 49.31
C SER E 220 8.23 -11.44 48.50
N ARG E 221 7.16 -12.11 48.05
CA ARG E 221 7.29 -13.32 47.26
C ARG E 221 7.98 -13.00 45.95
N ASN E 222 7.94 -11.74 45.54
CA ASN E 222 8.60 -11.29 44.32
C ASN E 222 10.09 -11.19 44.49
N LEU E 223 10.53 -11.15 45.74
CA LEU E 223 11.94 -11.00 46.04
C LEU E 223 12.60 -12.31 46.47
N TYR E 224 12.03 -13.44 46.08
CA TYR E 224 12.53 -14.73 46.52
C TYR E 224 14.01 -14.93 46.18
N THR E 225 14.51 -14.21 45.19
CA THR E 225 15.89 -14.33 44.77
C THR E 225 16.84 -13.73 45.81
N ALA E 226 16.31 -12.89 46.68
CA ALA E 226 17.11 -12.35 47.78
C ALA E 226 17.08 -13.27 49.00
N LEU E 227 16.32 -14.36 48.90
CA LEU E 227 16.24 -15.30 50.03
C LEU E 227 17.60 -15.93 50.39
N PRO E 228 18.36 -16.41 49.39
CA PRO E 228 19.64 -17.02 49.75
C PRO E 228 20.50 -16.07 50.57
N LYS E 229 20.53 -14.80 50.16
CA LYS E 229 21.30 -13.80 50.90
C LYS E 229 20.87 -13.69 52.37
N ILE E 230 19.57 -13.72 52.61
CA ILE E 230 19.05 -13.61 53.97
C ILE E 230 19.35 -14.87 54.78
N ARG E 231 19.26 -16.03 54.13
CA ARG E 231 19.48 -17.33 54.78
C ARG E 231 20.88 -17.40 55.38
N GLN E 232 21.84 -16.86 54.63
CA GLN E 232 23.25 -16.95 54.99
C GLN E 232 23.64 -15.91 56.03
N ALA E 233 22.90 -14.82 56.10
CA ALA E 233 23.21 -13.75 57.03
C ALA E 233 22.52 -13.95 58.38
N CYS E 234 21.59 -14.92 58.43
CA CYS E 234 20.74 -15.09 59.60
C CYS E 234 20.79 -16.50 60.18
N ARG E 235 20.84 -16.56 61.51
CA ARG E 235 20.97 -17.83 62.20
C ARG E 235 19.63 -18.52 62.19
N ILE E 236 18.58 -17.73 62.46
CA ILE E 236 17.23 -18.26 62.45
C ILE E 236 16.94 -18.87 61.09
N PRO E 237 16.42 -20.11 61.07
CA PRO E 237 16.12 -20.71 59.76
C PRO E 237 14.89 -20.03 59.13
N ILE E 238 14.87 -19.92 57.80
CA ILE E 238 13.73 -19.28 57.15
C ILE E 238 12.92 -20.28 56.35
N MET E 239 11.61 -20.13 56.44
CA MET E 239 10.68 -21.06 55.83
C MET E 239 9.89 -20.35 54.76
N ALA E 240 9.95 -20.88 53.53
CA ALA E 240 9.19 -20.32 52.42
C ALA E 240 7.72 -20.70 52.49
N ASP E 241 6.84 -19.71 52.45
CA ASP E 241 5.40 -19.96 52.41
C ASP E 241 4.82 -19.51 51.07
N GLU E 242 4.39 -18.26 50.98
CA GLU E 242 3.89 -17.71 49.72
C GLU E 242 4.86 -17.95 48.56
N SER E 243 6.16 -17.91 48.84
CA SER E 243 7.17 -18.12 47.81
C SER E 243 7.19 -19.54 47.29
N CYS E 244 6.54 -20.45 48.02
CA CYS E 244 6.48 -21.87 47.63
C CYS E 244 5.06 -22.35 47.50
N CYS E 245 4.55 -22.31 46.28
CA CYS E 245 3.16 -22.70 46.04
C CYS E 245 3.04 -24.05 45.39
N ASN E 246 3.65 -24.21 44.23
CA ASN E 246 3.63 -25.49 43.54
C ASN E 246 5.02 -26.11 43.49
N SER E 247 5.15 -27.24 42.81
CA SER E 247 6.41 -27.97 42.71
C SER E 247 7.51 -27.22 41.93
N PHE E 248 7.14 -26.50 40.88
CA PHE E 248 8.12 -25.68 40.15
C PHE E 248 8.76 -24.65 41.08
N ASP E 249 7.93 -23.97 41.86
CA ASP E 249 8.43 -23.05 42.88
C ASP E 249 9.42 -23.73 43.81
N ALA E 250 9.05 -24.94 44.24
CA ALA E 250 9.88 -25.69 45.19
C ALA E 250 11.24 -25.95 44.58
N GLU E 251 11.24 -26.56 43.40
CA GLU E 251 12.47 -26.90 42.70
C GLU E 251 13.39 -25.69 42.54
N ARG E 252 12.78 -24.59 42.14
CA ARG E 252 13.54 -23.37 41.92
C ARG E 252 14.17 -22.87 43.20
N LEU E 253 13.41 -22.88 44.30
CA LEU E 253 13.92 -22.40 45.59
C LEU E 253 15.10 -23.25 46.08
N ILE E 254 14.97 -24.56 45.91
CA ILE E 254 16.03 -25.50 46.24
C ILE E 254 17.28 -25.20 45.41
N GLN E 255 17.08 -25.04 44.10
CA GLN E 255 18.17 -24.81 43.15
C GLN E 255 19.10 -23.66 43.53
N ILE E 256 18.55 -22.63 44.16
CA ILE E 256 19.38 -21.50 44.58
C ILE E 256 19.55 -21.45 46.09
N GLN E 257 19.23 -22.56 46.76
CA GLN E 257 19.33 -22.66 48.22
C GLN E 257 18.74 -21.45 48.95
N ALA E 258 17.45 -21.22 48.72
CA ALA E 258 16.80 -20.01 49.19
C ALA E 258 16.38 -20.08 50.65
N CYS E 259 16.08 -21.27 51.12
CA CYS E 259 15.45 -21.42 52.43
C CYS E 259 15.78 -22.75 53.09
N ASP E 260 15.53 -22.81 54.39
CA ASP E 260 15.80 -24.00 55.19
C ASP E 260 14.64 -24.99 55.18
N SER E 261 13.42 -24.48 55.08
CA SER E 261 12.24 -25.34 55.12
C SER E 261 11.05 -24.77 54.33
N PHE E 262 10.08 -25.63 54.01
CA PHE E 262 8.86 -25.23 53.31
C PHE E 262 7.64 -25.17 54.22
N ASN E 263 6.70 -24.29 53.90
CA ASN E 263 5.36 -24.40 54.43
C ASN E 263 4.42 -24.89 53.31
N LEU E 264 3.99 -26.14 53.43
CA LEU E 264 3.13 -26.75 52.44
C LEU E 264 1.65 -26.57 52.76
N LYS E 265 0.89 -26.00 51.83
CA LYS E 265 -0.55 -25.86 51.98
C LYS E 265 -1.27 -26.39 50.75
N LEU E 266 -2.29 -27.21 50.94
CA LEU E 266 -3.00 -27.81 49.82
C LEU E 266 -3.58 -26.80 48.81
N SER E 267 -4.04 -25.65 49.29
CA SER E 267 -4.65 -24.64 48.41
C SER E 267 -3.64 -24.01 47.45
N LYS E 268 -2.39 -23.88 47.88
CA LYS E 268 -1.37 -23.29 47.04
C LYS E 268 -0.94 -24.24 45.92
N SER E 269 -0.89 -25.52 46.25
CA SER E 269 -0.46 -26.54 45.30
C SER E 269 -1.64 -27.11 44.48
N ALA E 270 -2.81 -26.49 44.60
CA ALA E 270 -4.01 -26.87 43.84
C ALA E 270 -4.49 -28.26 44.15
N GLY E 271 -4.20 -28.73 45.35
CA GLY E 271 -4.64 -30.03 45.79
C GLY E 271 -3.53 -30.90 46.32
N ILE E 272 -3.84 -32.17 46.51
CA ILE E 272 -2.91 -33.16 47.05
C ILE E 272 -1.92 -33.63 45.99
N THR E 273 -2.42 -33.96 44.80
CA THR E 273 -1.56 -34.43 43.72
C THR E 273 -0.20 -33.72 43.70
N ASN E 274 -0.21 -32.41 43.60
CA ASN E 274 1.03 -31.66 43.48
C ASN E 274 1.70 -31.47 44.82
N ALA E 275 0.92 -31.51 45.89
CA ALA E 275 1.50 -31.39 47.23
C ALA E 275 2.47 -32.55 47.45
N LEU E 276 2.09 -33.73 46.95
CA LEU E 276 2.96 -34.90 46.99
C LEU E 276 4.31 -34.64 46.29
N ASN E 277 4.28 -34.06 45.10
CA ASN E 277 5.52 -33.70 44.42
C ASN E 277 6.43 -32.81 45.26
N ILE E 278 5.86 -31.76 45.85
CA ILE E 278 6.63 -30.88 46.72
C ILE E 278 7.28 -31.66 47.88
N ILE E 279 6.50 -32.55 48.51
CA ILE E 279 7.02 -33.37 49.58
C ILE E 279 8.24 -34.20 49.13
N ARG E 280 8.10 -34.89 47.99
CA ARG E 280 9.19 -35.68 47.42
C ARG E 280 10.47 -34.85 47.25
N LEU E 281 10.32 -33.64 46.73
CA LEU E 281 11.47 -32.76 46.50
C LEU E 281 12.12 -32.40 47.83
N ALA E 282 11.28 -32.06 48.82
CA ALA E 282 11.77 -31.73 50.15
C ALA E 282 12.53 -32.93 50.75
N GLU E 283 12.03 -34.14 50.49
CA GLU E 283 12.70 -35.36 50.91
C GLU E 283 14.10 -35.43 50.30
N GLN E 284 14.17 -35.36 48.96
CA GLN E 284 15.43 -35.46 48.24
C GLN E 284 16.45 -34.38 48.64
N ALA E 285 15.95 -33.33 49.29
CA ALA E 285 16.85 -32.26 49.71
C ALA E 285 16.93 -32.14 51.24
N HIS E 286 16.48 -33.19 51.91
CA HIS E 286 16.53 -33.24 53.37
C HIS E 286 16.07 -31.93 54.01
N MET E 287 14.89 -31.47 53.60
CA MET E 287 14.33 -30.22 54.07
C MET E 287 13.08 -30.45 54.89
N PRO E 288 13.08 -30.00 56.15
CA PRO E 288 11.88 -30.17 56.97
C PRO E 288 10.68 -29.42 56.39
N VAL E 289 9.51 -30.00 56.50
CA VAL E 289 8.31 -29.39 55.97
C VAL E 289 7.28 -29.17 57.08
N GLN E 290 6.64 -28.00 57.06
CA GLN E 290 5.53 -27.69 57.95
C GLN E 290 4.27 -27.70 57.12
N VAL E 291 3.26 -28.48 57.52
CA VAL E 291 1.98 -28.40 56.83
C VAL E 291 1.08 -27.38 57.51
N GLY E 292 0.47 -26.51 56.70
CA GLY E 292 -0.40 -25.46 57.21
C GLY E 292 -1.68 -25.29 56.41
N GLY E 293 -2.21 -24.07 56.42
CA GLY E 293 -3.45 -23.79 55.74
C GLY E 293 -3.88 -22.35 55.94
N PHE E 294 -5.15 -22.08 55.66
CA PHE E 294 -5.67 -20.74 55.87
C PHE E 294 -6.79 -20.76 56.88
N LEU E 295 -8.02 -20.47 56.47
CA LEU E 295 -9.14 -20.49 57.42
C LEU E 295 -10.12 -21.63 57.12
N GLU E 296 -9.60 -22.70 56.52
CA GLU E 296 -10.39 -23.91 56.32
C GLU E 296 -10.96 -24.38 57.64
N SER E 297 -12.14 -24.98 57.60
CA SER E 297 -12.72 -25.60 58.78
C SER E 297 -11.96 -26.88 59.11
N ARG E 298 -12.44 -27.63 60.11
CA ARG E 298 -11.76 -28.88 60.42
C ARG E 298 -11.76 -29.84 59.21
N LEU E 299 -12.71 -29.71 58.31
CA LEU E 299 -12.75 -30.59 57.16
C LEU E 299 -11.51 -30.41 56.30
N GLY E 300 -11.23 -29.17 55.93
CA GLY E 300 -10.05 -28.83 55.16
C GLY E 300 -8.78 -29.28 55.87
N PHE E 301 -8.66 -28.97 57.14
CA PHE E 301 -7.45 -29.34 57.88
C PHE E 301 -7.36 -30.86 58.13
N THR E 302 -8.48 -31.54 58.04
CA THR E 302 -8.44 -33.00 58.08
C THR E 302 -7.70 -33.53 56.84
N ALA E 303 -7.93 -32.90 55.68
CA ALA E 303 -7.19 -33.24 54.48
C ALA E 303 -5.68 -33.00 54.69
N ALA E 304 -5.34 -31.85 55.25
CA ALA E 304 -3.96 -31.55 55.55
C ALA E 304 -3.35 -32.59 56.46
N ALA E 305 -4.08 -32.96 57.51
CA ALA E 305 -3.55 -33.90 58.50
C ALA E 305 -3.26 -35.26 57.88
N HIS E 306 -4.17 -35.75 57.04
CA HIS E 306 -3.91 -36.96 56.28
C HIS E 306 -2.61 -36.85 55.50
N VAL E 307 -2.44 -35.76 54.77
CA VAL E 307 -1.26 -35.62 53.94
C VAL E 307 -0.03 -35.58 54.82
N ALA E 308 -0.19 -34.96 55.99
CA ALA E 308 0.92 -34.79 56.94
C ALA E 308 1.56 -36.11 57.36
N LEU E 309 0.79 -37.18 57.25
CA LEU E 309 1.29 -38.51 57.66
C LEU E 309 2.04 -39.24 56.52
N VAL E 310 2.22 -38.58 55.40
CA VAL E 310 2.69 -39.25 54.19
C VAL E 310 4.22 -39.40 54.15
N SER E 311 4.93 -38.59 54.92
CA SER E 311 6.40 -38.57 54.87
C SER E 311 7.02 -38.11 56.17
N LYS E 312 8.16 -38.68 56.52
CA LYS E 312 8.82 -38.36 57.78
C LYS E 312 9.49 -36.99 57.73
N THR E 313 9.58 -36.43 56.53
CA THR E 313 10.24 -35.13 56.36
C THR E 313 9.31 -34.03 56.85
N ILE E 314 8.01 -34.31 56.86
CA ILE E 314 7.03 -33.42 57.46
C ILE E 314 7.07 -33.54 58.99
N CYS E 315 7.21 -32.44 59.70
CA CYS E 315 7.43 -32.52 61.15
C CYS E 315 6.97 -31.28 61.93
N TYR E 316 6.44 -30.28 61.24
CA TYR E 316 5.81 -29.15 61.92
C TYR E 316 4.37 -29.05 61.44
N TYR E 317 3.50 -28.46 62.29
CA TYR E 317 2.09 -28.42 61.99
C TYR E 317 1.46 -27.11 62.44
N ASP E 318 0.73 -26.47 61.53
CA ASP E 318 -0.02 -25.24 61.82
C ASP E 318 -1.49 -25.52 61.45
N PHE E 319 -2.22 -26.14 62.37
CA PHE E 319 -3.61 -26.48 62.10
C PHE E 319 -4.54 -25.82 63.10
N ASP E 320 -4.34 -24.54 63.38
CA ASP E 320 -4.98 -23.91 64.52
C ASP E 320 -6.29 -23.19 64.25
N THR E 321 -6.43 -22.62 63.06
CA THR E 321 -7.57 -21.73 62.77
C THR E 321 -9.01 -22.25 63.02
N PRO E 322 -9.25 -23.56 62.84
CA PRO E 322 -10.61 -24.04 63.10
C PRO E 322 -11.07 -23.75 64.53
N LEU E 323 -10.12 -23.70 65.46
CA LEU E 323 -10.39 -23.36 66.86
C LEU E 323 -10.85 -21.91 67.05
N MET E 324 -10.73 -21.09 66.00
CA MET E 324 -11.13 -19.68 66.08
C MET E 324 -12.55 -19.44 65.60
N PHE E 325 -13.21 -20.49 65.12
CA PHE E 325 -14.58 -20.37 64.63
C PHE E 325 -15.53 -20.10 65.80
N GLU E 326 -16.59 -19.35 65.56
CA GLU E 326 -17.63 -19.23 66.57
C GLU E 326 -18.39 -20.54 66.71
N ALA E 327 -18.48 -21.28 65.61
CA ALA E 327 -19.25 -22.52 65.56
C ALA E 327 -18.63 -23.56 64.64
N ASP E 328 -18.45 -24.78 65.13
CA ASP E 328 -17.87 -25.87 64.36
C ASP E 328 -18.97 -26.64 63.63
N PRO E 329 -19.03 -26.52 62.30
CA PRO E 329 -20.07 -27.14 61.47
C PRO E 329 -19.65 -28.52 60.94
N VAL E 330 -18.46 -28.97 61.32
CA VAL E 330 -17.90 -30.19 60.76
C VAL E 330 -18.32 -31.45 61.53
N ARG E 331 -18.63 -32.51 60.79
CA ARG E 331 -18.96 -33.82 61.34
C ARG E 331 -17.79 -34.77 61.13
N GLY E 332 -17.28 -35.37 62.19
CA GLY E 332 -16.11 -36.22 62.07
C GLY E 332 -14.83 -35.40 62.01
N GLY E 333 -13.90 -35.82 61.19
CA GLY E 333 -12.68 -35.06 61.00
C GLY E 333 -11.71 -35.20 62.15
N ILE E 334 -10.56 -34.54 62.04
CA ILE E 334 -9.56 -34.55 63.08
C ILE E 334 -10.11 -34.01 64.40
N VAL E 335 -9.63 -34.56 65.51
CA VAL E 335 -10.01 -34.05 66.83
C VAL E 335 -8.81 -33.51 67.61
N TYR E 336 -9.04 -32.36 68.25
CA TYR E 336 -8.00 -31.69 69.01
C TYR E 336 -7.99 -32.20 70.43
N GLN E 337 -6.84 -32.73 70.83
CA GLN E 337 -6.67 -33.22 72.20
C GLN E 337 -5.84 -32.20 72.98
N GLN E 338 -5.49 -32.52 74.21
CA GLN E 338 -4.71 -31.59 75.01
C GLN E 338 -3.28 -31.48 74.49
N ARG E 339 -2.62 -30.37 74.78
CA ARG E 339 -1.27 -30.10 74.30
C ARG E 339 -1.25 -29.80 72.80
N GLY E 340 -2.44 -29.71 72.21
CA GLY E 340 -2.57 -29.41 70.80
C GLY E 340 -2.25 -30.60 69.90
N ILE E 341 -2.35 -31.79 70.46
CA ILE E 341 -2.11 -33.00 69.68
C ILE E 341 -3.33 -33.32 68.84
N ILE E 342 -3.09 -33.72 67.60
CA ILE E 342 -4.17 -33.99 66.65
C ILE E 342 -4.31 -35.48 66.33
N GLU E 343 -5.54 -35.98 66.34
CA GLU E 343 -5.81 -37.35 65.94
C GLU E 343 -6.52 -37.40 64.59
N VAL E 344 -6.06 -38.30 63.71
CA VAL E 344 -6.60 -38.41 62.36
C VAL E 344 -7.63 -39.54 62.23
N PRO E 345 -8.77 -39.25 61.60
CA PRO E 345 -9.83 -40.26 61.42
C PRO E 345 -9.31 -41.53 60.76
N GLU E 346 -9.96 -42.67 61.05
CA GLU E 346 -9.44 -43.94 60.55
C GLU E 346 -10.42 -44.57 59.61
N THR E 347 -11.58 -43.97 59.51
CA THR E 347 -12.59 -44.50 58.59
C THR E 347 -12.23 -44.25 57.12
N ALA E 348 -12.94 -44.90 56.21
CA ALA E 348 -12.61 -44.82 54.78
C ALA E 348 -12.86 -43.40 54.30
N GLY E 349 -12.03 -42.94 53.36
CA GLY E 349 -12.18 -41.62 52.76
C GLY E 349 -11.53 -40.50 53.56
N LEU E 350 -12.02 -39.28 53.34
CA LEU E 350 -11.52 -38.11 54.06
C LEU E 350 -11.75 -38.30 55.54
N GLY E 351 -12.88 -38.94 55.85
CA GLY E 351 -13.27 -39.21 57.23
C GLY E 351 -13.90 -37.98 57.89
N ALA E 352 -14.48 -37.11 57.06
CA ALA E 352 -15.13 -35.90 57.56
C ALA E 352 -16.24 -35.46 56.61
N GLY E 353 -17.21 -34.75 57.16
CA GLY E 353 -18.31 -34.24 56.38
C GLY E 353 -18.88 -33.05 57.11
N TYR E 354 -20.07 -32.60 56.71
CA TYR E 354 -20.67 -31.46 57.38
C TYR E 354 -21.90 -31.85 58.17
N GLN E 355 -22.04 -31.23 59.34
CA GLN E 355 -23.20 -31.46 60.21
C GLN E 355 -24.50 -31.47 59.45
N LYS E 356 -25.48 -32.20 59.97
CA LYS E 356 -26.76 -32.34 59.29
C LYS E 356 -27.47 -31.00 59.17
N ASP E 357 -27.97 -30.75 57.96
CA ASP E 357 -28.67 -29.50 57.60
C ASP E 357 -27.96 -28.18 57.99
N TYR E 358 -26.64 -28.24 58.20
CA TYR E 358 -25.84 -27.04 58.19
C TYR E 358 -25.71 -26.58 56.75
N LEU E 359 -25.43 -27.52 55.85
CA LEU E 359 -25.34 -27.24 54.42
C LEU E 359 -26.65 -26.75 53.82
N SER E 360 -27.78 -27.25 54.29
CA SER E 360 -29.03 -26.84 53.70
C SER E 360 -29.36 -25.37 53.97
N GLY E 361 -28.65 -24.77 54.92
CA GLY E 361 -28.86 -23.37 55.27
C GLY E 361 -27.99 -22.41 54.46
N LEU E 362 -27.01 -22.98 53.77
CA LEU E 362 -26.02 -22.24 53.01
C LEU E 362 -26.53 -21.89 51.61
N GLU E 363 -25.99 -20.80 51.05
CA GLU E 363 -26.25 -20.43 49.67
C GLU E 363 -25.52 -21.45 48.81
N LYS E 364 -26.25 -22.06 47.89
CA LYS E 364 -25.67 -23.15 47.15
C LYS E 364 -26.02 -23.13 45.67
N ILE E 365 -25.20 -23.79 44.87
CA ILE E 365 -25.55 -24.00 43.48
C ILE E 365 -25.30 -25.45 43.17
N CYS E 366 -25.95 -25.93 42.13
CA CYS E 366 -25.94 -27.35 41.84
C CYS E 366 -25.61 -27.54 40.37
N ILE E 367 -24.48 -28.19 40.07
CA ILE E 367 -24.09 -28.38 38.68
C ILE E 367 -24.50 -29.77 38.22
N ASN E 368 -25.49 -29.76 37.32
CA ASN E 368 -26.22 -30.95 36.88
C ASN E 368 -27.16 -31.57 37.89
N MET F 1 61.18 -48.30 38.46
CA MET F 1 62.39 -48.30 37.65
C MET F 1 62.98 -46.90 37.50
N ILE F 2 64.25 -46.75 37.88
CA ILE F 2 64.91 -45.44 37.88
C ILE F 2 65.32 -45.01 36.48
N ILE F 3 65.14 -43.72 36.19
CA ILE F 3 65.61 -43.14 34.94
C ILE F 3 67.11 -42.84 35.05
N THR F 4 67.89 -43.41 34.14
CA THR F 4 69.34 -43.29 34.22
C THR F 4 69.94 -42.34 33.18
N GLN F 5 69.33 -42.29 32.01
CA GLN F 5 69.75 -41.33 31.00
C GLN F 5 68.64 -41.05 29.99
N VAL F 6 68.64 -39.84 29.42
CA VAL F 6 67.72 -39.52 28.34
C VAL F 6 68.51 -38.93 27.18
N GLU F 7 68.14 -39.34 25.98
CA GLU F 7 68.74 -38.80 24.77
C GLU F 7 67.71 -37.97 24.01
N LEU F 8 68.16 -36.88 23.40
CA LEU F 8 67.32 -36.05 22.55
C LEU F 8 67.89 -35.98 21.15
N TYR F 9 67.02 -36.11 20.15
CA TYR F 9 67.44 -36.03 18.76
C TYR F 9 66.69 -34.94 17.99
N LYS F 10 67.40 -34.17 17.15
CA LYS F 10 66.74 -33.32 16.16
C LYS F 10 66.43 -34.17 14.94
N SER F 11 65.15 -34.28 14.60
CA SER F 11 64.71 -35.14 13.50
C SER F 11 63.99 -34.36 12.41
N PRO F 12 64.75 -33.82 11.47
CA PRO F 12 64.11 -33.07 10.37
C PRO F 12 63.94 -33.96 9.15
N VAL F 13 62.68 -34.19 8.74
CA VAL F 13 62.42 -34.94 7.52
C VAL F 13 61.60 -34.08 6.57
N LYS F 14 61.97 -34.09 5.29
CA LYS F 14 61.33 -33.24 4.31
C LYS F 14 60.01 -33.82 3.83
N LEU F 15 59.06 -32.96 3.50
CA LEU F 15 57.76 -33.39 3.01
C LEU F 15 57.77 -33.47 1.47
N LYS F 16 56.99 -34.40 0.91
CA LYS F 16 56.84 -34.52 -0.54
C LYS F 16 56.36 -33.20 -1.12
N GLU F 17 55.19 -32.75 -0.65
CA GLU F 17 54.67 -31.45 -1.01
C GLU F 17 54.67 -30.60 0.24
N PRO F 18 54.95 -29.31 0.09
CA PRO F 18 54.85 -28.41 1.26
C PRO F 18 53.44 -28.40 1.86
N PHE F 19 53.38 -28.26 3.18
CA PHE F 19 52.12 -28.26 3.93
C PHE F 19 51.73 -26.83 4.19
N LYS F 20 50.48 -26.49 3.86
CA LYS F 20 50.03 -25.09 3.86
C LYS F 20 48.76 -24.89 4.67
N ILE F 21 48.83 -24.04 5.68
CA ILE F 21 47.64 -23.64 6.41
C ILE F 21 47.54 -22.11 6.40
N SER F 22 46.45 -21.58 6.93
CA SER F 22 46.22 -20.15 6.87
C SER F 22 47.30 -19.35 7.62
N LEU F 23 48.00 -20.04 8.53
CA LEU F 23 49.00 -19.38 9.37
C LEU F 23 50.39 -19.32 8.75
N GLY F 24 50.64 -20.15 7.74
CA GLY F 24 51.96 -20.28 7.16
C GLY F 24 52.22 -21.57 6.39
N ILE F 25 53.44 -21.68 5.85
CA ILE F 25 53.85 -22.83 5.07
C ILE F 25 55.03 -23.59 5.70
N LEU F 26 54.98 -24.92 5.62
CA LEU F 26 56.06 -25.75 6.16
C LEU F 26 56.59 -26.71 5.11
N THR F 27 57.92 -26.79 4.98
CA THR F 27 58.53 -27.69 4.01
C THR F 27 59.02 -28.99 4.65
N HIS F 28 59.26 -28.92 5.95
CA HIS F 28 59.77 -30.05 6.69
C HIS F 28 58.95 -30.30 7.95
N ALA F 29 58.89 -31.55 8.37
CA ALA F 29 58.51 -31.85 9.73
C ALA F 29 59.79 -31.81 10.56
N ASN F 30 60.05 -30.67 11.20
CA ASN F 30 61.20 -30.56 12.08
C ASN F 30 60.86 -30.99 13.50
N ASN F 31 61.02 -32.28 13.77
CA ASN F 31 60.62 -32.85 15.06
C ASN F 31 61.75 -33.06 16.05
N VAL F 32 61.40 -33.25 17.32
CA VAL F 32 62.39 -33.59 18.33
C VAL F 32 62.03 -34.94 18.94
N ILE F 33 62.99 -35.86 18.97
CA ILE F 33 62.76 -37.19 19.51
C ILE F 33 63.36 -37.32 20.91
N VAL F 34 62.67 -38.05 21.77
CA VAL F 34 63.11 -38.24 23.14
C VAL F 34 63.19 -39.74 23.44
N ARG F 35 64.32 -40.19 24.00
CA ARG F 35 64.43 -41.56 24.49
C ARG F 35 64.79 -41.54 25.98
N ILE F 36 63.96 -42.15 26.81
CA ILE F 36 64.29 -42.35 28.21
C ILE F 36 64.79 -43.77 28.50
N HIS F 37 65.93 -43.85 29.18
CA HIS F 37 66.54 -45.13 29.57
C HIS F 37 66.35 -45.39 31.05
N THR F 38 65.95 -46.62 31.39
CA THR F 38 65.92 -47.02 32.80
C THR F 38 67.13 -47.88 33.16
N ALA F 39 67.37 -48.01 34.47
CA ALA F 39 68.44 -48.87 34.95
C ALA F 39 68.22 -50.32 34.49
N SER F 40 66.97 -50.76 34.51
CA SER F 40 66.62 -52.12 34.07
C SER F 40 66.84 -52.31 32.56
N GLY F 41 67.23 -51.25 31.86
CA GLY F 41 67.53 -51.34 30.45
C GLY F 41 66.34 -51.21 29.50
N HIS F 42 65.20 -50.78 30.03
CA HIS F 42 64.03 -50.47 29.21
C HIS F 42 64.17 -49.11 28.54
N ILE F 43 63.59 -48.98 27.35
CA ILE F 43 63.63 -47.70 26.62
C ILE F 43 62.25 -47.19 26.23
N GLY F 44 61.95 -45.96 26.65
CA GLY F 44 60.70 -45.30 26.25
C GLY F 44 60.92 -44.25 25.18
N TYR F 45 60.12 -44.31 24.12
CA TYR F 45 60.20 -43.29 23.07
C TYR F 45 59.09 -42.25 23.17
N GLY F 46 59.40 -41.01 22.79
CA GLY F 46 58.44 -39.93 22.71
C GLY F 46 58.86 -39.00 21.60
N GLU F 47 57.92 -38.34 20.97
CA GLU F 47 58.19 -37.46 19.85
C GLU F 47 57.37 -36.20 20.05
N CYS F 48 57.82 -35.08 19.48
CA CYS F 48 56.99 -33.88 19.39
C CYS F 48 57.32 -33.11 18.13
N SER F 49 56.35 -32.33 17.66
CA SER F 49 56.47 -31.69 16.35
C SER F 49 56.14 -30.21 16.49
N PRO F 50 57.10 -29.43 16.98
CA PRO F 50 56.84 -28.01 17.24
C PRO F 50 56.37 -27.27 15.99
N PHE F 51 55.33 -26.48 16.20
CA PHE F 51 54.72 -25.62 15.19
C PHE F 51 54.84 -24.18 15.68
N MET F 52 55.77 -23.41 15.12
CA MET F 52 56.03 -22.10 15.70
C MET F 52 54.77 -21.24 15.89
N THR F 53 53.85 -21.29 14.93
CA THR F 53 52.69 -20.40 14.95
C THR F 53 51.53 -20.84 15.86
N ILE F 54 51.68 -22.00 16.50
CA ILE F 54 50.64 -22.51 17.36
C ILE F 54 51.17 -22.86 18.76
N HIS F 55 52.26 -23.64 18.80
CA HIS F 55 52.87 -24.04 20.06
C HIS F 55 53.67 -22.90 20.65
N GLY F 56 54.28 -22.11 19.76
CA GLY F 56 55.20 -21.07 20.16
C GLY F 56 56.53 -21.71 20.52
N GLU F 57 56.79 -22.85 19.90
CA GLU F 57 58.06 -23.54 20.09
C GLU F 57 58.59 -23.88 18.71
N SER F 58 59.89 -24.19 18.63
CA SER F 58 60.48 -24.68 17.40
C SER F 58 61.30 -25.90 17.71
N MET F 59 61.79 -26.57 16.68
CA MET F 59 62.69 -27.70 16.91
C MET F 59 63.88 -27.21 17.74
N ASP F 60 64.35 -26.01 17.47
CA ASP F 60 65.51 -25.49 18.19
C ASP F 60 65.24 -25.25 19.66
N THR F 61 64.10 -24.64 19.98
CA THR F 61 63.75 -24.42 21.40
C THR F 61 63.46 -25.73 22.10
N ALA F 62 62.75 -26.63 21.42
CA ALA F 62 62.39 -27.90 22.03
C ALA F 62 63.64 -28.65 22.43
N PHE F 63 64.62 -28.67 21.54
CA PHE F 63 65.86 -29.37 21.77
C PHE F 63 66.60 -28.85 23.01
N ILE F 64 66.40 -27.58 23.36
CA ILE F 64 67.10 -27.03 24.51
C ILE F 64 66.30 -27.20 25.79
N VAL F 65 65.03 -26.84 25.74
CA VAL F 65 64.20 -26.95 26.93
C VAL F 65 64.20 -28.41 27.33
N GLY F 66 64.19 -29.30 26.33
CA GLY F 66 64.21 -30.73 26.56
C GLY F 66 65.33 -31.13 27.49
N GLN F 67 66.48 -30.49 27.33
CA GLN F 67 67.65 -30.76 28.18
C GLN F 67 67.42 -30.32 29.62
N TYR F 68 66.76 -29.18 29.82
CA TYR F 68 66.37 -28.75 31.16
C TYR F 68 65.54 -29.85 31.80
N LEU F 69 64.60 -30.37 31.03
CA LEU F 69 63.65 -31.37 31.50
C LEU F 69 64.38 -32.66 31.84
N ALA F 70 65.15 -33.17 30.89
CA ALA F 70 65.94 -34.38 31.14
C ALA F 70 66.72 -34.31 32.48
N LYS F 71 67.49 -33.25 32.66
CA LYS F 71 68.23 -33.06 33.91
C LYS F 71 67.35 -33.30 35.14
N GLY F 72 66.14 -32.78 35.12
CA GLY F 72 65.26 -32.89 36.28
C GLY F 72 64.74 -34.30 36.51
N LEU F 73 64.58 -35.05 35.44
CA LEU F 73 64.02 -36.39 35.47
C LEU F 73 65.06 -37.46 35.81
N ILE F 74 66.33 -37.15 35.67
CA ILE F 74 67.36 -38.14 35.99
C ILE F 74 67.30 -38.47 37.47
N GLY F 75 67.18 -39.76 37.76
CA GLY F 75 67.15 -40.23 39.14
C GLY F 75 65.75 -40.52 39.67
N THR F 76 64.74 -40.07 38.94
CA THR F 76 63.35 -40.28 39.36
C THR F 76 62.83 -41.61 38.83
N SER F 77 61.65 -42.01 39.31
CA SER F 77 61.00 -43.23 38.87
C SER F 77 60.08 -42.98 37.68
N CYS F 78 60.38 -43.62 36.56
CA CYS F 78 59.57 -43.43 35.36
C CYS F 78 58.09 -43.84 35.54
N LEU F 79 57.77 -44.48 36.66
CA LEU F 79 56.39 -44.90 36.90
C LEU F 79 55.54 -43.82 37.55
N ASP F 80 56.19 -42.87 38.21
CA ASP F 80 55.51 -41.72 38.82
C ASP F 80 55.19 -40.65 37.77
N ILE F 81 54.36 -41.02 36.81
CA ILE F 81 54.00 -40.12 35.73
C ILE F 81 53.51 -38.75 36.23
N VAL F 82 52.55 -38.76 37.15
CA VAL F 82 52.02 -37.49 37.66
C VAL F 82 53.09 -36.65 38.34
N SER F 83 53.82 -37.25 39.27
CA SER F 83 54.91 -36.56 39.98
C SER F 83 55.92 -35.93 39.01
N ASN F 84 56.28 -36.66 37.97
CA ASN F 84 57.24 -36.16 36.99
C ASN F 84 56.69 -35.07 36.07
N SER F 85 55.45 -35.24 35.62
CA SER F 85 54.80 -34.20 34.83
C SER F 85 54.83 -32.90 35.63
N LEU F 86 54.67 -33.04 36.94
CA LEU F 86 54.63 -31.88 37.83
C LEU F 86 56.02 -31.29 38.00
N LEU F 87 57.00 -32.19 38.04
CA LEU F 87 58.40 -31.81 38.14
C LEU F 87 58.86 -30.97 36.92
N MET F 88 58.43 -31.37 35.74
CA MET F 88 58.70 -30.61 34.55
C MET F 88 58.05 -29.22 34.64
N ASP F 89 56.77 -29.17 35.01
CA ASP F 89 56.06 -27.91 35.12
C ASP F 89 56.78 -26.96 36.09
N ALA F 90 57.36 -27.53 37.14
CA ALA F 90 58.07 -26.72 38.14
C ALA F 90 59.39 -26.17 37.59
N ILE F 91 59.93 -26.83 36.57
CA ILE F 91 61.16 -26.38 35.92
C ILE F 91 60.90 -25.21 34.96
N ILE F 92 59.86 -25.32 34.14
CA ILE F 92 59.57 -24.30 33.14
C ILE F 92 58.08 -24.28 32.75
N TYR F 93 57.51 -23.07 32.69
CA TYR F 93 56.11 -22.89 32.37
C TYR F 93 55.88 -23.11 30.87
N GLY F 94 54.65 -23.46 30.50
CA GLY F 94 54.34 -23.74 29.11
C GLY F 94 55.24 -24.79 28.51
N ASN F 95 55.67 -24.57 27.28
CA ASN F 95 56.46 -25.54 26.54
C ASN F 95 55.81 -26.92 26.47
N SER F 96 54.49 -26.95 26.27
CA SER F 96 53.76 -28.21 26.24
C SER F 96 54.28 -29.18 25.19
N CYS F 97 54.69 -28.67 24.04
CA CYS F 97 55.10 -29.53 22.93
C CYS F 97 56.22 -30.48 23.32
N ILE F 98 57.35 -29.93 23.75
CA ILE F 98 58.43 -30.77 24.20
C ILE F 98 58.00 -31.62 25.41
N LYS F 99 57.34 -31.01 26.38
CA LYS F 99 56.81 -31.77 27.53
C LYS F 99 56.05 -33.05 27.14
N SER F 100 55.17 -32.92 26.14
CA SER F 100 54.38 -34.06 25.70
C SER F 100 55.27 -35.22 25.26
N ALA F 101 56.41 -34.92 24.62
CA ALA F 101 57.30 -35.99 24.18
C ALA F 101 57.86 -36.76 25.37
N PHE F 102 58.25 -36.03 26.42
CA PHE F 102 58.66 -36.70 27.64
C PHE F 102 57.52 -37.50 28.26
N ASN F 103 56.36 -36.87 28.37
CA ASN F 103 55.19 -37.54 28.93
C ASN F 103 54.88 -38.83 28.17
N ILE F 104 54.81 -38.75 26.84
CA ILE F 104 54.53 -39.93 26.04
C ILE F 104 55.53 -41.04 26.35
N ALA F 105 56.82 -40.70 26.38
CA ALA F 105 57.83 -41.72 26.63
C ALA F 105 57.65 -42.36 27.99
N LEU F 106 57.42 -41.55 29.03
CA LEU F 106 57.10 -42.10 30.34
C LEU F 106 55.94 -43.15 30.30
N TYR F 107 54.86 -42.84 29.58
CA TYR F 107 53.76 -43.79 29.43
C TYR F 107 54.19 -45.04 28.70
N ASP F 108 55.06 -44.88 27.72
CA ASP F 108 55.61 -46.03 27.02
C ASP F 108 56.26 -46.97 28.03
N LEU F 109 57.20 -46.43 28.83
CA LEU F 109 57.80 -47.18 29.92
C LEU F 109 56.75 -47.83 30.82
N ALA F 110 55.80 -47.04 31.32
CA ALA F 110 54.77 -47.56 32.24
C ALA F 110 54.01 -48.76 31.67
N ALA F 111 53.52 -48.63 30.45
CA ALA F 111 52.85 -49.72 29.78
C ALA F 111 53.77 -50.92 29.59
N GLN F 112 55.04 -50.67 29.26
CA GLN F 112 56.00 -51.77 29.14
C GLN F 112 56.12 -52.55 30.43
N HIS F 113 56.10 -51.82 31.54
CA HIS F 113 56.29 -52.42 32.85
C HIS F 113 55.09 -53.25 33.23
N ALA F 114 53.93 -52.88 32.69
CA ALA F 114 52.68 -53.57 32.98
C ALA F 114 52.43 -54.67 31.96
N GLY F 115 53.25 -54.68 30.91
CA GLY F 115 53.16 -55.70 29.87
C GLY F 115 51.89 -55.54 29.07
N LEU F 116 51.47 -54.29 28.91
CA LEU F 116 50.31 -53.97 28.10
C LEU F 116 50.62 -52.96 27.00
N PRO F 117 49.92 -53.06 25.86
CA PRO F 117 49.97 -51.96 24.89
C PRO F 117 49.40 -50.71 25.54
N LEU F 118 49.86 -49.54 25.10
CA LEU F 118 49.45 -48.27 25.71
C LEU F 118 47.94 -48.17 25.89
N TYR F 119 47.20 -48.43 24.82
CA TYR F 119 45.76 -48.29 24.85
C TYR F 119 45.10 -49.11 25.92
N ALA F 120 45.53 -50.34 26.09
CA ALA F 120 45.03 -51.16 27.18
C ALA F 120 45.51 -50.64 28.55
N PHE F 121 46.74 -50.12 28.60
CA PHE F 121 47.23 -49.60 29.87
C PHE F 121 46.37 -48.42 30.32
N LEU F 122 45.79 -47.73 29.34
CA LEU F 122 45.01 -46.53 29.63
C LEU F 122 43.52 -46.83 29.86
N GLY F 123 43.17 -48.11 29.82
CA GLY F 123 41.81 -48.54 30.09
C GLY F 123 40.94 -48.56 28.84
N GLY F 124 41.55 -48.52 27.67
CA GLY F 124 40.79 -48.51 26.44
C GLY F 124 40.67 -49.90 25.87
N LYS F 125 40.00 -50.02 24.73
CA LYS F 125 39.85 -51.30 24.07
C LYS F 125 39.53 -51.11 22.61
N LYS F 126 39.83 -52.10 21.78
CA LYS F 126 39.59 -51.99 20.35
C LYS F 126 38.15 -52.31 19.98
N ASP F 127 37.27 -51.33 20.16
CA ASP F 127 35.85 -51.54 19.91
C ASP F 127 35.30 -50.60 18.84
N LYS F 128 36.19 -50.04 18.02
CA LYS F 128 35.75 -49.18 16.93
C LYS F 128 36.82 -49.09 15.85
N ILE F 129 36.41 -48.73 14.64
CA ILE F 129 37.37 -48.53 13.57
C ILE F 129 37.93 -47.10 13.60
N ILE F 130 39.26 -46.98 13.55
CA ILE F 130 39.91 -45.68 13.45
C ILE F 130 40.16 -45.32 11.98
N GLN F 131 39.50 -44.26 11.52
CA GLN F 131 39.63 -43.87 10.12
C GLN F 131 40.09 -42.42 9.99
N THR F 132 41.23 -42.23 9.34
CA THR F 132 41.78 -40.90 9.19
C THR F 132 41.24 -40.19 7.96
N ASP F 133 41.18 -38.86 8.06
CA ASP F 133 40.94 -38.02 6.91
C ASP F 133 42.29 -37.79 6.23
N TYR F 134 42.30 -36.96 5.20
CA TYR F 134 43.55 -36.53 4.62
C TYR F 134 43.38 -35.05 4.27
N THR F 135 44.45 -34.27 4.46
CA THR F 135 44.38 -32.82 4.40
C THR F 135 44.76 -32.24 3.03
N VAL F 136 43.91 -31.35 2.53
CA VAL F 136 44.25 -30.55 1.37
C VAL F 136 44.80 -29.20 1.84
N SER F 137 46.07 -28.93 1.54
CA SER F 137 46.69 -27.66 1.91
C SER F 137 45.97 -26.50 1.25
N ILE F 138 46.00 -25.34 1.90
CA ILE F 138 45.36 -24.13 1.40
C ILE F 138 46.16 -23.53 0.23
N ASP F 139 45.52 -23.46 -0.93
CA ASP F 139 46.20 -23.04 -2.15
C ASP F 139 45.20 -22.36 -3.10
N GLU F 140 45.61 -22.18 -4.35
CA GLU F 140 44.70 -21.74 -5.42
C GLU F 140 43.65 -22.83 -5.65
N PRO F 141 42.38 -22.42 -5.83
CA PRO F 141 41.26 -23.38 -5.86
C PRO F 141 41.36 -24.56 -6.84
N HIS F 142 41.92 -24.35 -8.03
CA HIS F 142 42.13 -25.46 -8.98
C HIS F 142 43.09 -26.49 -8.40
N LYS F 143 44.24 -26.02 -7.90
CA LYS F 143 45.21 -26.87 -7.22
C LYS F 143 44.55 -27.67 -6.10
N MET F 144 43.73 -27.01 -5.29
CA MET F 144 43.05 -27.66 -4.18
C MET F 144 42.10 -28.74 -4.67
N ALA F 145 41.36 -28.44 -5.73
CA ALA F 145 40.44 -29.41 -6.28
C ALA F 145 41.21 -30.62 -6.81
N ALA F 146 42.33 -30.37 -7.48
CA ALA F 146 43.13 -31.44 -8.06
C ALA F 146 43.60 -32.39 -6.96
N ASP F 147 44.08 -31.83 -5.85
CA ASP F 147 44.51 -32.59 -4.68
C ASP F 147 43.35 -33.38 -4.06
N ALA F 148 42.18 -32.77 -3.98
CA ALA F 148 41.00 -33.45 -3.46
C ALA F 148 40.70 -34.69 -4.28
N VAL F 149 40.82 -34.57 -5.59
CA VAL F 149 40.59 -35.68 -6.50
C VAL F 149 41.60 -36.81 -6.24
N GLN F 150 42.88 -36.47 -6.32
CA GLN F 150 43.94 -37.43 -6.03
C GLN F 150 43.73 -38.16 -4.70
N ILE F 151 43.21 -37.45 -3.69
CA ILE F 151 42.98 -38.03 -2.37
C ILE F 151 41.85 -39.03 -2.39
N LYS F 152 40.79 -38.71 -3.12
CA LYS F 152 39.66 -39.64 -3.29
C LYS F 152 40.09 -40.87 -4.08
N LYS F 153 40.89 -40.64 -5.12
CA LYS F 153 41.49 -41.70 -5.93
C LYS F 153 42.33 -42.67 -5.10
N ASN F 154 43.09 -42.15 -4.15
CA ASN F 154 43.91 -42.98 -3.25
C ASN F 154 43.08 -43.79 -2.24
N GLY F 155 41.78 -43.51 -2.17
CA GLY F 155 40.89 -44.33 -1.38
C GLY F 155 40.40 -43.72 -0.08
N PHE F 156 40.86 -42.52 0.22
CA PHE F 156 40.44 -41.85 1.46
C PHE F 156 38.98 -41.43 1.38
N GLU F 157 38.24 -41.62 2.48
CA GLU F 157 36.80 -41.37 2.47
C GLU F 157 36.39 -40.09 3.19
N ILE F 158 37.34 -39.49 3.90
CA ILE F 158 37.12 -38.22 4.59
C ILE F 158 38.19 -37.23 4.16
N ILE F 159 37.78 -36.02 3.76
CA ILE F 159 38.74 -35.00 3.36
C ILE F 159 38.74 -33.83 4.32
N LYS F 160 39.92 -33.43 4.78
CA LYS F 160 40.04 -32.22 5.60
C LYS F 160 40.62 -31.07 4.77
N VAL F 161 39.85 -29.99 4.64
CA VAL F 161 40.25 -28.87 3.80
C VAL F 161 40.68 -27.65 4.61
N LYS F 162 41.85 -27.11 4.28
CA LYS F 162 42.38 -25.94 4.96
C LYS F 162 41.84 -24.67 4.32
N VAL F 163 41.09 -23.91 5.08
CA VAL F 163 40.57 -22.63 4.62
C VAL F 163 41.09 -21.53 5.54
N GLY F 164 40.56 -20.33 5.38
CA GLY F 164 40.96 -19.22 6.23
C GLY F 164 41.35 -17.98 5.45
N GLY F 165 41.10 -18.01 4.14
CA GLY F 165 41.34 -16.86 3.28
C GLY F 165 40.18 -15.89 3.38
N SER F 166 39.99 -15.10 2.31
CA SER F 166 38.82 -14.23 2.19
C SER F 166 37.52 -15.03 2.02
N LYS F 167 36.39 -14.44 2.35
CA LYS F 167 35.10 -15.12 2.22
C LYS F 167 34.86 -15.63 0.82
N GLU F 168 35.10 -14.77 -0.18
CA GLU F 168 34.95 -15.12 -1.58
C GLU F 168 35.77 -16.36 -1.95
N LEU F 169 37.05 -16.31 -1.60
CA LEU F 169 38.02 -17.33 -2.00
C LEU F 169 37.81 -18.69 -1.34
N ASP F 170 37.38 -18.69 -0.08
CA ASP F 170 37.12 -19.94 0.64
C ASP F 170 35.90 -20.66 0.08
N VAL F 171 34.89 -19.88 -0.28
CA VAL F 171 33.70 -20.46 -0.87
C VAL F 171 34.03 -21.06 -2.22
N GLU F 172 34.83 -20.35 -3.02
CA GLU F 172 35.23 -20.87 -4.31
C GLU F 172 36.01 -22.16 -4.15
N ARG F 173 36.88 -22.21 -3.14
CA ARG F 173 37.64 -23.41 -2.83
C ARG F 173 36.73 -24.62 -2.52
N ILE F 174 35.82 -24.47 -1.57
CA ILE F 174 34.91 -25.55 -1.23
C ILE F 174 34.01 -25.99 -2.40
N ARG F 175 33.51 -25.02 -3.16
CA ARG F 175 32.68 -25.34 -4.32
C ARG F 175 33.47 -26.17 -5.30
N MET F 176 34.57 -25.60 -5.81
CA MET F 176 35.38 -26.30 -6.80
C MET F 176 35.77 -27.70 -6.38
N ILE F 177 35.84 -27.93 -5.06
CA ILE F 177 36.18 -29.25 -4.52
C ILE F 177 34.94 -30.17 -4.54
N ARG F 178 33.82 -29.66 -4.05
CA ARG F 178 32.58 -30.42 -4.09
C ARG F 178 32.21 -30.73 -5.53
N GLU F 179 32.57 -29.82 -6.42
CA GLU F 179 32.29 -29.93 -7.85
C GLU F 179 33.14 -31.00 -8.50
N ALA F 180 34.35 -31.18 -7.98
CA ALA F 180 35.32 -32.08 -8.60
C ALA F 180 35.52 -33.39 -7.85
N ALA F 181 34.76 -33.63 -6.77
CA ALA F 181 34.97 -34.85 -5.99
C ALA F 181 33.69 -35.52 -5.51
N GLY F 182 32.58 -34.80 -5.60
CA GLY F 182 31.30 -35.40 -5.29
C GLY F 182 30.72 -34.88 -4.00
N ASP F 183 29.49 -35.30 -3.70
CA ASP F 183 28.75 -34.79 -2.54
C ASP F 183 28.63 -35.87 -1.46
N SER F 184 29.12 -37.06 -1.79
CA SER F 184 28.96 -38.21 -0.91
C SER F 184 30.17 -38.39 0.00
N ILE F 185 31.34 -38.00 -0.49
CA ILE F 185 32.56 -38.03 0.31
C ILE F 185 32.41 -37.01 1.46
N THR F 186 32.62 -37.46 2.69
CA THR F 186 32.45 -36.57 3.82
C THR F 186 33.63 -35.61 3.92
N LEU F 187 33.36 -34.30 4.07
CA LEU F 187 34.46 -33.36 4.24
C LEU F 187 34.32 -32.37 5.40
N ARG F 188 35.47 -32.06 6.03
CA ARG F 188 35.56 -31.19 7.20
C ARG F 188 36.56 -30.08 6.90
N ILE F 189 36.37 -28.91 7.51
CA ILE F 189 37.23 -27.75 7.21
C ILE F 189 37.92 -27.17 8.44
N ASP F 190 39.01 -26.43 8.19
CA ASP F 190 39.87 -25.93 9.25
C ASP F 190 40.44 -24.59 8.81
N ALA F 191 40.10 -23.53 9.53
CA ALA F 191 40.54 -22.20 9.16
C ALA F 191 41.82 -21.77 9.86
N ASN F 192 42.18 -22.48 10.93
CA ASN F 192 43.32 -22.09 11.75
C ASN F 192 43.30 -20.60 12.09
N GLN F 193 42.22 -20.16 12.71
CA GLN F 193 42.10 -18.80 13.21
C GLN F 193 42.11 -17.74 12.10
N GLY F 194 41.81 -18.15 10.88
CA GLY F 194 41.99 -17.30 9.72
C GLY F 194 41.01 -16.16 9.50
N TRP F 195 39.79 -16.31 10.03
CA TRP F 195 38.71 -15.37 9.80
C TRP F 195 38.46 -14.44 11.00
N SER F 196 37.90 -13.27 10.73
CA SER F 196 37.37 -12.40 11.78
C SER F 196 36.01 -12.95 12.18
N VAL F 197 35.50 -12.55 13.34
CA VAL F 197 34.18 -13.03 13.75
C VAL F 197 33.15 -12.83 12.63
N GLU F 198 33.20 -11.68 11.98
CA GLU F 198 32.29 -11.36 10.88
C GLU F 198 32.42 -12.34 9.70
N THR F 199 33.59 -12.34 9.07
CA THR F 199 33.85 -13.22 7.93
C THR F 199 33.53 -14.69 8.25
N ALA F 200 33.74 -15.07 9.50
CA ALA F 200 33.48 -16.44 9.91
C ALA F 200 32.02 -16.80 9.67
N ILE F 201 31.16 -16.03 10.30
CA ILE F 201 29.72 -16.22 10.19
C ILE F 201 29.19 -16.14 8.76
N GLU F 202 29.64 -15.15 7.99
CA GLU F 202 29.24 -15.01 6.60
C GLU F 202 29.70 -16.19 5.74
N THR F 203 30.93 -16.63 5.99
CA THR F 203 31.51 -17.70 5.19
C THR F 203 30.90 -19.03 5.59
N LEU F 204 30.57 -19.17 6.87
CA LEU F 204 30.01 -20.43 7.36
C LEU F 204 28.56 -20.67 6.94
N THR F 205 27.78 -19.60 6.78
CA THR F 205 26.41 -19.76 6.32
C THR F 205 26.42 -19.91 4.80
N LEU F 206 27.40 -19.29 4.16
CA LEU F 206 27.60 -19.44 2.72
C LEU F 206 28.09 -20.85 2.34
N LEU F 207 28.59 -21.60 3.31
CA LEU F 207 29.16 -22.93 3.03
C LEU F 207 28.21 -24.07 3.37
N GLU F 208 27.22 -23.78 4.21
CA GLU F 208 26.27 -24.78 4.68
C GLU F 208 25.69 -25.65 3.56
N PRO F 209 25.36 -25.04 2.42
CA PRO F 209 24.89 -25.78 1.24
C PRO F 209 25.78 -26.96 0.85
N TYR F 210 27.09 -26.82 0.99
CA TYR F 210 28.03 -27.84 0.53
C TYR F 210 28.22 -28.99 1.53
N ASN F 211 27.40 -29.01 2.59
CA ASN F 211 27.36 -30.13 3.54
C ASN F 211 28.72 -30.45 4.14
N ILE F 212 29.18 -29.59 5.03
CA ILE F 212 30.46 -29.83 5.64
C ILE F 212 30.30 -30.34 7.09
N GLN F 213 31.16 -31.26 7.48
CA GLN F 213 30.97 -32.03 8.72
C GLN F 213 31.17 -31.20 9.99
N HIS F 214 32.26 -30.45 10.03
CA HIS F 214 32.50 -29.46 11.08
C HIS F 214 33.63 -28.53 10.67
N CYS F 215 33.74 -27.39 11.34
CA CYS F 215 34.80 -26.45 11.05
C CYS F 215 35.68 -26.21 12.27
N GLU F 216 37.00 -26.36 12.10
CA GLU F 216 37.95 -26.18 13.17
C GLU F 216 38.37 -24.73 13.27
N GLU F 217 38.39 -24.22 14.50
CA GLU F 217 39.00 -22.94 14.84
C GLU F 217 38.83 -21.89 13.76
N PRO F 218 37.63 -21.33 13.66
CA PRO F 218 37.32 -20.31 12.65
C PRO F 218 37.96 -18.96 12.93
N VAL F 219 38.13 -18.60 14.19
CA VAL F 219 38.69 -17.29 14.49
C VAL F 219 39.85 -17.38 15.46
N SER F 220 40.54 -16.26 15.65
CA SER F 220 41.62 -16.16 16.60
C SER F 220 41.32 -16.82 17.94
N ARG F 221 42.34 -17.47 18.50
CA ARG F 221 42.22 -18.14 19.77
C ARG F 221 42.00 -17.12 20.89
N ASN F 222 42.34 -15.88 20.59
CA ASN F 222 42.13 -14.79 21.54
C ASN F 222 40.68 -14.37 21.60
N LEU F 223 39.94 -14.72 20.57
CA LEU F 223 38.55 -14.35 20.47
C LEU F 223 37.60 -15.49 20.79
N TYR F 224 38.04 -16.42 21.64
CA TYR F 224 37.22 -17.60 21.94
C TYR F 224 35.87 -17.24 22.56
N THR F 225 35.80 -16.05 23.16
CA THR F 225 34.57 -15.58 23.78
C THR F 225 33.50 -15.29 22.74
N ALA F 226 33.91 -15.05 21.50
CA ALA F 226 32.97 -14.85 20.40
C ALA F 226 32.52 -16.18 19.77
N LEU F 227 33.01 -17.28 20.30
CA LEU F 227 32.65 -18.57 19.74
C LEU F 227 31.17 -18.90 19.95
N PRO F 228 30.64 -18.71 21.17
CA PRO F 228 29.22 -19.01 21.35
C PRO F 228 28.36 -18.29 20.32
N LYS F 229 28.63 -17.01 20.10
CA LYS F 229 27.89 -16.25 19.09
C LYS F 229 27.92 -16.92 17.70
N ILE F 230 29.09 -17.40 17.31
CA ILE F 230 29.24 -18.04 16.00
C ILE F 230 28.52 -19.39 15.94
N ARG F 231 28.59 -20.12 17.05
CA ARG F 231 27.98 -21.43 17.13
C ARG F 231 26.47 -21.36 16.88
N GLN F 232 25.87 -20.30 17.41
CA GLN F 232 24.43 -20.15 17.40
C GLN F 232 23.95 -19.60 16.07
N ALA F 233 24.82 -18.87 15.38
CA ALA F 233 24.49 -18.27 14.10
C ALA F 233 24.75 -19.21 12.92
N CYS F 234 25.42 -20.32 13.17
CA CYS F 234 25.85 -21.24 12.10
C CYS F 234 25.41 -22.69 12.27
N ARG F 235 25.00 -23.28 11.15
CA ARG F 235 24.47 -24.63 11.18
C ARG F 235 25.61 -25.62 11.29
N ILE F 236 26.67 -25.35 10.52
CA ILE F 236 27.88 -26.14 10.58
C ILE F 236 28.46 -26.16 11.99
N PRO F 237 28.72 -27.37 12.50
CA PRO F 237 29.23 -27.40 13.89
C PRO F 237 30.68 -26.90 13.92
N ILE F 238 31.06 -26.26 15.02
CA ILE F 238 32.42 -25.74 15.09
C ILE F 238 33.23 -26.48 16.13
N MET F 239 34.49 -26.74 15.77
CA MET F 239 35.39 -27.52 16.61
C MET F 239 36.55 -26.65 17.06
N ALA F 240 36.72 -26.56 18.37
CA ALA F 240 37.85 -25.84 18.97
C ALA F 240 39.17 -26.62 18.84
N ASP F 241 40.18 -26.00 18.26
CA ASP F 241 41.51 -26.58 18.18
C ASP F 241 42.50 -25.78 19.02
N GLU F 242 43.10 -24.74 18.44
CA GLU F 242 44.01 -23.88 19.17
C GLU F 242 43.39 -23.34 20.44
N SER F 243 42.07 -23.15 20.43
CA SER F 243 41.39 -22.58 21.58
C SER F 243 41.26 -23.58 22.73
N CYS F 244 41.50 -24.85 22.43
CA CYS F 244 41.40 -25.90 23.43
C CYS F 244 42.72 -26.64 23.53
N CYS F 245 43.56 -26.22 24.47
CA CYS F 245 44.88 -26.82 24.64
C CYS F 245 44.90 -27.76 25.82
N ASN F 246 44.61 -27.23 27.00
CA ASN F 246 44.62 -28.05 28.19
C ASN F 246 43.22 -28.16 28.75
N SER F 247 43.10 -28.77 29.93
CA SER F 247 41.80 -29.05 30.56
C SER F 247 41.10 -27.77 31.05
N PHE F 248 41.86 -26.82 31.58
CA PHE F 248 41.26 -25.54 31.96
C PHE F 248 40.59 -24.89 30.76
N ASP F 249 41.27 -24.89 29.62
CA ASP F 249 40.68 -24.38 28.38
C ASP F 249 39.38 -25.09 28.05
N ALA F 250 39.39 -26.42 28.19
CA ALA F 250 38.22 -27.22 27.87
C ALA F 250 37.05 -26.82 28.77
N GLU F 251 37.28 -26.81 30.07
CA GLU F 251 36.23 -26.48 31.03
C GLU F 251 35.59 -25.12 30.71
N ARG F 252 36.46 -24.15 30.43
CA ARG F 252 36.02 -22.80 30.16
C ARG F 252 35.15 -22.74 28.91
N LEU F 253 35.56 -23.44 27.85
CA LEU F 253 34.82 -23.44 26.59
C LEU F 253 33.44 -24.07 26.75
N ILE F 254 33.38 -25.14 27.52
CA ILE F 254 32.13 -25.81 27.86
C ILE F 254 31.22 -24.88 28.66
N GLN F 255 31.79 -24.23 29.69
CA GLN F 255 31.07 -23.31 30.55
C GLN F 255 30.27 -22.22 29.81
N ILE F 256 30.80 -21.77 28.68
CA ILE F 256 30.12 -20.74 27.90
C ILE F 256 29.54 -21.29 26.60
N GLN F 257 29.48 -22.61 26.51
CA GLN F 257 28.95 -23.29 25.32
C GLN F 257 29.54 -22.75 24.01
N ALA F 258 30.86 -22.78 23.93
CA ALA F 258 31.58 -22.14 22.83
C ALA F 258 31.60 -22.94 21.53
N CYS F 259 31.53 -24.27 21.63
CA CYS F 259 31.74 -25.08 20.43
C CYS F 259 31.04 -26.41 20.56
N ASP F 260 30.91 -27.08 19.43
CA ASP F 260 30.23 -28.37 19.35
C ASP F 260 31.15 -29.56 19.65
N SER F 261 32.43 -29.40 19.32
CA SER F 261 33.40 -30.47 19.48
C SER F 261 34.84 -29.97 19.70
N PHE F 262 35.69 -30.83 20.23
CA PHE F 262 37.08 -30.52 20.48
C PHE F 262 37.99 -31.21 19.47
N ASN F 263 39.14 -30.61 19.23
CA ASN F 263 40.24 -31.30 18.58
C ASN F 263 41.34 -31.49 19.60
N LEU F 264 41.50 -32.72 20.04
CA LEU F 264 42.48 -33.07 21.06
C LEU F 264 43.83 -33.48 20.47
N LYS F 265 44.90 -32.82 20.91
CA LYS F 265 46.26 -33.13 20.44
C LYS F 265 47.18 -33.25 21.67
N LEU F 266 48.02 -34.29 21.71
CA LEU F 266 48.85 -34.54 22.89
C LEU F 266 49.85 -33.42 23.18
N SER F 267 50.39 -32.80 22.11
CA SER F 267 51.32 -31.67 22.28
C SER F 267 50.73 -30.45 22.97
N LYS F 268 49.44 -30.17 22.74
CA LYS F 268 48.82 -29.00 23.35
C LYS F 268 48.56 -29.26 24.84
N SER F 269 48.20 -30.50 25.17
CA SER F 269 47.86 -30.86 26.53
C SER F 269 49.08 -31.29 27.36
N ALA F 270 50.26 -31.16 26.76
CA ALA F 270 51.53 -31.49 27.41
C ALA F 270 51.64 -32.97 27.75
N GLY F 271 51.00 -33.79 26.94
CA GLY F 271 51.09 -35.21 27.12
C GLY F 271 49.74 -35.89 27.24
N ILE F 272 49.78 -37.16 27.66
CA ILE F 272 48.60 -37.99 27.81
C ILE F 272 47.87 -37.70 29.11
N THR F 273 48.61 -37.57 30.20
CA THR F 273 47.98 -37.28 31.49
C THR F 273 46.82 -36.28 31.40
N ASN F 274 47.09 -35.09 30.87
CA ASN F 274 46.07 -34.06 30.80
C ASN F 274 45.08 -34.25 29.64
N ALA F 275 45.50 -34.95 28.59
CA ALA F 275 44.59 -35.25 27.48
C ALA F 275 43.44 -36.06 28.03
N LEU F 276 43.73 -36.94 28.98
CA LEU F 276 42.73 -37.79 29.62
C LEU F 276 41.66 -36.95 30.33
N ASN F 277 42.09 -35.91 31.06
CA ASN F 277 41.16 -34.98 31.69
C ASN F 277 40.23 -34.30 30.69
N ILE F 278 40.80 -33.81 29.58
CA ILE F 278 39.99 -33.23 28.52
C ILE F 278 38.95 -34.23 28.00
N ILE F 279 39.37 -35.46 27.77
CA ILE F 279 38.44 -36.49 27.32
C ILE F 279 37.28 -36.68 28.29
N ARG F 280 37.58 -36.79 29.57
CA ARG F 280 36.57 -36.95 30.62
C ARG F 280 35.54 -35.82 30.59
N LEU F 281 36.03 -34.59 30.47
CA LEU F 281 35.17 -33.42 30.38
C LEU F 281 34.26 -33.49 29.16
N ALA F 282 34.84 -33.85 28.01
CA ALA F 282 34.05 -33.99 26.79
C ALA F 282 32.96 -35.05 26.95
N GLU F 283 33.29 -36.13 27.68
CA GLU F 283 32.34 -37.19 27.99
C GLU F 283 31.19 -36.62 28.80
N GLN F 284 31.51 -35.97 29.92
CA GLN F 284 30.48 -35.39 30.79
C GLN F 284 29.59 -34.36 30.10
N ALA F 285 30.06 -33.86 28.97
CA ALA F 285 29.30 -32.86 28.21
C ALA F 285 28.85 -33.39 26.86
N HIS F 286 28.88 -34.70 26.70
CA HIS F 286 28.43 -35.36 25.47
C HIS F 286 28.91 -34.63 24.22
N MET F 287 30.21 -34.36 24.18
CA MET F 287 30.83 -33.65 23.06
C MET F 287 31.75 -34.58 22.30
N PRO F 288 31.49 -34.74 21.00
CA PRO F 288 32.38 -35.56 20.17
C PRO F 288 33.79 -34.99 20.14
N VAL F 289 34.79 -35.87 20.16
CA VAL F 289 36.18 -35.46 20.11
C VAL F 289 36.87 -36.01 18.85
N GLN F 290 37.67 -35.16 18.20
CA GLN F 290 38.55 -35.57 17.11
C GLN F 290 39.97 -35.58 17.63
N VAL F 291 40.68 -36.70 17.48
CA VAL F 291 42.10 -36.71 17.80
C VAL F 291 42.95 -36.36 16.56
N GLY F 292 43.89 -35.44 16.74
CA GLY F 292 44.75 -35.00 15.65
C GLY F 292 46.18 -34.83 16.11
N GLY F 293 46.88 -33.92 15.44
CA GLY F 293 48.29 -33.66 15.75
C GLY F 293 48.91 -32.70 14.77
N PHE F 294 50.24 -32.68 14.69
CA PHE F 294 50.90 -31.76 13.79
C PHE F 294 51.69 -32.51 12.74
N LEU F 295 53.02 -32.40 12.78
CA LEU F 295 53.84 -33.12 11.81
C LEU F 295 54.62 -34.29 12.42
N GLU F 296 54.14 -34.81 13.56
CA GLU F 296 54.73 -35.99 14.17
C GLU F 296 54.83 -37.12 13.14
N SER F 297 55.86 -37.96 13.27
CA SER F 297 55.98 -39.16 12.45
C SER F 297 54.96 -40.20 12.91
N ARG F 298 55.00 -41.41 12.35
CA ARG F 298 54.06 -42.44 12.79
C ARG F 298 54.25 -42.78 14.26
N LEU F 299 55.38 -42.41 14.84
CA LEU F 299 55.57 -42.76 16.23
C LEU F 299 54.68 -41.91 17.09
N GLY F 300 54.67 -40.60 16.83
CA GLY F 300 53.85 -39.67 17.59
C GLY F 300 52.38 -40.00 17.40
N PHE F 301 52.00 -40.25 16.15
CA PHE F 301 50.61 -40.55 15.89
C PHE F 301 50.18 -41.88 16.48
N THR F 302 51.14 -42.77 16.70
CA THR F 302 50.85 -44.04 17.33
C THR F 302 50.42 -43.76 18.75
N ALA F 303 51.01 -42.75 19.38
CA ALA F 303 50.59 -42.37 20.73
C ALA F 303 49.15 -41.84 20.68
N ALA F 304 48.90 -40.98 19.71
CA ALA F 304 47.54 -40.46 19.51
C ALA F 304 46.54 -41.61 19.32
N ALA F 305 46.87 -42.57 18.46
CA ALA F 305 45.95 -43.66 18.14
C ALA F 305 45.64 -44.51 19.37
N HIS F 306 46.63 -44.71 20.23
CA HIS F 306 46.39 -45.43 21.47
C HIS F 306 45.38 -44.67 22.32
N VAL F 307 45.60 -43.37 22.46
CA VAL F 307 44.73 -42.54 23.29
C VAL F 307 43.31 -42.55 22.73
N ALA F 308 43.24 -42.53 21.40
CA ALA F 308 41.98 -42.52 20.65
C ALA F 308 41.05 -43.67 21.03
N LEU F 309 41.60 -44.79 21.47
CA LEU F 309 40.80 -45.94 21.86
C LEU F 309 40.33 -45.89 23.32
N VAL F 310 40.58 -44.78 24.00
CA VAL F 310 40.32 -44.71 25.43
C VAL F 310 38.86 -44.39 25.80
N SER F 311 38.10 -43.81 24.86
CA SER F 311 36.73 -43.38 25.11
C SER F 311 35.86 -43.37 23.88
N LYS F 312 34.58 -43.68 24.05
CA LYS F 312 33.67 -43.79 22.93
C LYS F 312 33.25 -42.40 22.42
N THR F 313 33.57 -41.37 23.20
CA THR F 313 33.25 -40.00 22.81
C THR F 313 34.19 -39.54 21.69
N ILE F 314 35.35 -40.14 21.60
CA ILE F 314 36.28 -39.88 20.51
C ILE F 314 35.79 -40.63 19.27
N CYS F 315 35.73 -39.94 18.13
CA CYS F 315 35.09 -40.55 16.95
C CYS F 315 35.53 -39.98 15.60
N TYR F 316 36.42 -38.99 15.64
CA TYR F 316 37.01 -38.45 14.42
C TYR F 316 38.52 -38.52 14.55
N TYR F 317 39.21 -38.66 13.43
CA TYR F 317 40.67 -38.87 13.45
C TYR F 317 41.34 -38.11 12.31
N ASP F 318 42.35 -37.32 12.67
CA ASP F 318 43.19 -36.61 11.72
C ASP F 318 44.65 -37.09 11.92
N PHE F 319 45.02 -38.19 11.27
CA PHE F 319 46.33 -38.79 11.49
C PHE F 319 47.07 -38.90 10.17
N ASP F 320 47.02 -37.85 9.36
CA ASP F 320 47.41 -38.00 7.97
C ASP F 320 48.86 -37.64 7.63
N THR F 321 49.42 -36.68 8.35
CA THR F 321 50.70 -36.08 8.00
C THR F 321 51.89 -37.03 7.78
N PRO F 322 51.97 -38.14 8.55
CA PRO F 322 53.08 -39.07 8.34
C PRO F 322 53.16 -39.54 6.90
N LEU F 323 52.02 -39.62 6.21
CA LEU F 323 51.99 -40.01 4.80
C LEU F 323 52.61 -38.97 3.86
N MET F 324 52.96 -37.81 4.41
CA MET F 324 53.53 -36.74 3.61
C MET F 324 55.04 -36.70 3.69
N PHE F 325 55.62 -37.59 4.51
CA PHE F 325 57.07 -37.66 4.64
C PHE F 325 57.70 -38.20 3.35
N GLU F 326 58.88 -37.72 3.01
CA GLU F 326 59.61 -38.33 1.90
C GLU F 326 60.05 -39.73 2.28
N ALA F 327 60.30 -39.94 3.59
CA ALA F 327 60.82 -41.20 4.07
C ALA F 327 60.28 -41.51 5.47
N ASP F 328 59.82 -42.72 5.67
CA ASP F 328 59.30 -43.16 6.97
C ASP F 328 60.40 -43.83 7.80
N PRO F 329 60.84 -43.17 8.88
CA PRO F 329 61.95 -43.67 9.71
C PRO F 329 61.46 -44.50 10.91
N VAL F 330 60.17 -44.81 10.94
CA VAL F 330 59.60 -45.41 12.12
C VAL F 330 59.58 -46.92 12.01
N ARG F 331 59.87 -47.58 13.12
CA ARG F 331 59.82 -49.03 13.19
C ARG F 331 58.59 -49.40 14.03
N GLY F 332 57.72 -50.23 13.44
CA GLY F 332 56.50 -50.64 14.12
C GLY F 332 55.46 -49.56 14.02
N GLY F 333 54.77 -49.30 15.13
CA GLY F 333 53.75 -48.27 15.16
C GLY F 333 52.52 -48.58 14.31
N ILE F 334 51.58 -47.63 14.25
CA ILE F 334 50.32 -47.80 13.52
C ILE F 334 50.58 -48.08 12.04
N VAL F 335 49.72 -48.88 11.43
CA VAL F 335 49.83 -49.13 10.00
C VAL F 335 48.58 -48.65 9.27
N TYR F 336 48.82 -47.99 8.13
CA TYR F 336 47.75 -47.47 7.31
C TYR F 336 47.26 -48.53 6.35
N GLN F 337 45.99 -48.89 6.46
CA GLN F 337 45.36 -49.78 5.50
C GLN F 337 44.54 -48.99 4.48
N GLN F 338 43.80 -49.70 3.63
CA GLN F 338 43.00 -49.02 2.61
C GLN F 338 41.79 -48.33 3.22
N ARG F 339 41.30 -47.29 2.54
CA ARG F 339 40.20 -46.46 3.03
C ARG F 339 40.64 -45.56 4.20
N GLY F 340 41.94 -45.52 4.45
CA GLY F 340 42.47 -44.72 5.53
C GLY F 340 42.21 -45.30 6.91
N ILE F 341 41.92 -46.60 6.97
CA ILE F 341 41.74 -47.26 8.26
C ILE F 341 43.09 -47.50 8.96
N ILE F 342 43.14 -47.27 10.26
CA ILE F 342 44.37 -47.37 11.02
C ILE F 342 44.32 -48.55 11.99
N GLU F 343 45.39 -49.34 12.03
CA GLU F 343 45.52 -50.44 12.98
C GLU F 343 46.53 -50.12 14.07
N VAL F 344 46.16 -50.38 15.32
CA VAL F 344 47.03 -50.05 16.46
C VAL F 344 47.87 -51.24 16.96
N PRO F 345 49.17 -51.01 17.21
CA PRO F 345 50.04 -52.07 17.73
C PRO F 345 49.48 -52.74 18.98
N GLU F 346 49.74 -54.03 19.14
CA GLU F 346 49.20 -54.76 20.27
C GLU F 346 50.27 -55.18 21.26
N THR F 347 51.54 -55.03 20.90
CA THR F 347 52.65 -55.40 21.75
C THR F 347 52.73 -54.44 22.96
N ALA F 348 53.49 -54.81 23.98
CA ALA F 348 53.60 -53.98 25.18
C ALA F 348 54.23 -52.63 24.86
N GLY F 349 53.83 -51.60 25.62
CA GLY F 349 54.33 -50.24 25.46
C GLY F 349 53.76 -49.47 24.27
N LEU F 350 54.44 -48.41 23.88
CA LEU F 350 54.00 -47.60 22.74
C LEU F 350 53.80 -48.47 21.51
N GLY F 351 54.66 -49.47 21.34
CA GLY F 351 54.57 -50.36 20.21
C GLY F 351 55.19 -49.78 18.98
N ALA F 352 56.11 -48.84 19.16
CA ALA F 352 56.85 -48.23 18.05
C ALA F 352 58.21 -47.75 18.52
N GLY F 353 59.11 -47.59 17.56
CA GLY F 353 60.42 -47.01 17.82
C GLY F 353 61.00 -46.52 16.51
N TYR F 354 62.29 -46.24 16.47
CA TYR F 354 62.90 -45.78 15.23
C TYR F 354 63.81 -46.79 14.56
N GLN F 355 63.75 -46.81 13.22
CA GLN F 355 64.53 -47.70 12.37
C GLN F 355 65.98 -47.74 12.82
N LYS F 356 66.64 -48.87 12.58
CA LYS F 356 68.02 -49.05 13.03
C LYS F 356 68.94 -48.02 12.39
N ASP F 357 69.76 -47.39 13.23
CA ASP F 357 70.73 -46.39 12.79
C ASP F 357 70.17 -45.25 11.92
N TYR F 358 68.86 -45.03 11.99
CA TYR F 358 68.33 -43.76 11.54
C TYR F 358 68.71 -42.74 12.61
N LEU F 359 68.50 -43.10 13.86
CA LEU F 359 68.83 -42.23 14.99
C LEU F 359 70.31 -41.87 15.05
N SER F 360 71.17 -42.80 14.67
CA SER F 360 72.61 -42.56 14.80
C SER F 360 73.08 -41.49 13.82
N GLY F 361 72.27 -41.21 12.81
CA GLY F 361 72.59 -40.19 11.82
C GLY F 361 72.13 -38.79 12.22
N LEU F 362 71.35 -38.70 13.28
CA LEU F 362 70.74 -37.45 13.69
C LEU F 362 71.62 -36.67 14.65
N GLU F 363 71.47 -35.35 14.67
CA GLU F 363 72.12 -34.53 15.69
C GLU F 363 71.52 -34.88 17.04
N LYS F 364 72.35 -35.26 18.00
CA LYS F 364 71.81 -35.69 19.28
C LYS F 364 72.56 -35.14 20.48
N ILE F 365 71.90 -35.13 21.62
CA ILE F 365 72.57 -34.78 22.87
C ILE F 365 72.14 -35.83 23.87
N CYS F 366 72.92 -35.98 24.93
CA CYS F 366 72.75 -37.10 25.84
C CYS F 366 72.82 -36.58 27.27
N ILE F 367 71.73 -36.68 28.00
CA ILE F 367 71.71 -36.15 29.35
C ILE F 367 72.02 -37.26 30.34
N ASN F 368 73.19 -37.14 30.95
CA ASN F 368 73.80 -38.17 31.78
C ASN F 368 74.27 -39.41 31.04
N MET G 1 -60.92 37.36 -23.46
CA MET G 1 -61.67 36.56 -24.42
C MET G 1 -62.59 35.54 -23.74
N ILE G 2 -63.88 35.60 -24.06
CA ILE G 2 -64.87 34.71 -23.43
C ILE G 2 -64.85 33.29 -24.01
N ILE G 3 -65.02 32.31 -23.12
CA ILE G 3 -65.11 30.91 -23.54
C ILE G 3 -66.55 30.64 -23.94
N THR G 4 -66.72 30.20 -25.20
CA THR G 4 -68.07 30.03 -25.77
C THR G 4 -68.51 28.58 -25.85
N GLN G 5 -67.56 27.68 -26.09
CA GLN G 5 -67.86 26.26 -26.08
C GLN G 5 -66.60 25.42 -25.86
N VAL G 6 -66.78 24.25 -25.25
CA VAL G 6 -65.69 23.31 -25.12
C VAL G 6 -66.12 21.94 -25.62
N GLU G 7 -65.22 21.28 -26.35
CA GLU G 7 -65.45 19.93 -26.86
C GLU G 7 -64.57 18.95 -26.12
N LEU G 8 -65.10 17.76 -25.86
CA LEU G 8 -64.34 16.67 -25.27
C LEU G 8 -64.31 15.44 -26.18
N TYR G 9 -63.17 14.79 -26.28
CA TYR G 9 -63.02 13.64 -27.15
C TYR G 9 -62.45 12.46 -26.38
N LYS G 10 -63.00 11.27 -26.58
CA LYS G 10 -62.31 10.07 -26.13
C LYS G 10 -61.29 9.64 -27.21
N SER G 11 -60.02 9.59 -26.85
CA SER G 11 -58.97 9.31 -27.81
C SER G 11 -58.16 8.06 -27.46
N PRO G 12 -58.65 6.88 -27.88
CA PRO G 12 -57.94 5.64 -27.57
C PRO G 12 -57.05 5.25 -28.74
N VAL G 13 -55.74 5.19 -28.51
CA VAL G 13 -54.81 4.71 -29.52
C VAL G 13 -54.00 3.55 -28.97
N LYS G 14 -53.87 2.50 -29.76
CA LYS G 14 -53.22 1.27 -29.31
C LYS G 14 -51.70 1.40 -29.34
N LEU G 15 -51.02 0.72 -28.42
CA LEU G 15 -49.57 0.73 -28.36
C LEU G 15 -48.97 -0.44 -29.15
N LYS G 16 -47.82 -0.22 -29.78
CA LYS G 16 -47.10 -1.27 -30.50
C LYS G 16 -46.88 -2.47 -29.60
N GLU G 17 -46.18 -2.25 -28.48
CA GLU G 17 -46.01 -3.26 -27.45
C GLU G 17 -46.76 -2.78 -26.21
N PRO G 18 -47.38 -3.70 -25.48
CA PRO G 18 -48.03 -3.31 -24.22
C PRO G 18 -47.00 -2.71 -23.24
N PHE G 19 -47.47 -1.72 -22.47
CA PHE G 19 -46.67 -0.97 -21.48
C PHE G 19 -46.86 -1.59 -20.09
N LYS G 20 -45.76 -1.92 -19.43
CA LYS G 20 -45.82 -2.70 -18.19
C LYS G 20 -45.05 -2.06 -17.03
N ILE G 21 -45.76 -1.75 -15.96
CA ILE G 21 -45.14 -1.28 -14.74
C ILE G 21 -45.56 -2.19 -13.59
N SER G 22 -44.93 -2.02 -12.43
CA SER G 22 -45.18 -2.92 -11.31
C SER G 22 -46.65 -2.94 -10.90
N LEU G 23 -47.37 -1.87 -11.23
CA LEU G 23 -48.75 -1.71 -10.81
C LEU G 23 -49.75 -2.38 -11.76
N GLY G 24 -49.32 -2.65 -12.99
CA GLY G 24 -50.21 -3.19 -14.00
C GLY G 24 -49.76 -3.07 -15.45
N ILE G 25 -50.61 -3.54 -16.36
CA ILE G 25 -50.29 -3.54 -17.79
C ILE G 25 -51.30 -2.72 -18.59
N LEU G 26 -50.82 -2.00 -19.59
CA LEU G 26 -51.70 -1.19 -20.44
C LEU G 26 -51.46 -1.50 -21.90
N THR G 27 -52.54 -1.68 -22.66
CA THR G 27 -52.43 -1.98 -24.09
C THR G 27 -52.73 -0.76 -24.95
N HIS G 28 -53.42 0.21 -24.37
CA HIS G 28 -53.80 1.43 -25.07
C HIS G 28 -53.48 2.66 -24.25
N ALA G 29 -53.21 3.75 -24.93
CA ALA G 29 -53.25 5.05 -24.30
C ALA G 29 -54.67 5.54 -24.45
N ASN G 30 -55.51 5.27 -23.46
CA ASN G 30 -56.86 5.82 -23.47
C ASN G 30 -56.96 7.22 -22.91
N ASN G 31 -56.75 8.21 -23.78
CA ASN G 31 -56.69 9.62 -23.35
C ASN G 31 -58.00 10.37 -23.55
N VAL G 32 -58.10 11.54 -22.93
CA VAL G 32 -59.22 12.43 -23.14
C VAL G 32 -58.71 13.77 -23.68
N ILE G 33 -59.27 14.23 -24.80
CA ILE G 33 -58.86 15.49 -25.42
C ILE G 33 -59.85 16.60 -25.12
N VAL G 34 -59.34 17.81 -24.93
CA VAL G 34 -60.18 18.96 -24.57
C VAL G 34 -59.86 20.11 -25.51
N ARG G 35 -60.90 20.71 -26.08
CA ARG G 35 -60.73 21.88 -26.94
C ARG G 35 -61.60 22.99 -26.38
N ILE G 36 -60.96 24.13 -26.10
CA ILE G 36 -61.72 25.29 -25.65
C ILE G 36 -61.81 26.34 -26.78
N HIS G 37 -63.05 26.80 -27.04
CA HIS G 37 -63.31 27.81 -28.06
C HIS G 37 -63.61 29.16 -27.41
N THR G 38 -62.98 30.20 -27.94
CA THR G 38 -63.34 31.57 -27.55
C THR G 38 -64.26 32.25 -28.57
N ALA G 39 -64.88 33.35 -28.16
CA ALA G 39 -65.77 34.10 -29.03
C ALA G 39 -64.96 34.65 -30.20
N SER G 40 -63.72 35.02 -29.93
CA SER G 40 -62.84 35.54 -30.97
C SER G 40 -62.40 34.45 -31.95
N GLY G 41 -62.81 33.20 -31.68
CA GLY G 41 -62.56 32.08 -32.58
C GLY G 41 -61.21 31.39 -32.40
N HIS G 42 -60.54 31.68 -31.29
CA HIS G 42 -59.29 31.01 -30.94
C HIS G 42 -59.57 29.66 -30.32
N ILE G 43 -58.68 28.71 -30.55
CA ILE G 43 -58.86 27.37 -30.00
C ILE G 43 -57.68 26.91 -29.18
N GLY G 44 -57.97 26.52 -27.93
CA GLY G 44 -56.95 25.92 -27.06
C GLY G 44 -57.09 24.41 -26.94
N TYR G 45 -55.96 23.71 -27.08
CA TYR G 45 -55.96 22.25 -26.89
C TYR G 45 -55.38 21.83 -25.55
N GLY G 46 -55.91 20.75 -25.01
CA GLY G 46 -55.37 20.14 -23.81
C GLY G 46 -55.65 18.65 -23.85
N GLU G 47 -54.79 17.87 -23.23
CA GLU G 47 -54.92 16.42 -23.27
C GLU G 47 -54.64 15.87 -21.88
N CYS G 48 -55.19 14.71 -21.56
CA CYS G 48 -54.83 14.05 -20.32
C CYS G 48 -54.91 12.55 -20.50
N SER G 49 -54.11 11.81 -19.75
CA SER G 49 -53.97 10.37 -19.98
C SER G 49 -54.20 9.62 -18.67
N PRO G 50 -55.48 9.45 -18.28
CA PRO G 50 -55.80 8.82 -16.99
C PRO G 50 -55.14 7.48 -16.83
N PHE G 51 -54.59 7.25 -15.65
CA PHE G 51 -53.95 5.99 -15.27
C PHE G 51 -54.69 5.53 -14.03
N MET G 52 -55.54 4.52 -14.17
CA MET G 52 -56.40 4.15 -13.06
C MET G 52 -55.66 3.92 -11.74
N THR G 53 -54.50 3.26 -11.80
CA THR G 53 -53.77 2.87 -10.58
C THR G 53 -52.96 4.01 -9.90
N ILE G 54 -52.94 5.18 -10.52
CA ILE G 54 -52.18 6.30 -9.98
C ILE G 54 -53.04 7.56 -9.81
N HIS G 55 -53.74 7.97 -10.87
CA HIS G 55 -54.63 9.13 -10.81
C HIS G 55 -55.90 8.77 -10.07
N GLY G 56 -56.35 7.53 -10.19
CA GLY G 56 -57.66 7.12 -9.71
C GLY G 56 -58.74 7.66 -10.64
N GLU G 57 -58.36 7.83 -11.91
CA GLU G 57 -59.29 8.27 -12.95
C GLU G 57 -59.13 7.33 -14.13
N SER G 58 -60.13 7.30 -15.00
CA SER G 58 -60.07 6.52 -16.24
C SER G 58 -60.53 7.42 -17.35
N MET G 59 -60.33 6.96 -18.59
CA MET G 59 -60.84 7.73 -19.73
C MET G 59 -62.35 7.95 -19.59
N ASP G 60 -63.05 6.94 -19.05
CA ASP G 60 -64.48 7.07 -18.83
C ASP G 60 -64.84 8.15 -17.79
N THR G 61 -64.20 8.14 -16.62
CA THR G 61 -64.49 9.15 -15.60
C THR G 61 -64.07 10.54 -16.09
N ALA G 62 -62.93 10.60 -16.76
CA ALA G 62 -62.42 11.88 -17.21
C ALA G 62 -63.43 12.52 -18.16
N PHE G 63 -63.96 11.69 -19.05
CA PHE G 63 -64.89 12.16 -20.06
C PHE G 63 -66.16 12.73 -19.45
N ILE G 64 -66.56 12.24 -18.28
CA ILE G 64 -67.74 12.77 -17.61
C ILE G 64 -67.44 14.00 -16.74
N VAL G 65 -66.42 13.90 -15.90
CA VAL G 65 -66.10 14.98 -14.98
C VAL G 65 -65.81 16.19 -15.85
N GLY G 66 -65.11 15.94 -16.96
CA GLY G 66 -64.76 16.98 -17.91
C GLY G 66 -65.95 17.83 -18.30
N GLN G 67 -67.11 17.17 -18.46
CA GLN G 67 -68.36 17.86 -18.77
C GLN G 67 -68.82 18.79 -17.62
N TYR G 68 -68.76 18.29 -16.39
CA TYR G 68 -69.03 19.17 -15.24
C TYR G 68 -68.18 20.43 -15.36
N LEU G 69 -66.89 20.23 -15.63
CA LEU G 69 -65.93 21.34 -15.68
C LEU G 69 -66.28 22.33 -16.79
N ALA G 70 -66.41 21.83 -18.02
CA ALA G 70 -66.80 22.63 -19.18
C ALA G 70 -68.01 23.50 -18.88
N LYS G 71 -69.07 22.91 -18.35
CA LYS G 71 -70.24 23.69 -17.94
C LYS G 71 -69.86 24.94 -17.12
N GLY G 72 -69.00 24.76 -16.11
CA GLY G 72 -68.62 25.85 -15.22
C GLY G 72 -67.76 26.92 -15.88
N LEU G 73 -67.00 26.51 -16.90
CA LEU G 73 -66.10 27.42 -17.61
C LEU G 73 -66.75 28.21 -18.75
N ILE G 74 -67.93 27.79 -19.17
CA ILE G 74 -68.64 28.52 -20.21
C ILE G 74 -69.03 29.91 -19.70
N GLY G 75 -68.63 30.93 -20.45
CA GLY G 75 -68.95 32.31 -20.11
C GLY G 75 -67.84 33.06 -19.40
N THR G 76 -66.84 32.32 -18.90
CA THR G 76 -65.72 32.93 -18.18
C THR G 76 -64.64 33.40 -19.14
N SER G 77 -63.66 34.14 -18.62
CA SER G 77 -62.54 34.61 -19.43
C SER G 77 -61.39 33.62 -19.40
N CYS G 78 -61.02 33.10 -20.58
CA CYS G 78 -59.94 32.11 -20.65
C CYS G 78 -58.60 32.64 -20.12
N LEU G 79 -58.52 33.96 -19.93
CA LEU G 79 -57.28 34.58 -19.47
C LEU G 79 -57.12 34.53 -17.94
N ASP G 80 -58.24 34.40 -17.22
CA ASP G 80 -58.22 34.28 -15.76
C ASP G 80 -57.88 32.86 -15.33
N ILE G 81 -56.70 32.39 -15.70
CA ILE G 81 -56.30 31.02 -15.41
C ILE G 81 -56.47 30.66 -13.94
N VAL G 82 -56.00 31.50 -13.03
CA VAL G 82 -56.13 31.16 -11.61
C VAL G 82 -57.59 31.08 -11.14
N SER G 83 -58.37 32.11 -11.47
CA SER G 83 -59.79 32.14 -11.13
C SER G 83 -60.52 30.89 -11.63
N ASN G 84 -60.19 30.45 -12.85
CA ASN G 84 -60.83 29.27 -13.45
C ASN G 84 -60.37 27.94 -12.84
N SER G 85 -59.07 27.84 -12.57
CA SER G 85 -58.53 26.67 -11.91
C SER G 85 -59.25 26.49 -10.60
N LEU G 86 -59.54 27.62 -9.98
CA LEU G 86 -60.21 27.63 -8.67
C LEU G 86 -61.66 27.24 -8.83
N LEU G 87 -62.26 27.70 -9.92
CA LEU G 87 -63.64 27.41 -10.26
C LEU G 87 -63.87 25.91 -10.46
N MET G 88 -62.94 25.27 -11.16
CA MET G 88 -62.97 23.82 -11.29
C MET G 88 -62.89 23.13 -9.92
N ASP G 89 -61.96 23.56 -9.09
CA ASP G 89 -61.77 22.93 -7.77
C ASP G 89 -63.05 23.05 -6.93
N ALA G 90 -63.77 24.15 -7.12
CA ALA G 90 -65.01 24.37 -6.36
C ALA G 90 -66.13 23.46 -6.85
N ILE G 91 -66.05 23.06 -8.12
CA ILE G 91 -66.99 22.10 -8.71
C ILE G 91 -66.78 20.66 -8.21
N ILE G 92 -65.53 20.19 -8.23
CA ILE G 92 -65.23 18.82 -7.81
C ILE G 92 -63.80 18.67 -7.24
N TYR G 93 -63.69 17.96 -6.11
CA TYR G 93 -62.39 17.74 -5.48
C TYR G 93 -61.58 16.71 -6.27
N GLY G 94 -60.26 16.78 -6.16
CA GLY G 94 -59.39 15.86 -6.87
C GLY G 94 -59.51 15.95 -8.38
N ASN G 95 -59.48 14.79 -9.03
CA ASN G 95 -59.65 14.71 -10.49
C ASN G 95 -58.63 15.57 -11.21
N SER G 96 -57.41 15.55 -10.71
CA SER G 96 -56.38 16.41 -11.27
C SER G 96 -56.13 16.12 -12.73
N CYS G 97 -56.15 14.83 -13.10
CA CYS G 97 -55.86 14.43 -14.47
C CYS G 97 -56.67 15.24 -15.46
N ILE G 98 -57.99 15.10 -15.40
CA ILE G 98 -58.84 15.82 -16.34
C ILE G 98 -58.63 17.32 -16.18
N LYS G 99 -58.61 17.79 -14.94
CA LYS G 99 -58.37 19.22 -14.67
C LYS G 99 -57.14 19.77 -15.41
N SER G 100 -56.06 18.98 -15.46
CA SER G 100 -54.85 19.41 -16.11
C SER G 100 -55.07 19.68 -17.58
N ALA G 101 -55.89 18.84 -18.22
CA ALA G 101 -56.19 19.05 -19.63
C ALA G 101 -56.85 20.42 -19.84
N PHE G 102 -57.82 20.76 -19.00
CA PHE G 102 -58.43 22.09 -19.10
C PHE G 102 -57.41 23.17 -18.86
N ASN G 103 -56.62 22.98 -17.80
CA ASN G 103 -55.61 23.97 -17.43
C ASN G 103 -54.65 24.21 -18.57
N ILE G 104 -54.13 23.13 -19.14
CA ILE G 104 -53.21 23.24 -20.29
C ILE G 104 -53.83 24.02 -21.44
N ALA G 105 -55.07 23.71 -21.77
CA ALA G 105 -55.75 24.41 -22.87
C ALA G 105 -55.88 25.91 -22.57
N LEU G 106 -56.28 26.24 -21.34
CA LEU G 106 -56.33 27.65 -20.94
C LEU G 106 -54.99 28.38 -21.16
N TYR G 107 -53.88 27.73 -20.80
CA TYR G 107 -52.57 28.31 -21.02
C TYR G 107 -52.32 28.49 -22.51
N ASP G 108 -52.74 27.49 -23.29
CA ASP G 108 -52.60 27.57 -24.74
C ASP G 108 -53.24 28.86 -25.23
N LEU G 109 -54.50 29.08 -24.83
CA LEU G 109 -55.20 30.31 -25.17
C LEU G 109 -54.39 31.54 -24.75
N ALA G 110 -53.98 31.55 -23.49
CA ALA G 110 -53.29 32.71 -22.93
C ALA G 110 -52.01 33.05 -23.72
N ALA G 111 -51.18 32.05 -23.97
CA ALA G 111 -49.97 32.26 -24.78
C ALA G 111 -50.29 32.79 -26.19
N GLN G 112 -51.31 32.20 -26.82
CA GLN G 112 -51.81 32.67 -28.12
C GLN G 112 -52.18 34.16 -28.09
N HIS G 113 -52.86 34.56 -27.01
CA HIS G 113 -53.30 35.94 -26.86
C HIS G 113 -52.11 36.88 -26.69
N ALA G 114 -51.00 36.36 -26.18
CA ALA G 114 -49.82 37.17 -25.95
C ALA G 114 -48.88 37.06 -27.14
N GLY G 115 -49.19 36.17 -28.07
CA GLY G 115 -48.36 36.02 -29.25
C GLY G 115 -47.01 35.40 -28.94
N LEU G 116 -46.99 34.52 -27.94
CA LEU G 116 -45.76 33.83 -27.58
C LEU G 116 -45.98 32.34 -27.51
N PRO G 117 -44.92 31.57 -27.77
CA PRO G 117 -44.96 30.13 -27.47
C PRO G 117 -45.12 29.95 -25.96
N LEU G 118 -45.71 28.84 -25.53
CA LEU G 118 -45.99 28.62 -24.11
C LEU G 118 -44.76 28.85 -23.24
N TYR G 119 -43.64 28.25 -23.62
CA TYR G 119 -42.44 28.32 -22.80
C TYR G 119 -42.01 29.76 -22.54
N ALA G 120 -42.05 30.59 -23.58
CA ALA G 120 -41.75 32.00 -23.42
C ALA G 120 -42.83 32.72 -22.59
N PHE G 121 -44.08 32.32 -22.75
CA PHE G 121 -45.17 32.93 -21.99
C PHE G 121 -44.97 32.67 -20.50
N LEU G 122 -44.35 31.54 -20.20
CA LEU G 122 -44.13 31.13 -18.80
C LEU G 122 -42.84 31.69 -18.21
N GLY G 123 -42.10 32.45 -19.03
CA GLY G 123 -40.86 33.07 -18.57
C GLY G 123 -39.66 32.18 -18.74
N GLY G 124 -39.80 31.15 -19.56
CA GLY G 124 -38.70 30.25 -19.86
C GLY G 124 -37.91 30.68 -21.08
N LYS G 125 -36.88 29.92 -21.43
CA LYS G 125 -36.06 30.21 -22.59
C LYS G 125 -35.26 28.98 -23.00
N LYS G 126 -34.89 28.90 -24.27
CA LYS G 126 -34.20 27.72 -24.77
C LYS G 126 -32.71 27.81 -24.47
N ASP G 127 -32.33 27.45 -23.26
CA ASP G 127 -30.92 27.54 -22.88
C ASP G 127 -30.32 26.18 -22.49
N LYS G 128 -30.98 25.11 -22.90
CA LYS G 128 -30.49 23.77 -22.59
C LYS G 128 -31.05 22.76 -23.58
N ILE G 129 -30.39 21.61 -23.69
CA ILE G 129 -30.89 20.54 -24.53
C ILE G 129 -31.82 19.64 -23.72
N ILE G 130 -32.99 19.36 -24.27
CA ILE G 130 -33.95 18.43 -23.67
C ILE G 130 -33.73 17.03 -24.27
N GLN G 131 -33.36 16.07 -23.42
CA GLN G 131 -33.07 14.74 -23.91
C GLN G 131 -33.85 13.70 -23.14
N THR G 132 -34.70 12.96 -23.86
CA THR G 132 -35.55 11.98 -23.22
C THR G 132 -34.84 10.64 -23.03
N ASP G 133 -35.25 9.91 -21.99
CA ASP G 133 -34.86 8.53 -21.82
C ASP G 133 -35.85 7.71 -22.64
N TYR G 134 -35.74 6.40 -22.54
CA TYR G 134 -36.76 5.51 -23.09
C TYR G 134 -36.99 4.36 -22.13
N THR G 135 -38.26 3.95 -22.00
CA THR G 135 -38.66 3.03 -20.94
C THR G 135 -38.67 1.55 -21.33
N VAL G 136 -38.01 0.73 -20.53
CA VAL G 136 -38.12 -0.73 -20.66
C VAL G 136 -39.18 -1.25 -19.70
N SER G 137 -40.29 -1.75 -20.26
CA SER G 137 -41.36 -2.31 -19.43
C SER G 137 -40.85 -3.47 -18.56
N ILE G 138 -41.53 -3.68 -17.44
CA ILE G 138 -41.16 -4.71 -16.50
C ILE G 138 -41.60 -6.09 -17.02
N ASP G 139 -40.62 -6.97 -17.24
CA ASP G 139 -40.89 -8.26 -17.84
C ASP G 139 -39.90 -9.31 -17.34
N GLU G 140 -39.85 -10.45 -18.02
CA GLU G 140 -38.81 -11.44 -17.78
C GLU G 140 -37.44 -10.85 -18.18
N PRO G 141 -36.40 -11.10 -17.36
CA PRO G 141 -35.09 -10.43 -17.54
C PRO G 141 -34.46 -10.51 -18.94
N HIS G 142 -34.57 -11.65 -19.64
CA HIS G 142 -34.06 -11.73 -21.00
C HIS G 142 -34.79 -10.75 -21.93
N LYS G 143 -36.12 -10.75 -21.83
CA LYS G 143 -36.96 -9.83 -22.61
C LYS G 143 -36.52 -8.41 -22.34
N MET G 144 -36.31 -8.07 -21.07
CA MET G 144 -35.94 -6.71 -20.70
C MET G 144 -34.59 -6.33 -21.29
N ALA G 145 -33.61 -7.23 -21.20
CA ALA G 145 -32.29 -7.00 -21.77
C ALA G 145 -32.38 -6.76 -23.28
N ALA G 146 -33.16 -7.60 -23.96
CA ALA G 146 -33.34 -7.47 -25.41
C ALA G 146 -33.85 -6.07 -25.76
N ASP G 147 -34.88 -5.63 -25.06
CA ASP G 147 -35.44 -4.29 -25.26
C ASP G 147 -34.40 -3.19 -24.98
N ALA G 148 -33.61 -3.37 -23.93
CA ALA G 148 -32.57 -2.41 -23.60
C ALA G 148 -31.60 -2.26 -24.78
N VAL G 149 -31.25 -3.40 -25.38
CA VAL G 149 -30.35 -3.40 -26.53
C VAL G 149 -30.99 -2.63 -27.70
N GLN G 150 -32.19 -3.04 -28.08
CA GLN G 150 -32.90 -2.37 -29.16
C GLN G 150 -32.94 -0.85 -28.96
N ILE G 151 -33.12 -0.43 -27.70
CA ILE G 151 -33.22 0.98 -27.35
C ILE G 151 -31.90 1.70 -27.58
N LYS G 152 -30.80 1.06 -27.17
CA LYS G 152 -29.47 1.62 -27.38
C LYS G 152 -29.17 1.70 -28.88
N LYS G 153 -29.58 0.65 -29.61
CA LYS G 153 -29.43 0.58 -31.06
C LYS G 153 -30.16 1.72 -31.77
N ASN G 154 -31.35 2.07 -31.27
CA ASN G 154 -32.11 3.17 -31.84
C ASN G 154 -31.49 4.53 -31.57
N GLY G 155 -30.48 4.56 -30.70
CA GLY G 155 -29.71 5.78 -30.46
C GLY G 155 -29.95 6.50 -29.14
N PHE G 156 -30.88 5.99 -28.33
CA PHE G 156 -31.18 6.59 -27.05
C PHE G 156 -30.00 6.44 -26.08
N GLU G 157 -29.71 7.50 -25.34
CA GLU G 157 -28.54 7.52 -24.46
C GLU G 157 -28.88 7.36 -22.98
N ILE G 158 -30.17 7.43 -22.67
CA ILE G 158 -30.65 7.25 -21.31
C ILE G 158 -31.74 6.18 -21.30
N ILE G 159 -31.60 5.18 -20.43
CA ILE G 159 -32.63 4.16 -20.32
C ILE G 159 -33.34 4.19 -18.98
N LYS G 160 -34.67 4.23 -19.00
CA LYS G 160 -35.47 4.11 -17.78
C LYS G 160 -36.04 2.69 -17.61
N VAL G 161 -35.66 2.01 -16.54
CA VAL G 161 -36.06 0.64 -16.33
C VAL G 161 -37.15 0.52 -15.26
N LYS G 162 -38.21 -0.20 -15.57
CA LYS G 162 -39.28 -0.43 -14.61
C LYS G 162 -38.98 -1.65 -13.75
N VAL G 163 -38.79 -1.41 -12.46
CA VAL G 163 -38.61 -2.49 -11.51
C VAL G 163 -39.77 -2.49 -10.50
N GLY G 164 -39.67 -3.31 -9.47
CA GLY G 164 -40.70 -3.34 -8.46
C GLY G 164 -41.11 -4.75 -8.11
N GLY G 165 -40.39 -5.73 -8.64
CA GLY G 165 -40.64 -7.13 -8.33
C GLY G 165 -39.96 -7.55 -7.03
N SER G 166 -39.67 -8.83 -6.88
CA SER G 166 -38.90 -9.31 -5.75
C SER G 166 -37.46 -8.78 -5.82
N LYS G 167 -36.76 -8.81 -4.69
CA LYS G 167 -35.37 -8.35 -4.63
C LYS G 167 -34.47 -9.13 -5.59
N GLU G 168 -34.56 -10.45 -5.54
CA GLU G 168 -33.79 -11.31 -6.43
C GLU G 168 -33.99 -10.94 -7.89
N LEU G 169 -35.26 -10.82 -8.30
CA LEU G 169 -35.64 -10.65 -9.70
C LEU G 169 -35.27 -9.27 -10.28
N ASP G 170 -35.36 -8.23 -9.45
CA ASP G 170 -35.01 -6.89 -9.91
C ASP G 170 -33.51 -6.77 -10.10
N VAL G 171 -32.75 -7.41 -9.22
CA VAL G 171 -31.31 -7.38 -9.35
C VAL G 171 -30.90 -8.12 -10.61
N GLU G 172 -31.54 -9.27 -10.87
CA GLU G 172 -31.22 -10.03 -12.07
C GLU G 172 -31.56 -9.21 -13.31
N ARG G 173 -32.67 -8.47 -13.25
CA ARG G 173 -33.07 -7.59 -14.35
C ARG G 173 -32.00 -6.55 -14.66
N ILE G 174 -31.56 -5.82 -13.64
CA ILE G 174 -30.57 -4.76 -13.84
C ILE G 174 -29.24 -5.30 -14.30
N ARG G 175 -28.81 -6.42 -13.71
CA ARG G 175 -27.56 -7.06 -14.13
C ARG G 175 -27.60 -7.43 -15.61
N MET G 176 -28.55 -8.29 -15.98
CA MET G 176 -28.69 -8.73 -17.36
C MET G 176 -28.75 -7.58 -18.36
N ILE G 177 -29.22 -6.42 -17.91
CA ILE G 177 -29.30 -5.24 -18.76
C ILE G 177 -27.93 -4.57 -18.87
N ARG G 178 -27.29 -4.36 -17.72
CA ARG G 178 -25.95 -3.78 -17.68
C ARG G 178 -25.00 -4.70 -18.45
N GLU G 179 -25.29 -5.99 -18.40
CA GLU G 179 -24.47 -7.02 -19.02
C GLU G 179 -24.63 -6.97 -20.53
N ALA G 180 -25.81 -6.56 -20.98
CA ALA G 180 -26.13 -6.62 -22.40
C ALA G 180 -26.16 -5.26 -23.10
N ALA G 181 -25.85 -4.19 -22.38
CA ALA G 181 -25.93 -2.86 -22.99
C ALA G 181 -24.77 -1.94 -22.63
N GLY G 182 -23.97 -2.33 -21.64
CA GLY G 182 -22.79 -1.56 -21.30
C GLY G 182 -22.91 -0.81 -19.99
N ASP G 183 -21.81 -0.19 -19.56
CA ASP G 183 -21.78 0.51 -18.28
C ASP G 183 -21.75 2.02 -18.49
N SER G 184 -21.67 2.43 -19.76
CA SER G 184 -21.48 3.84 -20.09
C SER G 184 -22.82 4.54 -20.38
N ILE G 185 -23.78 3.76 -20.86
CA ILE G 185 -25.12 4.30 -21.07
C ILE G 185 -25.74 4.59 -19.70
N THR G 186 -26.20 5.82 -19.50
CA THR G 186 -26.80 6.19 -18.22
C THR G 186 -28.17 5.54 -18.05
N LEU G 187 -28.41 4.91 -16.90
CA LEU G 187 -29.74 4.35 -16.65
C LEU G 187 -30.38 4.67 -15.29
N ARG G 188 -31.69 4.93 -15.32
CA ARG G 188 -32.50 5.27 -14.15
C ARG G 188 -33.63 4.24 -13.95
N ILE G 189 -34.03 4.00 -12.71
CA ILE G 189 -35.03 2.98 -12.43
C ILE G 189 -36.29 3.53 -11.74
N ASP G 190 -37.37 2.75 -11.82
CA ASP G 190 -38.67 3.18 -11.34
C ASP G 190 -39.45 1.97 -10.84
N ALA G 191 -39.77 1.96 -9.56
CA ALA G 191 -40.43 0.80 -8.95
C ALA G 191 -41.94 0.97 -8.86
N ASN G 192 -42.43 2.18 -9.09
CA ASN G 192 -43.85 2.47 -8.95
C ASN G 192 -44.47 1.86 -7.69
N GLN G 193 -43.89 2.18 -6.54
CA GLN G 193 -44.42 1.73 -5.24
C GLN G 193 -44.32 0.23 -5.04
N GLY G 194 -43.43 -0.43 -5.77
CA GLY G 194 -43.41 -1.88 -5.82
C GLY G 194 -42.85 -2.62 -4.63
N TRP G 195 -41.94 -1.97 -3.90
CA TRP G 195 -41.23 -2.61 -2.77
C TRP G 195 -41.78 -2.23 -1.40
N SER G 196 -41.57 -3.09 -0.42
CA SER G 196 -41.75 -2.72 0.98
C SER G 196 -40.52 -1.92 1.41
N VAL G 197 -40.62 -1.20 2.53
CA VAL G 197 -39.49 -0.41 3.00
C VAL G 197 -38.25 -1.28 3.07
N GLU G 198 -38.43 -2.50 3.57
CA GLU G 198 -37.33 -3.47 3.71
C GLU G 198 -36.68 -3.82 2.37
N THR G 199 -37.46 -4.43 1.50
CA THR G 199 -37.00 -4.83 0.18
C THR G 199 -36.36 -3.67 -0.58
N ALA G 200 -36.91 -2.48 -0.39
CA ALA G 200 -36.40 -1.31 -1.06
C ALA G 200 -34.92 -1.10 -0.71
N ILE G 201 -34.64 -1.01 0.57
CA ILE G 201 -33.29 -0.79 1.04
C ILE G 201 -32.32 -1.91 0.64
N GLU G 202 -32.75 -3.16 0.79
CA GLU G 202 -31.90 -4.29 0.41
C GLU G 202 -31.61 -4.28 -1.09
N THR G 203 -32.65 -3.99 -1.88
CA THR G 203 -32.52 -4.02 -3.34
C THR G 203 -31.72 -2.83 -3.85
N LEU G 204 -31.84 -1.69 -3.16
CA LEU G 204 -31.13 -0.50 -3.59
C LEU G 204 -29.63 -0.52 -3.27
N THR G 205 -29.25 -1.17 -2.16
CA THR G 205 -27.82 -1.32 -1.87
C THR G 205 -27.21 -2.42 -2.74
N LEU G 206 -28.02 -3.43 -3.05
CA LEU G 206 -27.61 -4.48 -3.96
C LEU G 206 -27.44 -3.99 -5.41
N LEU G 207 -28.02 -2.83 -5.73
CA LEU G 207 -27.99 -2.32 -7.10
C LEU G 207 -26.94 -1.23 -7.31
N GLU G 208 -26.49 -0.64 -6.21
CA GLU G 208 -25.50 0.45 -6.27
C GLU G 208 -24.32 0.15 -7.20
N PRO G 209 -23.78 -1.09 -7.15
CA PRO G 209 -22.68 -1.50 -8.03
C PRO G 209 -22.94 -1.18 -9.51
N TYR G 210 -24.18 -1.35 -9.96
CA TYR G 210 -24.50 -1.19 -11.38
C TYR G 210 -24.67 0.27 -11.81
N ASN G 211 -24.33 1.21 -10.93
CA ASN G 211 -24.30 2.63 -11.28
C ASN G 211 -25.62 3.17 -11.83
N ILE G 212 -26.62 3.30 -10.98
CA ILE G 212 -27.90 3.78 -11.46
C ILE G 212 -28.14 5.24 -11.04
N GLN G 213 -28.70 6.03 -11.95
CA GLN G 213 -28.76 7.49 -11.82
C GLN G 213 -29.70 7.97 -10.70
N HIS G 214 -30.89 7.40 -10.65
CA HIS G 214 -31.79 7.61 -9.52
C HIS G 214 -32.96 6.62 -9.59
N CYS G 215 -33.64 6.43 -8.46
CA CYS G 215 -34.76 5.50 -8.40
C CYS G 215 -36.07 6.22 -8.07
N GLU G 216 -37.10 6.02 -8.90
CA GLU G 216 -38.40 6.65 -8.68
C GLU G 216 -39.28 5.81 -7.77
N GLU G 217 -39.94 6.49 -6.84
CA GLU G 217 -40.97 5.92 -5.99
C GLU G 217 -40.76 4.45 -5.64
N PRO G 218 -39.84 4.17 -4.71
CA PRO G 218 -39.51 2.79 -4.36
C PRO G 218 -40.59 2.10 -3.54
N VAL G 219 -41.35 2.87 -2.76
CA VAL G 219 -42.35 2.25 -1.89
C VAL G 219 -43.69 2.94 -2.02
N SER G 220 -44.70 2.33 -1.42
CA SER G 220 -46.06 2.88 -1.41
C SER G 220 -46.09 4.36 -1.10
N ARG G 221 -46.94 5.09 -1.82
CA ARG G 221 -47.08 6.53 -1.62
C ARG G 221 -47.62 6.82 -0.24
N ASN G 222 -48.22 5.80 0.39
CA ASN G 222 -48.76 5.92 1.74
C ASN G 222 -47.66 5.88 2.78
N LEU G 223 -46.52 5.35 2.36
CA LEU G 223 -45.37 5.19 3.26
C LEU G 223 -44.29 6.25 3.02
N TYR G 224 -44.69 7.42 2.53
CA TYR G 224 -43.73 8.47 2.24
C TYR G 224 -42.90 8.89 3.46
N THR G 225 -43.45 8.66 4.65
CA THR G 225 -42.76 9.01 5.89
C THR G 225 -41.55 8.13 6.14
N ALA G 226 -41.50 6.98 5.47
CA ALA G 226 -40.33 6.10 5.56
C ALA G 226 -39.29 6.47 4.52
N LEU G 227 -39.57 7.48 3.72
CA LEU G 227 -38.64 7.86 2.66
C LEU G 227 -37.31 8.37 3.19
N PRO G 228 -37.35 9.26 4.20
CA PRO G 228 -36.09 9.76 4.74
C PRO G 228 -35.16 8.62 5.18
N LYS G 229 -35.74 7.62 5.85
CA LYS G 229 -34.96 6.45 6.26
C LYS G 229 -34.28 5.76 5.09
N ILE G 230 -34.99 5.64 3.98
CA ILE G 230 -34.46 4.99 2.80
C ILE G 230 -33.38 5.81 2.14
N ARG G 231 -33.61 7.11 2.07
CA ARG G 231 -32.67 8.05 1.46
C ARG G 231 -31.29 8.03 2.11
N GLN G 232 -31.29 7.89 3.44
CA GLN G 232 -30.07 7.88 4.23
C GLN G 232 -29.32 6.54 4.20
N ALA G 233 -30.06 5.47 3.96
CA ALA G 233 -29.48 4.13 3.94
C ALA G 233 -28.98 3.74 2.56
N CYS G 234 -29.30 4.57 1.57
CA CYS G 234 -29.00 4.20 0.18
C CYS G 234 -28.23 5.25 -0.59
N ARG G 235 -27.28 4.79 -1.37
CA ARG G 235 -26.39 5.68 -2.09
C ARG G 235 -27.10 6.25 -3.28
N ILE G 236 -27.85 5.37 -3.96
CA ILE G 236 -28.64 5.75 -5.14
C ILE G 236 -29.66 6.80 -4.74
N PRO G 237 -29.73 7.91 -5.48
CA PRO G 237 -30.67 8.96 -5.08
C PRO G 237 -32.09 8.51 -5.36
N ILE G 238 -33.04 8.92 -4.52
CA ILE G 238 -34.43 8.53 -4.77
C ILE G 238 -35.30 9.71 -5.19
N MET G 239 -36.15 9.46 -6.16
CA MET G 239 -36.99 10.49 -6.75
C MET G 239 -38.44 10.20 -6.44
N ALA G 240 -39.14 11.17 -5.87
CA ALA G 240 -40.55 11.03 -5.54
C ALA G 240 -41.40 11.26 -6.78
N ASP G 241 -42.28 10.32 -7.09
CA ASP G 241 -43.21 10.46 -8.20
C ASP G 241 -44.65 10.53 -7.67
N GLU G 242 -45.28 9.37 -7.47
CA GLU G 242 -46.64 9.33 -6.95
C GLU G 242 -46.73 10.09 -5.61
N SER G 243 -45.64 10.08 -4.85
CA SER G 243 -45.63 10.72 -3.54
C SER G 243 -45.60 12.23 -3.63
N CYS G 244 -45.30 12.74 -4.82
CA CYS G 244 -45.27 14.18 -5.08
C CYS G 244 -46.24 14.60 -6.21
N CYS G 245 -47.44 15.00 -5.84
CA CYS G 245 -48.47 15.33 -6.81
C CYS G 245 -48.62 16.84 -6.94
N ASN G 246 -49.04 17.47 -5.86
CA ASN G 246 -49.18 18.91 -5.84
C ASN G 246 -48.10 19.58 -4.99
N SER G 247 -48.24 20.88 -4.78
CA SER G 247 -47.23 21.67 -4.06
C SER G 247 -47.22 21.37 -2.56
N PHE G 248 -48.37 21.12 -1.96
CA PHE G 248 -48.40 20.72 -0.55
C PHE G 248 -47.58 19.47 -0.35
N ASP G 249 -47.75 18.50 -1.24
CA ASP G 249 -46.97 17.27 -1.18
C ASP G 249 -45.47 17.58 -1.23
N ALA G 250 -45.08 18.46 -2.15
CA ALA G 250 -43.69 18.84 -2.33
C ALA G 250 -43.11 19.42 -1.05
N GLU G 251 -43.77 20.46 -0.54
CA GLU G 251 -43.35 21.11 0.69
C GLU G 251 -43.15 20.10 1.81
N ARG G 252 -44.13 19.24 2.00
CA ARG G 252 -44.08 18.23 3.05
C ARG G 252 -42.87 17.30 2.89
N LEU G 253 -42.61 16.86 1.65
CA LEU G 253 -41.50 15.95 1.38
C LEU G 253 -40.15 16.60 1.69
N ILE G 254 -40.03 17.87 1.32
CA ILE G 254 -38.86 18.69 1.57
C ILE G 254 -38.63 18.86 3.07
N GLN G 255 -39.71 19.19 3.79
CA GLN G 255 -39.69 19.42 5.23
C GLN G 255 -39.08 18.25 6.03
N ILE G 256 -39.28 17.03 5.56
CA ILE G 256 -38.75 15.86 6.25
C ILE G 256 -37.60 15.21 5.50
N GLN G 257 -37.06 15.92 4.52
CA GLN G 257 -35.94 15.46 3.71
C GLN G 257 -36.16 14.06 3.19
N ALA G 258 -37.25 13.86 2.46
CA ALA G 258 -37.70 12.54 2.06
C ALA G 258 -37.00 12.01 0.83
N CYS G 259 -36.53 12.90 -0.04
CA CYS G 259 -36.01 12.45 -1.32
C CYS G 259 -35.01 13.44 -1.90
N ASP G 260 -34.28 12.98 -2.92
CA ASP G 260 -33.25 13.77 -3.56
C ASP G 260 -33.80 14.60 -4.72
N SER G 261 -34.84 14.08 -5.38
CA SER G 261 -35.40 14.77 -6.54
C SER G 261 -36.88 14.48 -6.74
N PHE G 262 -37.52 15.33 -7.54
CA PHE G 262 -38.94 15.16 -7.86
C PHE G 262 -39.13 14.70 -9.27
N ASN G 263 -40.20 13.93 -9.49
CA ASN G 263 -40.73 13.73 -10.84
C ASN G 263 -42.02 14.52 -11.03
N LEU G 264 -41.94 15.59 -11.82
CA LEU G 264 -43.05 16.50 -12.02
C LEU G 264 -43.88 16.10 -13.25
N LYS G 265 -45.19 15.95 -13.07
CA LYS G 265 -46.10 15.63 -14.17
C LYS G 265 -47.33 16.54 -14.08
N LEU G 266 -47.71 17.14 -15.21
CA LEU G 266 -48.81 18.11 -15.23
C LEU G 266 -50.16 17.53 -14.72
N SER G 267 -50.39 16.25 -15.01
CA SER G 267 -51.63 15.61 -14.58
C SER G 267 -51.76 15.49 -13.06
N LYS G 268 -50.63 15.27 -12.38
CA LYS G 268 -50.67 15.15 -10.91
C LYS G 268 -50.92 16.51 -10.23
N SER G 269 -50.32 17.55 -10.78
CA SER G 269 -50.46 18.89 -10.22
C SER G 269 -51.71 19.64 -10.72
N ALA G 270 -52.57 18.93 -11.47
CA ALA G 270 -53.80 19.50 -12.01
C ALA G 270 -53.56 20.64 -12.98
N GLY G 271 -52.43 20.58 -13.66
CA GLY G 271 -52.11 21.61 -14.63
C GLY G 271 -50.78 22.30 -14.43
N ILE G 272 -50.54 23.34 -15.20
CA ILE G 272 -49.30 24.10 -15.16
C ILE G 272 -49.23 25.03 -13.95
N THR G 273 -50.33 25.72 -13.65
CA THR G 273 -50.36 26.67 -12.55
C THR G 273 -49.65 26.13 -11.31
N ASN G 274 -50.05 24.95 -10.85
CA ASN G 274 -49.47 24.39 -9.65
C ASN G 274 -48.11 23.72 -9.90
N ALA G 275 -47.88 23.25 -11.13
CA ALA G 275 -46.58 22.69 -11.45
C ALA G 275 -45.52 23.76 -11.23
N LEU G 276 -45.88 25.01 -11.50
CA LEU G 276 -44.94 26.11 -11.34
C LEU G 276 -44.56 26.24 -9.88
N ASN G 277 -45.54 26.16 -8.98
CA ASN G 277 -45.24 26.19 -7.55
C ASN G 277 -44.25 25.10 -7.10
N ILE G 278 -44.48 23.87 -7.53
CA ILE G 278 -43.57 22.79 -7.24
C ILE G 278 -42.16 23.09 -7.73
N ILE G 279 -42.04 23.64 -8.93
CA ILE G 279 -40.73 23.97 -9.48
C ILE G 279 -40.01 25.00 -8.59
N ARG G 280 -40.72 26.04 -8.20
CA ARG G 280 -40.17 27.08 -7.33
C ARG G 280 -39.64 26.47 -6.04
N LEU G 281 -40.42 25.57 -5.44
CA LEU G 281 -40.02 24.90 -4.21
C LEU G 281 -38.75 24.09 -4.41
N ALA G 282 -38.71 23.34 -5.50
CA ALA G 282 -37.53 22.57 -5.85
C ALA G 282 -36.31 23.46 -6.06
N GLU G 283 -36.54 24.64 -6.63
CA GLU G 283 -35.50 25.65 -6.76
C GLU G 283 -34.96 26.07 -5.40
N GLN G 284 -35.85 26.56 -4.55
CA GLN G 284 -35.48 26.97 -3.20
C GLN G 284 -34.76 25.89 -2.39
N ALA G 285 -34.90 24.65 -2.81
CA ALA G 285 -34.29 23.54 -2.10
C ALA G 285 -33.25 22.83 -2.96
N HIS G 286 -32.79 23.51 -4.01
CA HIS G 286 -31.72 23.00 -4.86
C HIS G 286 -31.90 21.52 -5.17
N MET G 287 -33.11 21.19 -5.59
CA MET G 287 -33.48 19.82 -5.88
C MET G 287 -33.68 19.63 -7.38
N PRO G 288 -32.92 18.73 -8.00
CA PRO G 288 -33.12 18.48 -9.43
C PRO G 288 -34.53 17.92 -9.70
N VAL G 289 -35.13 18.35 -10.79
CA VAL G 289 -36.46 17.90 -11.17
C VAL G 289 -36.45 17.20 -12.52
N GLN G 290 -37.16 16.08 -12.61
CA GLN G 290 -37.38 15.39 -13.87
C GLN G 290 -38.82 15.64 -14.31
N VAL G 291 -39.00 16.12 -15.54
CA VAL G 291 -40.36 16.23 -16.05
C VAL G 291 -40.77 14.98 -16.83
N GLY G 292 -41.93 14.42 -16.47
CA GLY G 292 -42.44 13.20 -17.07
C GLY G 292 -43.91 13.26 -17.45
N GLY G 293 -44.56 12.11 -17.39
CA GLY G 293 -45.97 12.04 -17.77
C GLY G 293 -46.46 10.61 -17.84
N PHE G 294 -47.60 10.40 -18.50
CA PHE G 294 -48.13 9.06 -18.63
C PHE G 294 -48.21 8.59 -20.07
N LEU G 295 -49.41 8.40 -20.61
CA LEU G 295 -49.51 7.99 -22.01
C LEU G 295 -50.10 9.09 -22.90
N GLU G 296 -49.93 10.34 -22.49
CA GLU G 296 -50.27 11.47 -23.35
C GLU G 296 -49.63 11.29 -24.71
N SER G 297 -50.27 11.83 -25.75
CA SER G 297 -49.69 11.88 -27.08
C SER G 297 -48.63 12.98 -27.13
N ARG G 298 -48.05 13.21 -28.30
CA ARG G 298 -47.10 14.31 -28.40
C ARG G 298 -47.70 15.68 -28.01
N LEU G 299 -49.01 15.80 -28.03
CA LEU G 299 -49.58 17.08 -27.68
C LEU G 299 -49.38 17.34 -26.20
N GLY G 300 -49.74 16.35 -25.38
CA GLY G 300 -49.60 16.45 -23.94
C GLY G 300 -48.16 16.70 -23.55
N PHE G 301 -47.24 15.92 -24.11
CA PHE G 301 -45.84 16.06 -23.80
C PHE G 301 -45.26 17.35 -24.33
N THR G 302 -45.93 17.95 -25.31
CA THR G 302 -45.46 19.23 -25.79
C THR G 302 -45.70 20.26 -24.70
N ALA G 303 -46.79 20.10 -23.95
CA ALA G 303 -47.03 20.96 -22.80
C ALA G 303 -45.93 20.76 -21.74
N ALA G 304 -45.61 19.50 -21.45
CA ALA G 304 -44.52 19.17 -20.54
C ALA G 304 -43.21 19.83 -20.98
N ALA G 305 -42.89 19.72 -22.26
CA ALA G 305 -41.62 20.23 -22.79
C ALA G 305 -41.52 21.73 -22.64
N HIS G 306 -42.62 22.43 -22.88
CA HIS G 306 -42.67 23.88 -22.65
C HIS G 306 -42.34 24.21 -21.20
N VAL G 307 -43.01 23.53 -20.29
CA VAL G 307 -42.80 23.74 -18.87
C VAL G 307 -41.34 23.45 -18.52
N ALA G 308 -40.80 22.40 -19.13
CA ALA G 308 -39.45 21.96 -18.85
C ALA G 308 -38.41 23.07 -19.04
N LEU G 309 -38.73 24.04 -19.88
CA LEU G 309 -37.78 25.11 -20.16
C LEU G 309 -37.91 26.29 -19.20
N VAL G 310 -38.73 26.12 -18.18
CA VAL G 310 -39.05 27.24 -17.29
C VAL G 310 -38.01 27.51 -16.19
N SER G 311 -37.18 26.52 -15.88
CA SER G 311 -36.22 26.62 -14.79
C SER G 311 -35.01 25.72 -14.98
N LYS G 312 -33.84 26.21 -14.54
CA LYS G 312 -32.61 25.46 -14.71
C LYS G 312 -32.51 24.26 -13.76
N THR G 313 -33.40 24.23 -12.76
CA THR G 313 -33.41 23.14 -11.79
C THR G 313 -33.98 21.87 -12.45
N ILE G 314 -34.78 22.04 -13.50
CA ILE G 314 -35.27 20.91 -14.28
C ILE G 314 -34.17 20.44 -15.20
N CYS G 315 -33.85 19.15 -15.17
CA CYS G 315 -32.70 18.67 -15.93
C CYS G 315 -32.77 17.21 -16.40
N TYR G 316 -33.86 16.52 -16.06
CA TYR G 316 -34.09 15.17 -16.54
C TYR G 316 -35.43 15.14 -17.27
N TYR G 317 -35.54 14.26 -18.27
CA TYR G 317 -36.75 14.22 -19.10
C TYR G 317 -37.19 12.79 -19.45
N ASP G 318 -38.47 12.50 -19.19
CA ASP G 318 -39.07 11.21 -19.51
C ASP G 318 -40.25 11.49 -20.44
N PHE G 319 -39.98 11.63 -21.73
CA PHE G 319 -41.01 12.00 -22.69
C PHE G 319 -41.17 10.93 -23.78
N ASP G 320 -41.17 9.66 -23.40
CA ASP G 320 -40.92 8.61 -24.38
C ASP G 320 -42.17 7.97 -24.97
N THR G 321 -43.23 7.88 -24.17
CA THR G 321 -44.42 7.10 -24.54
C THR G 321 -45.09 7.39 -25.88
N PRO G 322 -45.08 8.65 -26.35
CA PRO G 322 -45.69 8.90 -27.67
C PRO G 322 -45.05 8.03 -28.77
N LEU G 323 -43.77 7.69 -28.62
CA LEU G 323 -43.09 6.83 -29.57
C LEU G 323 -43.63 5.39 -29.57
N MET G 324 -44.50 5.07 -28.61
CA MET G 324 -45.01 3.71 -28.50
C MET G 324 -46.38 3.57 -29.17
N PHE G 325 -46.91 4.69 -29.66
CA PHE G 325 -48.21 4.69 -30.35
C PHE G 325 -48.10 3.95 -31.68
N GLU G 326 -49.17 3.24 -32.07
CA GLU G 326 -49.22 2.65 -33.40
C GLU G 326 -49.32 3.75 -34.45
N ALA G 327 -49.96 4.86 -34.07
CA ALA G 327 -50.20 5.97 -34.99
C ALA G 327 -50.17 7.32 -34.30
N ASP G 328 -49.39 8.24 -34.85
CA ASP G 328 -49.28 9.59 -34.29
C ASP G 328 -50.34 10.53 -34.89
N PRO G 329 -51.34 10.91 -34.09
CA PRO G 329 -52.46 11.74 -34.55
C PRO G 329 -52.20 13.23 -34.33
N VAL G 330 -50.98 13.58 -33.94
CA VAL G 330 -50.69 14.95 -33.52
C VAL G 330 -50.17 15.81 -34.66
N ARG G 331 -50.64 17.05 -34.73
CA ARG G 331 -50.16 18.00 -35.73
C ARG G 331 -49.26 19.04 -35.03
N GLY G 332 -48.04 19.21 -35.55
CA GLY G 332 -47.09 20.12 -34.92
C GLY G 332 -46.46 19.50 -33.67
N GLY G 333 -46.29 20.32 -32.62
CA GLY G 333 -45.78 19.82 -31.35
C GLY G 333 -44.29 19.46 -31.38
N ILE G 334 -43.80 18.93 -30.28
CA ILE G 334 -42.38 18.59 -30.17
C ILE G 334 -41.98 17.56 -31.20
N VAL G 335 -40.74 17.64 -31.67
CA VAL G 335 -40.24 16.66 -32.62
C VAL G 335 -39.02 15.93 -32.08
N TYR G 336 -39.03 14.61 -32.25
CA TYR G 336 -37.94 13.79 -31.75
C TYR G 336 -36.83 13.72 -32.77
N GLN G 337 -35.62 14.12 -32.35
CA GLN G 337 -34.45 14.02 -33.20
C GLN G 337 -33.61 12.84 -32.73
N GLN G 338 -32.43 12.68 -33.30
CA GLN G 338 -31.58 11.55 -32.93
C GLN G 338 -30.97 11.76 -31.53
N ARG G 339 -30.61 10.64 -30.88
CA ARG G 339 -30.10 10.67 -29.53
C ARG G 339 -31.20 10.98 -28.49
N GLY G 340 -32.44 11.10 -28.97
CA GLY G 340 -33.56 11.35 -28.10
C GLY G 340 -33.70 12.82 -27.73
N ILE G 341 -33.04 13.68 -28.50
CA ILE G 341 -33.14 15.11 -28.26
C ILE G 341 -34.48 15.64 -28.75
N ILE G 342 -35.09 16.53 -27.99
CA ILE G 342 -36.42 17.03 -28.28
C ILE G 342 -36.35 18.51 -28.64
N GLU G 343 -37.09 18.91 -29.67
CA GLU G 343 -37.18 20.31 -30.07
C GLU G 343 -38.57 20.86 -29.80
N VAL G 344 -38.64 22.05 -29.21
CA VAL G 344 -39.91 22.63 -28.81
C VAL G 344 -40.42 23.65 -29.81
N PRO G 345 -41.70 23.55 -30.19
CA PRO G 345 -42.32 24.50 -31.13
C PRO G 345 -42.10 25.96 -30.72
N GLU G 346 -42.00 26.86 -31.71
CA GLU G 346 -41.70 28.26 -31.44
C GLU G 346 -42.88 29.16 -31.75
N THR G 347 -43.92 28.58 -32.35
CA THR G 347 -45.07 29.35 -32.76
C THR G 347 -45.90 29.73 -31.53
N ALA G 348 -46.82 30.68 -31.69
CA ALA G 348 -47.65 31.11 -30.56
C ALA G 348 -48.47 29.96 -29.99
N GLY G 349 -48.73 30.02 -28.69
CA GLY G 349 -49.54 29.03 -27.97
C GLY G 349 -48.83 27.72 -27.71
N LEU G 350 -49.61 26.66 -27.47
CA LEU G 350 -49.08 25.32 -27.24
C LEU G 350 -48.19 24.88 -28.40
N GLY G 351 -48.55 25.29 -29.62
CA GLY G 351 -47.79 24.93 -30.81
C GLY G 351 -48.04 23.51 -31.28
N ALA G 352 -49.22 23.00 -30.92
CA ALA G 352 -49.64 21.67 -31.34
C ALA G 352 -51.17 21.58 -31.39
N GLY G 353 -51.65 20.61 -32.17
CA GLY G 353 -53.06 20.34 -32.33
C GLY G 353 -53.21 18.94 -32.88
N TYR G 354 -54.40 18.62 -33.34
CA TYR G 354 -54.62 17.28 -33.87
C TYR G 354 -54.80 17.27 -35.38
N GLN G 355 -54.26 16.23 -36.00
CA GLN G 355 -54.36 16.01 -37.44
C GLN G 355 -55.79 16.23 -37.92
N LYS G 356 -55.91 16.64 -39.18
CA LYS G 356 -57.22 16.95 -39.75
C LYS G 356 -58.12 15.72 -39.78
N ASP G 357 -59.36 15.92 -39.33
CA ASP G 357 -60.38 14.87 -39.23
C ASP G 357 -59.95 13.56 -38.53
N TYR G 358 -58.89 13.62 -37.73
CA TYR G 358 -58.65 12.58 -36.75
C TYR G 358 -59.70 12.75 -35.65
N LEU G 359 -59.88 14.01 -35.24
CA LEU G 359 -60.84 14.32 -34.21
C LEU G 359 -62.24 13.94 -34.61
N SER G 360 -62.58 14.14 -35.88
CA SER G 360 -63.96 13.93 -36.31
C SER G 360 -64.36 12.46 -36.21
N GLY G 361 -63.36 11.57 -36.14
CA GLY G 361 -63.60 10.14 -36.05
C GLY G 361 -63.79 9.67 -34.62
N LEU G 362 -63.52 10.56 -33.67
CA LEU G 362 -63.55 10.22 -32.25
C LEU G 362 -64.93 10.40 -31.61
N GLU G 363 -65.22 9.60 -30.58
CA GLU G 363 -66.43 9.80 -29.80
C GLU G 363 -66.31 11.12 -29.10
N LYS G 364 -67.27 12.02 -29.30
CA LYS G 364 -67.13 13.35 -28.74
C LYS G 364 -68.41 13.87 -28.05
N ILE G 365 -68.25 14.86 -27.18
CA ILE G 365 -69.40 15.56 -26.66
C ILE G 365 -69.08 17.03 -26.74
N CYS G 366 -70.10 17.87 -26.66
CA CYS G 366 -69.91 19.27 -26.95
C CYS G 366 -70.69 20.07 -25.91
N ILE G 367 -69.96 20.86 -25.13
CA ILE G 367 -70.61 21.62 -24.07
C ILE G 367 -70.90 23.05 -24.52
N ASN G 368 -72.19 23.31 -24.70
CA ASN G 368 -72.69 24.52 -25.33
C ASN G 368 -72.45 24.65 -26.85
N MET H 1 49.84 65.51 -10.29
CA MET H 1 50.62 65.42 -9.06
C MET H 1 51.52 64.21 -9.08
N ILE H 2 52.82 64.45 -8.86
CA ILE H 2 53.83 63.40 -8.95
C ILE H 2 53.90 62.54 -7.70
N ILE H 3 54.05 61.23 -7.90
CA ILE H 3 54.20 60.30 -6.80
C ILE H 3 55.64 60.32 -6.33
N THR H 4 55.86 60.66 -5.06
CA THR H 4 57.22 60.84 -4.56
C THR H 4 57.70 59.71 -3.67
N GLN H 5 56.78 59.08 -2.95
CA GLN H 5 57.12 57.89 -2.19
C GLN H 5 55.91 57.03 -1.88
N VAL H 6 56.11 55.72 -1.77
CA VAL H 6 55.05 54.82 -1.32
C VAL H 6 55.53 53.96 -0.16
N GLU H 7 54.66 53.78 0.82
CA GLU H 7 54.97 52.97 1.98
C GLU H 7 54.10 51.73 1.97
N LEU H 8 54.66 50.60 2.38
CA LEU H 8 53.90 49.36 2.51
C LEU H 8 53.98 48.81 3.94
N TYR H 9 52.84 48.34 4.43
CA TYR H 9 52.76 47.84 5.80
C TYR H 9 52.18 46.43 5.83
N LYS H 10 52.78 45.54 6.63
CA LYS H 10 52.13 44.26 6.94
C LYS H 10 51.17 44.46 8.09
N SER H 11 49.89 44.24 7.86
CA SER H 11 48.86 44.53 8.86
C SER H 11 48.08 43.28 9.30
N PRO H 12 48.64 42.52 10.24
CA PRO H 12 47.95 41.30 10.71
C PRO H 12 47.08 41.60 11.93
N VAL H 13 45.76 41.43 11.82
CA VAL H 13 44.89 41.59 12.97
C VAL H 13 44.10 40.32 13.19
N LYS H 14 44.00 39.89 14.46
CA LYS H 14 43.40 38.60 14.78
C LYS H 14 41.86 38.67 14.78
N LEU H 15 41.23 37.57 14.41
CA LEU H 15 39.77 37.51 14.39
C LEU H 15 39.24 36.99 15.71
N LYS H 16 38.07 37.50 16.13
CA LYS H 16 37.40 37.02 17.34
C LYS H 16 37.21 35.51 17.24
N GLU H 17 36.46 35.07 16.23
CA GLU H 17 36.30 33.64 15.94
C GLU H 17 37.02 33.37 14.63
N PRO H 18 37.66 32.20 14.51
CA PRO H 18 38.25 31.85 13.22
C PRO H 18 37.19 31.80 12.08
N PHE H 19 37.63 32.20 10.88
CA PHE H 19 36.79 32.27 9.69
C PHE H 19 36.98 30.98 8.88
N LYS H 20 35.88 30.33 8.53
CA LYS H 20 35.92 29.00 7.93
C LYS H 20 35.12 28.90 6.63
N ILE H 21 35.82 28.56 5.54
CA ILE H 21 35.13 28.25 4.29
C ILE H 21 35.56 26.86 3.82
N SER H 22 34.89 26.36 2.78
CA SER H 22 35.14 25.00 2.34
C SER H 22 36.62 24.79 1.97
N LEU H 23 37.32 25.89 1.67
CA LEU H 23 38.67 25.83 1.15
C LEU H 23 39.73 25.75 2.26
N GLY H 24 39.34 26.19 3.46
CA GLY H 24 40.29 26.27 4.57
C GLY H 24 39.82 27.18 5.71
N ILE H 25 40.71 27.32 6.70
CA ILE H 25 40.44 28.11 7.89
C ILE H 25 41.44 29.27 8.06
N LEU H 26 40.94 30.43 8.49
CA LEU H 26 41.80 31.58 8.75
C LEU H 26 41.60 32.14 10.16
N THR H 27 42.70 32.39 10.87
CA THR H 27 42.62 32.95 12.23
C THR H 27 42.87 34.46 12.26
N HIS H 28 43.55 34.96 11.23
CA HIS H 28 43.88 36.37 11.12
C HIS H 28 43.49 36.92 9.76
N ALA H 29 43.18 38.21 9.73
CA ALA H 29 43.18 38.96 8.48
C ALA H 29 44.60 39.46 8.27
N ASN H 30 45.44 38.69 7.58
CA ASN H 30 46.78 39.17 7.25
C ASN H 30 46.79 40.06 6.01
N ASN H 31 46.60 41.36 6.22
CA ASN H 31 46.50 42.31 5.12
C ASN H 31 47.81 43.02 4.78
N VAL H 32 47.82 43.69 3.63
CA VAL H 32 48.93 44.56 3.28
C VAL H 32 48.36 45.96 3.02
N ILE H 33 48.96 46.96 3.65
CA ILE H 33 48.49 48.34 3.47
C ILE H 33 49.41 49.12 2.56
N VAL H 34 48.85 50.01 1.74
CA VAL H 34 49.63 50.79 0.79
C VAL H 34 49.31 52.27 0.98
N ARG H 35 50.34 53.11 1.15
CA ARG H 35 50.17 54.57 1.17
C ARG H 35 50.99 55.23 0.09
N ILE H 36 50.35 55.96 -0.82
CA ILE H 36 51.08 56.70 -1.84
C ILE H 36 51.14 58.17 -1.45
N HIS H 37 52.35 58.74 -1.53
CA HIS H 37 52.60 60.16 -1.26
C HIS H 37 52.84 60.92 -2.54
N THR H 38 52.23 62.10 -2.64
CA THR H 38 52.52 63.01 -3.75
C THR H 38 53.43 64.15 -3.30
N ALA H 39 54.01 64.86 -4.27
CA ALA H 39 54.86 66.00 -3.98
C ALA H 39 54.06 67.09 -3.29
N SER H 40 52.81 67.27 -3.70
CA SER H 40 51.90 68.24 -3.07
C SER H 40 51.54 67.88 -1.63
N GLY H 41 51.94 66.69 -1.18
CA GLY H 41 51.75 66.28 0.20
C GLY H 41 50.45 65.54 0.48
N HIS H 42 49.74 65.17 -0.59
CA HIS H 42 48.52 64.36 -0.50
C HIS H 42 48.85 62.88 -0.26
N ILE H 43 47.99 62.20 0.48
CA ILE H 43 48.20 60.78 0.75
C ILE H 43 47.02 59.91 0.35
N GLY H 44 47.30 58.88 -0.46
CA GLY H 44 46.28 57.94 -0.84
C GLY H 44 46.46 56.63 -0.13
N TYR H 45 45.36 56.08 0.40
CA TYR H 45 45.43 54.78 1.05
C TYR H 45 44.82 53.68 0.19
N GLY H 46 45.41 52.49 0.26
CA GLY H 46 44.84 51.31 -0.34
C GLY H 46 45.14 50.11 0.54
N GLU H 47 44.29 49.08 0.47
CA GLU H 47 44.47 47.91 1.29
C GLU H 47 44.19 46.67 0.44
N CYS H 48 44.77 45.55 0.80
CA CYS H 48 44.41 44.29 0.16
C CYS H 48 44.53 43.13 1.16
N SER H 49 43.71 42.09 0.95
CA SER H 49 43.63 41.01 1.92
C SER H 49 43.88 39.67 1.24
N PRO H 50 45.15 39.33 1.00
CA PRO H 50 45.48 38.11 0.26
C PRO H 50 44.86 36.87 0.90
N PHE H 51 44.25 36.05 0.04
CA PHE H 51 43.68 34.75 0.42
C PHE H 51 44.44 33.68 -0.37
N MET H 52 45.29 32.93 0.30
CA MET H 52 46.17 32.03 -0.46
C MET H 52 45.43 31.10 -1.43
N THR H 53 44.27 30.58 -1.00
CA THR H 53 43.53 29.58 -1.77
C THR H 53 42.67 30.12 -2.91
N ILE H 54 42.60 31.45 -3.04
CA ILE H 54 41.80 32.08 -4.08
C ILE H 54 42.58 33.08 -4.96
N HIS H 55 43.34 33.96 -4.31
CA HIS H 55 44.18 34.91 -5.02
C HIS H 55 45.47 34.24 -5.49
N GLY H 56 45.94 33.27 -4.74
CA GLY H 56 47.26 32.70 -4.99
C GLY H 56 48.33 33.67 -4.53
N GLU H 57 47.97 34.52 -3.58
CA GLU H 57 48.89 35.45 -2.96
C GLU H 57 48.81 35.30 -1.45
N SER H 58 49.84 35.78 -0.75
CA SER H 58 49.82 35.83 0.72
C SER H 58 50.23 37.23 1.12
N MET H 59 50.07 37.53 2.41
CA MET H 59 50.61 38.79 2.94
C MET H 59 52.11 38.92 2.61
N ASP H 60 52.84 37.82 2.73
CA ASP H 60 54.28 37.81 2.43
C ASP H 60 54.59 38.12 0.96
N THR H 61 53.89 37.48 0.02
CA THR H 61 54.12 37.76 -1.41
C THR H 61 53.67 39.18 -1.77
N ALA H 62 52.55 39.60 -1.19
CA ALA H 62 52.00 40.91 -1.51
C ALA H 62 53.00 41.98 -1.09
N PHE H 63 53.58 41.78 0.08
CA PHE H 63 54.53 42.73 0.62
C PHE H 63 55.75 42.89 -0.29
N ILE H 64 56.12 41.84 -0.99
CA ILE H 64 57.29 41.93 -1.87
C ILE H 64 56.97 42.45 -3.27
N VAL H 65 55.93 41.88 -3.87
CA VAL H 65 55.51 42.29 -5.20
C VAL H 65 55.17 43.79 -5.15
N GLY H 66 54.53 44.17 -4.05
CA GLY H 66 54.21 45.58 -3.83
C GLY H 66 55.40 46.50 -4.02
N GLN H 67 56.57 46.06 -3.56
CA GLN H 67 57.78 46.84 -3.71
C GLN H 67 58.22 46.98 -5.17
N TYR H 68 58.06 45.91 -5.94
CA TYR H 68 58.31 45.97 -7.39
C TYR H 68 57.43 47.04 -8.02
N LEU H 69 56.15 47.03 -7.64
CA LEU H 69 55.17 47.98 -8.14
C LEU H 69 55.51 49.41 -7.76
N ALA H 70 55.69 49.65 -6.47
CA ALA H 70 56.06 50.97 -5.97
C ALA H 70 57.22 51.59 -6.77
N LYS H 71 58.30 50.82 -6.94
CA LYS H 71 59.45 51.28 -7.71
C LYS H 71 59.04 51.86 -9.07
N GLY H 72 58.15 51.16 -9.77
CA GLY H 72 57.72 51.59 -11.09
C GLY H 72 56.84 52.83 -11.09
N LEU H 73 56.08 53.01 -10.00
CA LEU H 73 55.18 54.15 -9.87
C LEU H 73 55.84 55.44 -9.40
N ILE H 74 57.01 55.33 -8.79
CA ILE H 74 57.75 56.53 -8.38
C ILE H 74 58.08 57.41 -9.59
N GLY H 75 57.66 58.67 -9.52
CA GLY H 75 57.93 59.61 -10.59
C GLY H 75 56.79 59.83 -11.57
N THR H 76 55.79 58.95 -11.52
CA THR H 76 54.62 59.03 -12.40
C THR H 76 53.55 59.93 -11.79
N SER H 77 52.54 60.25 -12.60
CA SER H 77 51.42 61.08 -12.15
C SER H 77 50.29 60.22 -11.60
N CYS H 78 49.96 60.43 -10.33
CA CYS H 78 48.93 59.62 -9.69
C CYS H 78 47.57 59.75 -10.39
N LEU H 79 47.44 60.73 -11.27
CA LEU H 79 46.17 60.96 -11.96
C LEU H 79 45.98 60.05 -13.17
N ASP H 80 47.10 59.58 -13.73
CA ASP H 80 47.06 58.69 -14.91
C ASP H 80 46.77 57.27 -14.48
N ILE H 81 45.60 57.06 -13.90
CA ILE H 81 45.24 55.75 -13.36
C ILE H 81 45.39 54.62 -14.38
N VAL H 82 44.85 54.81 -15.58
CA VAL H 82 44.98 53.78 -16.62
C VAL H 82 46.44 53.48 -17.01
N SER H 83 47.18 54.53 -17.33
CA SER H 83 48.61 54.39 -17.63
C SER H 83 49.39 53.63 -16.54
N ASN H 84 49.10 53.92 -15.28
CA ASN H 84 49.78 53.28 -14.17
C ASN H 84 49.34 51.84 -13.93
N SER H 85 48.03 51.61 -14.05
CA SER H 85 47.53 50.25 -13.94
C SER H 85 48.25 49.38 -14.98
N LEU H 86 48.49 49.97 -16.14
CA LEU H 86 49.15 49.28 -17.24
C LEU H 86 50.63 49.06 -16.95
N LEU H 87 51.21 50.06 -16.32
CA LEU H 87 52.60 50.02 -15.91
C LEU H 87 52.86 48.87 -14.94
N MET H 88 51.95 48.70 -13.97
CA MET H 88 52.07 47.58 -13.04
C MET H 88 51.97 46.25 -13.78
N ASP H 89 50.99 46.14 -14.67
CA ASP H 89 50.81 44.91 -15.44
C ASP H 89 52.09 44.57 -16.25
N ALA H 90 52.76 45.60 -16.78
CA ALA H 90 53.98 45.37 -17.54
C ALA H 90 55.12 44.90 -16.63
N ILE H 91 55.02 45.17 -15.34
CA ILE H 91 56.05 44.76 -14.38
C ILE H 91 55.90 43.31 -13.99
N ILE H 92 54.67 42.90 -13.70
CA ILE H 92 54.41 41.53 -13.28
C ILE H 92 52.96 41.06 -13.61
N TYR H 93 52.85 39.84 -14.15
CA TYR H 93 51.55 39.27 -14.51
C TYR H 93 50.78 38.84 -13.26
N GLY H 94 49.46 38.79 -13.37
CA GLY H 94 48.60 38.46 -12.23
C GLY H 94 48.77 39.36 -11.03
N ASN H 95 48.85 38.74 -9.84
CA ASN H 95 49.01 39.48 -8.58
C ASN H 95 48.00 40.59 -8.46
N SER H 96 46.76 40.28 -8.79
CA SER H 96 45.71 41.27 -8.76
C SER H 96 45.49 41.84 -7.35
N CYS H 97 45.56 40.97 -6.35
CA CYS H 97 45.30 41.38 -4.96
C CYS H 97 46.13 42.60 -4.58
N ILE H 98 47.45 42.46 -4.62
CA ILE H 98 48.28 43.62 -4.30
C ILE H 98 48.02 44.77 -5.25
N LYS H 99 47.93 44.50 -6.55
CA LYS H 99 47.67 45.56 -7.53
C LYS H 99 46.43 46.40 -7.17
N SER H 100 45.38 45.73 -6.71
CA SER H 100 44.15 46.44 -6.35
C SER H 100 44.42 47.48 -5.26
N ALA H 101 45.26 47.13 -4.27
CA ALA H 101 45.59 48.09 -3.22
C ALA H 101 46.21 49.37 -3.82
N PHE H 102 47.16 49.21 -4.74
CA PHE H 102 47.74 50.38 -5.40
C PHE H 102 46.69 51.12 -6.20
N ASN H 103 45.86 50.38 -6.92
CA ASN H 103 44.82 50.99 -7.74
C ASN H 103 43.86 51.80 -6.87
N ILE H 104 43.38 51.20 -5.79
CA ILE H 104 42.47 51.90 -4.87
C ILE H 104 43.09 53.21 -4.36
N ALA H 105 44.34 53.16 -3.91
CA ALA H 105 45.04 54.34 -3.44
C ALA H 105 45.13 55.41 -4.52
N LEU H 106 45.42 55.00 -5.75
CA LEU H 106 45.47 55.98 -6.85
C LEU H 106 44.13 56.69 -7.01
N TYR H 107 43.03 55.94 -6.94
CA TYR H 107 41.70 56.54 -7.02
C TYR H 107 41.45 57.50 -5.87
N ASP H 108 41.88 57.10 -4.67
CA ASP H 108 41.79 57.97 -3.52
C ASP H 108 42.39 59.34 -3.86
N LEU H 109 43.67 59.34 -4.24
CA LEU H 109 44.35 60.54 -4.72
C LEU H 109 43.52 61.31 -5.76
N ALA H 110 43.04 60.60 -6.79
CA ALA H 110 42.30 61.23 -7.90
C ALA H 110 41.06 61.94 -7.41
N ALA H 111 40.29 61.26 -6.57
CA ALA H 111 39.09 61.85 -5.99
C ALA H 111 39.45 63.06 -5.12
N GLN H 112 40.50 62.91 -4.32
CA GLN H 112 40.97 64.03 -3.51
C GLN H 112 41.28 65.26 -4.36
N HIS H 113 41.89 65.04 -5.51
CA HIS H 113 42.28 66.12 -6.40
C HIS H 113 41.08 66.80 -7.01
N ALA H 114 39.98 66.05 -7.15
CA ALA H 114 38.74 66.58 -7.71
C ALA H 114 37.84 67.15 -6.62
N GLY H 115 38.21 66.92 -5.37
CA GLY H 115 37.44 67.39 -4.24
C GLY H 115 36.10 66.68 -4.10
N LEU H 116 36.08 65.42 -4.50
CA LEU H 116 34.87 64.60 -4.42
C LEU H 116 35.13 63.32 -3.63
N PRO H 117 34.09 62.83 -2.94
CA PRO H 117 34.18 61.47 -2.39
C PRO H 117 34.27 60.46 -3.55
N LEU H 118 34.93 59.32 -3.31
CA LEU H 118 35.18 58.37 -4.39
C LEU H 118 33.93 58.07 -5.21
N TYR H 119 32.84 57.76 -4.53
CA TYR H 119 31.62 57.35 -5.23
C TYR H 119 31.14 58.41 -6.21
N ALA H 120 31.20 59.67 -5.83
CA ALA H 120 30.82 60.75 -6.73
C ALA H 120 31.85 60.90 -7.86
N PHE H 121 33.12 60.63 -7.54
CA PHE H 121 34.18 60.76 -8.53
C PHE H 121 33.96 59.74 -9.63
N LEU H 122 33.37 58.59 -9.24
CA LEU H 122 33.14 57.49 -10.17
C LEU H 122 31.80 57.60 -10.93
N GLY H 123 31.05 58.68 -10.68
CA GLY H 123 29.80 58.91 -11.35
C GLY H 123 28.60 58.28 -10.68
N GLY H 124 28.78 57.89 -9.41
CA GLY H 124 27.72 57.25 -8.65
C GLY H 124 26.97 58.26 -7.81
N LYS H 125 25.94 57.80 -7.09
CA LYS H 125 25.15 58.68 -6.24
C LYS H 125 24.44 57.87 -5.19
N LYS H 126 24.10 58.50 -4.07
CA LYS H 126 23.45 57.80 -2.97
C LYS H 126 21.95 57.69 -3.20
N ASP H 127 21.54 56.71 -4.00
CA ASP H 127 20.14 56.56 -4.33
C ASP H 127 19.60 55.18 -3.93
N LYS H 128 20.30 54.54 -2.99
CA LYS H 128 19.84 53.24 -2.48
C LYS H 128 20.45 52.93 -1.12
N ILE H 129 19.81 52.03 -0.38
CA ILE H 129 20.36 51.61 0.90
C ILE H 129 21.32 50.43 0.71
N ILE H 130 22.49 50.53 1.30
CA ILE H 130 23.45 49.42 1.25
C ILE H 130 23.29 48.60 2.52
N GLN H 131 22.92 47.34 2.35
CA GLN H 131 22.71 46.46 3.49
C GLN H 131 23.55 45.18 3.38
N THR H 132 24.42 44.99 4.36
CA THR H 132 25.28 43.82 4.37
C THR H 132 24.60 42.59 4.99
N ASP H 133 24.99 41.43 4.49
CA ASP H 133 24.67 40.17 5.15
C ASP H 133 25.70 39.97 6.26
N TYR H 134 25.63 38.80 6.88
CA TYR H 134 26.70 38.39 7.79
C TYR H 134 26.94 36.89 7.61
N THR H 135 28.19 36.48 7.72
CA THR H 135 28.60 35.14 7.31
C THR H 135 28.68 34.13 8.46
N VAL H 136 28.02 32.99 8.27
CA VAL H 136 28.20 31.87 9.16
C VAL H 136 29.27 30.93 8.60
N SER H 137 30.41 30.83 9.29
CA SER H 137 31.48 29.93 8.88
C SER H 137 30.98 28.48 8.83
N ILE H 138 31.63 27.69 7.98
CA ILE H 138 31.28 26.29 7.78
C ILE H 138 31.80 25.41 8.95
N ASP H 139 30.87 24.79 9.66
CA ASP H 139 31.22 24.05 10.86
C ASP H 139 30.24 22.89 11.04
N GLU H 140 30.25 22.30 12.23
CA GLU H 140 29.22 21.34 12.65
C GLU H 140 27.84 22.03 12.71
N PRO H 141 26.79 21.36 12.21
CA PRO H 141 25.47 22.02 12.02
C PRO H 141 24.87 22.72 13.24
N HIS H 142 25.03 22.16 14.45
CA HIS H 142 24.52 22.83 15.64
C HIS H 142 25.24 24.16 15.85
N LYS H 143 26.57 24.13 15.75
CA LYS H 143 27.39 25.33 15.85
C LYS H 143 26.90 26.38 14.86
N MET H 144 26.68 25.95 13.61
CA MET H 144 26.24 26.88 12.57
C MET H 144 24.86 27.48 12.88
N ALA H 145 23.96 26.64 13.38
CA ALA H 145 22.63 27.12 13.74
C ALA H 145 22.74 28.16 14.87
N ALA H 146 23.58 27.86 15.86
CA ALA H 146 23.78 28.76 16.99
C ALA H 146 24.23 30.15 16.52
N ASP H 147 25.22 30.15 15.62
CA ASP H 147 25.74 31.39 15.02
C ASP H 147 24.68 32.13 14.22
N ALA H 148 23.87 31.38 13.47
CA ALA H 148 22.78 31.98 12.72
C ALA H 148 21.83 32.73 13.64
N VAL H 149 21.54 32.13 14.79
CA VAL H 149 20.66 32.74 15.80
C VAL H 149 21.27 34.04 16.34
N GLN H 150 22.48 33.94 16.85
CA GLN H 150 23.22 35.10 17.34
C GLN H 150 23.22 36.25 16.32
N ILE H 151 23.36 35.91 15.04
CA ILE H 151 23.40 36.91 13.98
C ILE H 151 22.06 37.59 13.81
N LYS H 152 20.98 36.82 13.87
CA LYS H 152 19.64 37.38 13.77
C LYS H 152 19.36 38.29 14.96
N LYS H 153 19.82 37.83 16.13
CA LYS H 153 19.70 38.56 17.39
C LYS H 153 20.39 39.93 17.35
N ASN H 154 21.56 39.96 16.70
CA ASN H 154 22.31 41.20 16.53
C ASN H 154 21.64 42.17 15.54
N GLY H 155 20.61 41.69 14.83
CA GLY H 155 19.79 42.56 14.01
C GLY H 155 19.96 42.45 12.51
N PHE H 156 20.89 41.59 12.10
CA PHE H 156 21.16 41.39 10.68
C PHE H 156 19.98 40.68 9.98
N GLU H 157 19.61 41.19 8.81
CA GLU H 157 18.42 40.69 8.11
C GLU H 157 18.74 39.77 6.92
N ILE H 158 20.03 39.63 6.60
CA ILE H 158 20.48 38.73 5.54
C ILE H 158 21.61 37.85 6.06
N ILE H 159 21.49 36.54 5.87
CA ILE H 159 22.55 35.65 6.34
C ILE H 159 23.25 34.94 5.20
N LYS H 160 24.57 34.98 5.21
CA LYS H 160 25.35 34.26 4.22
C LYS H 160 25.92 32.99 4.83
N VAL H 161 25.56 31.84 4.28
CA VAL H 161 26.01 30.57 4.85
C VAL H 161 27.07 29.88 3.99
N LYS H 162 28.16 29.47 4.64
CA LYS H 162 29.24 28.77 3.93
C LYS H 162 28.98 27.27 3.90
N VAL H 163 28.76 26.76 2.69
CA VAL H 163 28.59 25.33 2.49
C VAL H 163 29.72 24.82 1.61
N GLY H 164 29.63 23.55 1.22
CA GLY H 164 30.61 22.96 0.33
C GLY H 164 31.09 21.60 0.82
N GLY H 165 30.40 21.08 1.83
CA GLY H 165 30.71 19.74 2.33
C GLY H 165 30.02 18.68 1.51
N SER H 166 29.78 17.52 2.10
CA SER H 166 29.00 16.47 1.45
C SER H 166 27.55 16.90 1.28
N LYS H 167 26.84 16.25 0.35
CA LYS H 167 25.45 16.60 0.08
C LYS H 167 24.59 16.48 1.34
N GLU H 168 24.75 15.36 2.04
CA GLU H 168 24.02 15.09 3.28
C GLU H 168 24.20 16.21 4.30
N LEU H 169 25.47 16.53 4.55
CA LEU H 169 25.85 17.47 5.59
C LEU H 169 25.44 18.92 5.31
N ASP H 170 25.51 19.34 4.05
CA ASP H 170 25.13 20.70 3.70
C ASP H 170 23.63 20.90 3.86
N VAL H 171 22.87 19.87 3.51
CA VAL H 171 21.42 19.95 3.64
C VAL H 171 21.05 20.01 5.11
N GLU H 172 21.73 19.21 5.93
CA GLU H 172 21.47 19.25 7.37
C GLU H 172 21.79 20.64 7.93
N ARG H 173 22.87 21.24 7.45
CA ARG H 173 23.26 22.58 7.87
C ARG H 173 22.17 23.60 7.56
N ILE H 174 21.72 23.63 6.32
CA ILE H 174 20.69 24.60 5.92
C ILE H 174 19.38 24.39 6.67
N ARG H 175 18.97 23.13 6.83
CA ARG H 175 17.76 22.80 7.57
C ARG H 175 17.85 23.32 9.01
N MET H 176 18.83 22.81 9.76
CA MET H 176 19.00 23.21 11.15
C MET H 176 19.04 24.72 11.35
N ILE H 177 19.48 25.44 10.32
CA ILE H 177 19.51 26.90 10.37
C ILE H 177 18.14 27.50 10.12
N ARG H 178 17.45 27.00 9.10
CA ARG H 178 16.10 27.46 8.78
C ARG H 178 15.17 27.13 9.94
N GLU H 179 15.50 26.02 10.61
CA GLU H 179 14.74 25.48 11.74
C GLU H 179 14.91 26.37 12.97
N ALA H 180 16.09 26.96 13.10
CA ALA H 180 16.46 27.70 14.30
C ALA H 180 16.45 29.22 14.13
N ALA H 181 16.06 29.72 12.96
CA ALA H 181 16.12 31.17 12.71
C ALA H 181 14.95 31.71 11.91
N GLY H 182 14.14 30.82 11.36
CA GLY H 182 12.92 31.24 10.68
C GLY H 182 13.00 31.13 9.17
N ASP H 183 11.89 31.42 8.50
CA ASP H 183 11.80 31.31 7.05
C ASP H 183 11.70 32.68 6.39
N SER H 184 11.63 33.72 7.22
CA SER H 184 11.41 35.07 6.74
C SER H 184 12.73 35.83 6.54
N ILE H 185 13.73 35.48 7.33
CA ILE H 185 15.07 36.05 7.17
C ILE H 185 15.66 35.56 5.85
N THR H 186 16.08 36.48 5.00
CA THR H 186 16.62 36.08 3.70
C THR H 186 18.01 35.45 3.88
N LEU H 187 18.25 34.30 3.26
CA LEU H 187 19.59 33.73 3.30
C LEU H 187 20.20 33.27 1.96
N ARG H 188 21.52 33.46 1.84
CA ARG H 188 22.25 33.13 0.63
C ARG H 188 23.39 32.19 1.01
N ILE H 189 23.82 31.34 0.07
CA ILE H 189 24.86 30.35 0.36
C ILE H 189 26.07 30.44 -0.55
N ASP H 190 27.17 29.83 -0.12
CA ASP H 190 28.45 29.97 -0.80
C ASP H 190 29.27 28.71 -0.57
N ALA H 191 29.57 28.01 -1.65
CA ALA H 191 30.24 26.72 -1.53
C ALA H 191 31.74 26.84 -1.69
N ASN H 192 32.18 27.98 -2.22
CA ASN H 192 33.59 28.17 -2.57
C ASN H 192 34.18 26.97 -3.30
N GLN H 193 33.56 26.60 -4.42
CA GLN H 193 34.07 25.53 -5.29
C GLN H 193 34.04 24.15 -4.64
N GLY H 194 33.20 23.98 -3.62
CA GLY H 194 33.30 22.79 -2.78
C GLY H 194 32.71 21.50 -3.33
N TRP H 195 31.74 21.64 -4.23
CA TRP H 195 31.03 20.49 -4.80
C TRP H 195 31.52 20.07 -6.19
N SER H 196 31.37 18.78 -6.51
CA SER H 196 31.50 18.31 -7.89
C SER H 196 30.25 18.71 -8.67
N VAL H 197 30.32 18.69 -10.00
CA VAL H 197 29.14 19.04 -10.79
C VAL H 197 27.92 18.26 -10.32
N GLU H 198 28.14 16.97 -10.07
CA GLU H 198 27.08 16.10 -9.61
C GLU H 198 26.45 16.56 -8.29
N THR H 199 27.25 16.49 -7.22
CA THR H 199 26.83 16.89 -5.90
C THR H 199 26.17 18.27 -5.90
N ALA H 200 26.69 19.16 -6.74
CA ALA H 200 26.16 20.50 -6.81
C ALA H 200 24.66 20.48 -7.13
N ILE H 201 24.34 19.79 -8.22
CA ILE H 201 22.98 19.72 -8.71
C ILE H 201 22.05 18.98 -7.75
N GLU H 202 22.54 17.90 -7.16
CA GLU H 202 21.74 17.16 -6.19
C GLU H 202 21.46 17.99 -4.96
N THR H 203 22.51 18.65 -4.47
CA THR H 203 22.38 19.45 -3.25
C THR H 203 21.54 20.71 -3.49
N LEU H 204 21.64 21.28 -4.68
CA LEU H 204 20.90 22.49 -4.97
C LEU H 204 19.41 22.27 -5.20
N THR H 205 19.02 21.10 -5.69
CA THR H 205 17.60 20.80 -5.82
C THR H 205 17.04 20.35 -4.47
N LEU H 206 17.91 19.69 -3.68
CA LEU H 206 17.56 19.32 -2.30
C LEU H 206 17.41 20.53 -1.35
N LEU H 207 17.92 21.69 -1.76
CA LEU H 207 17.88 22.88 -0.91
C LEU H 207 16.80 23.87 -1.31
N GLU H 208 16.29 23.74 -2.53
CA GLU H 208 15.28 24.67 -3.05
C GLU H 208 14.12 24.92 -2.07
N PRO H 209 13.62 23.85 -1.42
CA PRO H 209 12.55 23.98 -0.42
C PRO H 209 12.83 25.07 0.64
N TYR H 210 14.09 25.20 1.06
CA TYR H 210 14.46 26.12 2.12
C TYR H 210 14.61 27.57 1.66
N ASN H 211 14.15 27.87 0.45
CA ASN H 211 14.10 29.24 -0.06
C ASN H 211 15.41 30.00 0.09
N ILE H 212 16.41 29.67 -0.71
CA ILE H 212 17.68 30.38 -0.61
C ILE H 212 17.84 31.35 -1.78
N GLN H 213 18.41 32.52 -1.48
CA GLN H 213 18.43 33.66 -2.40
C GLN H 213 19.30 33.46 -3.65
N HIS H 214 20.51 32.95 -3.44
CA HIS H 214 21.40 32.54 -4.52
C HIS H 214 22.59 31.78 -3.94
N CYS H 215 23.28 31.02 -4.78
CA CYS H 215 24.42 30.23 -4.35
C CYS H 215 25.69 30.68 -5.09
N GLU H 216 26.73 30.98 -4.32
CA GLU H 216 27.99 31.42 -4.92
C GLU H 216 28.88 30.23 -5.26
N GLU H 217 29.47 30.26 -6.45
CA GLU H 217 30.54 29.34 -6.85
C GLU H 217 30.38 27.91 -6.28
N PRO H 218 29.43 27.15 -6.83
CA PRO H 218 29.15 25.78 -6.42
C PRO H 218 30.26 24.80 -6.76
N VAL H 219 30.94 25.00 -7.88
CA VAL H 219 31.95 24.05 -8.29
C VAL H 219 33.27 24.72 -8.61
N SER H 220 34.32 23.91 -8.74
CA SER H 220 35.64 24.40 -9.13
C SER H 220 35.62 25.48 -10.22
N ARG H 221 36.47 26.49 -10.04
CA ARG H 221 36.58 27.56 -11.01
C ARG H 221 37.06 27.04 -12.35
N ASN H 222 37.74 25.88 -12.34
CA ASN H 222 38.19 25.21 -13.55
C ASN H 222 37.06 24.59 -14.36
N LEU H 223 35.94 24.35 -13.70
CA LEU H 223 34.80 23.70 -14.32
C LEU H 223 33.69 24.70 -14.65
N TYR H 224 34.07 25.96 -14.92
CA TYR H 224 33.08 26.98 -15.17
C TYR H 224 32.20 26.63 -16.37
N THR H 225 32.71 25.79 -17.26
CA THR H 225 32.00 25.39 -18.48
C THR H 225 30.79 24.49 -18.18
N ALA H 226 30.82 23.83 -17.03
CA ALA H 226 29.69 23.07 -16.51
C ALA H 226 28.66 23.96 -15.79
N LEU H 227 28.93 25.26 -15.68
CA LEU H 227 27.99 26.16 -15.01
C LEU H 227 26.66 26.27 -15.72
N PRO H 228 26.65 26.46 -17.04
CA PRO H 228 25.34 26.58 -17.71
C PRO H 228 24.45 25.35 -17.41
N LYS H 229 25.03 24.16 -17.43
CA LYS H 229 24.27 22.95 -17.16
C LYS H 229 23.63 22.99 -15.79
N ILE H 230 24.38 23.47 -14.80
CA ILE H 230 23.87 23.55 -13.42
C ILE H 230 22.79 24.60 -13.27
N ARG H 231 22.96 25.72 -13.97
CA ARG H 231 22.04 26.84 -13.91
C ARG H 231 20.66 26.42 -14.38
N GLN H 232 20.64 25.54 -15.39
CA GLN H 232 19.41 25.14 -16.04
C GLN H 232 18.70 24.03 -15.29
N ALA H 233 19.47 23.29 -14.51
CA ALA H 233 18.93 22.17 -13.75
C ALA H 233 18.45 22.61 -12.36
N CYS H 234 18.78 23.84 -11.98
CA CYS H 234 18.55 24.30 -10.61
C CYS H 234 17.74 25.61 -10.52
N ARG H 235 16.82 25.63 -9.58
CA ARG H 235 15.91 26.75 -9.45
C ARG H 235 16.64 27.90 -8.76
N ILE H 236 17.42 27.54 -7.73
CA ILE H 236 18.24 28.51 -7.02
C ILE H 236 19.21 29.18 -7.99
N PRO H 237 19.23 30.53 -8.00
CA PRO H 237 20.14 31.21 -8.94
C PRO H 237 21.57 31.00 -8.50
N ILE H 238 22.50 30.91 -9.44
CA ILE H 238 23.89 30.74 -9.06
C ILE H 238 24.71 31.98 -9.40
N MET H 239 25.60 32.33 -8.47
CA MET H 239 26.43 33.53 -8.57
C MET H 239 27.91 33.14 -8.67
N ALA H 240 28.56 33.64 -9.71
CA ALA H 240 29.96 33.35 -9.97
C ALA H 240 30.82 34.26 -9.10
N ASP H 241 31.75 33.65 -8.36
CA ASP H 241 32.70 34.41 -7.56
C ASP H 241 34.12 34.20 -8.10
N GLU H 242 34.80 33.15 -7.61
CA GLU H 242 36.14 32.83 -8.10
C GLU H 242 36.18 32.74 -9.63
N SER H 243 35.06 32.30 -10.23
CA SER H 243 35.01 32.09 -11.68
C SER H 243 34.94 33.41 -12.44
N CYS H 244 34.65 34.48 -11.71
CA CYS H 244 34.56 35.81 -12.30
C CYS H 244 35.51 36.79 -11.58
N CYS H 245 36.72 36.93 -12.13
CA CYS H 245 37.73 37.80 -11.54
C CYS H 245 37.84 39.10 -12.29
N ASN H 246 38.21 39.02 -13.57
CA ASN H 246 38.30 40.22 -14.40
C ASN H 246 37.19 40.33 -15.43
N SER H 247 37.29 41.32 -16.31
CA SER H 247 36.26 41.55 -17.32
C SER H 247 36.23 40.46 -18.40
N PHE H 248 37.38 39.91 -18.76
CA PHE H 248 37.41 38.83 -19.74
C PHE H 248 36.61 37.65 -19.20
N ASP H 249 36.81 37.33 -17.93
CA ASP H 249 36.07 36.26 -17.27
C ASP H 249 34.58 36.55 -17.34
N ALA H 250 34.21 37.79 -17.09
CA ALA H 250 32.80 38.15 -17.09
C ALA H 250 32.20 37.89 -18.46
N GLU H 251 32.81 38.50 -19.48
CA GLU H 251 32.33 38.38 -20.85
C GLU H 251 32.14 36.92 -21.24
N ARG H 252 33.11 36.08 -20.89
CA ARG H 252 33.09 34.68 -21.24
C ARG H 252 31.91 33.97 -20.56
N LEU H 253 31.66 34.30 -19.29
CA LEU H 253 30.60 33.65 -18.54
C LEU H 253 29.24 34.02 -19.10
N ILE H 254 29.10 35.29 -19.46
CA ILE H 254 27.89 35.78 -20.10
C ILE H 254 27.63 35.10 -21.44
N GLN H 255 28.68 35.01 -22.26
CA GLN H 255 28.64 34.40 -23.57
C GLN H 255 28.03 32.97 -23.58
N ILE H 256 28.30 32.20 -22.54
CA ILE H 256 27.77 30.85 -22.47
C ILE H 256 26.64 30.72 -21.44
N GLN H 257 26.09 31.86 -21.02
CA GLN H 257 25.03 31.91 -20.02
C GLN H 257 25.30 31.01 -18.80
N ALA H 258 26.42 31.25 -18.14
CA ALA H 258 26.91 30.37 -17.08
C ALA H 258 26.22 30.58 -15.74
N CYS H 259 25.76 31.81 -15.48
CA CYS H 259 25.31 32.16 -14.15
C CYS H 259 24.28 33.28 -14.18
N ASP H 260 23.58 33.45 -13.05
CA ASP H 260 22.52 34.44 -12.94
C ASP H 260 23.08 35.75 -12.46
N SER H 261 24.15 35.70 -11.68
CA SER H 261 24.69 36.92 -11.07
C SER H 261 26.19 36.83 -10.78
N PHE H 262 26.82 37.99 -10.63
CA PHE H 262 28.24 38.08 -10.31
C PHE H 262 28.48 38.48 -8.85
N ASN H 263 29.57 37.96 -8.29
CA ASN H 263 30.16 38.54 -7.09
C ASN H 263 31.44 39.33 -7.42
N LEU H 264 31.31 40.66 -7.39
CA LEU H 264 32.39 41.57 -7.74
C LEU H 264 33.26 41.95 -6.53
N LYS H 265 34.56 41.68 -6.61
CA LYS H 265 35.50 42.05 -5.55
C LYS H 265 36.69 42.81 -6.16
N LEU H 266 37.06 43.94 -5.57
CA LEU H 266 38.15 44.75 -6.13
C LEU H 266 39.51 44.02 -6.27
N SER H 267 39.84 43.16 -5.31
CA SER H 267 41.08 42.39 -5.37
C SER H 267 41.18 41.44 -6.58
N LYS H 268 40.06 40.86 -7.01
CA LYS H 268 40.08 39.93 -8.15
C LYS H 268 40.27 40.68 -9.46
N SER H 269 39.62 41.84 -9.56
CA SER H 269 39.69 42.65 -10.78
C SER H 269 40.92 43.61 -10.83
N ALA H 270 41.83 43.44 -9.86
CA ALA H 270 43.06 44.24 -9.76
C ALA H 270 42.79 45.73 -9.63
N GLY H 271 41.65 46.04 -9.00
CA GLY H 271 41.33 47.41 -8.67
C GLY H 271 39.96 47.83 -9.14
N ILE H 272 39.72 49.13 -9.11
CA ILE H 272 38.46 49.72 -9.49
C ILE H 272 38.32 49.84 -11.00
N THR H 273 39.39 50.27 -11.67
CA THR H 273 39.37 50.44 -13.12
C THR H 273 38.65 49.29 -13.83
N ASN H 274 39.10 48.07 -13.61
CA ASN H 274 38.49 46.91 -14.28
C ASN H 274 37.17 46.48 -13.65
N ALA H 275 36.98 46.75 -12.36
CA ALA H 275 35.70 46.45 -11.72
C ALA H 275 34.59 47.22 -12.42
N LEU H 276 34.92 48.41 -12.89
CA LEU H 276 33.96 49.22 -13.63
C LEU H 276 33.54 48.52 -14.93
N ASN H 277 34.50 47.94 -15.64
CA ASN H 277 34.19 47.19 -16.86
C ASN H 277 33.25 46.03 -16.59
N ILE H 278 33.52 45.26 -15.54
CA ILE H 278 32.64 44.16 -15.17
C ILE H 278 31.23 44.65 -14.86
N ILE H 279 31.12 45.77 -14.16
CA ILE H 279 29.80 46.34 -13.86
C ILE H 279 29.03 46.67 -15.15
N ARG H 280 29.68 47.38 -16.06
CA ARG H 280 29.09 47.73 -17.36
C ARG H 280 28.57 46.48 -18.11
N LEU H 281 29.38 45.44 -18.17
CA LEU H 281 28.96 44.19 -18.78
C LEU H 281 27.72 43.62 -18.11
N ALA H 282 27.72 43.60 -16.78
CA ALA H 282 26.57 43.11 -16.01
C ALA H 282 25.32 43.96 -16.30
N GLU H 283 25.52 45.26 -16.46
CA GLU H 283 24.43 46.14 -16.87
C GLU H 283 23.85 45.71 -18.22
N GLN H 284 24.70 45.65 -19.24
CA GLN H 284 24.27 45.30 -20.59
C GLN H 284 23.59 43.93 -20.66
N ALA H 285 23.77 43.12 -19.63
CA ALA H 285 23.19 41.78 -19.61
C ALA H 285 22.19 41.64 -18.47
N HIS H 286 21.74 42.76 -17.94
CA HIS H 286 20.70 42.79 -16.89
C HIS H 286 20.95 41.75 -15.81
N MET H 287 22.18 41.72 -15.30
CA MET H 287 22.58 40.74 -14.32
C MET H 287 22.82 41.44 -13.00
N PRO H 288 22.09 41.04 -11.95
CA PRO H 288 22.33 41.60 -10.62
C PRO H 288 23.76 41.30 -10.13
N VAL H 289 24.38 42.28 -9.45
CA VAL H 289 25.74 42.15 -8.95
C VAL H 289 25.78 42.29 -7.44
N GLN H 290 26.52 41.40 -6.79
CA GLN H 290 26.79 41.52 -5.35
C GLN H 290 28.24 41.98 -5.16
N VAL H 291 28.44 43.09 -4.44
CA VAL H 291 29.81 43.49 -4.12
C VAL H 291 30.29 42.86 -2.80
N GLY H 292 31.47 42.25 -2.83
CA GLY H 292 31.99 41.52 -1.69
C GLY H 292 33.46 41.84 -1.43
N GLY H 293 34.15 40.91 -0.80
CA GLY H 293 35.57 41.09 -0.51
C GLY H 293 36.11 39.93 0.29
N PHE H 294 37.27 40.13 0.92
CA PHE H 294 37.85 39.06 1.72
C PHE H 294 37.96 39.47 3.19
N LEU H 295 39.18 39.59 3.71
CA LEU H 295 39.31 40.03 5.09
C LEU H 295 39.83 41.47 5.22
N GLU H 296 39.63 42.28 4.17
CA GLU H 296 39.98 43.69 4.24
C GLU H 296 39.38 44.32 5.51
N SER H 297 40.07 45.33 6.07
CA SER H 297 39.50 46.13 7.16
C SER H 297 38.39 47.06 6.63
N ARG H 298 37.85 47.93 7.48
CA ARG H 298 36.82 48.84 7.01
C ARG H 298 37.35 49.77 5.91
N LEU H 299 38.67 49.91 5.81
CA LEU H 299 39.22 50.79 4.78
C LEU H 299 38.98 50.17 3.42
N GLY H 300 39.36 48.91 3.27
CA GLY H 300 39.16 48.21 2.01
C GLY H 300 37.69 48.20 1.62
N PHE H 301 36.83 47.86 2.58
CA PHE H 301 35.40 47.75 2.30
C PHE H 301 34.79 49.11 2.05
N THR H 302 35.47 50.16 2.49
CA THR H 302 35.01 51.51 2.17
C THR H 302 35.16 51.75 0.68
N ALA H 303 36.25 51.23 0.11
CA ALA H 303 36.45 51.29 -1.34
C ALA H 303 35.34 50.52 -2.07
N ALA H 304 35.07 49.30 -1.61
CA ALA H 304 33.97 48.52 -2.14
C ALA H 304 32.64 49.30 -2.08
N ALA H 305 32.35 49.90 -0.92
CA ALA H 305 31.07 50.58 -0.73
C ALA H 305 30.91 51.76 -1.70
N HIS H 306 32.00 52.48 -1.94
CA HIS H 306 31.99 53.59 -2.92
C HIS H 306 31.62 53.07 -4.30
N VAL H 307 32.28 51.98 -4.68
CA VAL H 307 32.05 51.39 -5.99
C VAL H 307 30.60 50.93 -6.10
N ALA H 308 30.09 50.37 -4.99
CA ALA H 308 28.74 49.82 -4.90
C ALA H 308 27.66 50.84 -5.29
N LEU H 309 27.97 52.12 -5.14
CA LEU H 309 27.00 53.15 -5.46
C LEU H 309 27.08 53.59 -6.91
N VAL H 310 27.89 52.91 -7.71
CA VAL H 310 28.16 53.35 -9.09
C VAL H 310 27.07 52.95 -10.12
N SER H 311 26.29 51.93 -9.82
CA SER H 311 25.30 51.40 -10.76
C SER H 311 24.13 50.73 -10.07
N LYS H 312 22.95 50.86 -10.66
CA LYS H 312 21.74 50.34 -10.05
C LYS H 312 21.67 48.81 -10.17
N THR H 313 22.52 48.24 -11.02
CA THR H 313 22.55 46.81 -11.24
C THR H 313 23.17 46.11 -10.02
N ILE H 314 23.96 46.86 -9.24
CA ILE H 314 24.51 46.35 -7.99
C ILE H 314 23.43 46.45 -6.92
N CYS H 315 23.20 45.37 -6.17
CA CYS H 315 22.05 45.34 -5.26
C CYS H 315 22.17 44.36 -4.09
N TYR H 316 23.29 43.62 -4.05
CA TYR H 316 23.57 42.77 -2.89
C TYR H 316 24.91 43.17 -2.33
N TYR H 317 25.11 42.96 -1.03
CA TYR H 317 26.32 43.43 -0.36
C TYR H 317 26.81 42.43 0.70
N ASP H 318 28.08 42.06 0.59
CA ASP H 318 28.75 41.19 1.57
C ASP H 318 29.93 41.96 2.14
N PHE H 319 29.66 42.79 3.15
CA PHE H 319 30.68 43.66 3.74
C PHE H 319 30.85 43.37 5.22
N ASP H 320 30.89 42.10 5.59
CA ASP H 320 30.75 41.75 7.01
C ASP H 320 32.07 41.57 7.80
N THR H 321 33.12 41.08 7.13
CA THR H 321 34.33 40.64 7.83
C THR H 321 35.01 41.64 8.78
N PRO H 322 34.95 42.95 8.48
CA PRO H 322 35.59 43.89 9.41
C PRO H 322 35.02 43.75 10.82
N LEU H 323 33.73 43.39 10.93
CA LEU H 323 33.09 43.15 12.24
C LEU H 323 33.66 41.97 13.02
N MET H 324 34.55 41.20 12.39
CA MET H 324 35.11 40.01 13.03
C MET H 324 36.49 40.29 13.61
N PHE H 325 37.02 41.48 13.35
CA PHE H 325 38.32 41.88 13.89
C PHE H 325 38.25 41.97 15.41
N GLU H 326 39.34 41.62 16.09
CA GLU H 326 39.45 41.90 17.51
C GLU H 326 39.51 43.41 17.78
N ALA H 327 40.12 44.14 16.84
CA ALA H 327 40.34 45.57 17.01
C ALA H 327 40.26 46.32 15.68
N ASP H 328 39.46 47.38 15.64
CA ASP H 328 39.27 48.18 14.44
C ASP H 328 40.30 49.32 14.38
N PRO H 329 41.28 49.24 13.45
CA PRO H 329 42.38 50.20 13.34
C PRO H 329 42.10 51.31 12.34
N VAL H 330 40.87 51.37 11.85
CA VAL H 330 40.54 52.28 10.77
C VAL H 330 39.97 53.59 11.30
N ARG H 331 40.37 54.68 10.66
CA ARG H 331 39.89 56.01 10.99
C ARG H 331 38.97 56.48 9.86
N GLY H 332 37.78 56.92 10.22
CA GLY H 332 36.78 57.27 9.22
C GLY H 332 36.19 56.03 8.55
N GLY H 333 35.96 56.13 7.25
CA GLY H 333 35.41 55.01 6.50
C GLY H 333 33.93 54.75 6.74
N ILE H 334 33.42 53.66 6.17
CA ILE H 334 32.02 53.30 6.30
C ILE H 334 31.68 52.99 7.76
N VAL H 335 30.47 53.35 8.16
CA VAL H 335 30.00 53.02 9.50
C VAL H 335 28.81 52.07 9.44
N TYR H 336 28.86 51.06 10.32
CA TYR H 336 27.78 50.08 10.41
C TYR H 336 26.69 50.58 11.34
N GLN H 337 25.48 50.70 10.79
CA GLN H 337 24.31 51.04 11.60
C GLN H 337 23.50 49.76 11.90
N GLN H 338 22.33 49.93 12.51
CA GLN H 338 21.50 48.78 12.85
C GLN H 338 20.86 48.17 11.59
N ARG H 339 20.53 46.88 11.68
CA ARG H 339 19.99 46.12 10.55
C ARG H 339 21.06 45.84 9.48
N GLY H 340 22.32 46.16 9.80
CA GLY H 340 23.43 45.95 8.88
C GLY H 340 23.46 46.96 7.73
N ILE H 341 22.80 48.10 7.91
CA ILE H 341 22.85 49.17 6.92
C ILE H 341 24.20 49.91 6.99
N ILE H 342 24.74 50.24 5.83
CA ILE H 342 26.07 50.86 5.73
C ILE H 342 25.96 52.28 5.20
N GLU H 343 26.67 53.20 5.85
CA GLU H 343 26.74 54.60 5.41
C GLU H 343 28.12 54.93 4.84
N VAL H 344 28.13 55.63 3.71
CA VAL H 344 29.38 55.89 3.00
C VAL H 344 29.90 57.31 3.26
N PRO H 345 31.19 57.44 3.58
CA PRO H 345 31.79 58.76 3.82
C PRO H 345 31.49 59.74 2.69
N GLU H 346 31.38 61.03 3.02
CA GLU H 346 31.03 62.03 2.03
C GLU H 346 32.18 63.00 1.76
N THR H 347 33.24 62.90 2.55
CA THR H 347 34.38 63.81 2.41
C THR H 347 35.19 63.43 1.15
N ALA H 348 36.07 64.33 0.71
CA ALA H 348 36.85 64.06 -0.49
C ALA H 348 37.75 62.82 -0.33
N GLY H 349 37.97 62.11 -1.44
CA GLY H 349 38.82 60.93 -1.48
C GLY H 349 38.14 59.66 -0.97
N LEU H 350 38.95 58.66 -0.63
CA LEU H 350 38.44 57.42 -0.08
C LEU H 350 37.56 57.69 1.16
N GLY H 351 37.94 58.70 1.93
CA GLY H 351 37.20 59.06 3.12
C GLY H 351 37.54 58.15 4.28
N ALA H 352 38.72 57.54 4.23
CA ALA H 352 39.20 56.69 5.31
C ALA H 352 40.73 56.66 5.38
N GLY H 353 41.23 56.30 6.55
CA GLY H 353 42.67 56.18 6.76
C GLY H 353 42.87 55.29 7.97
N TYR H 354 44.09 55.28 8.51
CA TYR H 354 44.36 54.45 9.67
C TYR H 354 44.59 55.28 10.93
N GLN H 355 44.10 54.73 12.04
CA GLN H 355 44.25 55.34 13.35
C GLN H 355 45.67 55.84 13.59
N LYS H 356 45.79 56.90 14.38
CA LYS H 356 47.10 57.47 14.66
C LYS H 356 48.04 56.46 15.32
N ASP H 357 49.26 56.39 14.80
CA ASP H 357 50.29 55.47 15.29
C ASP H 357 49.87 53.99 15.46
N TYR H 358 48.81 53.60 14.75
CA TYR H 358 48.59 52.19 14.55
C TYR H 358 49.62 51.74 13.51
N LEU H 359 49.74 52.53 12.44
CA LEU H 359 50.69 52.26 11.37
C LEU H 359 52.13 52.20 11.87
N SER H 360 52.50 53.08 12.79
CA SER H 360 53.90 53.15 13.23
C SER H 360 54.33 51.87 13.96
N GLY H 361 53.35 51.08 14.40
CA GLY H 361 53.61 49.84 15.12
C GLY H 361 53.81 48.64 14.20
N LEU H 362 53.48 48.84 12.92
CA LEU H 362 53.51 47.76 11.93
C LEU H 362 54.87 47.61 11.24
N GLU H 363 55.17 46.40 10.79
CA GLU H 363 56.36 46.17 9.99
C GLU H 363 56.17 46.86 8.66
N LYS H 364 57.12 47.73 8.28
CA LYS H 364 56.90 48.54 7.10
C LYS H 364 58.13 48.60 6.22
N ILE H 365 57.92 48.95 4.96
CA ILE H 365 59.03 49.30 4.09
C ILE H 365 58.66 50.57 3.33
N CYS H 366 59.65 51.23 2.76
CA CYS H 366 59.44 52.56 2.28
C CYS H 366 60.15 52.68 0.97
N ILE H 367 59.40 52.86 -0.11
CA ILE H 367 60.02 52.92 -1.43
C ILE H 367 60.25 54.37 -1.84
N ASN H 368 61.54 54.71 -1.89
CA ASN H 368 62.01 56.07 -2.05
C ASN H 368 61.84 56.99 -0.85
N MET I 1 0.19 27.49 -50.81
CA MET I 1 0.02 27.88 -52.21
C MET I 1 0.03 29.39 -52.34
N ILE I 2 0.92 29.90 -53.19
CA ILE I 2 1.11 31.34 -53.32
C ILE I 2 0.02 31.98 -54.16
N ILE I 3 -0.45 33.15 -53.74
CA ILE I 3 -1.37 33.96 -54.52
C ILE I 3 -0.61 34.70 -55.62
N THR I 4 -1.03 34.52 -56.87
CA THR I 4 -0.28 35.06 -58.00
C THR I 4 -1.00 36.21 -58.66
N GLN I 5 -2.33 36.17 -58.64
CA GLN I 5 -3.13 37.29 -59.15
C GLN I 5 -4.55 37.28 -58.59
N VAL I 6 -5.12 38.48 -58.46
CA VAL I 6 -6.52 38.60 -58.08
C VAL I 6 -7.26 39.48 -59.08
N GLU I 7 -8.48 39.07 -59.42
CA GLU I 7 -9.31 39.87 -60.31
C GLU I 7 -10.51 40.41 -59.57
N LEU I 8 -10.91 41.63 -59.90
CA LEU I 8 -12.08 42.24 -59.27
C LEU I 8 -13.08 42.61 -60.36
N TYR I 9 -14.36 42.33 -60.10
CA TYR I 9 -15.42 42.62 -61.05
C TYR I 9 -16.50 43.50 -60.42
N LYS I 10 -16.97 44.51 -61.15
CA LYS I 10 -18.23 45.18 -60.78
C LYS I 10 -19.43 44.37 -61.33
N SER I 11 -20.30 43.90 -60.44
CA SER I 11 -21.39 43.01 -60.83
C SER I 11 -22.74 43.61 -60.46
N PRO I 12 -23.27 44.50 -61.33
CA PRO I 12 -24.59 45.08 -61.07
C PRO I 12 -25.71 44.26 -61.75
N VAL I 13 -26.59 43.66 -60.95
CA VAL I 13 -27.75 42.96 -61.51
C VAL I 13 -29.04 43.59 -60.98
N LYS I 14 -29.99 43.83 -61.87
CA LYS I 14 -31.25 44.52 -61.53
C LYS I 14 -32.24 43.58 -60.81
N LEU I 15 -32.98 44.14 -59.85
CA LEU I 15 -34.01 43.39 -59.12
C LEU I 15 -35.35 43.44 -59.84
N LYS I 16 -36.13 42.35 -59.75
CA LYS I 16 -37.48 42.30 -60.32
C LYS I 16 -38.32 43.44 -59.75
N GLU I 17 -38.46 43.45 -58.43
CA GLU I 17 -39.10 44.56 -57.72
C GLU I 17 -38.02 45.26 -56.92
N PRO I 18 -38.12 46.61 -56.80
CA PRO I 18 -37.19 47.33 -55.92
C PRO I 18 -37.29 46.87 -54.46
N PHE I 19 -36.13 46.85 -53.79
CA PHE I 19 -36.01 46.41 -52.40
C PHE I 19 -36.08 47.62 -51.46
N LYS I 20 -36.98 47.57 -50.48
CA LYS I 20 -37.27 48.74 -49.65
C LYS I 20 -37.11 48.46 -48.16
N ILE I 21 -36.23 49.20 -47.51
CA ILE I 21 -36.15 49.17 -46.05
C ILE I 21 -36.32 50.59 -45.50
N SER I 22 -36.42 50.72 -44.19
CA SER I 22 -36.66 52.04 -43.58
C SER I 22 -35.56 53.05 -43.92
N LEU I 23 -34.39 52.54 -44.30
CA LEU I 23 -33.23 53.40 -44.55
C LEU I 23 -33.17 53.94 -45.98
N GLY I 24 -33.90 53.29 -46.90
CA GLY I 24 -33.83 53.65 -48.31
C GLY I 24 -34.29 52.57 -49.26
N ILE I 25 -34.19 52.88 -50.55
CA ILE I 25 -34.64 51.98 -51.62
C ILE I 25 -33.50 51.57 -52.58
N LEU I 26 -33.48 50.30 -52.98
CA LEU I 26 -32.45 49.82 -53.91
C LEU I 26 -33.09 49.14 -55.11
N THR I 27 -32.63 49.50 -56.32
CA THR I 27 -33.16 48.90 -57.56
C THR I 27 -32.25 47.82 -58.13
N HIS I 28 -30.99 47.86 -57.73
CA HIS I 28 -30.02 46.86 -58.14
C HIS I 28 -29.25 46.27 -56.97
N ALA I 29 -28.83 45.03 -57.13
CA ALA I 29 -27.76 44.50 -56.29
C ALA I 29 -26.44 44.88 -56.98
N ASN I 30 -25.84 45.99 -56.53
CA ASN I 30 -24.52 46.40 -57.07
C ASN I 30 -23.38 45.76 -56.26
N ASN I 31 -22.96 44.58 -56.70
CA ASN I 31 -21.99 43.80 -55.95
C ASN I 31 -20.59 43.91 -56.52
N VAL I 32 -19.61 43.52 -55.71
CA VAL I 32 -18.24 43.39 -56.20
C VAL I 32 -17.80 41.93 -56.07
N ILE I 33 -17.28 41.37 -57.16
CA ILE I 33 -16.79 39.99 -57.15
C ILE I 33 -15.26 39.93 -57.06
N VAL I 34 -14.76 38.93 -56.34
CA VAL I 34 -13.32 38.78 -56.16
C VAL I 34 -12.91 37.35 -56.56
N ARG I 35 -11.89 37.25 -57.40
CA ARG I 35 -11.28 35.95 -57.73
C ARG I 35 -9.79 35.93 -57.41
N ILE I 36 -9.38 35.05 -56.51
CA ILE I 36 -7.97 34.88 -56.19
C ILE I 36 -7.41 33.68 -56.94
N HIS I 37 -6.27 33.89 -57.61
CA HIS I 37 -5.56 32.82 -58.32
C HIS I 37 -4.32 32.39 -57.53
N THR I 38 -4.09 31.09 -57.44
CA THR I 38 -2.82 30.59 -56.92
C THR I 38 -1.90 30.12 -58.03
N ALA I 39 -0.62 29.92 -57.70
CA ALA I 39 0.37 29.43 -58.66
C ALA I 39 0.01 28.03 -59.16
N SER I 40 -0.55 27.21 -58.27
CA SER I 40 -0.98 25.86 -58.60
C SER I 40 -2.20 25.85 -59.54
N GLY I 41 -2.75 27.04 -59.81
CA GLY I 41 -3.89 27.17 -60.71
C GLY I 41 -5.28 27.08 -60.09
N HIS I 42 -5.34 27.04 -58.76
CA HIS I 42 -6.61 27.02 -58.03
C HIS I 42 -7.25 28.39 -58.03
N ILE I 43 -8.58 28.43 -58.04
CA ILE I 43 -9.31 29.70 -58.02
C ILE I 43 -10.29 29.78 -56.85
N GLY I 44 -10.17 30.83 -56.06
CA GLY I 44 -11.12 31.11 -54.99
C GLY I 44 -12.07 32.24 -55.35
N TYR I 45 -13.36 32.06 -55.07
CA TYR I 45 -14.35 33.12 -55.32
C TYR I 45 -14.85 33.75 -54.02
N GLY I 46 -15.09 35.05 -54.09
CA GLY I 46 -15.70 35.78 -52.99
C GLY I 46 -16.57 36.89 -53.56
N GLU I 47 -17.58 37.27 -52.80
CA GLU I 47 -18.50 38.30 -53.27
C GLU I 47 -18.79 39.22 -52.10
N CYS I 48 -19.19 40.45 -52.40
CA CYS I 48 -19.70 41.32 -51.36
C CYS I 48 -20.76 42.26 -51.94
N SER I 49 -21.69 42.69 -51.10
CA SER I 49 -22.80 43.49 -51.57
C SER I 49 -22.91 44.76 -50.73
N PRO I 50 -22.10 45.78 -51.09
CA PRO I 50 -22.07 47.04 -50.32
C PRO I 50 -23.45 47.69 -50.24
N PHE I 51 -23.79 48.09 -49.01
CA PHE I 51 -25.03 48.80 -48.70
C PHE I 51 -24.62 50.16 -48.11
N MET I 52 -24.75 51.23 -48.89
CA MET I 52 -24.23 52.52 -48.45
C MET I 52 -24.68 52.96 -47.05
N THR I 53 -25.95 52.70 -46.72
CA THR I 53 -26.54 53.16 -45.45
C THR I 53 -26.22 52.29 -44.22
N ILE I 54 -25.52 51.18 -44.43
CA ILE I 54 -25.15 50.29 -43.33
C ILE I 54 -23.64 50.00 -43.25
N HIS I 55 -23.08 49.60 -44.40
CA HIS I 55 -21.64 49.32 -44.49
C HIS I 55 -20.83 50.61 -44.54
N GLY I 56 -21.42 51.64 -45.15
CA GLY I 56 -20.69 52.86 -45.43
C GLY I 56 -19.75 52.61 -46.61
N GLU I 57 -20.13 51.66 -47.45
CA GLU I 57 -19.35 51.35 -48.64
C GLU I 57 -20.30 51.33 -49.82
N SER I 58 -19.76 51.48 -51.02
CA SER I 58 -20.55 51.33 -52.24
C SER I 58 -19.80 50.37 -53.16
N MET I 59 -20.47 49.94 -54.24
CA MET I 59 -19.80 49.15 -55.27
C MET I 59 -18.54 49.91 -55.75
N ASP I 60 -18.66 51.23 -55.90
CA ASP I 60 -17.52 52.04 -56.35
C ASP I 60 -16.35 52.04 -55.38
N THR I 61 -16.61 52.29 -54.10
CA THR I 61 -15.54 52.24 -53.10
C THR I 61 -14.94 50.84 -52.95
N ALA I 62 -15.80 49.82 -52.93
CA ALA I 62 -15.34 48.44 -52.77
C ALA I 62 -14.37 48.10 -53.91
N PHE I 63 -14.74 48.50 -55.12
CA PHE I 63 -13.92 48.19 -56.29
C PHE I 63 -12.51 48.79 -56.20
N ILE I 64 -12.36 49.91 -55.49
CA ILE I 64 -11.06 50.56 -55.37
C ILE I 64 -10.27 50.02 -54.20
N VAL I 65 -10.89 50.02 -53.01
CA VAL I 65 -10.25 49.52 -51.80
C VAL I 65 -9.77 48.07 -52.05
N GLY I 66 -10.61 47.30 -52.74
CA GLY I 66 -10.28 45.94 -53.13
C GLY I 66 -8.95 45.86 -53.84
N GLN I 67 -8.65 46.82 -54.70
CA GLN I 67 -7.34 46.89 -55.36
C GLN I 67 -6.17 47.09 -54.37
N TYR I 68 -6.36 47.99 -53.40
CA TYR I 68 -5.37 48.15 -52.32
C TYR I 68 -5.11 46.78 -51.70
N LEU I 69 -6.19 46.06 -51.40
CA LEU I 69 -6.10 44.78 -50.70
C LEU I 69 -5.38 43.72 -51.53
N ALA I 70 -5.84 43.54 -52.76
CA ALA I 70 -5.19 42.66 -53.72
C ALA I 70 -3.66 42.86 -53.79
N LYS I 71 -3.23 44.12 -53.96
CA LYS I 71 -1.79 44.42 -54.00
C LYS I 71 -1.06 43.78 -52.80
N GLY I 72 -1.63 43.92 -51.61
CA GLY I 72 -0.98 43.45 -50.39
C GLY I 72 -0.95 41.93 -50.27
N LEU I 73 -1.96 41.29 -50.87
CA LEU I 73 -2.08 39.84 -50.83
C LEU I 73 -1.24 39.08 -51.89
N ILE I 74 -0.81 39.78 -52.94
CA ILE I 74 0.02 39.14 -53.94
C ILE I 74 1.33 38.71 -53.29
N GLY I 75 1.66 37.44 -53.47
CA GLY I 75 2.91 36.88 -52.98
C GLY I 75 2.76 36.08 -51.70
N THR I 76 1.63 36.29 -51.01
CA THR I 76 1.38 35.63 -49.73
C THR I 76 0.79 34.25 -49.92
N SER I 77 0.70 33.49 -48.83
CA SER I 77 0.12 32.15 -48.87
C SER I 77 -1.37 32.20 -48.56
N CYS I 78 -2.20 31.80 -49.52
CA CYS I 78 -3.66 31.80 -49.33
C CYS I 78 -4.12 30.95 -48.12
N LEU I 79 -3.22 30.13 -47.58
CA LEU I 79 -3.58 29.28 -46.44
C LEU I 79 -3.45 30.00 -45.10
N ASP I 80 -2.63 31.06 -45.06
CA ASP I 80 -2.47 31.86 -43.84
C ASP I 80 -3.63 32.86 -43.68
N ILE I 81 -4.83 32.32 -43.50
CA ILE I 81 -6.03 33.16 -43.45
C ILE I 81 -5.94 34.27 -42.39
N VAL I 82 -5.54 33.91 -41.17
CA VAL I 82 -5.39 34.91 -40.11
C VAL I 82 -4.35 35.99 -40.45
N SER I 83 -3.14 35.55 -40.83
CA SER I 83 -2.08 36.48 -41.21
C SER I 83 -2.54 37.46 -42.30
N ASN I 84 -3.30 36.96 -43.27
CA ASN I 84 -3.76 37.79 -44.39
C ASN I 84 -4.91 38.73 -44.02
N SER I 85 -5.83 38.24 -43.19
CA SER I 85 -6.91 39.09 -42.69
C SER I 85 -6.29 40.27 -41.96
N LEU I 86 -5.20 39.98 -41.23
CA LEU I 86 -4.49 41.00 -40.46
C LEU I 86 -3.77 41.98 -41.38
N LEU I 87 -3.19 41.43 -42.45
CA LEU I 87 -2.50 42.19 -43.47
C LEU I 87 -3.43 43.21 -44.15
N MET I 88 -4.68 42.80 -44.42
CA MET I 88 -5.67 43.73 -44.96
C MET I 88 -6.00 44.85 -43.97
N ASP I 89 -6.22 44.47 -42.70
CA ASP I 89 -6.51 45.44 -41.64
C ASP I 89 -5.38 46.47 -41.49
N ALA I 90 -4.14 46.03 -41.65
CA ALA I 90 -2.99 46.93 -41.58
C ALA I 90 -2.98 47.90 -42.75
N ILE I 91 -3.61 47.51 -43.87
CA ILE I 91 -3.66 48.37 -45.06
C ILE I 91 -4.71 49.47 -44.93
N ILE I 92 -5.89 49.11 -44.44
CA ILE I 92 -6.97 50.08 -44.32
C ILE I 92 -7.94 49.65 -43.22
N TYR I 93 -8.33 50.63 -42.41
CA TYR I 93 -9.29 50.39 -41.33
C TYR I 93 -10.74 50.24 -41.87
N GLY I 94 -11.59 49.55 -41.11
CA GLY I 94 -12.96 49.33 -41.54
C GLY I 94 -13.04 48.63 -42.90
N ASN I 95 -13.94 49.10 -43.77
CA ASN I 95 -14.17 48.47 -45.06
C ASN I 95 -14.38 46.96 -44.98
N SER I 96 -15.19 46.54 -44.01
CA SER I 96 -15.43 45.12 -43.77
C SER I 96 -16.07 44.45 -44.97
N CYS I 97 -16.96 45.17 -45.64
CA CYS I 97 -17.70 44.58 -46.75
C CYS I 97 -16.75 43.99 -47.79
N ILE I 98 -15.94 44.83 -48.41
CA ILE I 98 -14.99 44.32 -49.40
C ILE I 98 -14.03 43.29 -48.78
N LYS I 99 -13.56 43.55 -47.56
CA LYS I 99 -12.68 42.61 -46.86
C LYS I 99 -13.28 41.20 -46.77
N SER I 100 -14.57 41.13 -46.47
CA SER I 100 -15.25 39.85 -46.36
C SER I 100 -15.17 39.07 -47.67
N ALA I 101 -15.26 39.78 -48.80
CA ALA I 101 -15.14 39.10 -50.10
C ALA I 101 -13.79 38.40 -50.23
N PHE I 102 -12.72 39.11 -49.90
CA PHE I 102 -11.39 38.49 -49.93
C PHE I 102 -11.27 37.36 -48.94
N ASN I 103 -11.81 37.56 -47.74
CA ASN I 103 -11.76 36.54 -46.70
C ASN I 103 -12.46 35.26 -47.16
N ILE I 104 -13.68 35.41 -47.67
CA ILE I 104 -14.45 34.27 -48.18
C ILE I 104 -13.64 33.50 -49.25
N ALA I 105 -13.07 34.22 -50.22
CA ALA I 105 -12.30 33.58 -51.27
C ALA I 105 -11.11 32.78 -50.69
N LEU I 106 -10.44 33.37 -49.71
CA LEU I 106 -9.32 32.69 -49.06
C LEU I 106 -9.74 31.36 -48.43
N TYR I 107 -10.92 31.38 -47.79
CA TYR I 107 -11.50 30.15 -47.22
C TYR I 107 -11.85 29.15 -48.31
N ASP I 108 -12.37 29.65 -49.43
CA ASP I 108 -12.63 28.79 -50.57
C ASP I 108 -11.35 28.02 -50.89
N LEU I 109 -10.28 28.77 -51.20
CA LEU I 109 -8.97 28.16 -51.47
C LEU I 109 -8.59 27.14 -50.39
N ALA I 110 -8.64 27.57 -49.13
CA ALA I 110 -8.26 26.69 -48.01
C ALA I 110 -9.01 25.35 -47.99
N ALA I 111 -10.35 25.43 -48.08
CA ALA I 111 -11.17 24.22 -48.17
C ALA I 111 -10.82 23.36 -49.40
N GLN I 112 -10.60 24.00 -50.55
CA GLN I 112 -10.20 23.29 -51.75
C GLN I 112 -8.92 22.50 -51.52
N HIS I 113 -7.99 23.12 -50.78
CA HIS I 113 -6.70 22.50 -50.51
C HIS I 113 -6.83 21.29 -49.58
N ALA I 114 -7.86 21.32 -48.74
CA ALA I 114 -8.13 20.23 -47.81
C ALA I 114 -9.05 19.19 -48.43
N GLY I 115 -9.56 19.49 -49.62
CA GLY I 115 -10.50 18.61 -50.29
C GLY I 115 -11.82 18.41 -49.55
N LEU I 116 -12.27 19.49 -48.91
CA LEU I 116 -13.52 19.48 -48.17
C LEU I 116 -14.42 20.63 -48.63
N PRO I 117 -15.74 20.43 -48.56
CA PRO I 117 -16.66 21.57 -48.71
C PRO I 117 -16.44 22.53 -47.53
N LEU I 118 -16.70 23.82 -47.76
CA LEU I 118 -16.40 24.82 -46.74
C LEU I 118 -16.95 24.44 -45.35
N TYR I 119 -18.21 24.03 -45.30
CA TYR I 119 -18.85 23.74 -44.02
C TYR I 119 -18.10 22.66 -43.22
N ALA I 120 -17.66 21.62 -43.89
CA ALA I 120 -16.88 20.58 -43.24
C ALA I 120 -15.48 21.09 -42.88
N PHE I 121 -14.91 21.95 -43.72
CA PHE I 121 -13.61 22.55 -43.43
C PHE I 121 -13.68 23.36 -42.12
N LEU I 122 -14.84 23.95 -41.86
CA LEU I 122 -15.05 24.80 -40.70
C LEU I 122 -15.46 24.02 -39.46
N GLY I 123 -15.60 22.70 -39.59
CA GLY I 123 -15.92 21.83 -38.47
C GLY I 123 -17.43 21.65 -38.26
N GLY I 124 -18.20 22.01 -39.29
CA GLY I 124 -19.64 21.89 -39.24
C GLY I 124 -20.07 20.56 -39.82
N LYS I 125 -21.38 20.33 -39.81
CA LYS I 125 -21.96 19.11 -40.35
C LYS I 125 -23.43 19.34 -40.67
N LYS I 126 -23.96 18.55 -41.61
CA LYS I 126 -25.35 18.69 -42.01
C LYS I 126 -26.29 17.95 -41.06
N ASP I 127 -26.59 18.58 -39.92
CA ASP I 127 -27.45 17.96 -38.91
C ASP I 127 -28.73 18.76 -38.65
N LYS I 128 -29.11 19.62 -39.59
CA LYS I 128 -30.33 20.41 -39.44
C LYS I 128 -30.81 20.90 -40.80
N ILE I 129 -32.09 21.24 -40.88
CA ILE I 129 -32.64 21.83 -42.11
C ILE I 129 -32.45 23.35 -42.07
N ILE I 130 -31.95 23.88 -43.19
CA ILE I 130 -31.82 25.33 -43.36
C ILE I 130 -33.05 25.85 -44.11
N GLN I 131 -33.83 26.69 -43.43
CA GLN I 131 -35.04 27.23 -44.03
C GLN I 131 -35.07 28.76 -44.04
N THR I 132 -35.12 29.34 -45.23
CA THR I 132 -35.10 30.78 -45.36
C THR I 132 -36.49 31.39 -45.21
N ASP I 133 -36.52 32.61 -44.67
CA ASP I 133 -37.72 33.44 -44.73
C ASP I 133 -37.74 34.10 -46.09
N TYR I 134 -38.68 35.02 -46.28
CA TYR I 134 -38.69 35.85 -47.47
C TYR I 134 -39.19 37.23 -47.04
N THR I 135 -38.66 38.25 -47.69
CA THR I 135 -38.79 39.62 -47.17
C THR I 135 -39.87 40.42 -47.88
N VAL I 136 -40.74 41.03 -47.11
CA VAL I 136 -41.69 42.00 -47.63
C VAL I 136 -41.11 43.39 -47.46
N SER I 137 -40.81 44.06 -48.57
CA SER I 137 -40.32 45.44 -48.53
C SER I 137 -41.34 46.38 -47.87
N ILE I 138 -40.81 47.42 -47.24
CA ILE I 138 -41.63 48.43 -46.56
C ILE I 138 -42.35 49.30 -47.57
N ASP I 139 -43.68 49.27 -47.54
CA ASP I 139 -44.48 50.01 -48.50
C ASP I 139 -45.82 50.43 -47.86
N GLU I 140 -46.76 50.84 -48.70
CA GLU I 140 -48.16 51.04 -48.29
C GLU I 140 -48.78 49.70 -47.84
N PRO I 141 -49.55 49.70 -46.72
CA PRO I 141 -50.00 48.45 -46.09
C PRO I 141 -50.72 47.46 -47.02
N HIS I 142 -51.57 47.94 -47.93
CA HIS I 142 -52.21 47.01 -48.87
C HIS I 142 -51.18 46.28 -49.74
N LYS I 143 -50.24 47.06 -50.30
CA LYS I 143 -49.16 46.49 -51.10
C LYS I 143 -48.40 45.44 -50.30
N MET I 144 -48.10 45.75 -49.04
CA MET I 144 -47.37 44.81 -48.20
C MET I 144 -48.16 43.53 -47.95
N ALA I 145 -49.45 43.68 -47.68
CA ALA I 145 -50.30 42.51 -47.50
C ALA I 145 -50.32 41.64 -48.76
N ALA I 146 -50.45 42.29 -49.93
CA ALA I 146 -50.50 41.57 -51.20
C ALA I 146 -49.26 40.71 -51.40
N ASP I 147 -48.10 41.29 -51.12
CA ASP I 147 -46.81 40.61 -51.21
C ASP I 147 -46.73 39.45 -50.20
N ALA I 148 -47.21 39.68 -48.98
CA ALA I 148 -47.23 38.62 -47.97
C ALA I 148 -48.01 37.41 -48.49
N VAL I 149 -49.13 37.67 -49.14
CA VAL I 149 -49.98 36.61 -49.71
C VAL I 149 -49.21 35.85 -50.78
N GLN I 150 -48.74 36.58 -51.80
CA GLN I 150 -47.94 35.99 -52.87
C GLN I 150 -46.81 35.10 -52.32
N ILE I 151 -46.15 35.57 -51.26
CA ILE I 151 -45.07 34.83 -50.63
C ILE I 151 -45.54 33.51 -50.00
N LYS I 152 -46.68 33.54 -49.32
CA LYS I 152 -47.24 32.34 -48.72
C LYS I 152 -47.65 31.36 -49.84
N LYS I 153 -48.21 31.92 -50.90
CA LYS I 153 -48.64 31.15 -52.09
C LYS I 153 -47.45 30.42 -52.72
N ASN I 154 -46.29 31.08 -52.75
CA ASN I 154 -45.08 30.49 -53.31
C ASN I 154 -44.50 29.37 -52.42
N GLY I 155 -45.06 29.21 -51.23
CA GLY I 155 -44.70 28.10 -50.37
C GLY I 155 -43.81 28.43 -49.18
N PHE I 156 -43.39 29.68 -49.05
CA PHE I 156 -42.52 30.09 -47.94
C PHE I 156 -43.27 30.07 -46.62
N GLU I 157 -42.63 29.56 -45.58
CA GLU I 157 -43.31 29.33 -44.32
C GLU I 157 -42.90 30.35 -43.25
N ILE I 158 -41.93 31.18 -43.58
CA ILE I 158 -41.49 32.24 -42.67
C ILE I 158 -41.44 33.56 -43.45
N ILE I 159 -42.02 34.61 -42.88
CA ILE I 159 -42.05 35.92 -43.57
C ILE I 159 -41.32 36.97 -42.76
N LYS I 160 -40.38 37.65 -43.40
CA LYS I 160 -39.67 38.75 -42.76
C LYS I 160 -40.25 40.07 -43.25
N VAL I 161 -40.78 40.87 -42.31
CA VAL I 161 -41.42 42.14 -42.67
C VAL I 161 -40.54 43.33 -42.29
N LYS I 162 -40.36 44.22 -43.26
CA LYS I 162 -39.63 45.48 -43.01
C LYS I 162 -40.54 46.58 -42.46
N VAL I 163 -40.28 46.95 -41.22
CA VAL I 163 -40.98 48.06 -40.58
C VAL I 163 -39.98 49.18 -40.28
N GLY I 164 -40.44 50.20 -39.56
CA GLY I 164 -39.58 51.31 -39.18
C GLY I 164 -40.22 52.65 -39.47
N GLY I 165 -41.51 52.63 -39.84
CA GLY I 165 -42.27 53.85 -40.05
C GLY I 165 -42.81 54.39 -38.73
N SER I 166 -43.91 55.16 -38.81
CA SER I 166 -44.56 55.67 -37.62
C SER I 166 -45.22 54.52 -36.86
N LYS I 167 -45.47 54.71 -35.57
CA LYS I 167 -46.13 53.67 -34.74
C LYS I 167 -47.49 53.23 -35.32
N GLU I 168 -48.34 54.21 -35.66
CA GLU I 168 -49.62 53.93 -36.30
C GLU I 168 -49.47 53.04 -37.54
N LEU I 169 -48.58 53.46 -38.45
CA LEU I 169 -48.43 52.84 -39.76
C LEU I 169 -47.83 51.42 -39.72
N ASP I 170 -46.90 51.19 -38.80
CA ASP I 170 -46.29 49.87 -38.65
C ASP I 170 -47.28 48.86 -38.10
N VAL I 171 -48.11 49.30 -37.17
CA VAL I 171 -49.13 48.43 -36.61
C VAL I 171 -50.16 48.08 -37.67
N GLU I 172 -50.54 49.06 -38.48
CA GLU I 172 -51.48 48.82 -39.56
C GLU I 172 -50.91 47.82 -40.56
N ARG I 173 -49.61 47.95 -40.84
CA ARG I 173 -48.89 47.04 -41.73
C ARG I 173 -48.94 45.58 -41.24
N ILE I 174 -48.54 45.37 -39.97
CA ILE I 174 -48.55 44.02 -39.40
C ILE I 174 -49.97 43.41 -39.30
N ARG I 175 -50.94 44.22 -38.91
CA ARG I 175 -52.32 43.77 -38.83
C ARG I 175 -52.80 43.31 -40.20
N MET I 176 -52.81 44.22 -41.18
CA MET I 176 -53.26 43.92 -42.54
C MET I 176 -52.58 42.67 -43.14
N ILE I 177 -51.37 42.37 -42.68
CA ILE I 177 -50.64 41.18 -43.12
C ILE I 177 -51.14 39.93 -42.39
N ARG I 178 -51.25 40.02 -41.06
CA ARG I 178 -51.80 38.93 -40.25
C ARG I 178 -53.24 38.62 -40.68
N GLU I 179 -53.94 39.68 -41.09
CA GLU I 179 -55.32 39.61 -41.53
C GLU I 179 -55.44 38.93 -42.88
N ALA I 180 -54.42 39.07 -43.72
CA ALA I 180 -54.49 38.55 -45.09
C ALA I 180 -53.62 37.31 -45.34
N ALA I 181 -52.96 36.79 -44.31
CA ALA I 181 -52.08 35.64 -44.52
C ALA I 181 -52.19 34.56 -43.42
N GLY I 182 -52.86 34.88 -42.32
CA GLY I 182 -53.08 33.89 -41.27
C GLY I 182 -52.23 34.11 -40.04
N ASP I 183 -52.48 33.31 -39.01
CA ASP I 183 -51.81 33.46 -37.71
C ASP I 183 -50.83 32.31 -37.48
N SER I 184 -50.83 31.36 -38.41
CA SER I 184 -50.03 30.14 -38.26
C SER I 184 -48.66 30.27 -38.94
N ILE I 185 -48.60 31.06 -40.01
CA ILE I 185 -47.34 31.36 -40.67
C ILE I 185 -46.46 32.18 -39.72
N THR I 186 -45.25 31.71 -39.45
CA THR I 186 -44.34 32.41 -38.54
C THR I 186 -43.80 33.69 -39.18
N LEU I 187 -43.87 34.82 -38.48
CA LEU I 187 -43.30 36.05 -39.04
C LEU I 187 -42.38 36.85 -38.10
N ARG I 188 -41.32 37.41 -38.69
CA ARG I 188 -40.33 38.19 -37.96
C ARG I 188 -40.23 39.58 -38.59
N ILE I 189 -39.88 40.59 -37.79
CA ILE I 189 -39.84 41.97 -38.29
C ILE I 189 -38.48 42.64 -38.15
N ASP I 190 -38.28 43.68 -38.95
CA ASP I 190 -36.99 44.35 -39.03
C ASP I 190 -37.20 45.86 -39.27
N ALA I 191 -36.76 46.66 -38.32
CA ALA I 191 -36.98 48.11 -38.39
C ALA I 191 -35.82 48.85 -39.03
N ASN I 192 -34.65 48.20 -39.10
CA ASN I 192 -33.42 48.85 -39.57
C ASN I 192 -33.20 50.22 -38.92
N GLN I 193 -33.19 50.23 -37.59
CA GLN I 193 -32.93 51.46 -36.81
C GLN I 193 -34.01 52.55 -37.00
N GLY I 194 -35.22 52.17 -37.45
CA GLY I 194 -36.23 53.12 -37.87
C GLY I 194 -36.97 53.93 -36.78
N TRP I 195 -37.03 53.36 -35.57
CA TRP I 195 -37.77 53.97 -34.45
C TRP I 195 -36.87 54.67 -33.42
N SER I 196 -37.45 55.64 -32.71
CA SER I 196 -36.79 56.19 -31.53
C SER I 196 -37.00 55.18 -30.39
N VAL I 197 -36.22 55.29 -29.32
CA VAL I 197 -36.42 54.42 -28.16
C VAL I 197 -37.90 54.38 -27.73
N GLU I 198 -38.53 55.55 -27.71
CA GLU I 198 -39.95 55.67 -27.36
C GLU I 198 -40.87 54.88 -28.28
N THR I 199 -40.93 55.31 -29.54
CA THR I 199 -41.76 54.63 -30.54
C THR I 199 -41.52 53.12 -30.58
N ALA I 200 -40.28 52.71 -30.31
CA ALA I 200 -39.92 51.29 -30.37
C ALA I 200 -40.75 50.52 -29.35
N ILE I 201 -40.65 50.95 -28.11
CA ILE I 201 -41.37 50.33 -27.01
C ILE I 201 -42.90 50.36 -27.17
N GLU I 202 -43.45 51.50 -27.58
CA GLU I 202 -44.88 51.60 -27.83
C GLU I 202 -45.32 50.68 -28.97
N THR I 203 -44.52 50.64 -30.03
CA THR I 203 -44.90 49.87 -31.22
C THR I 203 -44.72 48.38 -30.96
N LEU I 204 -43.75 48.03 -30.12
CA LEU I 204 -43.46 46.62 -29.84
C LEU I 204 -44.46 45.97 -28.87
N THR I 205 -45.00 46.75 -27.95
CA THR I 205 -46.06 46.23 -27.08
C THR I 205 -47.39 46.22 -27.83
N LEU I 206 -47.58 47.17 -28.73
CA LEU I 206 -48.77 47.21 -29.59
C LEU I 206 -48.78 46.07 -30.64
N LEU I 207 -47.63 45.44 -30.87
CA LEU I 207 -47.53 44.37 -31.88
C LEU I 207 -47.55 42.95 -31.28
N GLU I 208 -47.25 42.85 -29.99
CA GLU I 208 -47.20 41.57 -29.30
C GLU I 208 -48.39 40.66 -29.61
N PRO I 209 -49.62 41.23 -29.62
CA PRO I 209 -50.83 40.47 -29.98
C PRO I 209 -50.68 39.64 -31.26
N TYR I 210 -50.01 40.20 -32.26
CA TYR I 210 -49.91 39.57 -33.58
C TYR I 210 -48.87 38.45 -33.66
N ASN I 211 -48.31 38.08 -32.52
CA ASN I 211 -47.39 36.94 -32.42
C ASN I 211 -46.20 37.04 -33.37
N ILE I 212 -45.25 37.93 -33.08
CA ILE I 212 -44.11 38.06 -33.97
C ILE I 212 -42.88 37.40 -33.34
N GLN I 213 -42.05 36.78 -34.18
CA GLN I 213 -41.01 35.86 -33.70
C GLN I 213 -39.87 36.61 -33.02
N HIS I 214 -39.42 37.67 -33.67
CA HIS I 214 -38.41 38.58 -33.11
C HIS I 214 -38.33 39.85 -33.96
N CYS I 215 -37.76 40.90 -33.39
CA CYS I 215 -37.61 42.15 -34.11
C CYS I 215 -36.12 42.54 -34.24
N GLU I 216 -35.68 42.79 -35.48
CA GLU I 216 -34.31 43.19 -35.72
C GLU I 216 -34.13 44.69 -35.58
N GLU I 217 -33.06 45.07 -34.89
CA GLU I 217 -32.57 46.45 -34.85
C GLU I 217 -33.69 47.51 -34.84
N PRO I 218 -34.38 47.64 -33.70
CA PRO I 218 -35.51 48.59 -33.58
C PRO I 218 -35.07 50.07 -33.59
N VAL I 219 -33.90 50.36 -33.04
CA VAL I 219 -33.45 51.74 -32.94
C VAL I 219 -32.05 51.92 -33.49
N SER I 220 -31.66 53.19 -33.62
CA SER I 220 -30.32 53.57 -34.10
C SER I 220 -29.21 52.73 -33.46
N ARG I 221 -28.23 52.35 -34.30
CA ARG I 221 -27.08 51.58 -33.83
C ARG I 221 -26.27 52.40 -32.81
N ASN I 222 -26.42 53.72 -32.87
CA ASN I 222 -25.77 54.60 -31.92
C ASN I 222 -26.41 54.54 -30.53
N LEU I 223 -27.65 54.03 -30.48
CA LEU I 223 -28.40 53.99 -29.23
C LEU I 223 -28.44 52.58 -28.65
N TYR I 224 -27.43 51.77 -28.97
CA TYR I 224 -27.44 50.38 -28.51
C TYR I 224 -27.52 50.26 -26.98
N THR I 225 -27.09 51.31 -26.28
CA THR I 225 -27.12 51.33 -24.81
C THR I 225 -28.56 51.37 -24.25
N ALA I 226 -29.49 51.86 -25.07
CA ALA I 226 -30.91 51.82 -24.72
C ALA I 226 -31.58 50.47 -25.06
N LEU I 227 -30.81 49.53 -25.59
CA LEU I 227 -31.36 48.23 -25.94
C LEU I 227 -31.81 47.42 -24.70
N PRO I 228 -30.97 47.35 -23.67
CA PRO I 228 -31.42 46.59 -22.49
C PRO I 228 -32.79 47.09 -21.97
N LYS I 229 -32.98 48.40 -21.92
CA LYS I 229 -34.26 48.97 -21.50
C LYS I 229 -35.44 48.49 -22.35
N ILE I 230 -35.23 48.43 -23.67
CA ILE I 230 -36.29 47.98 -24.59
C ILE I 230 -36.56 46.50 -24.46
N ARG I 231 -35.50 45.72 -24.27
CA ARG I 231 -35.60 44.28 -24.13
C ARG I 231 -36.50 43.89 -22.95
N GLN I 232 -36.36 44.65 -21.85
CA GLN I 232 -37.05 44.34 -20.60
C GLN I 232 -38.49 44.83 -20.61
N ALA I 233 -38.76 45.85 -21.43
CA ALA I 233 -40.10 46.41 -21.53
C ALA I 233 -40.96 45.69 -22.58
N CYS I 234 -40.32 44.84 -23.38
CA CYS I 234 -41.01 44.21 -24.50
C CYS I 234 -40.96 42.68 -24.49
N ARG I 235 -42.11 42.10 -24.82
CA ARG I 235 -42.24 40.64 -24.80
C ARG I 235 -41.55 40.05 -26.03
N ILE I 236 -41.78 40.70 -27.17
CA ILE I 236 -41.13 40.30 -28.42
C ILE I 236 -39.62 40.34 -28.27
N PRO I 237 -38.94 39.25 -28.66
CA PRO I 237 -37.48 39.27 -28.49
C PRO I 237 -36.82 40.19 -29.51
N ILE I 238 -35.75 40.87 -29.13
CA ILE I 238 -35.09 41.76 -30.08
C ILE I 238 -33.75 41.22 -30.53
N MET I 239 -33.49 41.39 -31.82
CA MET I 239 -32.30 40.85 -32.45
C MET I 239 -31.45 42.01 -32.94
N ALA I 240 -30.19 42.03 -32.50
CA ALA I 240 -29.23 43.05 -32.93
C ALA I 240 -28.69 42.70 -34.33
N ASP I 241 -28.78 43.67 -35.23
CA ASP I 241 -28.22 43.53 -36.58
C ASP I 241 -27.08 44.53 -36.78
N GLU I 242 -27.41 45.76 -37.20
CA GLU I 242 -26.41 46.80 -37.40
C GLU I 242 -25.58 47.03 -36.12
N SER I 243 -26.22 46.81 -34.97
CA SER I 243 -25.55 47.03 -33.69
C SER I 243 -24.50 45.95 -33.39
N CYS I 244 -24.59 44.84 -34.13
CA CYS I 244 -23.66 43.72 -33.96
C CYS I 244 -22.94 43.42 -35.27
N CYS I 245 -21.74 43.99 -35.42
CA CYS I 245 -20.94 43.81 -36.63
C CYS I 245 -19.80 42.81 -36.42
N ASN I 246 -18.92 43.15 -35.49
CA ASN I 246 -17.79 42.28 -35.19
C ASN I 246 -17.91 41.66 -33.79
N SER I 247 -16.85 40.97 -33.35
CA SER I 247 -16.89 40.25 -32.08
C SER I 247 -16.86 41.21 -30.87
N PHE I 248 -16.13 42.32 -30.99
CA PHE I 248 -16.14 43.33 -29.92
C PHE I 248 -17.55 43.83 -29.66
N ASP I 249 -18.28 44.15 -30.74
CA ASP I 249 -19.69 44.55 -30.64
C ASP I 249 -20.51 43.48 -29.92
N ALA I 250 -20.28 42.22 -30.28
CA ALA I 250 -21.03 41.10 -29.71
C ALA I 250 -20.82 41.03 -28.20
N GLU I 251 -19.55 40.98 -27.81
CA GLU I 251 -19.15 40.91 -26.40
C GLU I 251 -19.81 42.03 -25.60
N ARG I 252 -19.74 43.24 -26.13
CA ARG I 252 -20.27 44.43 -25.47
C ARG I 252 -21.79 44.30 -25.28
N LEU I 253 -22.51 43.89 -26.32
CA LEU I 253 -23.97 43.75 -26.25
C LEU I 253 -24.40 42.70 -25.22
N ILE I 254 -23.62 41.61 -25.14
CA ILE I 254 -23.86 40.55 -24.17
C ILE I 254 -23.65 41.09 -22.76
N GLN I 255 -22.53 41.80 -22.58
CA GLN I 255 -22.12 42.35 -21.28
C GLN I 255 -23.21 43.18 -20.59
N ILE I 256 -24.02 43.88 -21.38
CA ILE I 256 -25.09 44.72 -20.85
C ILE I 256 -26.47 44.12 -21.12
N GLN I 257 -26.49 42.85 -21.53
CA GLN I 257 -27.73 42.13 -21.85
C GLN I 257 -28.66 42.97 -22.72
N ALA I 258 -28.17 43.34 -23.90
CA ALA I 258 -28.87 44.28 -24.78
C ALA I 258 -29.97 43.63 -25.63
N CYS I 259 -29.79 42.36 -25.94
CA CYS I 259 -30.67 41.71 -26.92
C CYS I 259 -30.80 40.23 -26.66
N ASP I 260 -31.80 39.62 -27.27
CA ASP I 260 -32.07 38.20 -27.13
C ASP I 260 -31.28 37.35 -28.15
N SER I 261 -31.05 37.93 -29.33
CA SER I 261 -30.41 37.20 -30.42
C SER I 261 -29.60 38.09 -31.37
N PHE I 262 -28.67 37.48 -32.09
CA PHE I 262 -27.86 38.19 -33.08
C PHE I 262 -28.28 37.90 -34.52
N ASN I 263 -28.11 38.90 -35.38
CA ASN I 263 -28.11 38.66 -36.82
C ASN I 263 -26.69 38.74 -37.34
N LEU I 264 -26.13 37.57 -37.65
CA LEU I 264 -24.78 37.43 -38.17
C LEU I 264 -24.71 37.57 -39.71
N LYS I 265 -23.89 38.49 -40.21
CA LYS I 265 -23.65 38.63 -41.65
C LYS I 265 -22.14 38.69 -41.91
N LEU I 266 -21.66 37.94 -42.91
CA LEU I 266 -20.21 37.89 -43.20
C LEU I 266 -19.60 39.25 -43.53
N SER I 267 -20.33 40.08 -44.26
CA SER I 267 -19.86 41.41 -44.61
C SER I 267 -19.58 42.34 -43.42
N LYS I 268 -20.38 42.22 -42.35
CA LYS I 268 -20.19 43.08 -41.18
C LYS I 268 -18.97 42.66 -40.36
N SER I 269 -18.73 41.34 -40.32
CA SER I 269 -17.63 40.79 -39.53
C SER I 269 -16.32 40.68 -40.34
N ALA I 270 -16.34 41.27 -41.54
CA ALA I 270 -15.18 41.31 -42.45
C ALA I 270 -14.71 39.91 -42.90
N GLY I 271 -15.62 38.95 -42.92
CA GLY I 271 -15.32 37.60 -43.36
C GLY I 271 -15.75 36.54 -42.36
N ILE I 272 -15.33 35.31 -42.64
CA ILE I 272 -15.68 34.15 -41.82
C ILE I 272 -14.87 34.10 -40.52
N THR I 273 -13.58 34.39 -40.62
CA THR I 273 -12.70 34.33 -39.46
C THR I 273 -13.34 34.93 -38.22
N ASN I 274 -13.80 36.17 -38.33
CA ASN I 274 -14.40 36.84 -37.18
C ASN I 274 -15.86 36.45 -36.90
N ALA I 275 -16.58 36.04 -37.96
CA ALA I 275 -17.93 35.50 -37.78
C ALA I 275 -17.91 34.30 -36.82
N LEU I 276 -16.85 33.49 -36.92
CA LEU I 276 -16.68 32.34 -36.03
C LEU I 276 -16.61 32.79 -34.56
N ASN I 277 -15.81 33.81 -34.27
CA ASN I 277 -15.76 34.37 -32.92
C ASN I 277 -17.13 34.76 -32.38
N ILE I 278 -17.88 35.53 -33.16
CA ILE I 278 -19.23 35.92 -32.78
C ILE I 278 -20.10 34.69 -32.46
N ILE I 279 -19.99 33.66 -33.29
CA ILE I 279 -20.75 32.42 -33.05
C ILE I 279 -20.39 31.79 -31.71
N ARG I 280 -19.09 31.66 -31.45
CA ARG I 280 -18.61 31.11 -30.17
C ARG I 280 -19.18 31.88 -28.96
N LEU I 281 -19.17 33.22 -29.05
CA LEU I 281 -19.72 34.08 -28.01
C LEU I 281 -21.21 33.80 -27.80
N ALA I 282 -21.94 33.76 -28.92
CA ALA I 282 -23.36 33.46 -28.86
C ALA I 282 -23.61 32.09 -28.20
N GLU I 283 -22.77 31.11 -28.52
CA GLU I 283 -22.84 29.80 -27.87
C GLU I 283 -22.67 29.90 -26.35
N GLN I 284 -21.58 30.53 -25.92
CA GLN I 284 -21.30 30.69 -24.49
C GLN I 284 -22.40 31.46 -23.73
N ALA I 285 -23.21 32.21 -24.46
CA ALA I 285 -24.30 32.95 -23.83
C ALA I 285 -25.67 32.43 -24.26
N HIS I 286 -25.70 31.18 -24.76
CA HIS I 286 -26.95 30.50 -25.16
C HIS I 286 -27.91 31.43 -25.90
N MET I 287 -27.40 32.09 -26.95
CA MET I 287 -28.14 33.09 -27.68
C MET I 287 -28.36 32.61 -29.10
N PRO I 288 -29.63 32.45 -29.49
CA PRO I 288 -29.90 32.01 -30.87
C PRO I 288 -29.32 33.00 -31.87
N VAL I 289 -28.84 32.49 -33.01
CA VAL I 289 -28.27 33.33 -34.06
C VAL I 289 -29.03 33.12 -35.37
N GLN I 290 -29.30 34.22 -36.05
CA GLN I 290 -29.85 34.18 -37.41
C GLN I 290 -28.74 34.59 -38.38
N VAL I 291 -28.48 33.77 -39.39
CA VAL I 291 -27.53 34.18 -40.42
C VAL I 291 -28.25 34.87 -41.58
N GLY I 292 -27.73 36.03 -41.97
CA GLY I 292 -28.35 36.80 -43.03
C GLY I 292 -27.35 37.35 -44.03
N GLY I 293 -27.70 38.48 -44.63
CA GLY I 293 -26.85 39.10 -45.63
C GLY I 293 -27.51 40.32 -46.26
N PHE I 294 -27.00 40.75 -47.40
CA PHE I 294 -27.56 41.91 -48.06
C PHE I 294 -28.08 41.53 -49.43
N LEU I 295 -27.48 42.05 -50.49
CA LEU I 295 -27.92 41.67 -51.83
C LEU I 295 -26.90 40.78 -52.59
N GLU I 296 -26.07 40.06 -51.84
CA GLU I 296 -25.17 39.07 -52.44
C GLU I 296 -25.97 38.13 -53.33
N SER I 297 -25.32 37.62 -54.38
CA SER I 297 -25.93 36.59 -55.22
C SER I 297 -25.92 35.25 -54.48
N ARG I 298 -26.36 34.18 -55.14
CA ARG I 298 -26.31 32.88 -54.47
C ARG I 298 -24.88 32.49 -54.07
N LEU I 299 -23.88 33.07 -54.74
CA LEU I 299 -22.50 32.75 -54.35
C LEU I 299 -22.20 33.23 -52.91
N GLY I 300 -22.51 34.49 -52.65
CA GLY I 300 -22.34 35.08 -51.33
C GLY I 300 -23.11 34.33 -50.26
N PHE I 301 -24.36 34.01 -50.56
CA PHE I 301 -25.21 33.30 -49.61
C PHE I 301 -24.84 31.83 -49.45
N THR I 302 -24.14 31.29 -50.46
CA THR I 302 -23.58 29.95 -50.32
C THR I 302 -22.51 29.95 -49.23
N ALA I 303 -21.74 31.03 -49.14
CA ALA I 303 -20.77 31.19 -48.05
C ALA I 303 -21.49 31.24 -46.69
N ALA I 304 -22.54 32.05 -46.62
CA ALA I 304 -23.34 32.16 -45.42
C ALA I 304 -23.88 30.78 -44.99
N ALA I 305 -24.42 30.05 -45.98
CA ALA I 305 -25.05 28.77 -45.70
C ALA I 305 -24.04 27.77 -45.13
N HIS I 306 -22.82 27.78 -45.66
CA HIS I 306 -21.75 26.93 -45.14
C HIS I 306 -21.50 27.24 -43.66
N VAL I 307 -21.36 28.53 -43.37
CA VAL I 307 -21.09 28.99 -42.01
C VAL I 307 -22.25 28.61 -41.10
N ALA I 308 -23.46 28.68 -41.66
CA ALA I 308 -24.69 28.38 -40.91
C ALA I 308 -24.69 26.98 -40.30
N LEU I 309 -23.95 26.06 -40.91
CA LEU I 309 -23.89 24.67 -40.43
C LEU I 309 -22.82 24.46 -39.37
N VAL I 310 -22.17 25.54 -38.94
CA VAL I 310 -21.01 25.42 -38.05
C VAL I 310 -21.36 25.20 -36.56
N SER I 311 -22.56 25.60 -36.17
CA SER I 311 -22.99 25.55 -34.77
C SER I 311 -24.51 25.39 -34.60
N LYS I 312 -24.91 24.67 -33.55
CA LYS I 312 -26.32 24.40 -33.31
C LYS I 312 -27.04 25.63 -32.75
N THR I 313 -26.27 26.63 -32.33
CA THR I 313 -26.85 27.87 -31.82
C THR I 313 -27.45 28.70 -32.96
N ILE I 314 -26.95 28.48 -34.18
CA ILE I 314 -27.54 29.11 -35.36
C ILE I 314 -28.81 28.36 -35.73
N CYS I 315 -29.92 29.08 -35.95
CA CYS I 315 -31.21 28.40 -36.15
C CYS I 315 -32.25 29.20 -36.94
N TYR I 316 -31.91 30.42 -37.31
CA TYR I 316 -32.76 31.21 -38.20
C TYR I 316 -31.96 31.60 -39.42
N TYR I 317 -32.67 31.77 -40.54
CA TYR I 317 -32.00 32.01 -41.82
C TYR I 317 -32.74 33.04 -42.67
N ASP I 318 -31.99 34.05 -43.13
CA ASP I 318 -32.47 35.08 -44.03
C ASP I 318 -31.59 35.06 -45.31
N PHE I 319 -31.96 34.18 -46.24
CA PHE I 319 -31.16 33.99 -47.46
C PHE I 319 -31.99 34.23 -48.71
N ASP I 320 -32.80 35.27 -48.71
CA ASP I 320 -33.88 35.39 -49.72
C ASP I 320 -33.54 36.22 -50.96
N THR I 321 -32.74 37.25 -50.77
CA THR I 321 -32.50 38.24 -51.84
C THR I 321 -32.07 37.71 -53.23
N PRO I 322 -31.27 36.63 -53.28
CA PRO I 322 -30.91 36.12 -54.62
C PRO I 322 -32.15 35.83 -55.47
N LEU I 323 -33.25 35.42 -54.84
CA LEU I 323 -34.50 35.14 -55.57
C LEU I 323 -35.11 36.39 -56.20
N MET I 324 -34.57 37.57 -55.85
CA MET I 324 -35.09 38.85 -56.36
C MET I 324 -34.35 39.35 -57.60
N PHE I 325 -33.31 38.62 -58.01
CA PHE I 325 -32.53 38.99 -59.18
C PHE I 325 -33.34 38.77 -60.43
N GLU I 326 -33.16 39.61 -61.44
CA GLU I 326 -33.77 39.37 -62.74
C GLU I 326 -33.12 38.18 -63.42
N ALA I 327 -31.84 37.96 -63.11
CA ALA I 327 -31.08 36.86 -63.71
C ALA I 327 -30.05 36.27 -62.74
N ASP I 328 -30.02 34.95 -62.63
CA ASP I 328 -29.08 34.27 -61.74
C ASP I 328 -27.78 33.91 -62.49
N PRO I 329 -26.67 34.62 -62.18
CA PRO I 329 -25.39 34.44 -62.87
C PRO I 329 -24.46 33.43 -62.19
N VAL I 330 -24.98 32.72 -61.18
CA VAL I 330 -24.16 31.85 -60.35
C VAL I 330 -24.20 30.41 -60.88
N ARG I 331 -23.04 29.77 -60.85
CA ARG I 331 -22.87 28.38 -61.23
C ARG I 331 -22.66 27.55 -59.96
N GLY I 332 -23.49 26.53 -59.76
CA GLY I 332 -23.42 25.74 -58.54
C GLY I 332 -24.07 26.45 -57.35
N GLY I 333 -23.44 26.35 -56.19
CA GLY I 333 -23.91 27.06 -55.01
C GLY I 333 -25.16 26.41 -54.44
N ILE I 334 -25.73 27.04 -53.40
CA ILE I 334 -26.92 26.55 -52.72
C ILE I 334 -28.10 26.52 -53.68
N VAL I 335 -28.98 25.53 -53.52
CA VAL I 335 -30.19 25.45 -54.33
C VAL I 335 -31.42 25.59 -53.44
N TYR I 336 -32.37 26.38 -53.94
CA TYR I 336 -33.65 26.60 -53.23
C TYR I 336 -34.64 25.51 -53.61
N GLN I 337 -35.12 24.79 -52.59
CA GLN I 337 -36.15 23.79 -52.78
C GLN I 337 -37.49 24.36 -52.31
N GLN I 338 -38.54 23.54 -52.31
CA GLN I 338 -39.85 24.02 -51.86
C GLN I 338 -39.88 24.26 -50.33
N ARG I 339 -40.79 25.14 -49.92
CA ARG I 339 -40.90 25.55 -48.50
C ARG I 339 -39.73 26.43 -48.07
N GLY I 340 -38.89 26.83 -49.03
CA GLY I 340 -37.76 27.70 -48.75
C GLY I 340 -36.60 26.97 -48.08
N ILE I 341 -36.57 25.64 -48.22
CA ILE I 341 -35.47 24.85 -47.69
C ILE I 341 -34.25 24.98 -48.59
N ILE I 342 -33.08 25.12 -47.98
CA ILE I 342 -31.82 25.32 -48.72
C ILE I 342 -30.89 24.10 -48.61
N GLU I 343 -30.34 23.69 -49.75
CA GLU I 343 -29.36 22.61 -49.78
C GLU I 343 -27.96 23.17 -50.06
N VAL I 344 -26.99 22.70 -49.27
CA VAL I 344 -25.60 23.17 -49.36
C VAL I 344 -24.72 22.25 -50.22
N PRO I 345 -23.91 22.84 -51.14
CA PRO I 345 -23.02 22.06 -52.00
C PRO I 345 -22.10 21.15 -51.18
N GLU I 346 -21.73 20.01 -51.75
CA GLU I 346 -20.93 19.04 -51.03
C GLU I 346 -19.52 18.91 -51.59
N THR I 347 -19.32 19.55 -52.75
CA THR I 347 -18.03 19.52 -53.42
C THR I 347 -16.97 20.35 -52.69
N ALA I 348 -15.69 20.11 -53.02
CA ALA I 348 -14.61 20.81 -52.34
C ALA I 348 -14.70 22.33 -52.54
N GLY I 349 -14.28 23.08 -51.51
CA GLY I 349 -14.31 24.54 -51.56
C GLY I 349 -15.66 25.18 -51.28
N LEU I 350 -15.81 26.42 -51.74
CA LEU I 350 -17.07 27.15 -51.63
C LEU I 350 -18.21 26.37 -52.29
N GLY I 351 -17.88 25.69 -53.39
CA GLY I 351 -18.87 24.91 -54.11
C GLY I 351 -19.74 25.78 -55.01
N ALA I 352 -19.22 26.95 -55.38
CA ALA I 352 -19.93 27.85 -56.28
C ALA I 352 -18.95 28.69 -57.07
N GLY I 353 -19.42 29.20 -58.21
CA GLY I 353 -18.63 30.08 -59.05
C GLY I 353 -19.58 30.85 -59.94
N TYR I 354 -19.06 31.49 -60.98
CA TYR I 354 -19.94 32.24 -61.87
C TYR I 354 -20.08 31.60 -63.24
N GLN I 355 -21.28 31.74 -63.81
CA GLN I 355 -21.62 31.20 -65.11
C GLN I 355 -20.56 31.57 -66.14
N LYS I 356 -20.41 30.71 -67.15
CA LYS I 356 -19.38 30.92 -68.17
C LYS I 356 -19.60 32.24 -68.93
N ASP I 357 -18.52 33.00 -69.07
CA ASP I 357 -18.52 34.30 -69.73
C ASP I 357 -19.61 35.29 -69.27
N TYR I 358 -20.12 35.09 -68.07
CA TYR I 358 -20.87 36.14 -67.41
C TYR I 358 -19.84 37.16 -66.93
N LEU I 359 -18.77 36.64 -66.33
CA LEU I 359 -17.67 37.48 -65.83
C LEU I 359 -17.01 38.30 -66.93
N SER I 360 -16.83 37.70 -68.10
CA SER I 360 -16.12 38.37 -69.17
C SER I 360 -16.87 39.61 -69.67
N GLY I 361 -18.15 39.71 -69.33
CA GLY I 361 -18.96 40.85 -69.75
C GLY I 361 -18.92 41.98 -68.75
N LEU I 362 -18.34 41.72 -67.59
CA LEU I 362 -18.32 42.68 -66.51
C LEU I 362 -17.13 43.64 -66.59
N GLU I 363 -17.29 44.83 -66.03
CA GLU I 363 -16.16 45.75 -65.86
C GLU I 363 -15.20 45.15 -64.84
N LYS I 364 -13.95 44.94 -65.23
CA LYS I 364 -13.02 44.25 -64.35
C LYS I 364 -11.65 44.93 -64.26
N ILE I 365 -10.95 44.64 -63.17
CA ILE I 365 -9.56 45.03 -63.07
C ILE I 365 -8.77 43.81 -62.60
N CYS I 366 -7.47 43.84 -62.86
CA CYS I 366 -6.65 42.65 -62.68
C CYS I 366 -5.38 43.08 -61.93
N ILE I 367 -5.24 42.60 -60.70
CA ILE I 367 -4.08 42.96 -59.90
C ILE I 367 -2.97 41.92 -60.09
N ASN I 368 -1.92 42.36 -60.78
CA ASN I 368 -0.81 41.50 -61.22
C ASN I 368 -1.06 40.56 -62.38
#